data_8R1C
#
_entry.id   8R1C
#
_cell.length_a   1.00
_cell.length_b   1.00
_cell.length_c   1.00
_cell.angle_alpha   90.00
_cell.angle_beta   90.00
_cell.angle_gamma   90.00
#
_symmetry.space_group_name_H-M   'P 1'
#
loop_
_entity.id
_entity.type
_entity.pdbx_description
1 polymer 'Spike glycoprotein,Fibritin'
2 polymer 'SD1-2 fab heavy chain'
3 polymer 'SD1-2 fab light chain'
4 non-polymer 2-acetamido-2-deoxy-beta-D-glucopyranose
#
loop_
_entity_poly.entity_id
_entity_poly.type
_entity_poly.pdbx_seq_one_letter_code
_entity_poly.pdbx_strand_id
1 'polypeptide(L)'
;MFVFLVLLPLVSSQCVNLITRTQSYTNSFTRGVYYPDKVFRSSVLHSTQDLFLPFFSNVTWFHAIHVSGTNGTKRFDNPV
LPFNDGVYFASTEKSNIIRGWIFGTTLDSKTQSLLIVNNATNVVIKVCEFQFCNDPFLDVYYHKNNKSWMESEFRVYSSA
NNCTFEYVSQPFLMDLEGKQGNFKNLREFVFKNIDGYFKIYSKHTPINLGRDLPQGFSALEPLVDLPIGINITRFQTLLA
LHRSYLTPGDSSSGWTAGAAAYYVGYLQPRTFLLKYNENGTITDAVDCALDPLSETKCTLKSFTVEKGIYQTSNFRVQPT
ESIVRFPNITNLCPFDEVFNATRFASVYAWNRKRISNCVADYSVLYNFAPFFAFKCYGVSPTKLNDLCFTNVYADSFVIR
GNEVSQIAPGQTGNIADYNYKLPDDFTGCVIAWNSNKLDSKVGGNYNYQYRLFRKSNLKPFERDISTEIYQAGNKPCNGV
AGFNCYFPLRSYGFRPTYGVGHQPYRVVVLSFELLHAPATVCGPKKSTNLVKNKCVNFNFNGLTGTGVLTESNKKFLPFQ
QFGRDIADTTDAVRDPQTLEILDITPCSFGGVSVITPGTNTSNQVAVLYQGVNCTEVPVAIHADQLTPTWRVYSTGSNVF
QTRAGCLIGAEYVNNSYECDIPIGAGICASYQTQTKSHRRARSVASQSIIAYTMSLGAENLVAYSNNSIAIPTNFTISVT
TEILPVSMTKTSVDCTMYICGDSTECSNLLLQYGSFCTQLKRALTGIAVEQDKNTQEVFAQVKQIYKTPPIKYFGGFNFS
QILPDPSKPSKRSFIEDLLFNKVTLADAGFIKQYGDCLGDIAARDLICAQKFNGLTVLPPLLTDEMIAQYTSALLAGTIT
SGWTFGAGAALQIPFAMQMAYRFNGIGVTQNVLYENQKLIANQFNSAIGKIQDSLSSTASALGKLQDVVNHNAQALNTLV
KQLSSKFGAISSVLNDILSRLDKVEAEVQIDRLITGRLQSLQTYVTQQLIRAAEIRASANLAATKMSECVLGQSKRVDFC
GKGYHLMSFPQSAPHGVVFLHVTYVPAQEKNFTTAPAICHDGKAHFPREGVFVSNGTHWFVTQRNFYEPQIITTDNTFVS
GNCDVVIGIVNNTVYDPLQPELDSFKEELDKYFKNHTSPDVDLGDISGINASVVNIQKEIDRLNEVAKNLNESLIDLQEL
GKYEQGSGYIPEAPRDGQAYVRKDGEWVLLSTFLGRSLEVLFQGPGHHHHHHHHGSAWSHPQFEKGGGSGGGSGGSAWSH
PQFEK
;
A,B,C
2 'polypeptide(L)'
;QVQLVQSGPGLVKPSQTLSLTCSVSGDSISSGTYYWSWIRLPAGQGLEWIGRVHSSGSTSYNPSLKSRVTISVDTSKNNF
SLKLSSVTAADTAVYYCVRLDNCSAGYCHAFDIWGQGTMVTVSS
;
H,D,F
3 'polypeptide(L)'
;QSVLTQPASVSGSPGQSITISCTGTSSDVGSYNLVSWYQQHPGKAPKVMIYEVSKWPSGVSNRFSGSKSGNTASLTISGL
QAEDEADYYCCSYAGSGTYVFGTGTKVTVL
;
L,E,G
#
# COMPACT_ATOMS: atom_id res chain seq x y z
N THR A 22 21.86 45.53 -39.21
CA THR A 22 22.32 44.30 -39.85
C THR A 22 21.95 43.09 -38.99
N GLN A 23 20.76 42.56 -39.21
CA GLN A 23 20.22 41.45 -38.43
C GLN A 23 20.46 40.14 -39.18
N SER A 24 21.35 39.32 -38.65
CA SER A 24 21.63 37.97 -39.14
C SER A 24 21.09 36.95 -38.13
N TYR A 25 21.18 35.67 -38.50
CA TYR A 25 20.70 34.60 -37.64
C TYR A 25 21.76 33.52 -37.50
N THR A 26 21.91 32.99 -36.28
CA THR A 26 22.93 31.99 -36.02
C THR A 26 22.44 31.05 -34.92
N ASN A 27 23.33 30.14 -34.51
CA ASN A 27 22.99 29.02 -33.64
C ASN A 27 23.52 29.27 -32.24
N SER A 28 22.69 29.01 -31.23
CA SER A 28 23.07 29.22 -29.84
C SER A 28 23.88 28.05 -29.27
N PHE A 29 23.88 26.89 -29.92
CA PHE A 29 24.62 25.71 -29.49
C PHE A 29 24.15 25.34 -28.09
N THR A 30 25.03 25.25 -27.09
CA THR A 30 24.64 24.92 -25.72
C THR A 30 24.94 26.07 -24.76
N ARG A 31 24.87 27.31 -25.24
CA ARG A 31 25.12 28.47 -24.41
C ARG A 31 23.89 28.83 -23.59
N GLY A 32 24.10 29.63 -22.55
CA GLY A 32 23.01 30.24 -21.82
C GLY A 32 22.50 29.49 -20.61
N VAL A 33 23.22 28.48 -20.14
CA VAL A 33 22.82 27.78 -18.93
C VAL A 33 23.29 28.58 -17.72
N TYR A 34 22.42 28.72 -16.73
CA TYR A 34 22.71 29.46 -15.51
C TYR A 34 22.32 28.62 -14.30
N TYR A 35 22.74 29.07 -13.12
CA TYR A 35 22.42 28.37 -11.89
C TYR A 35 20.98 28.64 -11.48
N PRO A 36 20.12 27.63 -11.42
CA PRO A 36 18.69 27.91 -11.15
C PRO A 36 18.43 28.50 -9.77
N ASP A 37 19.23 28.16 -8.76
CA ASP A 37 18.98 28.65 -7.40
C ASP A 37 20.32 28.90 -6.72
N LYS A 38 20.27 29.15 -5.41
CA LYS A 38 21.45 29.46 -4.61
C LYS A 38 21.99 28.25 -3.84
N VAL A 39 21.38 27.09 -3.99
CA VAL A 39 21.78 25.91 -3.23
C VAL A 39 23.05 25.33 -3.82
N PHE A 40 24.04 25.07 -2.96
CA PHE A 40 25.24 24.40 -3.40
C PHE A 40 24.97 22.93 -3.65
N ARG A 41 25.57 22.40 -4.72
CA ARG A 41 25.43 21.00 -5.09
C ARG A 41 26.73 20.55 -5.72
N SER A 42 27.18 19.35 -5.37
CA SER A 42 28.44 18.82 -5.87
C SER A 42 28.28 17.35 -6.25
N SER A 43 28.92 16.98 -7.36
CA SER A 43 28.94 15.61 -7.86
C SER A 43 27.54 15.01 -7.92
N VAL A 44 26.66 15.71 -8.65
CA VAL A 44 25.25 15.34 -8.69
C VAL A 44 24.69 15.66 -10.07
N LEU A 45 23.59 15.01 -10.42
CA LEU A 45 22.79 15.37 -11.57
C LEU A 45 21.45 15.86 -11.06
N HIS A 46 21.11 17.10 -11.39
CA HIS A 46 19.92 17.75 -10.86
C HIS A 46 19.01 18.17 -12.00
N SER A 47 17.71 17.91 -11.86
CA SER A 47 16.73 18.22 -12.88
C SER A 47 15.97 19.47 -12.48
N THR A 48 15.93 20.45 -13.38
CA THR A 48 15.32 21.74 -13.08
C THR A 48 14.43 22.18 -14.24
N GLN A 49 13.21 22.58 -13.93
CA GLN A 49 12.30 23.19 -14.88
C GLN A 49 12.36 24.70 -14.68
N ASP A 50 12.85 25.42 -15.68
CA ASP A 50 12.99 26.87 -15.57
C ASP A 50 13.03 27.49 -16.96
N LEU A 51 13.13 28.81 -16.99
CA LEU A 51 13.24 29.55 -18.25
C LEU A 51 14.68 29.47 -18.73
N PHE A 52 14.93 28.59 -19.70
CA PHE A 52 16.25 28.39 -20.24
C PHE A 52 16.28 28.75 -21.71
N LEU A 53 17.47 29.07 -22.20
CA LEU A 53 17.66 29.24 -23.64
C LEU A 53 17.78 27.86 -24.27
N PRO A 54 16.84 27.45 -25.12
CA PRO A 54 16.88 26.08 -25.67
C PRO A 54 18.17 25.85 -26.45
N PHE A 55 18.67 24.62 -26.35
CA PHE A 55 19.89 24.26 -27.07
C PHE A 55 19.68 24.38 -28.57
N PHE A 56 20.72 24.84 -29.27
CA PHE A 56 20.71 24.98 -30.72
C PHE A 56 19.52 25.81 -31.20
N SER A 57 19.18 26.83 -30.43
CA SER A 57 18.11 27.73 -30.83
C SER A 57 18.64 28.75 -31.82
N ASN A 58 17.70 29.42 -32.50
CA ASN A 58 18.03 30.41 -33.51
C ASN A 58 18.10 31.78 -32.83
N VAL A 59 19.32 32.29 -32.65
CA VAL A 59 19.51 33.59 -32.03
C VAL A 59 19.85 34.61 -33.12
N THR A 60 19.63 35.88 -32.81
CA THR A 60 19.78 36.96 -33.78
C THR A 60 21.06 37.73 -33.49
N TRP A 61 21.88 37.91 -34.53
CA TRP A 61 23.13 38.65 -34.43
C TRP A 61 22.91 40.03 -35.02
N PHE A 62 22.95 41.06 -34.17
CA PHE A 62 22.83 42.45 -34.61
C PHE A 62 24.23 43.03 -34.75
N HIS A 63 24.61 43.38 -35.98
CA HIS A 63 25.92 43.98 -36.19
C HIS A 63 25.87 45.50 -36.00
N ALA A 64 24.68 46.04 -35.79
CA ALA A 64 24.49 47.48 -35.63
C ALA A 64 25.34 48.04 -34.49
N ASN A 78 17.45 51.76 -35.47
CA ASN A 78 17.57 50.79 -34.38
C ASN A 78 16.26 50.65 -33.62
N PRO A 79 15.35 49.83 -34.13
CA PRO A 79 14.07 49.61 -33.43
C PRO A 79 14.27 48.83 -32.14
N VAL A 80 13.30 48.96 -31.25
CA VAL A 80 13.36 48.35 -29.94
C VAL A 80 12.93 46.89 -30.02
N LEU A 81 13.77 45.99 -29.53
CA LEU A 81 13.51 44.55 -29.55
C LEU A 81 12.53 44.16 -28.44
N PRO A 82 11.75 43.10 -28.64
CA PRO A 82 10.86 42.62 -27.59
C PRO A 82 11.62 41.85 -26.52
N PHE A 83 10.95 41.66 -25.37
CA PHE A 83 11.54 41.00 -24.22
C PHE A 83 11.09 39.55 -24.08
N ASN A 84 9.83 39.26 -24.38
CA ASN A 84 9.26 37.91 -24.29
C ASN A 84 9.38 37.45 -22.82
N ASP A 85 9.66 36.17 -22.57
CA ASP A 85 9.78 35.68 -21.20
C ASP A 85 11.11 36.04 -20.57
N GLY A 86 12.16 36.22 -21.38
CA GLY A 86 13.47 36.53 -20.86
C GLY A 86 14.44 36.66 -22.02
N VAL A 87 15.62 37.18 -21.72
CA VAL A 87 16.57 37.54 -22.76
C VAL A 87 17.94 36.98 -22.44
N TYR A 88 18.59 36.39 -23.44
CA TYR A 88 19.99 36.04 -23.39
C TYR A 88 20.75 37.01 -24.29
N PHE A 89 21.79 37.63 -23.75
CA PHE A 89 22.52 38.68 -24.45
C PHE A 89 24.01 38.32 -24.43
N ALA A 90 24.63 38.27 -25.59
CA ALA A 90 26.06 37.96 -25.67
C ALA A 90 26.78 39.03 -26.47
N SER A 91 28.05 39.23 -26.16
CA SER A 91 28.86 40.16 -26.92
C SER A 91 30.33 39.77 -26.82
N THR A 92 31.01 39.70 -27.97
CA THR A 92 32.43 39.41 -28.01
C THR A 92 33.27 40.67 -28.15
N GLU A 93 32.67 41.84 -27.96
CA GLU A 93 33.37 43.09 -28.16
C GLU A 93 34.44 43.29 -27.09
N LYS A 94 35.53 43.96 -27.50
CA LYS A 94 36.61 44.34 -26.61
C LYS A 94 36.63 45.82 -26.28
N SER A 95 36.16 46.67 -27.18
CA SER A 95 36.28 48.11 -27.04
C SER A 95 35.41 48.70 -25.95
N ASN A 96 34.51 47.91 -25.35
CA ASN A 96 33.58 48.39 -24.34
C ASN A 96 32.67 49.49 -24.89
N ILE A 97 32.31 49.39 -26.17
CA ILE A 97 31.33 50.32 -26.73
C ILE A 97 29.94 50.02 -26.19
N ILE A 98 29.60 48.74 -26.04
CA ILE A 98 28.33 48.37 -25.42
C ILE A 98 28.43 48.67 -23.93
N ARG A 99 27.53 49.52 -23.43
CA ARG A 99 27.70 50.03 -22.08
C ARG A 99 26.37 50.13 -21.33
N GLY A 100 25.43 49.26 -21.62
CA GLY A 100 24.22 49.21 -20.82
C GLY A 100 23.01 48.81 -21.63
N TRP A 101 21.86 48.81 -20.96
CA TRP A 101 20.62 48.37 -21.56
C TRP A 101 19.45 49.20 -21.02
N ILE A 102 18.34 49.11 -21.74
CA ILE A 102 17.11 49.82 -21.43
C ILE A 102 15.97 48.83 -21.54
N PHE A 103 15.08 48.82 -20.54
CA PHE A 103 13.96 47.90 -20.50
C PHE A 103 12.69 48.66 -20.16
N GLY A 104 11.57 48.21 -20.70
CA GLY A 104 10.30 48.84 -20.38
C GLY A 104 9.21 48.37 -21.31
N THR A 105 8.11 49.13 -21.31
CA THR A 105 6.99 48.87 -22.19
C THR A 105 6.78 50.00 -23.19
N THR A 106 6.57 51.23 -22.71
CA THR A 106 6.37 52.38 -23.58
C THR A 106 7.64 53.18 -23.82
N LEU A 107 8.66 53.01 -22.97
CA LEU A 107 9.94 53.70 -23.09
C LEU A 107 9.79 55.21 -23.14
N ASP A 108 8.72 55.74 -22.57
CA ASP A 108 8.49 57.16 -22.41
C ASP A 108 8.15 57.46 -20.96
N SER A 109 7.89 58.73 -20.67
CA SER A 109 7.61 59.14 -19.31
C SER A 109 6.25 58.65 -18.81
N LYS A 110 5.41 58.12 -19.69
CA LYS A 110 4.10 57.63 -19.26
C LYS A 110 4.23 56.44 -18.30
N THR A 111 5.24 55.60 -18.52
CA THR A 111 5.43 54.40 -17.72
C THR A 111 6.88 54.29 -17.28
N GLN A 112 7.09 53.65 -16.13
CA GLN A 112 8.43 53.47 -15.59
C GLN A 112 9.25 52.54 -16.47
N SER A 113 10.55 52.81 -16.56
CA SER A 113 11.45 52.03 -17.39
C SER A 113 12.79 51.85 -16.68
N LEU A 114 13.37 50.67 -16.81
CA LEU A 114 14.65 50.33 -16.20
C LEU A 114 15.79 50.74 -17.10
N LEU A 115 16.81 51.35 -16.51
CA LEU A 115 18.00 51.80 -17.25
C LEU A 115 19.24 51.32 -16.51
N ILE A 116 20.12 50.63 -17.23
CA ILE A 116 21.37 50.12 -16.67
C ILE A 116 22.51 50.71 -17.50
N VAL A 117 23.42 51.40 -16.83
CA VAL A 117 24.56 52.04 -17.50
C VAL A 117 25.84 51.58 -16.81
N ASN A 118 26.76 51.04 -17.60
CA ASN A 118 28.03 50.54 -17.09
C ASN A 118 29.06 51.65 -17.26
N ASN A 119 29.30 52.40 -16.18
CA ASN A 119 30.34 53.42 -16.19
C ASN A 119 31.72 52.76 -16.20
N ALA A 120 32.73 53.54 -16.60
CA ALA A 120 34.09 53.02 -16.64
C ALA A 120 34.59 52.61 -15.26
N THR A 121 33.97 53.12 -14.19
CA THR A 121 34.34 52.77 -12.83
C THR A 121 33.25 52.05 -12.05
N ASN A 122 32.00 52.11 -12.49
CA ASN A 122 30.89 51.55 -11.72
C ASN A 122 29.77 51.15 -12.68
N VAL A 123 28.67 50.65 -12.09
CA VAL A 123 27.44 50.39 -12.82
C VAL A 123 26.30 51.04 -12.04
N VAL A 124 25.42 51.75 -12.76
CA VAL A 124 24.32 52.48 -12.18
C VAL A 124 23.02 51.97 -12.79
N ILE A 125 22.06 51.64 -11.93
CA ILE A 125 20.77 51.10 -12.34
C ILE A 125 19.69 51.98 -11.75
N LYS A 126 18.76 52.43 -12.60
CA LYS A 126 17.67 53.30 -12.17
C LYS A 126 16.36 52.82 -12.77
N VAL A 127 15.26 53.16 -12.09
CA VAL A 127 13.92 52.79 -12.57
C VAL A 127 13.05 54.04 -12.64
N CYS A 128 13.67 55.18 -12.93
CA CYS A 128 12.92 56.42 -13.11
C CYS A 128 12.02 56.32 -14.35
N GLU A 129 11.14 57.30 -14.50
CA GLU A 129 10.30 57.43 -15.69
C GLU A 129 11.05 58.27 -16.70
N PHE A 130 11.84 57.63 -17.55
CA PHE A 130 12.65 58.33 -18.54
C PHE A 130 11.84 58.60 -19.80
N GLN A 131 12.10 59.75 -20.42
CA GLN A 131 11.63 60.04 -21.77
C GLN A 131 12.76 59.68 -22.72
N PHE A 132 12.83 58.40 -23.08
CA PHE A 132 13.94 57.89 -23.86
C PHE A 132 13.89 58.40 -25.29
N CYS A 133 15.08 58.61 -25.86
CA CYS A 133 15.19 59.00 -27.25
C CYS A 133 14.90 57.81 -28.16
N ASN A 134 14.62 58.11 -29.43
CA ASN A 134 14.31 57.05 -30.39
C ASN A 134 15.54 56.18 -30.65
N ASP A 135 16.73 56.77 -30.64
CA ASP A 135 17.98 56.05 -30.84
C ASP A 135 18.94 56.46 -29.73
N PRO A 136 18.73 55.98 -28.51
CA PRO A 136 19.60 56.39 -27.39
C PRO A 136 21.01 55.84 -27.54
N PHE A 137 21.97 56.63 -27.06
CA PHE A 137 23.37 56.25 -27.05
C PHE A 137 24.11 57.20 -26.12
N LEU A 138 25.19 56.69 -25.52
CA LEU A 138 25.97 57.45 -24.56
C LEU A 138 27.17 58.09 -25.26
N ASP A 139 27.26 59.42 -25.19
CA ASP A 139 28.33 60.15 -25.83
C ASP A 139 29.44 60.45 -24.83
N VAL A 140 30.67 60.48 -25.32
CA VAL A 140 31.85 60.71 -24.50
C VAL A 140 32.56 61.96 -25.02
N TYR A 141 32.86 62.90 -24.13
CA TYR A 141 33.60 64.09 -24.54
C TYR A 141 34.29 64.74 -23.35
N TRP A 149 37.51 63.24 -19.34
CA TRP A 149 36.46 62.76 -20.22
C TRP A 149 35.17 62.56 -19.43
N MET A 150 34.11 63.25 -19.83
CA MET A 150 32.80 63.14 -19.21
C MET A 150 31.86 62.40 -20.15
N GLU A 151 31.14 61.42 -19.61
CA GLU A 151 30.21 60.61 -20.39
C GLU A 151 28.81 61.11 -20.14
N SER A 152 28.22 61.77 -21.14
CA SER A 152 26.96 62.46 -20.95
C SER A 152 25.80 61.49 -20.88
N GLU A 153 24.95 61.64 -19.86
CA GLU A 153 23.72 60.88 -19.77
C GLU A 153 22.62 61.44 -20.66
N PHE A 154 22.85 62.60 -21.28
CA PHE A 154 21.95 63.10 -22.30
C PHE A 154 22.21 62.38 -23.62
N ARG A 155 21.33 62.63 -24.59
CA ARG A 155 21.21 61.92 -25.86
C ARG A 155 20.64 60.53 -25.69
N VAL A 156 20.42 60.07 -24.45
CA VAL A 156 19.69 58.85 -24.16
C VAL A 156 18.25 59.15 -23.80
N TYR A 157 18.03 60.03 -22.84
CA TYR A 157 16.71 60.46 -22.43
C TYR A 157 16.69 61.99 -22.31
N SER A 158 15.56 62.58 -22.65
CA SER A 158 15.42 64.03 -22.51
C SER A 158 15.19 64.42 -21.05
N SER A 159 14.50 63.58 -20.29
CA SER A 159 14.19 63.87 -18.90
C SER A 159 14.07 62.57 -18.12
N ALA A 160 14.23 62.68 -16.80
CA ALA A 160 14.09 61.56 -15.88
C ALA A 160 13.29 62.05 -14.68
N ASN A 161 11.97 61.88 -14.76
CA ASN A 161 11.05 62.41 -13.77
C ASN A 161 10.42 61.29 -12.96
N ASN A 162 10.08 61.60 -11.71
CA ASN A 162 9.42 60.66 -10.80
C ASN A 162 10.23 59.38 -10.62
N CYS A 163 11.45 59.54 -10.10
CA CYS A 163 12.32 58.40 -9.85
C CYS A 163 11.77 57.53 -8.73
N THR A 164 12.01 56.21 -8.82
CA THR A 164 11.48 55.28 -7.83
C THR A 164 12.50 54.21 -7.42
N PHE A 165 13.73 54.25 -7.94
CA PHE A 165 14.71 53.27 -7.52
C PHE A 165 16.08 53.72 -8.01
N GLU A 166 17.11 53.40 -7.23
CA GLU A 166 18.49 53.68 -7.59
C GLU A 166 19.37 52.58 -7.03
N TYR A 167 20.48 52.33 -7.73
CA TYR A 167 21.41 51.30 -7.28
C TYR A 167 22.75 51.51 -7.97
N VAL A 168 23.83 51.37 -7.22
CA VAL A 168 25.19 51.54 -7.74
C VAL A 168 26.03 50.38 -7.25
N SER A 169 26.87 49.84 -8.14
CA SER A 169 27.73 48.71 -7.76
C SER A 169 28.95 48.69 -8.68
N GLN A 170 29.75 47.63 -8.59
CA GLN A 170 30.96 47.48 -9.38
C GLN A 170 30.61 47.16 -10.84
N PRO A 171 31.40 47.67 -11.78
CA PRO A 171 31.06 47.49 -13.20
C PRO A 171 31.20 46.04 -13.63
N PHE A 172 30.38 45.66 -14.61
CA PHE A 172 30.37 44.28 -15.10
C PHE A 172 31.62 43.98 -15.91
N PHE A 183 42.81 35.69 -29.45
CA PHE A 183 41.86 35.44 -28.36
C PHE A 183 40.92 36.63 -28.15
N LYS A 184 39.74 36.35 -27.60
CA LYS A 184 38.75 37.38 -27.29
C LYS A 184 38.14 37.07 -25.94
N ASN A 185 37.34 38.02 -25.44
CA ASN A 185 36.64 37.87 -24.17
C ASN A 185 35.14 37.95 -24.42
N LEU A 186 34.49 36.79 -24.49
CA LEU A 186 33.05 36.73 -24.65
C LEU A 186 32.37 37.06 -23.33
N ARG A 187 31.34 37.91 -23.38
CA ARG A 187 30.58 38.30 -22.21
C ARG A 187 29.13 37.91 -22.42
N GLU A 188 28.58 37.18 -21.44
CA GLU A 188 27.25 36.60 -21.54
C GLU A 188 26.41 37.08 -20.37
N PHE A 189 25.15 37.40 -20.65
CA PHE A 189 24.20 37.88 -19.67
C PHE A 189 22.86 37.22 -19.91
N VAL A 190 22.12 37.04 -18.84
CA VAL A 190 20.74 36.55 -18.90
C VAL A 190 19.90 37.48 -18.04
N PHE A 191 18.85 38.03 -18.62
CA PHE A 191 17.93 38.93 -17.95
C PHE A 191 16.58 38.24 -17.83
N LYS A 192 16.09 38.12 -16.60
CA LYS A 192 14.77 37.56 -16.35
C LYS A 192 13.98 38.54 -15.51
N ASN A 193 12.67 38.58 -15.73
CA ASN A 193 11.77 39.49 -15.03
C ASN A 193 10.61 38.66 -14.49
N ILE A 194 10.78 38.12 -13.29
CA ILE A 194 9.78 37.24 -12.69
C ILE A 194 9.65 37.56 -11.20
N ASP A 195 8.43 37.40 -10.69
CA ASP A 195 8.13 37.63 -9.27
C ASP A 195 8.46 39.05 -8.86
N GLY A 196 8.20 40.01 -9.74
CA GLY A 196 8.54 41.39 -9.47
C GLY A 196 10.03 41.60 -9.28
N TYR A 197 10.85 40.72 -9.84
CA TYR A 197 12.29 40.75 -9.64
C TYR A 197 12.99 40.67 -10.98
N PHE A 198 13.98 41.55 -11.16
CA PHE A 198 14.84 41.54 -12.33
C PHE A 198 16.13 40.85 -11.95
N LYS A 199 16.33 39.64 -12.48
CA LYS A 199 17.51 38.84 -12.18
C LYS A 199 18.48 38.93 -13.36
N ILE A 200 19.74 39.17 -13.06
CA ILE A 200 20.80 39.27 -14.06
C ILE A 200 21.88 38.26 -13.70
N TYR A 201 22.12 37.32 -14.62
CA TYR A 201 23.22 36.38 -14.54
C TYR A 201 24.26 36.76 -15.59
N SER A 202 25.52 36.45 -15.33
CA SER A 202 26.56 36.87 -16.25
C SER A 202 27.77 35.96 -16.16
N LYS A 203 28.63 36.07 -17.16
CA LYS A 203 29.86 35.28 -17.22
C LYS A 203 30.79 35.89 -18.27
N HIS A 204 32.09 35.76 -18.02
CA HIS A 204 33.12 36.19 -18.97
C HIS A 204 34.03 34.99 -19.27
N THR A 205 34.25 34.74 -20.57
CA THR A 205 34.98 33.55 -20.98
C THR A 205 36.04 33.92 -22.03
N PRO A 206 37.28 33.50 -21.86
CA PRO A 206 38.27 33.65 -22.93
C PRO A 206 38.03 32.64 -24.05
N ILE A 207 38.18 33.11 -25.29
CA ILE A 207 37.92 32.29 -26.47
C ILE A 207 39.07 32.44 -27.45
N ASN A 208 39.23 31.43 -28.29
CA ASN A 208 40.25 31.47 -29.34
C ASN A 208 39.71 32.11 -30.62
N LEU A 213 30.39 32.81 -30.53
CA LEU A 213 29.80 31.82 -29.62
C LEU A 213 30.49 30.48 -29.75
N PRO A 214 31.39 30.16 -28.82
CA PRO A 214 32.07 28.86 -28.87
C PRO A 214 31.10 27.73 -28.54
N GLN A 215 31.58 26.50 -28.74
CA GLN A 215 30.77 25.31 -28.57
C GLN A 215 31.01 24.62 -27.23
N GLY A 216 31.72 25.26 -26.32
CA GLY A 216 31.94 24.71 -25.00
C GLY A 216 30.73 24.92 -24.10
N PHE A 217 30.97 24.73 -22.81
CA PHE A 217 29.94 24.94 -21.78
C PHE A 217 30.47 25.90 -20.73
N SER A 218 29.64 26.84 -20.32
CA SER A 218 30.01 27.85 -19.31
C SER A 218 28.74 28.35 -18.65
N ALA A 219 28.56 28.02 -17.38
CA ALA A 219 27.36 28.41 -16.66
C ALA A 219 27.46 29.86 -16.18
N LEU A 220 26.32 30.52 -16.09
CA LEU A 220 26.23 31.94 -15.76
C LEU A 220 25.83 32.08 -14.30
N GLU A 221 26.73 32.64 -13.49
CA GLU A 221 26.46 32.81 -12.07
C GLU A 221 25.51 33.97 -11.83
N PRO A 222 24.68 33.89 -10.79
CA PRO A 222 23.81 35.01 -10.44
C PRO A 222 24.63 36.25 -10.13
N LEU A 223 24.46 37.29 -10.94
CA LEU A 223 25.20 38.52 -10.78
C LEU A 223 24.48 39.52 -9.90
N VAL A 224 23.17 39.68 -10.07
CA VAL A 224 22.40 40.62 -9.25
C VAL A 224 20.93 40.27 -9.32
N ASP A 225 20.19 40.66 -8.28
CA ASP A 225 18.74 40.55 -8.22
C ASP A 225 18.18 41.88 -7.75
N LEU A 226 17.18 42.40 -8.45
CA LEU A 226 16.61 43.70 -8.14
C LEU A 226 15.12 43.59 -7.87
N PRO A 227 14.64 44.07 -6.72
CA PRO A 227 13.22 43.96 -6.38
C PRO A 227 12.39 45.11 -6.95
N ILE A 228 12.30 45.16 -8.27
CA ILE A 228 11.58 46.21 -8.98
C ILE A 228 10.37 45.58 -9.67
N GLY A 229 9.18 45.97 -9.23
CA GLY A 229 7.95 45.48 -9.83
C GLY A 229 7.48 46.33 -10.99
N ILE A 230 8.15 46.23 -12.13
CA ILE A 230 7.79 47.01 -13.32
C ILE A 230 7.46 46.06 -14.46
N ASN A 231 6.74 46.59 -15.45
CA ASN A 231 6.43 45.83 -16.64
C ASN A 231 7.51 46.02 -17.69
N ILE A 232 8.02 44.91 -18.22
CA ILE A 232 9.05 44.93 -19.25
C ILE A 232 8.58 44.01 -20.38
N THR A 233 8.36 44.57 -21.56
CA THR A 233 8.08 43.80 -22.76
C THR A 233 8.96 44.19 -23.94
N ARG A 234 9.80 45.19 -23.80
CA ARG A 234 10.70 45.65 -24.84
C ARG A 234 12.02 46.08 -24.21
N PHE A 235 13.09 46.00 -24.99
CA PHE A 235 14.41 46.33 -24.49
C PHE A 235 15.31 46.78 -25.64
N GLN A 236 16.40 47.45 -25.29
CA GLN A 236 17.31 48.03 -26.26
C GLN A 236 18.71 48.13 -25.65
N THR A 237 19.72 48.05 -26.50
CA THR A 237 21.11 48.16 -26.08
C THR A 237 21.57 49.62 -26.14
N LEU A 238 22.59 49.94 -25.34
CA LEU A 238 23.16 51.28 -25.28
C LEU A 238 24.63 51.24 -25.68
N LEU A 239 25.04 52.20 -26.50
CA LEU A 239 26.44 52.31 -26.91
C LEU A 239 27.11 53.54 -26.31
N ALA A 261 28.32 44.63 -32.36
CA ALA A 261 27.79 43.33 -32.73
C ALA A 261 27.47 42.50 -31.50
N TYR A 262 26.19 42.20 -31.29
CA TYR A 262 25.76 41.44 -30.13
C TYR A 262 24.70 40.42 -30.54
N TYR A 263 24.60 39.36 -29.74
CA TYR A 263 23.67 38.27 -29.97
C TYR A 263 22.52 38.34 -28.98
N VAL A 264 21.31 38.08 -29.46
CA VAL A 264 20.12 38.08 -28.62
C VAL A 264 19.35 36.77 -28.85
N GLY A 265 19.02 36.10 -27.75
CA GLY A 265 18.17 34.93 -27.80
C GLY A 265 17.07 35.03 -26.75
N TYR A 266 16.09 34.16 -26.87
CA TYR A 266 14.92 34.19 -26.00
C TYR A 266 14.80 32.90 -25.20
N LEU A 267 14.30 33.02 -23.98
CA LEU A 267 14.16 31.89 -23.08
C LEU A 267 12.77 31.27 -23.19
N GLN A 268 12.71 29.96 -23.00
CA GLN A 268 11.50 29.17 -23.00
C GLN A 268 11.46 28.32 -21.75
N PRO A 269 10.27 27.95 -21.28
CA PRO A 269 10.19 27.01 -20.15
C PRO A 269 10.63 25.61 -20.55
N ARG A 270 11.79 25.19 -20.05
CA ARG A 270 12.39 23.92 -20.40
C ARG A 270 12.86 23.18 -19.16
N THR A 271 12.91 21.87 -19.26
CA THR A 271 13.50 21.01 -18.24
C THR A 271 14.91 20.65 -18.65
N PHE A 272 15.86 20.89 -17.77
CA PHE A 272 17.27 20.60 -18.01
C PHE A 272 17.78 19.63 -16.97
N LEU A 273 18.73 18.81 -17.38
CA LEU A 273 19.48 17.93 -16.49
C LEU A 273 20.89 18.48 -16.39
N LEU A 274 21.22 19.07 -15.25
CA LEU A 274 22.48 19.75 -15.04
C LEU A 274 23.43 18.87 -14.25
N LYS A 275 24.70 18.86 -14.63
CA LYS A 275 25.73 18.07 -13.98
C LYS A 275 26.60 19.00 -13.13
N TYR A 276 26.52 18.85 -11.82
CA TYR A 276 27.41 19.54 -10.89
C TYR A 276 28.61 18.65 -10.61
N ASN A 277 29.81 19.18 -10.86
CA ASN A 277 31.03 18.43 -10.59
C ASN A 277 31.35 18.47 -9.10
N GLU A 278 32.52 17.96 -8.73
CA GLU A 278 32.88 17.89 -7.32
C GLU A 278 33.05 19.27 -6.68
N ASN A 279 33.49 20.26 -7.46
CA ASN A 279 33.71 21.60 -6.94
C ASN A 279 32.45 22.44 -6.91
N GLY A 280 31.31 21.88 -7.32
CA GLY A 280 30.05 22.61 -7.32
C GLY A 280 29.72 23.35 -8.60
N THR A 281 30.54 23.19 -9.64
CA THR A 281 30.32 23.91 -10.89
C THR A 281 29.45 23.10 -11.84
N ILE A 282 28.54 23.78 -12.52
CA ILE A 282 27.75 23.15 -13.57
C ILE A 282 28.65 23.00 -14.79
N THR A 283 29.01 21.77 -15.12
CA THR A 283 29.96 21.50 -16.21
C THR A 283 29.31 20.93 -17.45
N ASP A 284 28.03 20.58 -17.40
CA ASP A 284 27.34 20.00 -18.55
C ASP A 284 25.85 20.04 -18.28
N ALA A 285 25.07 19.98 -19.37
CA ALA A 285 23.62 19.96 -19.24
C ALA A 285 23.03 19.19 -20.41
N VAL A 286 21.81 18.70 -20.20
CA VAL A 286 21.01 18.05 -21.23
C VAL A 286 19.67 18.75 -21.30
N ASP A 287 19.33 19.26 -22.47
CA ASP A 287 18.02 19.87 -22.73
C ASP A 287 17.04 18.74 -23.08
N CYS A 288 16.12 18.45 -22.17
CA CYS A 288 15.31 17.24 -22.27
C CYS A 288 14.47 17.22 -23.55
N ALA A 289 13.93 18.36 -23.95
CA ALA A 289 13.00 18.43 -25.07
C ALA A 289 13.69 18.62 -26.41
N LEU A 290 15.02 18.57 -26.46
CA LEU A 290 15.73 18.83 -27.70
C LEU A 290 15.42 17.77 -28.77
N ASP A 291 15.57 16.50 -28.42
CA ASP A 291 15.44 15.42 -29.39
C ASP A 291 15.19 14.12 -28.63
N PRO A 292 14.89 13.02 -29.33
CA PRO A 292 14.62 11.76 -28.60
C PRO A 292 15.75 11.28 -27.72
N LEU A 293 17.00 11.45 -28.15
CA LEU A 293 18.13 11.00 -27.35
C LEU A 293 18.24 11.79 -26.05
N SER A 294 18.01 13.10 -26.10
CA SER A 294 18.05 13.92 -24.88
C SER A 294 16.91 13.55 -23.95
N GLU A 295 15.73 13.26 -24.50
CA GLU A 295 14.63 12.81 -23.66
C GLU A 295 14.97 11.47 -22.99
N THR A 296 15.65 10.59 -23.72
CA THR A 296 16.11 9.34 -23.12
C THR A 296 17.11 9.59 -21.99
N LYS A 297 18.04 10.52 -22.21
CA LYS A 297 19.02 10.84 -21.19
C LYS A 297 18.36 11.42 -19.94
N CYS A 298 17.35 12.27 -20.13
CA CYS A 298 16.65 12.84 -18.99
C CYS A 298 15.82 11.78 -18.27
N THR A 299 15.23 10.85 -19.01
CA THR A 299 14.46 9.78 -18.39
C THR A 299 15.36 8.86 -17.58
N LEU A 300 16.53 8.51 -18.12
CA LEU A 300 17.46 7.66 -17.41
C LEU A 300 18.28 8.40 -16.36
N LYS A 301 18.17 9.73 -16.30
CA LYS A 301 18.95 10.57 -15.38
C LYS A 301 20.44 10.28 -15.52
N SER A 302 20.90 10.19 -16.76
CA SER A 302 22.29 9.91 -17.05
C SER A 302 22.70 10.65 -18.31
N PHE A 303 23.99 10.88 -18.46
CA PHE A 303 24.54 11.51 -19.66
C PHE A 303 25.02 10.49 -20.69
N THR A 304 25.07 9.21 -20.33
CA THR A 304 25.42 8.15 -21.25
C THR A 304 24.31 7.12 -21.25
N VAL A 305 24.06 6.52 -22.42
CA VAL A 305 22.98 5.56 -22.60
C VAL A 305 23.58 4.28 -23.17
N GLU A 306 23.23 3.15 -22.57
CA GLU A 306 23.60 1.86 -23.10
C GLU A 306 22.69 1.47 -24.27
N LYS A 307 23.18 0.56 -25.09
CA LYS A 307 22.40 0.04 -26.20
C LYS A 307 21.09 -0.58 -25.71
N GLY A 308 19.99 -0.26 -26.39
CA GLY A 308 18.72 -0.82 -26.03
C GLY A 308 17.57 0.06 -26.50
N ILE A 309 16.38 -0.32 -26.08
CA ILE A 309 15.16 0.39 -26.40
C ILE A 309 14.51 0.83 -25.10
N TYR A 310 14.13 2.12 -25.03
CA TYR A 310 13.71 2.73 -23.79
C TYR A 310 12.35 3.40 -23.98
N GLN A 311 11.41 3.11 -23.08
CA GLN A 311 10.10 3.74 -23.11
C GLN A 311 10.21 5.14 -22.52
N THR A 312 10.15 6.15 -23.39
CA THR A 312 10.13 7.53 -22.94
C THR A 312 8.68 8.00 -22.85
N SER A 313 8.47 9.31 -22.73
CA SER A 313 7.13 9.83 -22.53
C SER A 313 6.23 9.51 -23.73
N ASN A 314 4.93 9.69 -23.52
CA ASN A 314 3.93 9.36 -24.51
C ASN A 314 3.50 10.61 -25.28
N PHE A 315 3.22 10.43 -26.56
CA PHE A 315 2.75 11.53 -27.38
C PHE A 315 1.25 11.73 -27.19
N ARG A 316 0.82 12.99 -27.16
CA ARG A 316 -0.58 13.33 -27.04
C ARG A 316 -0.90 14.51 -27.95
N VAL A 317 -2.00 14.38 -28.70
CA VAL A 317 -2.48 15.49 -29.53
C VAL A 317 -3.18 16.50 -28.64
N GLN A 318 -2.80 17.77 -28.76
CA GLN A 318 -3.37 18.77 -27.87
C GLN A 318 -4.58 19.45 -28.52
N PRO A 319 -5.52 19.91 -27.71
CA PRO A 319 -6.74 20.53 -28.27
C PRO A 319 -6.44 21.85 -28.96
N THR A 320 -7.08 22.05 -30.11
CA THR A 320 -6.93 23.28 -30.89
C THR A 320 -7.85 24.39 -30.40
N GLU A 321 -9.09 24.06 -30.06
CA GLU A 321 -10.10 25.06 -29.72
C GLU A 321 -10.80 24.67 -28.43
N SER A 322 -11.58 25.62 -27.91
CA SER A 322 -12.48 25.39 -26.80
C SER A 322 -13.89 25.78 -27.23
N ILE A 323 -14.85 24.91 -27.00
CA ILE A 323 -16.24 25.13 -27.40
C ILE A 323 -17.13 25.07 -26.16
N VAL A 324 -18.15 25.92 -26.13
CA VAL A 324 -19.13 25.97 -25.07
C VAL A 324 -20.51 25.82 -25.68
N ARG A 325 -21.29 24.86 -25.18
CA ARG A 325 -22.64 24.60 -25.68
C ARG A 325 -23.59 24.64 -24.49
N PHE A 326 -24.38 25.69 -24.41
CA PHE A 326 -25.36 25.92 -23.37
C PHE A 326 -26.74 26.00 -24.01
N PRO A 327 -27.81 25.76 -23.25
CA PRO A 327 -29.15 25.95 -23.81
C PRO A 327 -29.40 27.42 -24.09
N ASN A 328 -30.28 27.66 -25.06
CA ASN A 328 -30.65 29.03 -25.43
C ASN A 328 -31.70 29.52 -24.43
N ILE A 329 -31.22 30.23 -23.40
CA ILE A 329 -32.06 30.78 -22.34
C ILE A 329 -31.82 32.27 -22.28
N THR A 330 -32.91 33.05 -22.22
CA THR A 330 -32.82 34.50 -22.34
C THR A 330 -33.20 35.24 -21.07
N ASN A 331 -34.13 34.73 -20.28
CA ASN A 331 -34.60 35.44 -19.10
C ASN A 331 -33.51 35.50 -18.02
N LEU A 332 -33.63 36.49 -17.14
CA LEU A 332 -32.73 36.64 -16.01
C LEU A 332 -33.42 36.14 -14.74
N CYS A 333 -32.69 35.38 -13.93
CA CYS A 333 -33.28 34.76 -12.75
C CYS A 333 -33.65 35.84 -11.72
N PRO A 334 -34.79 35.68 -11.05
CA PRO A 334 -35.28 36.70 -10.09
C PRO A 334 -34.76 36.49 -8.68
N PHE A 335 -33.44 36.62 -8.52
CA PHE A 335 -32.82 36.50 -7.20
C PHE A 335 -33.01 37.76 -6.38
N ASP A 336 -33.15 38.91 -7.02
CA ASP A 336 -33.28 40.17 -6.28
C ASP A 336 -34.56 40.19 -5.46
N GLU A 337 -35.66 39.68 -6.01
CA GLU A 337 -36.89 39.62 -5.24
C GLU A 337 -36.84 38.57 -4.14
N VAL A 338 -35.97 37.57 -4.27
CA VAL A 338 -35.75 36.65 -3.16
C VAL A 338 -35.02 37.36 -2.02
N PHE A 339 -33.93 38.05 -2.35
CA PHE A 339 -33.12 38.67 -1.30
C PHE A 339 -33.73 39.96 -0.78
N ASN A 340 -34.32 40.77 -1.66
CA ASN A 340 -34.91 42.06 -1.26
C ASN A 340 -36.41 41.90 -1.04
N ALA A 341 -36.75 41.10 -0.03
CA ALA A 341 -38.12 40.92 0.40
C ALA A 341 -38.37 41.72 1.66
N THR A 342 -39.55 42.32 1.76
CA THR A 342 -39.86 43.17 2.91
C THR A 342 -39.90 42.35 4.20
N ARG A 343 -40.52 41.17 4.16
CA ARG A 343 -40.61 40.30 5.32
C ARG A 343 -40.25 38.88 4.91
N PHE A 344 -39.43 38.23 5.72
CA PHE A 344 -39.07 36.83 5.49
C PHE A 344 -40.03 35.92 6.23
N ALA A 345 -40.06 34.66 5.83
CA ALA A 345 -40.94 33.68 6.45
C ALA A 345 -40.37 33.24 7.80
N SER A 346 -41.26 32.71 8.64
CA SER A 346 -40.82 32.02 9.83
C SER A 346 -40.18 30.69 9.45
N VAL A 347 -39.27 30.20 10.30
CA VAL A 347 -38.51 29.02 9.95
C VAL A 347 -39.40 27.79 9.87
N TYR A 348 -40.44 27.71 10.71
CA TYR A 348 -41.35 26.56 10.63
C TYR A 348 -42.18 26.61 9.34
N ALA A 349 -42.42 27.80 8.81
CA ALA A 349 -43.18 27.97 7.58
C ALA A 349 -42.28 28.57 6.50
N TRP A 350 -41.09 28.03 6.35
CA TRP A 350 -40.08 28.62 5.48
C TRP A 350 -40.56 28.70 4.05
N ASN A 351 -40.18 29.77 3.35
CA ASN A 351 -40.64 30.01 1.99
C ASN A 351 -39.73 29.31 1.00
N ARG A 352 -40.32 28.64 0.00
CA ARG A 352 -39.57 28.01 -1.08
C ARG A 352 -40.00 28.62 -2.40
N LYS A 353 -39.02 29.01 -3.21
CA LYS A 353 -39.27 29.58 -4.53
C LYS A 353 -38.49 28.79 -5.57
N ARG A 354 -39.14 28.51 -6.70
CA ARG A 354 -38.52 27.75 -7.77
C ARG A 354 -37.91 28.69 -8.80
N ILE A 355 -36.67 28.42 -9.17
CA ILE A 355 -35.92 29.19 -10.16
C ILE A 355 -35.66 28.26 -11.33
N SER A 356 -36.19 28.62 -12.51
CA SER A 356 -36.04 27.79 -13.69
C SER A 356 -36.17 28.65 -14.94
N ASN A 357 -35.55 28.18 -16.02
CA ASN A 357 -35.62 28.82 -17.33
C ASN A 357 -35.16 30.28 -17.27
N CYS A 358 -33.93 30.46 -16.79
CA CYS A 358 -33.36 31.79 -16.70
C CYS A 358 -31.83 31.68 -16.63
N VAL A 359 -31.18 32.81 -16.86
CA VAL A 359 -29.73 32.92 -16.77
C VAL A 359 -29.39 33.51 -15.41
N ALA A 360 -28.57 32.79 -14.65
CA ALA A 360 -28.27 33.14 -13.26
C ALA A 360 -26.86 33.69 -13.16
N ASP A 361 -26.75 34.97 -12.82
CA ASP A 361 -25.47 35.59 -12.49
C ASP A 361 -25.35 35.64 -10.98
N TYR A 362 -24.48 34.80 -10.42
CA TYR A 362 -24.37 34.67 -8.97
C TYR A 362 -23.44 35.70 -8.36
N SER A 363 -22.67 36.43 -9.17
CA SER A 363 -21.78 37.45 -8.63
C SER A 363 -22.55 38.67 -8.15
N VAL A 364 -23.78 38.87 -8.63
CA VAL A 364 -24.56 40.03 -8.22
C VAL A 364 -25.33 39.78 -6.92
N LEU A 365 -25.31 38.56 -6.39
CA LEU A 365 -25.95 38.30 -5.11
C LEU A 365 -25.30 39.10 -3.98
N TYR A 366 -24.01 39.39 -4.11
CA TYR A 366 -23.31 40.17 -3.09
C TYR A 366 -23.89 41.57 -2.96
N ASN A 367 -24.53 42.07 -4.01
CA ASN A 367 -25.12 43.41 -3.99
C ASN A 367 -26.52 43.45 -3.40
N PHE A 368 -27.15 42.30 -3.18
CA PHE A 368 -28.53 42.28 -2.71
C PHE A 368 -28.64 42.21 -1.20
N ALA A 369 -27.72 41.53 -0.53
CA ALA A 369 -27.75 41.41 0.92
C ALA A 369 -26.36 41.65 1.47
N PRO A 370 -26.25 42.20 2.68
CA PRO A 370 -24.92 42.47 3.25
C PRO A 370 -24.32 41.28 3.96
N PHE A 371 -24.40 40.10 3.36
CA PHE A 371 -23.76 38.92 3.92
C PHE A 371 -22.27 38.96 3.67
N PHE A 372 -21.50 38.31 4.54
CA PHE A 372 -20.05 38.33 4.42
C PHE A 372 -19.57 37.35 3.34
N ALA A 373 -20.08 36.13 3.33
CA ALA A 373 -19.65 35.15 2.36
C ALA A 373 -20.69 34.05 2.22
N PHE A 374 -20.59 33.31 1.12
CA PHE A 374 -21.37 32.10 0.92
C PHE A 374 -20.87 30.99 1.83
N LYS A 375 -21.69 29.96 2.01
CA LYS A 375 -21.25 28.71 2.61
C LYS A 375 -21.78 27.58 1.72
N CYS A 376 -20.94 27.08 0.81
CA CYS A 376 -21.39 26.17 -0.22
C CYS A 376 -20.90 24.75 0.05
N TYR A 377 -21.70 23.78 -0.38
CA TYR A 377 -21.43 22.36 -0.20
C TYR A 377 -21.53 21.69 -1.55
N GLY A 378 -20.46 21.00 -1.95
CA GLY A 378 -20.41 20.33 -3.24
C GLY A 378 -20.07 21.22 -4.40
N VAL A 379 -19.87 22.51 -4.18
CA VAL A 379 -19.63 23.47 -5.24
C VAL A 379 -18.94 24.67 -4.62
N SER A 380 -18.29 25.48 -5.46
CA SER A 380 -17.67 26.71 -5.01
C SER A 380 -18.42 27.90 -5.58
N PRO A 381 -18.54 28.99 -4.82
CA PRO A 381 -19.30 30.16 -5.33
C PRO A 381 -18.76 30.69 -6.65
N THR A 382 -17.44 30.85 -6.76
CA THR A 382 -16.85 31.42 -7.96
C THR A 382 -17.01 30.51 -9.18
N LYS A 383 -17.38 29.25 -8.97
CA LYS A 383 -17.63 28.34 -10.09
C LYS A 383 -19.09 28.35 -10.54
N LEU A 384 -19.99 28.95 -9.76
CA LEU A 384 -21.42 28.83 -10.05
C LEU A 384 -21.79 29.43 -11.40
N ASN A 385 -20.99 30.37 -11.90
CA ASN A 385 -21.30 30.99 -13.18
C ASN A 385 -20.92 30.11 -14.37
N ASP A 386 -20.14 29.05 -14.17
CA ASP A 386 -19.75 28.16 -15.24
C ASP A 386 -20.62 26.91 -15.34
N LEU A 387 -21.64 26.80 -14.49
CA LEU A 387 -22.43 25.59 -14.38
C LEU A 387 -23.85 25.80 -14.87
N CYS A 388 -24.53 24.69 -15.12
CA CYS A 388 -25.94 24.69 -15.48
C CYS A 388 -26.66 23.71 -14.55
N PHE A 389 -27.90 24.05 -14.20
CA PHE A 389 -28.69 23.23 -13.30
C PHE A 389 -30.07 23.00 -13.89
N THR A 390 -30.63 21.82 -13.61
CA THR A 390 -32.00 21.53 -14.05
C THR A 390 -32.99 22.47 -13.39
N ASN A 391 -32.86 22.66 -12.08
CA ASN A 391 -33.70 23.60 -11.34
C ASN A 391 -32.90 24.13 -10.18
N VAL A 392 -33.31 25.30 -9.70
CA VAL A 392 -32.75 25.90 -8.49
C VAL A 392 -33.89 26.15 -7.52
N TYR A 393 -33.63 25.95 -6.24
CA TYR A 393 -34.59 26.25 -5.19
C TYR A 393 -34.00 27.30 -4.27
N ALA A 394 -34.80 28.30 -3.93
CA ALA A 394 -34.39 29.33 -2.98
C ALA A 394 -35.34 29.28 -1.79
N ASP A 395 -34.82 28.87 -0.64
CA ASP A 395 -35.58 28.80 0.59
C ASP A 395 -35.17 29.96 1.49
N SER A 396 -36.13 30.71 1.98
CA SER A 396 -35.85 31.89 2.79
C SER A 396 -36.61 31.80 4.09
N PHE A 397 -35.94 32.19 5.18
CA PHE A 397 -36.55 32.21 6.50
C PHE A 397 -35.67 33.06 7.43
N VAL A 398 -36.06 33.11 8.70
CA VAL A 398 -35.37 33.89 9.72
C VAL A 398 -35.16 33.01 10.93
N ILE A 399 -33.93 33.02 11.47
CA ILE A 399 -33.61 32.33 12.72
C ILE A 399 -32.80 33.29 13.60
N ARG A 400 -32.31 32.80 14.71
CA ARG A 400 -31.34 33.58 15.48
C ARG A 400 -29.92 33.07 15.19
N GLY A 401 -28.95 33.89 15.59
CA GLY A 401 -27.57 33.65 15.16
C GLY A 401 -27.02 32.32 15.62
N ASN A 402 -27.27 31.94 16.87
CA ASN A 402 -26.70 30.71 17.39
C ASN A 402 -27.32 29.46 16.76
N GLU A 403 -28.36 29.61 15.95
CA GLU A 403 -28.92 28.50 15.19
C GLU A 403 -28.44 28.47 13.74
N VAL A 404 -27.62 29.44 13.33
CA VAL A 404 -27.16 29.49 11.94
C VAL A 404 -26.32 28.26 11.60
N SER A 405 -25.58 27.75 12.58
CA SER A 405 -24.79 26.54 12.35
C SER A 405 -25.67 25.32 12.08
N GLN A 406 -26.96 25.38 12.42
CA GLN A 406 -27.84 24.25 12.17
C GLN A 406 -28.27 24.14 10.70
N ILE A 407 -28.08 25.20 9.91
CA ILE A 407 -28.45 25.17 8.49
C ILE A 407 -27.23 24.61 7.76
N ALA A 408 -27.11 23.30 7.77
CA ALA A 408 -25.99 22.58 7.18
C ALA A 408 -26.33 21.10 7.13
N PRO A 409 -25.83 20.36 6.14
CA PRO A 409 -26.12 18.92 6.08
C PRO A 409 -25.58 18.19 7.31
N GLY A 410 -26.34 17.19 7.76
CA GLY A 410 -25.92 16.36 8.89
C GLY A 410 -25.89 17.07 10.22
N GLN A 411 -26.84 17.96 10.49
CA GLN A 411 -26.89 18.71 11.74
C GLN A 411 -28.07 18.25 12.59
N THR A 412 -27.98 18.56 13.89
CA THR A 412 -29.02 18.22 14.84
C THR A 412 -29.32 19.45 15.70
N GLY A 413 -30.56 19.56 16.12
CA GLY A 413 -31.01 20.68 16.92
C GLY A 413 -32.45 21.00 16.60
N ASN A 414 -32.98 21.98 17.33
CA ASN A 414 -34.39 22.33 17.20
C ASN A 414 -34.74 22.71 15.76
N ILE A 415 -33.95 23.59 15.16
CA ILE A 415 -34.22 24.03 13.79
C ILE A 415 -34.07 22.88 12.83
N ALA A 416 -32.99 22.11 12.96
CA ALA A 416 -32.72 21.02 12.02
C ALA A 416 -33.71 19.88 12.20
N ASP A 417 -34.15 19.62 13.43
CA ASP A 417 -35.02 18.47 13.68
C ASP A 417 -36.47 18.79 13.38
N TYR A 418 -36.94 19.98 13.74
CA TYR A 418 -38.38 20.27 13.71
C TYR A 418 -38.79 21.35 12.74
N ASN A 419 -37.86 22.13 12.18
CA ASN A 419 -38.23 23.25 11.33
C ASN A 419 -37.69 23.13 9.91
N TYR A 420 -36.38 22.96 9.74
CA TYR A 420 -35.78 22.97 8.41
C TYR A 420 -34.63 21.98 8.40
N LYS A 421 -34.72 20.97 7.54
CA LYS A 421 -33.75 19.88 7.50
C LYS A 421 -33.06 19.87 6.13
N LEU A 422 -31.74 19.96 6.14
CA LEU A 422 -31.03 19.80 4.88
C LEU A 422 -30.65 18.34 4.67
N PRO A 423 -30.68 17.87 3.42
CA PRO A 423 -30.29 16.48 3.16
C PRO A 423 -28.80 16.25 3.41
N ASP A 424 -28.46 15.01 3.72
CA ASP A 424 -27.06 14.65 3.95
C ASP A 424 -26.24 14.81 2.68
N ASP A 425 -26.83 14.57 1.52
CA ASP A 425 -26.18 14.72 0.23
C ASP A 425 -26.45 16.08 -0.39
N PHE A 426 -26.59 17.11 0.43
CA PHE A 426 -26.97 18.44 -0.05
C PHE A 426 -25.85 19.03 -0.89
N THR A 427 -26.21 19.53 -2.06
CA THR A 427 -25.32 20.34 -2.88
C THR A 427 -25.99 21.70 -3.10
N GLY A 428 -25.31 22.76 -2.69
CA GLY A 428 -25.94 24.07 -2.73
C GLY A 428 -25.13 25.08 -1.93
N CYS A 429 -25.80 26.15 -1.53
CA CYS A 429 -25.15 27.21 -0.78
C CYS A 429 -26.10 27.77 0.27
N VAL A 430 -25.53 28.26 1.36
CA VAL A 430 -26.27 28.87 2.46
C VAL A 430 -25.74 30.30 2.63
N ILE A 431 -26.66 31.26 2.68
CA ILE A 431 -26.34 32.68 2.79
C ILE A 431 -27.13 33.22 3.97
N ALA A 432 -26.45 33.52 5.07
CA ALA A 432 -27.08 34.05 6.27
C ALA A 432 -26.47 35.41 6.59
N TRP A 433 -27.32 36.39 6.90
CA TRP A 433 -26.82 37.71 7.28
C TRP A 433 -27.66 38.30 8.39
N ASN A 434 -27.00 39.08 9.24
CA ASN A 434 -27.66 39.72 10.36
C ASN A 434 -28.72 40.71 9.87
N SER A 435 -29.90 40.65 10.49
CA SER A 435 -31.02 41.50 10.14
C SER A 435 -31.64 42.12 11.39
N ASN A 436 -30.78 42.59 12.30
CA ASN A 436 -31.27 43.19 13.53
C ASN A 436 -32.03 44.48 13.26
N LYS A 437 -31.57 45.28 12.30
CA LYS A 437 -32.20 46.57 12.03
C LYS A 437 -33.59 46.44 11.42
N LEU A 438 -33.90 45.31 10.79
CA LEU A 438 -35.20 45.12 10.15
C LEU A 438 -36.13 44.18 10.90
N ASP A 439 -35.61 43.25 11.70
CA ASP A 439 -36.42 42.23 12.32
C ASP A 439 -36.48 42.33 13.83
N SER A 440 -35.98 43.42 14.41
CA SER A 440 -36.04 43.64 15.85
C SER A 440 -36.91 44.85 16.16
N LYS A 441 -37.56 44.80 17.31
CA LYS A 441 -38.39 45.90 17.79
C LYS A 441 -38.10 46.14 19.26
N VAL A 442 -38.34 47.38 19.70
CA VAL A 442 -38.08 47.73 21.10
C VAL A 442 -38.94 46.88 22.02
N GLY A 443 -40.22 46.70 21.68
CA GLY A 443 -41.06 45.81 22.45
C GLY A 443 -40.85 44.35 22.19
N GLY A 444 -39.97 44.00 21.25
CA GLY A 444 -39.74 42.62 20.89
C GLY A 444 -40.56 42.19 19.70
N ASN A 445 -39.90 41.70 18.66
CA ASN A 445 -40.58 41.24 17.45
C ASN A 445 -41.05 39.81 17.69
N TYR A 446 -42.37 39.61 17.74
CA TYR A 446 -42.96 38.31 17.99
C TYR A 446 -43.62 37.72 16.75
N ASN A 447 -43.35 38.28 15.57
CA ASN A 447 -43.93 37.75 14.35
C ASN A 447 -43.25 36.45 13.90
N TYR A 448 -42.01 36.21 14.30
CA TYR A 448 -41.25 35.05 13.87
C TYR A 448 -41.33 33.94 14.90
N GLN A 449 -41.64 32.72 14.46
CA GLN A 449 -41.83 31.60 15.34
C GLN A 449 -41.04 30.39 14.84
N TYR A 450 -40.81 29.45 15.76
CA TYR A 450 -40.18 28.18 15.45
C TYR A 450 -40.94 27.08 16.16
N ARG A 451 -40.98 25.91 15.53
CA ARG A 451 -41.57 24.73 16.18
C ARG A 451 -40.62 24.20 17.24
N LEU A 452 -41.15 23.97 18.43
CA LEU A 452 -40.35 23.46 19.54
C LEU A 452 -40.58 21.97 19.81
N PHE A 453 -41.76 21.45 19.51
CA PHE A 453 -42.12 20.08 19.85
C PHE A 453 -42.62 19.35 18.61
N ARG A 454 -42.17 18.11 18.45
CA ARG A 454 -42.64 17.26 17.35
C ARG A 454 -42.43 15.81 17.75
N LYS A 455 -43.30 14.94 17.20
CA LYS A 455 -43.22 13.52 17.53
C LYS A 455 -41.99 12.88 16.90
N SER A 456 -41.62 13.31 15.69
CA SER A 456 -40.48 12.76 14.99
C SER A 456 -39.70 13.89 14.34
N ASN A 457 -38.53 13.54 13.81
CA ASN A 457 -37.71 14.50 13.08
C ASN A 457 -38.25 14.70 11.67
N LEU A 458 -38.05 15.91 11.14
CA LEU A 458 -38.43 16.19 9.77
C LEU A 458 -37.53 15.45 8.80
N LYS A 459 -38.08 15.10 7.66
CA LYS A 459 -37.27 14.65 6.54
C LYS A 459 -36.72 15.86 5.79
N PRO A 460 -35.65 15.70 5.02
CA PRO A 460 -35.08 16.84 4.31
C PRO A 460 -36.09 17.52 3.40
N PHE A 461 -36.11 18.86 3.47
CA PHE A 461 -36.97 19.70 2.65
C PHE A 461 -38.46 19.43 2.89
N GLU A 462 -38.79 18.96 4.10
CA GLU A 462 -40.17 18.73 4.49
C GLU A 462 -40.64 19.88 5.38
N ARG A 463 -41.82 20.40 5.09
CA ARG A 463 -42.39 21.54 5.81
C ARG A 463 -43.56 21.08 6.66
N ASP A 464 -43.58 21.49 7.92
CA ASP A 464 -44.65 21.19 8.86
C ASP A 464 -45.19 22.52 9.38
N ILE A 465 -46.42 22.86 8.97
CA ILE A 465 -47.06 24.09 9.41
C ILE A 465 -48.27 23.80 10.30
N SER A 466 -48.31 22.62 10.91
CA SER A 466 -49.41 22.26 11.79
C SER A 466 -49.33 23.03 13.10
N THR A 467 -50.48 23.16 13.76
CA THR A 467 -50.58 23.82 15.06
C THR A 467 -51.33 22.95 16.06
N GLU A 468 -51.22 21.63 15.91
CA GLU A 468 -51.88 20.72 16.83
C GLU A 468 -51.18 20.72 18.18
N ILE A 469 -51.97 20.60 19.25
CA ILE A 469 -51.40 20.58 20.59
C ILE A 469 -50.52 19.35 20.75
N TYR A 470 -49.31 19.56 21.26
CA TYR A 470 -48.35 18.48 21.44
C TYR A 470 -48.63 17.74 22.73
N GLN A 471 -48.74 16.41 22.64
CA GLN A 471 -49.06 15.56 23.78
C GLN A 471 -47.76 14.93 24.27
N ALA A 472 -47.07 15.65 25.17
CA ALA A 472 -45.83 15.13 25.72
C ALA A 472 -46.08 13.96 26.66
N GLY A 473 -47.05 14.11 27.56
CA GLY A 473 -47.39 13.06 28.49
C GLY A 473 -48.32 12.02 27.89
N ASN A 474 -48.61 10.99 28.69
CA ASN A 474 -49.55 9.96 28.25
C ASN A 474 -50.98 10.46 28.29
N LYS A 475 -51.27 11.41 29.18
CA LYS A 475 -52.62 11.95 29.28
C LYS A 475 -52.98 12.70 28.00
N PRO A 476 -54.19 12.48 27.47
CA PRO A 476 -54.58 13.18 26.24
C PRO A 476 -54.87 14.65 26.50
N CYS A 477 -54.79 15.44 25.43
CA CYS A 477 -55.02 16.88 25.51
C CYS A 477 -56.39 17.29 25.00
N ASN A 478 -57.02 16.48 24.14
CA ASN A 478 -58.34 16.78 23.57
C ASN A 478 -58.36 18.12 22.84
N GLY A 479 -57.22 18.52 22.27
CA GLY A 479 -57.14 19.77 21.56
C GLY A 479 -57.06 21.01 22.42
N VAL A 480 -56.85 20.85 23.73
CA VAL A 480 -56.74 21.97 24.66
C VAL A 480 -55.38 21.88 25.34
N ALA A 481 -54.68 23.02 25.40
CA ALA A 481 -53.34 23.05 25.96
C ALA A 481 -53.39 22.94 27.49
N GLY A 482 -52.21 22.79 28.08
CA GLY A 482 -52.10 22.67 29.53
C GLY A 482 -50.80 22.00 29.91
N PHE A 483 -50.77 21.47 31.13
CA PHE A 483 -49.61 20.74 31.60
C PHE A 483 -49.38 19.51 30.72
N ASN A 484 -48.13 19.34 30.27
CA ASN A 484 -47.73 18.31 29.32
C ASN A 484 -48.44 18.43 27.98
N CYS A 485 -49.17 19.52 27.75
CA CYS A 485 -49.88 19.78 26.50
C CYS A 485 -49.44 21.15 26.03
N TYR A 486 -48.35 21.21 25.28
CA TYR A 486 -47.74 22.46 24.87
C TYR A 486 -48.16 22.82 23.44
N PHE A 487 -48.36 24.11 23.20
CA PHE A 487 -48.52 24.59 21.83
C PHE A 487 -47.19 24.46 21.11
N PRO A 488 -47.15 23.82 19.94
CA PRO A 488 -45.85 23.43 19.37
C PRO A 488 -44.98 24.58 18.93
N LEU A 489 -45.53 25.78 18.71
CA LEU A 489 -44.78 26.89 18.18
C LEU A 489 -44.45 27.90 19.29
N ARG A 490 -43.20 28.35 19.32
CA ARG A 490 -42.74 29.38 20.24
C ARG A 490 -42.16 30.54 19.45
N SER A 491 -42.36 31.75 19.97
CA SER A 491 -41.96 32.96 19.26
C SER A 491 -40.58 33.41 19.68
N TYR A 492 -39.81 33.89 18.71
CA TYR A 492 -38.59 34.62 19.03
C TYR A 492 -38.95 35.98 19.62
N GLY A 493 -38.03 36.53 20.41
CA GLY A 493 -38.26 37.81 21.04
C GLY A 493 -37.25 38.85 20.59
N PHE A 494 -36.96 38.89 19.30
CA PHE A 494 -35.88 39.70 18.75
C PHE A 494 -35.97 41.15 19.22
N ARG A 495 -34.91 41.61 19.90
CA ARG A 495 -34.80 42.97 20.39
C ARG A 495 -33.45 43.54 20.00
N PRO A 496 -33.38 44.84 19.72
CA PRO A 496 -32.14 45.42 19.21
C PRO A 496 -30.98 45.39 20.20
N THR A 497 -31.23 45.20 21.49
CA THR A 497 -30.18 45.21 22.49
C THR A 497 -29.60 43.83 22.76
N TYR A 498 -30.10 42.79 22.09
CA TYR A 498 -29.58 41.45 22.28
C TYR A 498 -28.17 41.33 21.71
N GLY A 499 -27.44 40.34 22.20
CA GLY A 499 -26.16 40.00 21.62
C GLY A 499 -26.33 39.31 20.28
N VAL A 500 -25.22 39.24 19.54
CA VAL A 500 -25.28 38.78 18.14
C VAL A 500 -25.76 37.34 18.05
N GLY A 501 -25.46 36.52 19.05
CA GLY A 501 -25.94 35.15 19.04
C GLY A 501 -27.44 35.02 19.22
N HIS A 502 -28.08 36.05 19.75
CA HIS A 502 -29.53 36.06 19.92
C HIS A 502 -30.23 37.03 18.98
N GLN A 503 -29.50 37.67 18.08
CA GLN A 503 -30.08 38.60 17.13
C GLN A 503 -30.64 37.84 15.92
N PRO A 504 -31.59 38.44 15.19
CA PRO A 504 -32.16 37.75 14.03
C PRO A 504 -31.19 37.71 12.87
N TYR A 505 -31.27 36.63 12.11
CA TYR A 505 -30.50 36.41 10.91
C TYR A 505 -31.43 35.91 9.82
N ARG A 506 -31.34 36.55 8.65
CA ARG A 506 -32.09 36.11 7.48
C ARG A 506 -31.24 35.10 6.71
N VAL A 507 -31.87 33.99 6.33
CA VAL A 507 -31.18 32.88 5.70
C VAL A 507 -31.85 32.57 4.36
N VAL A 508 -31.02 32.46 3.32
CA VAL A 508 -31.43 32.00 2.00
C VAL A 508 -30.58 30.78 1.66
N VAL A 509 -31.24 29.67 1.35
CA VAL A 509 -30.60 28.42 0.97
C VAL A 509 -30.87 28.18 -0.51
N LEU A 510 -29.80 28.07 -1.28
CA LEU A 510 -29.89 27.76 -2.70
C LEU A 510 -29.58 26.28 -2.90
N SER A 511 -30.55 25.55 -3.43
CA SER A 511 -30.41 24.13 -3.72
C SER A 511 -30.30 23.94 -5.22
N PHE A 512 -29.26 23.23 -5.66
CA PHE A 512 -28.98 23.01 -7.07
C PHE A 512 -29.23 21.56 -7.43
N GLU A 513 -29.87 21.34 -8.58
CA GLU A 513 -30.04 20.02 -9.16
C GLU A 513 -29.14 19.90 -10.37
N LEU A 514 -28.20 18.96 -10.34
CA LEU A 514 -27.17 18.83 -11.35
C LEU A 514 -27.44 17.63 -12.24
N LEU A 515 -27.08 17.79 -13.53
CA LEU A 515 -27.09 16.72 -14.54
C LEU A 515 -28.53 16.25 -14.73
N HIS A 516 -28.76 14.94 -14.90
CA HIS A 516 -30.03 14.32 -15.27
C HIS A 516 -30.76 15.14 -16.33
N ALA A 517 -32.01 15.52 -16.06
CA ALA A 517 -32.90 16.24 -16.98
C ALA A 517 -32.22 17.45 -17.60
N PRO A 518 -32.69 17.92 -18.76
CA PRO A 518 -32.05 19.07 -19.41
C PRO A 518 -32.03 20.29 -18.51
N ALA A 519 -30.93 21.04 -18.57
CA ALA A 519 -30.75 22.18 -17.70
C ALA A 519 -31.65 23.33 -18.12
N THR A 520 -32.21 24.03 -17.12
CA THR A 520 -32.98 25.24 -17.36
C THR A 520 -32.37 26.48 -16.72
N VAL A 521 -31.47 26.33 -15.75
CA VAL A 521 -30.78 27.45 -15.13
C VAL A 521 -29.31 27.34 -15.50
N CYS A 522 -28.77 28.40 -16.08
CA CYS A 522 -27.39 28.42 -16.54
C CYS A 522 -26.75 29.74 -16.17
N GLY A 523 -25.41 29.73 -16.11
CA GLY A 523 -24.67 30.95 -15.89
C GLY A 523 -24.56 31.79 -17.14
N PRO A 524 -23.97 32.97 -16.99
CA PRO A 524 -23.84 33.92 -18.11
C PRO A 524 -22.67 33.57 -19.03
N LYS A 525 -22.73 32.40 -19.64
CA LYS A 525 -21.68 31.89 -20.49
C LYS A 525 -22.17 31.87 -21.93
N LYS A 526 -21.37 32.46 -22.83
CA LYS A 526 -21.76 32.55 -24.24
C LYS A 526 -21.42 31.25 -24.95
N SER A 527 -22.37 30.77 -25.76
CA SER A 527 -22.20 29.52 -26.49
C SER A 527 -21.48 29.77 -27.81
N THR A 528 -20.48 28.92 -28.09
CA THR A 528 -19.75 28.99 -29.34
C THR A 528 -20.37 28.05 -30.36
N ASN A 529 -19.67 27.84 -31.48
CA ASN A 529 -20.08 26.84 -32.46
C ASN A 529 -19.69 25.44 -31.99
N LEU A 530 -20.41 24.45 -32.53
CA LEU A 530 -20.16 23.05 -32.18
C LEU A 530 -19.21 22.46 -33.20
N VAL A 531 -17.94 22.35 -32.84
CA VAL A 531 -16.89 21.94 -33.76
C VAL A 531 -16.68 20.43 -33.61
N LYS A 532 -16.80 19.71 -34.73
CA LYS A 532 -16.65 18.27 -34.76
C LYS A 532 -15.34 17.87 -35.42
N ASN A 533 -14.98 16.61 -35.24
CA ASN A 533 -13.85 15.96 -35.91
C ASN A 533 -12.51 16.60 -35.58
N LYS A 534 -12.45 17.39 -34.51
CA LYS A 534 -11.20 18.00 -34.06
C LYS A 534 -11.05 17.78 -32.56
N CYS A 535 -9.81 17.65 -32.12
CA CYS A 535 -9.51 17.57 -30.70
C CYS A 535 -9.73 18.94 -30.07
N VAL A 536 -10.76 19.05 -29.24
CA VAL A 536 -11.13 20.33 -28.63
C VAL A 536 -11.42 20.11 -27.15
N ASN A 537 -11.30 21.20 -26.39
CA ASN A 537 -11.95 21.29 -25.09
C ASN A 537 -13.43 21.58 -25.32
N PHE A 538 -14.29 20.92 -24.55
CA PHE A 538 -15.73 21.10 -24.68
C PHE A 538 -16.34 21.33 -23.31
N ASN A 539 -17.40 22.14 -23.30
CA ASN A 539 -18.18 22.42 -22.10
C ASN A 539 -19.66 22.31 -22.49
N PHE A 540 -20.27 21.17 -22.17
CA PHE A 540 -21.69 20.93 -22.43
C PHE A 540 -22.45 21.08 -21.11
N ASN A 541 -23.10 22.23 -20.92
CA ASN A 541 -23.96 22.49 -19.76
C ASN A 541 -23.21 22.37 -18.45
N GLY A 542 -21.90 22.63 -18.46
CA GLY A 542 -21.07 22.48 -17.30
C GLY A 542 -20.25 21.21 -17.27
N LEU A 543 -20.63 20.20 -18.05
CA LEU A 543 -19.85 18.99 -18.21
C LEU A 543 -18.67 19.29 -19.12
N THR A 544 -17.47 19.29 -18.56
CA THR A 544 -16.28 19.69 -19.30
C THR A 544 -15.45 18.46 -19.68
N GLY A 545 -14.63 18.65 -20.69
CA GLY A 545 -13.72 17.58 -21.09
C GLY A 545 -12.90 17.98 -22.29
N THR A 546 -12.11 17.03 -22.77
CA THR A 546 -11.31 17.20 -23.98
C THR A 546 -11.47 15.96 -24.84
N GLY A 547 -11.58 16.15 -26.14
CA GLY A 547 -11.71 15.02 -27.03
C GLY A 547 -12.19 15.44 -28.41
N VAL A 548 -12.52 14.44 -29.21
CA VAL A 548 -13.03 14.60 -30.55
C VAL A 548 -14.52 14.25 -30.52
N LEU A 549 -15.34 15.13 -31.07
CA LEU A 549 -16.78 14.96 -31.09
C LEU A 549 -17.22 14.51 -32.49
N THR A 550 -18.01 13.45 -32.54
CA THR A 550 -18.52 12.94 -33.81
C THR A 550 -20.00 12.65 -33.67
N GLU A 551 -20.67 12.47 -34.81
CA GLU A 551 -22.05 12.00 -34.79
C GLU A 551 -22.10 10.62 -34.16
N SER A 552 -23.13 10.38 -33.35
CA SER A 552 -23.27 9.14 -32.60
C SER A 552 -24.47 8.35 -33.12
N ASN A 553 -24.29 7.04 -33.23
CA ASN A 553 -25.38 6.14 -33.57
C ASN A 553 -25.95 5.43 -32.35
N LYS A 554 -25.58 5.85 -31.15
CA LYS A 554 -26.21 5.32 -29.96
C LYS A 554 -27.67 5.75 -29.89
N LYS A 555 -28.55 4.80 -29.56
CA LYS A 555 -29.99 5.04 -29.56
C LYS A 555 -30.41 5.62 -28.22
N PHE A 556 -30.04 6.88 -28.01
CA PHE A 556 -30.50 7.60 -26.82
C PHE A 556 -32.02 7.69 -26.82
N LEU A 557 -32.62 7.40 -25.67
CA LEU A 557 -34.02 7.67 -25.49
C LEU A 557 -34.22 9.14 -25.16
N PRO A 558 -35.40 9.69 -25.44
CA PRO A 558 -35.59 11.14 -25.30
C PRO A 558 -35.25 11.70 -23.92
N PHE A 559 -35.41 10.92 -22.87
CA PHE A 559 -35.11 11.41 -21.53
C PHE A 559 -33.62 11.35 -21.18
N GLN A 560 -32.79 10.78 -22.05
CA GLN A 560 -31.38 10.55 -21.75
C GLN A 560 -30.54 11.69 -22.32
N GLN A 561 -29.67 12.25 -21.49
CA GLN A 561 -28.87 13.41 -21.87
C GLN A 561 -27.40 13.10 -22.09
N PHE A 562 -26.88 12.01 -21.52
CA PHE A 562 -25.50 11.63 -21.77
C PHE A 562 -25.33 10.13 -21.53
N GLY A 563 -24.24 9.59 -22.03
CA GLY A 563 -23.92 8.19 -21.86
C GLY A 563 -22.58 8.01 -21.19
N ARG A 564 -22.46 6.94 -20.40
CA ARG A 564 -21.25 6.63 -19.65
C ARG A 564 -20.71 5.28 -20.08
N ASP A 565 -19.44 5.05 -19.74
CA ASP A 565 -18.75 3.81 -20.05
C ASP A 565 -18.30 3.13 -18.75
N ILE A 566 -17.46 2.10 -18.90
CA ILE A 566 -17.07 1.27 -17.76
C ILE A 566 -16.38 2.11 -16.68
N ALA A 567 -15.45 2.97 -17.09
CA ALA A 567 -14.72 3.80 -16.14
C ALA A 567 -15.55 4.97 -15.61
N ASP A 568 -16.86 4.97 -15.86
CA ASP A 568 -17.76 6.04 -15.42
C ASP A 568 -17.35 7.40 -16.00
N THR A 569 -16.84 7.38 -17.22
CA THR A 569 -16.53 8.60 -17.96
C THR A 569 -17.58 8.81 -19.04
N THR A 570 -18.00 10.06 -19.19
CA THR A 570 -18.97 10.40 -20.23
C THR A 570 -18.35 10.16 -21.62
N ASP A 571 -18.99 9.29 -22.39
CA ASP A 571 -18.54 9.04 -23.75
C ASP A 571 -19.56 9.44 -24.81
N ALA A 572 -20.74 9.90 -24.41
CA ALA A 572 -21.71 10.44 -25.36
C ALA A 572 -22.49 11.54 -24.67
N VAL A 573 -22.95 12.51 -25.45
CA VAL A 573 -23.64 13.66 -24.89
C VAL A 573 -24.65 14.18 -25.90
N ARG A 574 -25.78 14.67 -25.39
CA ARG A 574 -26.77 15.33 -26.22
C ARG A 574 -26.47 16.82 -26.27
N ASP A 575 -26.41 17.37 -27.47
CA ASP A 575 -26.13 18.79 -27.61
C ASP A 575 -27.32 19.60 -27.12
N PRO A 576 -27.12 20.57 -26.23
CA PRO A 576 -28.28 21.27 -25.63
C PRO A 576 -29.10 22.09 -26.61
N GLN A 577 -28.55 22.48 -27.76
CA GLN A 577 -29.28 23.31 -28.71
C GLN A 577 -29.87 22.53 -29.88
N THR A 578 -29.08 21.66 -30.49
CA THR A 578 -29.54 20.85 -31.61
C THR A 578 -30.17 19.53 -31.19
N LEU A 579 -29.95 19.12 -29.94
CA LEU A 579 -30.50 17.88 -29.38
C LEU A 579 -29.96 16.63 -30.07
N GLU A 580 -28.85 16.73 -30.79
CA GLU A 580 -28.26 15.57 -31.42
C GLU A 580 -27.31 14.87 -30.45
N ILE A 581 -27.01 13.60 -30.74
CA ILE A 581 -26.17 12.78 -29.90
C ILE A 581 -24.77 12.76 -30.49
N LEU A 582 -23.77 13.06 -29.67
CA LEU A 582 -22.39 13.14 -30.08
C LEU A 582 -21.56 12.14 -29.29
N ASP A 583 -20.78 11.34 -30.02
CA ASP A 583 -19.74 10.52 -29.42
C ASP A 583 -18.54 11.39 -29.04
N ILE A 584 -17.97 11.10 -27.88
CA ILE A 584 -16.76 11.76 -27.38
C ILE A 584 -15.66 10.72 -27.37
N THR A 585 -14.58 10.99 -28.10
CA THR A 585 -13.45 10.08 -28.15
C THR A 585 -12.19 10.77 -27.67
N PRO A 586 -11.33 10.10 -26.91
CA PRO A 586 -10.07 10.73 -26.50
C PRO A 586 -9.21 11.11 -27.68
N CYS A 587 -8.48 12.21 -27.52
CA CYS A 587 -7.57 12.65 -28.57
C CYS A 587 -6.42 11.65 -28.74
N SER A 588 -5.84 11.65 -29.94
CA SER A 588 -4.84 10.64 -30.29
C SER A 588 -3.66 10.67 -29.34
N PHE A 589 -3.22 9.48 -28.94
CA PHE A 589 -2.17 9.33 -27.93
C PHE A 589 -1.48 7.99 -28.15
N GLY A 590 -0.37 7.79 -27.44
CA GLY A 590 0.34 6.52 -27.51
C GLY A 590 1.74 6.56 -26.96
N GLY A 591 2.31 5.39 -26.67
CA GLY A 591 3.65 5.33 -26.11
C GLY A 591 4.73 5.51 -27.15
N VAL A 592 5.89 5.99 -26.68
CA VAL A 592 7.04 6.26 -27.54
C VAL A 592 8.25 5.55 -26.96
N SER A 593 8.96 4.82 -27.80
CA SER A 593 10.19 4.15 -27.41
C SER A 593 11.33 4.66 -28.28
N VAL A 594 12.51 4.81 -27.67
CA VAL A 594 13.70 5.27 -28.37
C VAL A 594 14.68 4.10 -28.44
N ILE A 595 15.10 3.78 -29.66
CA ILE A 595 16.04 2.71 -29.91
C ILE A 595 17.39 3.36 -30.14
N THR A 596 18.38 2.96 -29.35
CA THR A 596 19.70 3.54 -29.50
C THR A 596 20.75 2.46 -29.37
N PRO A 597 21.83 2.55 -30.13
CA PRO A 597 23.06 1.89 -29.71
C PRO A 597 23.63 2.70 -28.55
N GLY A 598 24.74 2.29 -27.97
CA GLY A 598 25.30 3.10 -26.91
C GLY A 598 25.66 4.49 -27.42
N THR A 599 25.53 5.49 -26.54
CA THR A 599 26.07 6.80 -26.86
C THR A 599 27.58 6.74 -27.04
N ASN A 600 28.22 5.69 -26.53
CA ASN A 600 29.63 5.42 -26.79
C ASN A 600 29.87 4.95 -28.23
N THR A 601 28.80 4.68 -28.98
CA THR A 601 28.90 4.27 -30.38
C THR A 601 28.38 5.31 -31.34
N SER A 602 27.19 5.84 -31.10
CA SER A 602 26.59 6.82 -32.00
C SER A 602 25.53 7.60 -31.25
N ASN A 603 25.20 8.78 -31.78
CA ASN A 603 24.10 9.58 -31.27
C ASN A 603 22.82 9.39 -32.07
N GLN A 604 22.86 8.62 -33.15
CA GLN A 604 21.67 8.34 -33.93
C GLN A 604 20.71 7.45 -33.15
N VAL A 605 19.41 7.68 -33.34
CA VAL A 605 18.37 6.91 -32.69
C VAL A 605 17.28 6.58 -33.71
N ALA A 606 16.47 5.59 -33.36
CA ALA A 606 15.21 5.34 -34.03
C ALA A 606 14.09 5.51 -33.02
N VAL A 607 12.88 5.75 -33.51
CA VAL A 607 11.74 5.99 -32.64
C VAL A 607 10.62 5.03 -33.03
N LEU A 608 10.10 4.32 -32.05
CA LEU A 608 8.96 3.43 -32.23
C LEU A 608 7.73 4.07 -31.59
N TYR A 609 6.74 4.38 -32.40
CA TYR A 609 5.43 4.79 -31.91
C TYR A 609 4.60 3.51 -31.76
N GLN A 610 4.30 3.16 -30.52
CA GLN A 610 3.79 1.83 -30.20
C GLN A 610 2.30 1.73 -30.50
N GLY A 611 1.93 0.65 -31.17
CA GLY A 611 0.53 0.36 -31.43
C GLY A 611 -0.21 1.40 -32.24
N VAL A 612 0.49 2.10 -33.15
CA VAL A 612 -0.16 3.04 -34.04
C VAL A 612 0.21 2.71 -35.48
N ASN A 613 -0.70 3.05 -36.38
CA ASN A 613 -0.45 2.95 -37.81
C ASN A 613 0.44 4.09 -38.24
N CYS A 614 1.29 3.83 -39.24
CA CYS A 614 2.19 4.86 -39.73
C CYS A 614 1.43 6.03 -40.34
N THR A 615 0.22 5.80 -40.85
CA THR A 615 -0.58 6.90 -41.39
C THR A 615 -1.09 7.81 -40.29
N GLU A 616 -1.34 7.28 -39.09
CA GLU A 616 -1.82 8.07 -37.97
C GLU A 616 -0.71 8.55 -37.06
N VAL A 617 0.54 8.40 -37.47
CA VAL A 617 1.67 8.86 -36.64
C VAL A 617 1.58 10.37 -36.49
N PRO A 618 1.72 10.90 -35.28
CA PRO A 618 1.52 12.34 -35.08
C PRO A 618 2.58 13.19 -35.77
N VAL A 619 2.17 13.97 -36.76
CA VAL A 619 3.01 15.00 -37.36
C VAL A 619 2.36 16.34 -37.08
N ALA A 620 3.08 17.21 -36.37
CA ALA A 620 2.51 18.46 -35.88
C ALA A 620 3.51 19.58 -36.14
N ILE A 621 3.22 20.41 -37.13
CA ILE A 621 4.11 21.53 -37.45
C ILE A 621 4.13 22.54 -36.30
N HIS A 622 3.01 22.73 -35.62
CA HIS A 622 2.93 23.62 -34.47
C HIS A 622 3.44 22.92 -33.23
N ALA A 623 4.06 23.70 -32.34
CA ALA A 623 4.65 23.17 -31.12
C ALA A 623 3.66 23.11 -29.96
N ASP A 624 2.43 23.57 -30.14
CA ASP A 624 1.42 23.54 -29.08
C ASP A 624 0.31 22.55 -29.35
N GLN A 625 0.41 21.74 -30.41
CA GLN A 625 -0.59 20.74 -30.73
C GLN A 625 -0.11 19.31 -30.51
N LEU A 626 1.05 19.14 -29.86
CA LEU A 626 1.61 17.84 -29.56
C LEU A 626 2.50 18.01 -28.34
N THR A 627 2.59 16.96 -27.51
CA THR A 627 3.36 17.04 -26.25
C THR A 627 4.84 16.84 -26.53
N PRO A 628 5.32 15.74 -27.18
CA PRO A 628 6.73 15.63 -27.51
C PRO A 628 6.98 16.83 -28.39
N THR A 629 7.94 17.67 -28.01
CA THR A 629 8.19 18.88 -28.78
C THR A 629 9.19 18.63 -29.92
N TRP A 630 10.10 17.68 -29.74
CA TRP A 630 10.99 17.30 -30.82
C TRP A 630 10.20 16.65 -31.94
N ARG A 631 10.70 16.78 -33.16
CA ARG A 631 10.05 16.24 -34.34
C ARG A 631 11.05 15.39 -35.10
N VAL A 632 10.72 14.12 -35.31
CA VAL A 632 11.42 13.26 -36.26
C VAL A 632 10.53 13.15 -37.50
N TYR A 633 11.05 13.62 -38.64
CA TYR A 633 10.28 13.65 -39.87
C TYR A 633 9.84 12.24 -40.24
N SER A 634 8.54 11.97 -40.15
CA SER A 634 8.03 10.65 -40.48
C SER A 634 8.35 10.32 -41.93
N THR A 635 7.76 11.07 -42.86
CA THR A 635 7.96 10.79 -44.28
C THR A 635 9.43 10.93 -44.68
N GLY A 636 10.11 11.94 -44.14
CA GLY A 636 11.51 12.16 -44.46
C GLY A 636 12.41 11.01 -44.09
N SER A 637 12.37 10.60 -42.81
CA SER A 637 13.18 9.47 -42.38
C SER A 637 12.59 8.16 -42.88
N ASN A 638 13.33 7.08 -42.69
CA ASN A 638 12.83 5.76 -43.03
C ASN A 638 11.63 5.43 -42.16
N VAL A 639 10.57 4.93 -42.79
CA VAL A 639 9.35 4.55 -42.09
C VAL A 639 9.08 3.08 -42.36
N PHE A 640 8.85 2.31 -41.30
CA PHE A 640 8.51 0.91 -41.39
C PHE A 640 7.34 0.66 -40.45
N GLN A 641 6.46 -0.25 -40.83
CA GLN A 641 5.29 -0.56 -40.03
C GLN A 641 5.41 -1.99 -39.51
N THR A 642 5.72 -2.13 -38.23
CA THR A 642 5.73 -3.41 -37.56
C THR A 642 4.44 -3.58 -36.78
N ARG A 643 4.14 -4.82 -36.41
CA ARG A 643 2.99 -5.08 -35.57
C ARG A 643 3.13 -4.47 -34.17
N ALA A 644 4.33 -4.04 -33.80
CA ALA A 644 4.55 -3.30 -32.57
C ALA A 644 4.38 -1.79 -32.73
N GLY A 645 4.16 -1.30 -33.94
CA GLY A 645 3.94 0.11 -34.16
C GLY A 645 4.73 0.60 -35.35
N CYS A 646 4.86 1.92 -35.45
CA CYS A 646 5.56 2.54 -36.56
C CYS A 646 6.98 2.89 -36.12
N LEU A 647 7.96 2.39 -36.87
CA LEU A 647 9.37 2.63 -36.59
C LEU A 647 9.90 3.66 -37.57
N ILE A 648 10.47 4.73 -37.05
CA ILE A 648 10.98 5.84 -37.84
C ILE A 648 12.47 6.00 -37.55
N GLY A 649 13.28 6.06 -38.60
CA GLY A 649 14.70 6.23 -38.45
C GLY A 649 15.53 4.98 -38.58
N ALA A 650 14.90 3.84 -38.81
CA ALA A 650 15.60 2.58 -39.07
C ALA A 650 15.20 2.06 -40.44
N GLU A 651 16.18 1.58 -41.19
CA GLU A 651 15.95 1.07 -42.52
C GLU A 651 15.70 -0.44 -42.46
N TYR A 652 14.59 -0.88 -43.03
CA TYR A 652 14.28 -2.29 -43.04
C TYR A 652 15.03 -3.00 -44.16
N VAL A 653 15.73 -4.07 -43.82
CA VAL A 653 16.48 -4.87 -44.78
C VAL A 653 15.88 -6.26 -44.82
N ASN A 654 16.11 -6.96 -45.94
CA ASN A 654 15.57 -8.29 -46.13
C ASN A 654 16.49 -9.39 -45.65
N ASN A 655 17.71 -9.06 -45.23
CA ASN A 655 18.56 -10.03 -44.59
C ASN A 655 18.04 -10.36 -43.19
N SER A 656 18.38 -11.54 -42.71
CA SER A 656 18.01 -11.99 -41.38
C SER A 656 19.27 -12.13 -40.53
N TYR A 657 19.25 -11.55 -39.35
CA TYR A 657 20.36 -11.63 -38.41
C TYR A 657 19.84 -12.09 -37.06
N GLU A 658 20.77 -12.44 -36.18
CA GLU A 658 20.42 -12.68 -34.79
C GLU A 658 19.93 -11.39 -34.16
N CYS A 659 18.93 -11.51 -33.29
CA CYS A 659 18.35 -10.33 -32.66
C CYS A 659 19.41 -9.57 -31.86
N ASP A 660 19.44 -8.25 -32.04
CA ASP A 660 20.32 -7.38 -31.29
C ASP A 660 19.55 -6.49 -30.33
N ILE A 661 18.64 -5.68 -30.85
CA ILE A 661 17.75 -4.85 -30.04
C ILE A 661 16.33 -5.28 -30.36
N PRO A 662 15.62 -5.90 -29.42
CA PRO A 662 14.27 -6.39 -29.73
C PRO A 662 13.28 -5.25 -29.90
N ILE A 663 12.59 -5.24 -31.03
CA ILE A 663 11.47 -4.34 -31.24
C ILE A 663 10.14 -5.04 -30.98
N GLY A 664 9.99 -6.26 -31.45
CA GLY A 664 8.78 -7.00 -31.19
C GLY A 664 8.18 -7.63 -32.43
N ALA A 665 7.34 -8.64 -32.23
CA ALA A 665 6.65 -9.34 -33.32
C ALA A 665 7.65 -9.79 -34.39
N GLY A 666 8.77 -10.34 -33.94
CA GLY A 666 9.78 -10.86 -34.83
C GLY A 666 10.74 -9.84 -35.41
N ILE A 667 10.63 -8.57 -35.03
CA ILE A 667 11.43 -7.50 -35.60
C ILE A 667 12.46 -7.08 -34.57
N CYS A 668 13.72 -6.96 -35.01
CA CYS A 668 14.82 -6.47 -34.20
C CYS A 668 15.56 -5.38 -34.97
N ALA A 669 16.40 -4.63 -34.26
CA ALA A 669 17.17 -3.54 -34.84
C ALA A 669 18.61 -3.63 -34.40
N SER A 670 19.50 -3.09 -35.22
CA SER A 670 20.91 -3.06 -34.88
C SER A 670 21.62 -1.94 -35.64
N TYR A 671 22.72 -1.47 -35.07
CA TYR A 671 23.54 -0.44 -35.69
C TYR A 671 24.62 -1.12 -36.51
N GLN A 672 24.50 -1.06 -37.84
CA GLN A 672 25.38 -1.80 -38.73
C GLN A 672 25.84 -0.92 -39.89
N THR A 673 26.96 -1.31 -40.48
CA THR A 673 27.49 -0.65 -41.67
C THR A 673 26.53 -0.77 -42.84
N SER A 686 29.23 3.53 -44.39
CA SER A 686 28.31 4.30 -43.57
C SER A 686 27.50 3.40 -42.65
N GLN A 687 27.49 3.73 -41.36
CA GLN A 687 26.78 2.95 -40.36
C GLN A 687 25.45 3.64 -40.02
N SER A 688 24.41 2.83 -39.88
CA SER A 688 23.08 3.33 -39.54
C SER A 688 22.31 2.23 -38.84
N ILE A 689 21.14 2.59 -38.33
CA ILE A 689 20.26 1.65 -37.63
C ILE A 689 19.39 0.96 -38.67
N ILE A 690 19.39 -0.37 -38.65
CA ILE A 690 18.61 -1.18 -39.57
C ILE A 690 17.66 -2.07 -38.77
N ALA A 691 16.45 -2.22 -39.27
CA ALA A 691 15.48 -3.16 -38.74
C ALA A 691 15.44 -4.40 -39.63
N TYR A 692 15.11 -5.54 -39.03
CA TYR A 692 15.11 -6.79 -39.77
C TYR A 692 14.27 -7.81 -39.03
N THR A 693 13.81 -8.81 -39.77
CA THR A 693 13.21 -9.99 -39.16
C THR A 693 14.31 -10.86 -38.59
N MET A 694 14.16 -11.24 -37.32
CA MET A 694 15.23 -11.97 -36.65
C MET A 694 15.33 -13.40 -37.16
N SER A 695 16.54 -13.93 -37.13
CA SER A 695 16.84 -15.27 -37.60
C SER A 695 16.79 -16.24 -36.41
N LEU A 696 16.22 -17.42 -36.66
CA LEU A 696 16.19 -18.47 -35.65
C LEU A 696 17.37 -19.44 -35.77
N GLY A 697 18.15 -19.33 -36.84
CA GLY A 697 19.25 -20.24 -37.09
C GLY A 697 19.25 -20.73 -38.53
N ALA A 698 20.31 -21.45 -38.86
CA ALA A 698 20.47 -21.97 -40.21
C ALA A 698 19.74 -23.30 -40.36
N GLU A 699 19.15 -23.52 -41.54
CA GLU A 699 18.47 -24.76 -41.81
C GLU A 699 19.46 -25.92 -41.91
N ASN A 700 19.01 -27.10 -41.52
CA ASN A 700 19.86 -28.30 -41.50
C ASN A 700 18.97 -29.47 -41.91
N LEU A 701 19.12 -29.90 -43.16
CA LEU A 701 18.42 -31.09 -43.63
C LEU A 701 19.15 -32.34 -43.15
N VAL A 702 18.49 -33.11 -42.31
CA VAL A 702 19.10 -34.34 -41.78
C VAL A 702 18.96 -35.44 -42.82
N ALA A 703 20.08 -36.11 -43.12
CA ALA A 703 20.11 -37.14 -44.15
C ALA A 703 19.58 -38.46 -43.61
N TYR A 704 18.32 -38.43 -43.19
CA TYR A 704 17.64 -39.61 -42.70
C TYR A 704 17.30 -40.56 -43.83
N SER A 705 17.37 -41.86 -43.56
CA SER A 705 16.93 -42.88 -44.51
C SER A 705 16.63 -44.16 -43.75
N ASN A 706 16.25 -45.20 -44.49
CA ASN A 706 15.85 -46.46 -43.87
C ASN A 706 17.03 -47.18 -43.23
N ASN A 707 18.24 -47.01 -43.76
CA ASN A 707 19.37 -47.81 -43.28
C ASN A 707 20.67 -47.01 -43.21
N SER A 708 20.60 -45.72 -42.92
CA SER A 708 21.79 -44.89 -42.81
C SER A 708 21.98 -44.46 -41.36
N ILE A 709 23.19 -44.59 -40.86
CA ILE A 709 23.52 -44.14 -39.50
C ILE A 709 24.78 -43.29 -39.54
N ALA A 710 24.81 -42.23 -38.74
CA ALA A 710 26.01 -41.42 -38.56
C ALA A 710 26.63 -41.74 -37.21
N ILE A 711 27.92 -42.07 -37.22
CA ILE A 711 28.64 -42.47 -36.01
C ILE A 711 29.86 -41.57 -35.88
N PRO A 712 30.10 -40.96 -34.73
CA PRO A 712 31.29 -40.12 -34.56
C PRO A 712 32.56 -40.95 -34.49
N THR A 713 33.62 -40.43 -35.11
CA THR A 713 34.93 -41.07 -35.10
C THR A 713 35.91 -40.40 -34.17
N ASN A 714 35.51 -39.28 -33.55
CA ASN A 714 36.38 -38.51 -32.68
C ASN A 714 35.51 -37.86 -31.62
N PHE A 715 36.11 -36.99 -30.81
CA PHE A 715 35.38 -36.31 -29.74
C PHE A 715 36.11 -35.03 -29.39
N THR A 716 35.41 -34.17 -28.67
CA THR A 716 35.94 -32.93 -28.14
C THR A 716 35.56 -32.83 -26.67
N ILE A 717 36.54 -32.52 -25.83
CA ILE A 717 36.29 -32.22 -24.43
C ILE A 717 35.92 -30.75 -24.34
N SER A 718 34.71 -30.47 -23.88
CA SER A 718 34.19 -29.11 -23.79
C SER A 718 34.12 -28.69 -22.33
N VAL A 719 34.54 -27.46 -22.05
CA VAL A 719 34.38 -26.86 -20.73
C VAL A 719 33.58 -25.59 -20.90
N THR A 720 32.44 -25.51 -20.20
CA THR A 720 31.55 -24.37 -20.31
C THR A 720 31.22 -23.84 -18.92
N THR A 721 30.84 -22.58 -18.88
CA THR A 721 30.63 -21.85 -17.63
C THR A 721 29.15 -21.64 -17.41
N GLU A 722 28.69 -21.89 -16.18
CA GLU A 722 27.33 -21.55 -15.76
C GLU A 722 27.41 -20.71 -14.49
N ILE A 723 26.72 -19.58 -14.47
CA ILE A 723 26.80 -18.63 -13.38
C ILE A 723 25.44 -18.56 -12.70
N LEU A 724 25.43 -18.75 -11.38
CA LEU A 724 24.18 -18.75 -10.65
C LEU A 724 24.26 -17.83 -9.44
N PRO A 725 23.33 -16.89 -9.30
CA PRO A 725 23.22 -16.12 -8.06
C PRO A 725 22.86 -17.02 -6.90
N VAL A 726 23.40 -16.72 -5.73
CA VAL A 726 23.16 -17.49 -4.52
C VAL A 726 22.58 -16.62 -3.41
N SER A 727 23.15 -15.44 -3.20
CA SER A 727 22.70 -14.53 -2.15
C SER A 727 22.63 -13.13 -2.70
N MET A 728 21.89 -12.29 -1.99
CA MET A 728 21.85 -10.86 -2.24
C MET A 728 22.23 -10.11 -0.97
N THR A 729 22.39 -8.80 -1.11
CA THR A 729 22.75 -7.94 0.01
C THR A 729 21.73 -8.04 1.13
N LYS A 730 22.22 -8.17 2.36
CA LYS A 730 21.37 -8.14 3.54
C LYS A 730 21.22 -6.69 4.00
N THR A 731 19.99 -6.20 4.01
CA THR A 731 19.75 -4.81 4.38
C THR A 731 18.95 -4.73 5.66
N SER A 732 19.18 -3.64 6.40
CA SER A 732 18.44 -3.32 7.59
C SER A 732 17.95 -1.89 7.47
N VAL A 733 16.75 -1.64 7.95
CA VAL A 733 16.15 -0.31 7.93
C VAL A 733 15.77 0.07 9.36
N ASP A 734 16.30 1.20 9.83
CA ASP A 734 15.80 1.83 11.04
C ASP A 734 14.56 2.61 10.63
N CYS A 735 13.39 2.06 10.91
CA CYS A 735 12.13 2.62 10.43
C CYS A 735 11.92 4.03 10.95
N THR A 736 12.11 4.23 12.26
CA THR A 736 11.92 5.54 12.87
C THR A 736 12.91 6.56 12.31
N MET A 737 14.16 6.17 12.13
CA MET A 737 15.15 7.09 11.59
C MET A 737 14.83 7.47 10.15
N TYR A 738 14.37 6.52 9.34
CA TYR A 738 14.02 6.82 7.97
C TYR A 738 12.81 7.75 7.89
N ILE A 739 11.74 7.42 8.59
CA ILE A 739 10.51 8.21 8.47
C ILE A 739 10.65 9.56 9.14
N CYS A 740 11.23 9.60 10.33
CA CYS A 740 11.12 10.76 11.21
C CYS A 740 12.44 11.45 11.51
N GLY A 741 13.56 10.93 11.05
CA GLY A 741 14.84 11.48 11.48
C GLY A 741 14.98 11.36 12.97
N ASP A 742 15.39 12.45 13.61
CA ASP A 742 15.48 12.51 15.07
C ASP A 742 14.44 13.46 15.67
N SER A 743 13.26 13.53 15.06
CA SER A 743 12.19 14.39 15.51
C SER A 743 11.24 13.60 16.41
N THR A 744 11.08 14.05 17.66
CA THR A 744 10.23 13.34 18.60
C THR A 744 8.75 13.55 18.29
N GLU A 745 8.38 14.71 17.75
CA GLU A 745 7.00 14.92 17.33
C GLU A 745 6.60 13.89 16.27
N CYS A 746 7.47 13.71 15.27
CA CYS A 746 7.19 12.72 14.23
C CYS A 746 7.14 11.32 14.81
N SER A 747 8.05 10.99 15.73
CA SER A 747 8.05 9.66 16.32
C SER A 747 6.77 9.38 17.09
N ASN A 748 6.30 10.36 17.87
CA ASN A 748 5.06 10.19 18.61
C ASN A 748 3.86 10.05 17.67
N LEU A 749 3.88 10.79 16.56
CA LEU A 749 2.82 10.60 15.58
C LEU A 749 2.91 9.22 14.92
N LEU A 750 4.13 8.74 14.65
CA LEU A 750 4.33 7.46 13.99
C LEU A 750 3.91 6.30 14.89
N LEU A 751 3.98 6.48 16.21
CA LEU A 751 3.51 5.46 17.13
C LEU A 751 2.06 5.07 16.89
N GLN A 752 1.25 5.95 16.32
CA GLN A 752 -0.17 5.71 16.15
C GLN A 752 -0.49 4.80 14.96
N TYR A 753 0.50 4.40 14.18
CA TYR A 753 0.26 3.54 13.03
C TYR A 753 0.47 2.06 13.35
N GLY A 754 0.67 1.72 14.61
CA GLY A 754 0.64 0.33 15.02
C GLY A 754 1.97 -0.35 14.80
N SER A 755 1.94 -1.53 14.19
CA SER A 755 3.10 -2.40 14.13
C SER A 755 3.68 -2.50 12.72
N PHE A 756 3.40 -1.52 11.84
CA PHE A 756 3.91 -1.59 10.48
C PHE A 756 5.43 -1.66 10.45
N CYS A 757 6.09 -0.84 11.27
CA CYS A 757 7.55 -0.82 11.29
C CYS A 757 8.12 -2.15 11.77
N THR A 758 7.48 -2.76 12.77
CA THR A 758 7.95 -4.05 13.26
C THR A 758 7.76 -5.15 12.23
N GLN A 759 6.66 -5.12 11.48
CA GLN A 759 6.50 -6.10 10.41
C GLN A 759 7.54 -5.92 9.31
N LEU A 760 7.84 -4.67 8.94
CA LEU A 760 8.88 -4.44 7.95
C LEU A 760 10.23 -4.96 8.43
N LYS A 761 10.56 -4.67 9.70
CA LYS A 761 11.83 -5.11 10.26
C LYS A 761 11.91 -6.63 10.32
N ARG A 762 10.81 -7.28 10.69
CA ARG A 762 10.77 -8.74 10.74
C ARG A 762 10.96 -9.35 9.35
N ALA A 763 10.32 -8.77 8.33
CA ALA A 763 10.49 -9.27 6.97
C ALA A 763 11.93 -9.13 6.50
N LEU A 764 12.54 -7.97 6.77
CA LEU A 764 13.93 -7.78 6.35
C LEU A 764 14.88 -8.71 7.09
N THR A 765 14.61 -8.98 8.38
CA THR A 765 15.42 -9.93 9.13
C THR A 765 15.28 -11.34 8.55
N GLY A 766 14.06 -11.74 8.19
CA GLY A 766 13.89 -13.02 7.54
C GLY A 766 14.69 -13.14 6.26
N ILE A 767 14.67 -12.10 5.43
CA ILE A 767 15.45 -12.11 4.20
C ILE A 767 16.94 -12.24 4.50
N ALA A 768 17.42 -11.48 5.49
CA ALA A 768 18.85 -11.50 5.82
C ALA A 768 19.31 -12.87 6.29
N VAL A 769 18.50 -13.54 7.13
CA VAL A 769 18.84 -14.89 7.56
C VAL A 769 18.81 -15.86 6.38
N GLU A 770 17.83 -15.69 5.48
CA GLU A 770 17.72 -16.58 4.33
C GLU A 770 18.94 -16.48 3.42
N GLN A 771 19.57 -15.31 3.33
CA GLN A 771 20.77 -15.19 2.48
C GLN A 771 21.90 -16.09 2.96
N ASP A 772 22.15 -16.10 4.28
CA ASP A 772 23.16 -16.98 4.84
C ASP A 772 22.77 -18.44 4.68
N LYS A 773 21.48 -18.74 4.83
CA LYS A 773 21.03 -20.11 4.60
C LYS A 773 21.27 -20.55 3.16
N ASN A 774 21.03 -19.65 2.19
CA ASN A 774 21.30 -19.95 0.78
C ASN A 774 22.76 -20.30 0.56
N THR A 775 23.66 -19.45 1.07
CA THR A 775 25.08 -19.70 0.90
C THR A 775 25.50 -21.02 1.54
N GLN A 776 24.99 -21.30 2.75
CA GLN A 776 25.34 -22.53 3.43
C GLN A 776 24.85 -23.76 2.67
N GLU A 777 23.64 -23.69 2.11
CA GLU A 777 23.12 -24.83 1.36
C GLU A 777 23.90 -25.06 0.07
N VAL A 778 24.38 -23.99 -0.57
CA VAL A 778 25.14 -24.18 -1.80
C VAL A 778 26.54 -24.74 -1.50
N PHE A 779 27.25 -24.12 -0.57
CA PHE A 779 28.69 -24.39 -0.46
C PHE A 779 29.08 -25.37 0.63
N ALA A 780 28.31 -25.48 1.71
CA ALA A 780 28.65 -26.40 2.79
C ALA A 780 28.03 -27.79 2.56
N GLN A 781 28.44 -28.40 1.46
CA GLN A 781 27.98 -29.73 1.07
C GLN A 781 29.07 -30.78 1.28
N VAL A 782 30.00 -30.52 2.19
CA VAL A 782 31.15 -31.38 2.40
C VAL A 782 31.31 -31.62 3.90
N LYS A 783 31.55 -32.87 4.27
CA LYS A 783 31.68 -33.21 5.68
C LYS A 783 33.08 -32.94 6.23
N GLN A 784 34.07 -32.80 5.36
CA GLN A 784 35.44 -32.54 5.78
C GLN A 784 36.07 -31.58 4.79
N ILE A 785 37.07 -30.83 5.26
CA ILE A 785 37.81 -29.95 4.37
C ILE A 785 38.91 -30.76 3.69
N TYR A 786 38.59 -31.34 2.54
CA TYR A 786 39.53 -32.19 1.83
C TYR A 786 40.70 -31.38 1.28
N LYS A 787 41.87 -32.01 1.24
CA LYS A 787 43.08 -31.40 0.72
C LYS A 787 43.79 -32.40 -0.17
N THR A 788 44.36 -31.91 -1.27
CA THR A 788 45.14 -32.77 -2.13
C THR A 788 46.56 -32.92 -1.61
N PRO A 789 47.24 -34.02 -1.95
CA PRO A 789 48.65 -34.16 -1.60
C PRO A 789 49.51 -33.14 -2.33
N PRO A 790 50.71 -32.86 -1.83
CA PRO A 790 51.52 -31.80 -2.45
C PRO A 790 51.95 -32.09 -3.89
N ILE A 791 51.96 -33.35 -4.32
CA ILE A 791 52.26 -33.68 -5.71
C ILE A 791 51.00 -33.52 -6.54
N LYS A 792 51.06 -32.66 -7.56
CA LYS A 792 49.89 -32.21 -8.30
C LYS A 792 49.84 -32.75 -9.72
N TYR A 793 50.16 -34.02 -9.92
CA TYR A 793 50.00 -34.68 -11.21
C TYR A 793 48.72 -35.51 -11.20
N PHE A 794 47.78 -35.20 -12.11
CA PHE A 794 46.53 -35.93 -12.23
C PHE A 794 46.38 -36.39 -13.68
N GLY A 795 47.05 -37.48 -14.02
CA GLY A 795 46.99 -38.05 -15.35
C GLY A 795 47.27 -37.10 -16.51
N GLY A 796 47.95 -36.00 -16.23
CA GLY A 796 48.21 -34.99 -17.24
C GLY A 796 47.22 -33.87 -17.32
N PHE A 797 46.15 -33.91 -16.52
CA PHE A 797 45.18 -32.82 -16.46
C PHE A 797 45.71 -31.72 -15.57
N ASN A 798 45.57 -30.47 -16.00
CA ASN A 798 46.16 -29.32 -15.32
C ASN A 798 45.06 -28.55 -14.59
N PHE A 799 45.05 -28.68 -13.26
CA PHE A 799 44.05 -28.03 -12.42
C PHE A 799 44.59 -26.78 -11.74
N SER A 800 45.73 -26.26 -12.19
CA SER A 800 46.43 -25.21 -11.45
C SER A 800 45.62 -23.93 -11.36
N GLN A 801 44.87 -23.59 -12.41
CA GLN A 801 44.12 -22.34 -12.42
C GLN A 801 42.83 -22.39 -11.61
N ILE A 802 42.39 -23.57 -11.19
CA ILE A 802 41.20 -23.68 -10.35
C ILE A 802 41.52 -24.13 -8.93
N LEU A 803 42.71 -24.64 -8.69
CA LEU A 803 43.14 -24.99 -7.34
C LEU A 803 43.56 -23.73 -6.58
N PRO A 804 43.54 -23.77 -5.25
CA PRO A 804 43.86 -22.57 -4.47
C PRO A 804 45.27 -22.08 -4.74
N ASP A 805 45.43 -20.75 -4.71
CA ASP A 805 46.73 -20.12 -4.81
C ASP A 805 47.19 -19.78 -3.40
N PRO A 806 48.16 -20.52 -2.83
CA PRO A 806 48.54 -20.28 -1.43
C PRO A 806 49.18 -18.92 -1.20
N SER A 807 49.66 -18.25 -2.24
CA SER A 807 50.36 -16.98 -2.05
C SER A 807 49.44 -15.88 -1.52
N LYS A 808 48.25 -15.75 -2.10
CA LYS A 808 47.40 -14.61 -1.79
C LYS A 808 46.76 -14.75 -0.40
N PRO A 809 46.39 -13.62 0.22
CA PRO A 809 45.72 -13.71 1.52
C PRO A 809 44.39 -14.46 1.49
N SER A 810 43.67 -14.41 0.37
CA SER A 810 42.34 -15.02 0.30
C SER A 810 42.39 -16.51 -0.01
N LYS A 811 43.53 -17.03 -0.47
CA LYS A 811 43.67 -18.43 -0.90
C LYS A 811 42.67 -18.77 -1.99
N ARG A 812 42.34 -17.79 -2.84
CA ARG A 812 41.49 -18.04 -3.99
C ARG A 812 42.30 -18.62 -5.13
N SER A 813 41.60 -19.27 -6.05
CA SER A 813 42.23 -19.72 -7.29
C SER A 813 42.40 -18.55 -8.25
N PHE A 814 43.14 -18.80 -9.31
CA PHE A 814 43.33 -17.79 -10.36
C PHE A 814 42.00 -17.37 -10.97
N ILE A 815 41.17 -18.35 -11.33
CA ILE A 815 39.88 -18.06 -11.94
C ILE A 815 38.96 -17.38 -10.93
N GLU A 816 39.03 -17.79 -9.66
CA GLU A 816 38.24 -17.12 -8.63
C GLU A 816 38.68 -15.68 -8.44
N ASP A 817 39.97 -15.40 -8.59
CA ASP A 817 40.43 -14.01 -8.55
C ASP A 817 39.87 -13.21 -9.72
N LEU A 818 39.88 -13.78 -10.92
CA LEU A 818 39.28 -13.08 -12.06
C LEU A 818 37.80 -12.80 -11.81
N LEU A 819 37.07 -13.79 -11.30
CA LEU A 819 35.65 -13.61 -11.02
C LEU A 819 35.43 -12.54 -9.96
N PHE A 820 36.24 -12.55 -8.91
CA PHE A 820 36.09 -11.60 -7.82
C PHE A 820 36.36 -10.18 -8.28
N ASN A 821 37.35 -10.00 -9.16
CA ASN A 821 37.58 -8.67 -9.73
C ASN A 821 36.54 -8.32 -10.78
N LYS A 822 35.77 -9.28 -11.27
CA LYS A 822 34.78 -9.00 -12.31
C LYS A 822 33.49 -8.41 -11.77
N VAL A 823 33.20 -8.54 -10.48
CA VAL A 823 31.95 -8.04 -9.89
C VAL A 823 32.31 -6.98 -8.86
N THR A 824 31.74 -5.79 -9.02
CA THR A 824 31.99 -4.67 -8.12
C THR A 824 30.82 -4.54 -7.16
N LEU A 825 31.07 -4.78 -5.88
CA LEU A 825 30.02 -4.68 -4.87
C LEU A 825 29.80 -3.22 -4.47
N ALA A 826 28.56 -2.89 -4.12
CA ALA A 826 28.23 -1.54 -3.71
C ALA A 826 28.48 -1.33 -2.22
N ASP A 827 28.26 -2.36 -1.40
CA ASP A 827 28.47 -2.27 0.04
C ASP A 827 28.62 -3.67 0.59
N ALA A 828 29.80 -3.98 1.12
CA ALA A 828 30.07 -5.30 1.67
C ALA A 828 29.45 -5.53 3.03
N GLY A 829 29.11 -4.46 3.76
CA GLY A 829 28.60 -4.58 5.11
C GLY A 829 29.64 -4.51 6.20
N PHE A 830 30.88 -4.14 5.88
CA PHE A 830 31.95 -4.09 6.86
C PHE A 830 31.94 -2.73 7.57
N ILE A 831 32.98 -2.48 8.37
CA ILE A 831 32.96 -1.34 9.28
C ILE A 831 33.17 -0.04 8.52
N LYS A 832 32.35 0.96 8.84
CA LYS A 832 32.52 2.32 8.35
C LYS A 832 32.64 3.22 9.58
N GLN A 833 33.75 3.95 9.68
CA GLN A 833 34.07 4.79 10.81
C GLN A 833 33.79 6.27 10.50
N TYR A 834 33.87 7.10 11.54
CA TYR A 834 33.78 8.54 11.31
C TYR A 834 35.00 9.01 10.53
N GLY A 835 34.75 9.79 9.48
CA GLY A 835 35.79 10.21 8.57
C GLY A 835 35.45 9.81 7.15
N ASP A 836 34.88 8.62 6.98
CA ASP A 836 34.34 8.24 5.67
C ASP A 836 33.02 8.93 5.37
N CYS A 837 32.29 9.37 6.40
CA CYS A 837 31.03 10.08 6.22
C CYS A 837 31.06 11.47 6.83
N LEU A 838 32.26 12.03 7.04
CA LEU A 838 32.42 13.38 7.55
C LEU A 838 33.16 14.23 6.53
N GLY A 839 32.85 15.52 6.52
CA GLY A 839 33.52 16.45 5.64
C GLY A 839 32.98 16.45 4.23
N ASP A 840 33.87 16.57 3.25
CA ASP A 840 33.49 16.63 1.84
C ASP A 840 33.39 15.25 1.19
N ILE A 841 33.62 14.18 1.95
CA ILE A 841 33.60 12.85 1.38
C ILE A 841 32.20 12.26 1.37
N ALA A 842 31.33 12.70 2.28
CA ALA A 842 29.96 12.19 2.31
C ALA A 842 29.19 12.59 1.05
N ALA A 843 29.40 13.81 0.57
CA ALA A 843 28.61 14.33 -0.55
C ALA A 843 28.80 13.49 -1.81
N ARG A 844 30.01 12.95 -2.00
CA ARG A 844 30.32 12.16 -3.19
C ARG A 844 30.06 10.67 -2.99
N ASP A 845 29.32 10.29 -1.95
CA ASP A 845 29.06 8.90 -1.65
C ASP A 845 27.60 8.72 -1.27
N LEU A 846 26.91 7.82 -1.98
CA LEU A 846 25.51 7.51 -1.67
C LEU A 846 25.38 6.65 -0.42
N ILE A 847 26.42 5.87 -0.08
CA ILE A 847 26.36 5.00 1.08
C ILE A 847 26.21 5.82 2.36
N CYS A 848 26.89 6.95 2.44
CA CYS A 848 26.80 7.79 3.62
C CYS A 848 25.39 8.36 3.80
N ALA A 849 24.77 8.80 2.70
CA ALA A 849 23.39 9.27 2.78
C ALA A 849 22.45 8.15 3.20
N GLN A 850 22.63 6.96 2.63
CA GLN A 850 21.81 5.81 3.03
C GLN A 850 21.94 5.54 4.51
N LYS A 851 23.18 5.51 5.03
CA LYS A 851 23.40 5.27 6.44
C LYS A 851 22.77 6.36 7.29
N PHE A 852 22.96 7.62 6.91
CA PHE A 852 22.39 8.75 7.65
C PHE A 852 20.87 8.74 7.65
N ASN A 853 20.23 8.03 6.71
CA ASN A 853 18.79 7.92 6.72
C ASN A 853 18.30 6.54 7.17
N GLY A 854 19.13 5.81 7.92
CA GLY A 854 18.69 4.59 8.57
C GLY A 854 18.75 3.32 7.74
N LEU A 855 19.44 3.32 6.61
CA LEU A 855 19.54 2.15 5.74
C LEU A 855 20.96 1.62 5.79
N THR A 856 21.12 0.40 6.31
CA THR A 856 22.45 -0.18 6.48
C THR A 856 22.52 -1.55 5.82
N VAL A 857 23.76 -2.01 5.61
CA VAL A 857 24.05 -3.32 5.03
C VAL A 857 24.72 -4.17 6.10
N LEU A 858 24.22 -5.39 6.27
CA LEU A 858 24.80 -6.35 7.21
C LEU A 858 25.76 -7.28 6.47
N PRO A 859 26.89 -7.64 7.10
CA PRO A 859 27.84 -8.53 6.44
C PRO A 859 27.31 -9.95 6.38
N PRO A 860 27.68 -10.71 5.36
CA PRO A 860 27.34 -12.13 5.34
C PRO A 860 28.04 -12.89 6.46
N LEU A 861 27.39 -13.96 6.93
CA LEU A 861 27.97 -14.79 7.97
C LEU A 861 29.24 -15.47 7.50
N LEU A 862 29.22 -16.06 6.30
CA LEU A 862 30.41 -16.67 5.73
C LEU A 862 31.21 -15.61 4.98
N THR A 863 32.49 -15.50 5.30
CA THR A 863 33.38 -14.61 4.57
C THR A 863 33.74 -15.22 3.21
N ASP A 864 34.32 -14.39 2.35
CA ASP A 864 34.78 -14.88 1.06
C ASP A 864 35.85 -15.96 1.23
N GLU A 865 36.72 -15.81 2.23
CA GLU A 865 37.75 -16.81 2.47
C GLU A 865 37.16 -18.16 2.85
N MET A 866 36.11 -18.15 3.68
CA MET A 866 35.46 -19.40 4.05
C MET A 866 34.78 -20.05 2.86
N ILE A 867 34.14 -19.26 2.00
CA ILE A 867 33.51 -19.82 0.81
C ILE A 867 34.56 -20.40 -0.13
N ALA A 868 35.70 -19.73 -0.28
CA ALA A 868 36.78 -20.27 -1.09
C ALA A 868 37.33 -21.56 -0.49
N GLN A 869 37.39 -21.65 0.84
CA GLN A 869 37.78 -22.90 1.48
C GLN A 869 36.79 -24.02 1.16
N TYR A 870 35.49 -23.73 1.20
CA TYR A 870 34.49 -24.72 0.84
C TYR A 870 34.67 -25.20 -0.60
N THR A 871 34.88 -24.26 -1.52
CA THR A 871 35.03 -24.66 -2.93
C THR A 871 36.30 -25.46 -3.14
N SER A 872 37.38 -25.11 -2.43
CA SER A 872 38.62 -25.86 -2.58
C SER A 872 38.48 -27.26 -2.01
N ALA A 873 37.74 -27.41 -0.90
CA ALA A 873 37.47 -28.74 -0.37
C ALA A 873 36.65 -29.57 -1.35
N LEU A 874 35.63 -28.96 -1.98
CA LEU A 874 34.85 -29.67 -2.98
C LEU A 874 35.71 -30.09 -4.17
N LEU A 875 36.58 -29.20 -4.63
CA LEU A 875 37.46 -29.51 -5.75
C LEU A 875 38.44 -30.61 -5.42
N ALA A 876 39.05 -30.55 -4.24
CA ALA A 876 39.99 -31.59 -3.82
C ALA A 876 39.30 -32.94 -3.72
N GLY A 877 38.11 -32.97 -3.13
CA GLY A 877 37.35 -34.21 -3.07
C GLY A 877 37.05 -34.76 -4.45
N THR A 878 36.62 -33.91 -5.37
CA THR A 878 36.26 -34.37 -6.71
C THR A 878 37.47 -34.94 -7.44
N ILE A 879 38.59 -34.20 -7.45
CA ILE A 879 39.71 -34.64 -8.26
C ILE A 879 40.50 -35.75 -7.60
N THR A 880 40.36 -35.99 -6.30
CA THR A 880 41.07 -37.10 -5.68
C THR A 880 40.24 -38.35 -5.52
N SER A 881 38.92 -38.23 -5.40
CA SER A 881 38.09 -39.37 -5.06
C SER A 881 36.87 -39.53 -5.96
N GLY A 882 36.72 -38.69 -6.99
CA GLY A 882 35.57 -38.80 -7.88
C GLY A 882 34.28 -38.46 -7.18
N TRP A 883 33.30 -39.34 -7.29
CA TRP A 883 32.00 -39.16 -6.66
C TRP A 883 31.86 -39.91 -5.33
N THR A 884 32.92 -40.56 -4.85
CA THR A 884 32.79 -41.36 -3.64
C THR A 884 32.60 -40.48 -2.41
N PHE A 885 33.26 -39.32 -2.35
CA PHE A 885 33.14 -38.46 -1.17
C PHE A 885 31.75 -37.88 -1.01
N GLY A 886 30.97 -37.81 -2.09
CA GLY A 886 29.59 -37.39 -1.96
C GLY A 886 28.68 -38.41 -1.32
N ALA A 887 29.07 -39.69 -1.34
CA ALA A 887 28.25 -40.76 -0.79
C ALA A 887 28.78 -41.30 0.53
N GLY A 888 29.99 -40.97 0.93
CA GLY A 888 30.57 -41.47 2.16
C GLY A 888 31.98 -40.96 2.36
N ALA A 889 32.86 -41.83 2.83
CA ALA A 889 34.27 -41.47 2.92
C ALA A 889 34.85 -41.25 1.54
N ALA A 890 35.77 -40.29 1.43
CA ALA A 890 36.48 -40.07 0.18
C ALA A 890 37.41 -41.24 -0.08
N LEU A 891 37.19 -41.93 -1.19
CA LEU A 891 38.02 -43.07 -1.59
C LEU A 891 38.89 -42.63 -2.75
N GLN A 892 40.20 -42.59 -2.52
CA GLN A 892 41.13 -42.15 -3.55
C GLN A 892 41.13 -43.10 -4.73
N ILE A 893 41.33 -42.54 -5.92
CA ILE A 893 41.42 -43.31 -7.15
C ILE A 893 42.29 -42.49 -8.10
N PRO A 894 43.15 -43.10 -8.90
CA PRO A 894 43.92 -42.33 -9.89
C PRO A 894 42.98 -41.61 -10.85
N PHE A 895 43.37 -40.40 -11.24
CA PHE A 895 42.44 -39.53 -11.96
C PHE A 895 42.10 -40.08 -13.34
N ALA A 896 43.07 -40.68 -14.03
CA ALA A 896 42.78 -41.28 -15.33
C ALA A 896 41.77 -42.42 -15.21
N MET A 897 41.87 -43.20 -14.13
CA MET A 897 40.91 -44.28 -13.90
C MET A 897 39.52 -43.71 -13.57
N GLN A 898 39.48 -42.60 -12.83
CA GLN A 898 38.21 -41.93 -12.59
C GLN A 898 37.59 -41.44 -13.90
N MET A 899 38.40 -40.91 -14.80
CA MET A 899 37.91 -40.51 -16.11
C MET A 899 37.43 -41.71 -16.92
N ALA A 900 38.09 -42.85 -16.79
CA ALA A 900 37.60 -44.07 -17.43
C ALA A 900 36.22 -44.44 -16.89
N TYR A 901 36.02 -44.33 -15.58
CA TYR A 901 34.70 -44.52 -14.99
C TYR A 901 33.68 -43.57 -15.62
N ARG A 902 34.03 -42.29 -15.74
CA ARG A 902 33.09 -41.31 -16.29
C ARG A 902 32.78 -41.59 -17.75
N PHE A 903 33.77 -42.04 -18.51
CA PHE A 903 33.54 -42.45 -19.90
C PHE A 903 32.55 -43.61 -19.96
N ASN A 904 32.71 -44.59 -19.07
CA ASN A 904 31.71 -45.66 -18.97
C ASN A 904 30.34 -45.09 -18.65
N GLY A 905 30.29 -44.03 -17.83
CA GLY A 905 29.02 -43.44 -17.45
C GLY A 905 28.23 -42.87 -18.62
N ILE A 906 28.91 -42.46 -19.69
CA ILE A 906 28.24 -41.91 -20.86
C ILE A 906 28.20 -42.91 -22.01
N GLY A 907 28.49 -44.18 -21.76
CA GLY A 907 28.37 -45.18 -22.79
C GLY A 907 29.55 -45.32 -23.73
N VAL A 908 30.74 -44.91 -23.32
CA VAL A 908 31.97 -45.08 -24.10
C VAL A 908 32.88 -46.03 -23.35
N THR A 909 33.43 -47.02 -24.04
CA THR A 909 34.32 -47.96 -23.38
C THR A 909 35.58 -47.27 -22.89
N GLN A 910 36.13 -47.77 -21.79
CA GLN A 910 37.20 -47.05 -21.11
C GLN A 910 38.54 -47.14 -21.84
N ASN A 911 38.70 -48.10 -22.73
CA ASN A 911 39.90 -48.13 -23.56
C ASN A 911 39.98 -46.90 -24.46
N VAL A 912 38.83 -46.31 -24.78
CA VAL A 912 38.84 -45.06 -25.55
C VAL A 912 39.50 -43.95 -24.73
N LEU A 913 39.17 -43.88 -23.44
CA LEU A 913 39.84 -42.92 -22.57
C LEU A 913 41.33 -43.22 -22.46
N TYR A 914 41.69 -44.49 -22.21
CA TYR A 914 43.09 -44.81 -21.94
C TYR A 914 43.96 -44.64 -23.19
N GLU A 915 43.45 -45.01 -24.35
CA GLU A 915 44.23 -44.90 -25.58
C GLU A 915 44.30 -43.46 -26.10
N ASN A 916 43.45 -42.57 -25.60
CA ASN A 916 43.46 -41.17 -26.00
C ASN A 916 43.78 -40.25 -24.83
N GLN A 917 44.49 -40.74 -23.82
CA GLN A 917 44.62 -40.01 -22.56
C GLN A 917 45.33 -38.67 -22.76
N LYS A 918 46.43 -38.66 -23.52
CA LYS A 918 47.15 -37.42 -23.76
C LYS A 918 46.31 -36.41 -24.52
N LEU A 919 45.59 -36.88 -25.55
CA LEU A 919 44.73 -35.98 -26.32
C LEU A 919 43.61 -35.42 -25.45
N ILE A 920 43.01 -36.24 -24.59
CA ILE A 920 41.92 -35.79 -23.75
C ILE A 920 42.42 -34.78 -22.72
N ALA A 921 43.58 -35.05 -22.11
CA ALA A 921 44.18 -34.09 -21.19
C ALA A 921 44.50 -32.77 -21.89
N ASN A 922 45.05 -32.84 -23.11
CA ASN A 922 45.38 -31.61 -23.83
C ASN A 922 44.13 -30.82 -24.19
N GLN A 923 43.06 -31.50 -24.61
CA GLN A 923 41.81 -30.82 -24.93
C GLN A 923 41.24 -30.13 -23.69
N PHE A 924 41.27 -30.81 -22.54
CA PHE A 924 40.80 -30.19 -21.31
C PHE A 924 41.65 -28.98 -20.93
N ASN A 925 42.98 -29.10 -21.07
CA ASN A 925 43.86 -27.99 -20.72
C ASN A 925 43.61 -26.78 -21.61
N SER A 926 43.43 -27.01 -22.92
CA SER A 926 43.10 -25.91 -23.82
C SER A 926 41.77 -25.28 -23.48
N ALA A 927 40.76 -26.09 -23.15
CA ALA A 927 39.45 -25.54 -22.81
C ALA A 927 39.51 -24.69 -21.54
N ILE A 928 40.25 -25.14 -20.54
CA ILE A 928 40.44 -24.36 -19.32
C ILE A 928 41.15 -23.05 -19.63
N GLY A 929 42.18 -23.11 -20.48
CA GLY A 929 42.88 -21.89 -20.87
C GLY A 929 41.97 -20.92 -21.60
N LYS A 930 41.06 -21.44 -22.43
CA LYS A 930 40.10 -20.58 -23.10
C LYS A 930 39.16 -19.92 -22.10
N ILE A 931 38.71 -20.67 -21.09
CA ILE A 931 37.88 -20.08 -20.05
C ILE A 931 38.62 -18.93 -19.37
N GLN A 932 39.88 -19.15 -19.02
CA GLN A 932 40.66 -18.13 -18.34
C GLN A 932 40.87 -16.90 -19.22
N ASP A 933 41.19 -17.11 -20.49
CA ASP A 933 41.38 -15.98 -21.41
C ASP A 933 40.09 -15.20 -21.59
N SER A 934 38.95 -15.89 -21.72
CA SER A 934 37.67 -15.20 -21.86
C SER A 934 37.35 -14.38 -20.63
N LEU A 935 37.63 -14.92 -19.44
CA LEU A 935 37.35 -14.16 -18.22
C LEU A 935 38.29 -12.97 -18.09
N SER A 936 39.55 -13.12 -18.54
CA SER A 936 40.48 -12.00 -18.48
C SER A 936 40.10 -10.90 -19.46
N SER A 937 39.70 -11.26 -20.67
CA SER A 937 39.51 -10.28 -21.74
C SER A 937 38.11 -9.64 -21.72
N THR A 938 37.07 -10.46 -21.88
CA THR A 938 35.71 -9.95 -21.92
C THR A 938 35.39 -9.24 -20.60
N ALA A 939 34.61 -8.16 -20.69
CA ALA A 939 34.40 -7.26 -19.58
C ALA A 939 33.07 -7.43 -18.85
N SER A 940 32.13 -8.16 -19.42
CA SER A 940 30.79 -8.28 -18.84
C SER A 940 30.32 -9.73 -18.82
N ALA A 941 31.18 -10.63 -18.36
CA ALA A 941 30.82 -12.05 -18.33
C ALA A 941 29.83 -12.35 -17.21
N LEU A 942 30.00 -11.72 -16.05
CA LEU A 942 29.20 -12.05 -14.87
C LEU A 942 27.99 -11.12 -14.75
N GLY A 943 27.14 -11.17 -15.77
CA GLY A 943 26.02 -10.25 -15.84
C GLY A 943 24.98 -10.45 -14.75
N LYS A 944 24.68 -11.70 -14.40
CA LYS A 944 23.61 -11.97 -13.44
C LYS A 944 23.97 -11.50 -12.04
N LEU A 945 25.21 -11.74 -11.60
CA LEU A 945 25.63 -11.28 -10.29
C LEU A 945 25.66 -9.75 -10.23
N GLN A 946 26.17 -9.11 -11.28
CA GLN A 946 26.16 -7.66 -11.35
C GLN A 946 24.73 -7.13 -11.33
N ASP A 947 23.80 -7.85 -11.97
CA ASP A 947 22.41 -7.43 -11.95
C ASP A 947 21.83 -7.50 -10.54
N VAL A 948 22.16 -8.54 -9.79
CA VAL A 948 21.70 -8.63 -8.40
C VAL A 948 22.21 -7.43 -7.60
N VAL A 949 23.51 -7.14 -7.73
CA VAL A 949 24.10 -6.02 -7.01
C VAL A 949 23.45 -4.70 -7.42
N ASN A 950 23.25 -4.50 -8.72
CA ASN A 950 22.68 -3.27 -9.23
C ASN A 950 21.24 -3.08 -8.77
N HIS A 951 20.46 -4.16 -8.76
CA HIS A 951 19.08 -4.06 -8.31
C HIS A 951 19.02 -3.66 -6.84
N ASN A 952 19.87 -4.25 -6.00
CA ASN A 952 19.89 -3.83 -4.60
C ASN A 952 20.26 -2.36 -4.46
N ALA A 953 21.32 -1.93 -5.16
CA ALA A 953 21.77 -0.55 -5.05
C ALA A 953 20.71 0.43 -5.53
N GLN A 954 20.04 0.09 -6.64
CA GLN A 954 18.99 0.95 -7.18
C GLN A 954 17.81 1.04 -6.22
N ALA A 955 17.42 -0.08 -5.61
CA ALA A 955 16.31 -0.04 -4.65
C ALA A 955 16.65 0.87 -3.47
N LEU A 956 17.87 0.74 -2.93
CA LEU A 956 18.26 1.59 -1.81
C LEU A 956 18.31 3.06 -2.21
N ASN A 957 18.84 3.36 -3.40
CA ASN A 957 18.92 4.73 -3.85
C ASN A 957 17.55 5.34 -4.08
N THR A 958 16.61 4.55 -4.62
CA THR A 958 15.24 5.02 -4.78
C THR A 958 14.59 5.30 -3.43
N LEU A 959 14.83 4.43 -2.44
CA LEU A 959 14.32 4.67 -1.10
C LEU A 959 14.88 5.98 -0.54
N VAL A 960 16.17 6.24 -0.75
CA VAL A 960 16.77 7.48 -0.25
C VAL A 960 16.16 8.68 -0.96
N LYS A 961 16.01 8.61 -2.28
CA LYS A 961 15.49 9.73 -3.04
C LYS A 961 14.02 10.02 -2.72
N GLN A 962 13.27 9.02 -2.25
CA GLN A 962 11.88 9.26 -1.89
C GLN A 962 11.73 10.20 -0.70
N LEU A 963 12.81 10.45 0.05
CA LEU A 963 12.74 11.36 1.19
C LEU A 963 12.62 12.82 0.78
N SER A 964 12.83 13.14 -0.49
CA SER A 964 12.66 14.50 -0.99
C SER A 964 11.27 14.75 -1.57
N SER A 965 10.37 13.77 -1.49
CA SER A 965 9.00 13.96 -1.95
C SER A 965 8.17 14.63 -0.86
N LYS A 966 7.27 15.52 -1.28
CA LYS A 966 6.42 16.23 -0.34
C LYS A 966 5.16 15.47 0.02
N PHE A 967 4.67 14.62 -0.88
CA PHE A 967 3.46 13.83 -0.64
C PHE A 967 2.25 14.69 -0.30
N GLY A 968 2.20 15.90 -0.84
CA GLY A 968 1.12 16.82 -0.55
C GLY A 968 1.36 17.76 0.61
N ALA A 969 2.46 17.59 1.36
CA ALA A 969 2.77 18.51 2.44
C ALA A 969 3.39 19.78 1.88
N ILE A 970 3.53 20.78 2.75
CA ILE A 970 4.14 22.05 2.34
C ILE A 970 5.63 21.88 2.07
N SER A 971 6.27 20.92 2.73
CA SER A 971 7.69 20.73 2.61
C SER A 971 8.01 19.25 2.80
N SER A 972 9.11 18.82 2.21
CA SER A 972 9.64 17.48 2.44
C SER A 972 10.58 17.42 3.62
N VAL A 973 10.85 18.55 4.26
CA VAL A 973 11.76 18.63 5.40
C VAL A 973 10.92 18.78 6.67
N LEU A 974 11.09 17.84 7.60
CA LEU A 974 10.34 17.90 8.84
C LEU A 974 10.73 19.13 9.66
N ASN A 975 12.00 19.50 9.63
CA ASN A 975 12.47 20.64 10.41
C ASN A 975 11.82 21.93 9.94
N ASP A 976 11.69 22.11 8.63
CA ASP A 976 11.01 23.29 8.10
C ASP A 976 9.55 23.34 8.55
N ILE A 977 8.86 22.20 8.49
CA ILE A 977 7.47 22.14 8.92
C ILE A 977 7.35 22.49 10.40
N LEU A 978 8.26 21.96 11.22
CA LEU A 978 8.18 22.20 12.66
C LEU A 978 8.56 23.62 13.03
N SER A 979 9.47 24.24 12.28
CA SER A 979 9.88 25.60 12.59
C SER A 979 8.96 26.66 11.97
N ARG A 980 8.14 26.30 10.99
CA ARG A 980 7.28 27.26 10.33
C ARG A 980 5.83 27.20 10.77
N LEU A 981 5.39 26.13 11.42
CA LEU A 981 3.99 25.93 11.70
C LEU A 981 3.78 25.62 13.17
N ASP A 982 2.57 25.89 13.65
CA ASP A 982 2.19 25.57 15.01
C ASP A 982 1.92 24.07 15.14
N LYS A 983 1.53 23.64 16.34
CA LYS A 983 1.49 22.21 16.64
C LYS A 983 0.52 21.45 15.74
N VAL A 984 -0.69 21.99 15.55
CA VAL A 984 -1.75 21.23 14.88
C VAL A 984 -1.49 21.12 13.39
N GLU A 985 -1.22 22.25 12.73
CA GLU A 985 -0.97 22.22 11.29
C GLU A 985 0.32 21.47 10.98
N ALA A 986 1.34 21.63 11.82
CA ALA A 986 2.55 20.83 11.65
C ALA A 986 2.24 19.36 11.78
N GLU A 987 1.35 18.99 12.70
CA GLU A 987 0.98 17.58 12.82
C GLU A 987 0.30 17.08 11.56
N VAL A 988 -0.53 17.90 10.93
CA VAL A 988 -1.18 17.50 9.67
C VAL A 988 -0.13 17.25 8.59
N GLN A 989 0.80 18.20 8.42
CA GLN A 989 1.83 18.03 7.39
C GLN A 989 2.71 16.82 7.68
N ILE A 990 3.06 16.61 8.95
CA ILE A 990 3.90 15.48 9.33
C ILE A 990 3.17 14.18 9.08
N ASP A 991 1.86 14.15 9.30
CA ASP A 991 1.10 12.94 8.98
C ASP A 991 1.16 12.62 7.49
N ARG A 992 1.07 13.64 6.65
CA ARG A 992 1.22 13.41 5.21
C ARG A 992 2.60 12.82 4.89
N LEU A 993 3.65 13.41 5.46
CA LEU A 993 5.00 12.90 5.21
C LEU A 993 5.16 11.47 5.71
N ILE A 994 4.61 11.17 6.88
CA ILE A 994 4.70 9.84 7.47
C ILE A 994 4.01 8.82 6.58
N THR A 995 2.82 9.15 6.08
CA THR A 995 2.09 8.22 5.23
C THR A 995 2.87 7.94 3.93
N GLY A 996 3.42 9.00 3.32
CA GLY A 996 4.20 8.80 2.11
C GLY A 996 5.44 7.95 2.32
N ARG A 997 6.19 8.22 3.40
CA ARG A 997 7.43 7.50 3.65
C ARG A 997 7.16 6.06 4.07
N LEU A 998 6.08 5.83 4.81
CA LEU A 998 5.67 4.48 5.16
C LEU A 998 5.31 3.69 3.91
N GLN A 999 4.60 4.32 2.97
CA GLN A 999 4.31 3.64 1.70
C GLN A 999 5.58 3.30 0.94
N SER A 1000 6.55 4.21 0.91
CA SER A 1000 7.79 3.93 0.19
C SER A 1000 8.54 2.77 0.83
N LEU A 1001 8.59 2.73 2.17
CA LEU A 1001 9.22 1.60 2.86
C LEU A 1001 8.50 0.29 2.56
N GLN A 1002 7.17 0.32 2.54
CA GLN A 1002 6.42 -0.90 2.26
C GLN A 1002 6.68 -1.40 0.85
N THR A 1003 6.73 -0.50 -0.12
CA THR A 1003 7.06 -0.87 -1.49
C THR A 1003 8.44 -1.51 -1.57
N TYR A 1004 9.42 -0.90 -0.89
CA TYR A 1004 10.77 -1.45 -0.88
C TYR A 1004 10.78 -2.86 -0.30
N VAL A 1005 10.10 -3.06 0.83
CA VAL A 1005 10.15 -4.37 1.49
C VAL A 1005 9.43 -5.42 0.65
N THR A 1006 8.31 -5.06 0.01
CA THR A 1006 7.60 -6.03 -0.83
C THR A 1006 8.47 -6.46 -2.01
N GLN A 1007 9.10 -5.50 -2.68
CA GLN A 1007 9.98 -5.84 -3.79
C GLN A 1007 11.17 -6.68 -3.30
N GLN A 1008 11.67 -6.38 -2.10
CA GLN A 1008 12.75 -7.19 -1.53
C GLN A 1008 12.31 -8.62 -1.30
N LEU A 1009 11.09 -8.81 -0.79
CA LEU A 1009 10.60 -10.17 -0.56
C LEU A 1009 10.48 -10.95 -1.87
N ILE A 1010 9.97 -10.31 -2.91
CA ILE A 1010 9.83 -10.99 -4.20
C ILE A 1010 11.20 -11.33 -4.79
N ARG A 1011 12.14 -10.39 -4.74
CA ARG A 1011 13.48 -10.66 -5.24
C ARG A 1011 14.18 -11.71 -4.40
N ALA A 1012 13.92 -11.75 -3.09
CA ALA A 1012 14.48 -12.79 -2.25
C ALA A 1012 13.95 -14.15 -2.62
N ALA A 1013 12.67 -14.25 -2.98
CA ALA A 1013 12.12 -15.54 -3.42
C ALA A 1013 12.80 -16.00 -4.71
N GLU A 1014 13.01 -15.07 -5.65
CA GLU A 1014 13.74 -15.42 -6.87
C GLU A 1014 15.17 -15.87 -6.57
N ILE A 1015 15.85 -15.16 -5.67
CA ILE A 1015 17.23 -15.52 -5.29
C ILE A 1015 17.25 -16.88 -4.61
N ARG A 1016 16.24 -17.18 -3.79
CA ARG A 1016 16.18 -18.48 -3.13
C ARG A 1016 15.97 -19.61 -4.13
N ALA A 1017 15.13 -19.39 -5.14
CA ALA A 1017 14.98 -20.40 -6.18
C ALA A 1017 16.29 -20.63 -6.92
N SER A 1018 17.02 -19.54 -7.22
CA SER A 1018 18.32 -19.69 -7.87
C SER A 1018 19.31 -20.44 -6.98
N ALA A 1019 19.29 -20.17 -5.67
CA ALA A 1019 20.20 -20.85 -4.75
C ALA A 1019 19.87 -22.33 -4.61
N ASN A 1020 18.58 -22.67 -4.59
CA ASN A 1020 18.18 -24.07 -4.57
C ASN A 1020 18.65 -24.79 -5.84
N LEU A 1021 18.52 -24.13 -6.99
CA LEU A 1021 19.04 -24.70 -8.22
C LEU A 1021 20.56 -24.90 -8.14
N ALA A 1022 21.28 -23.92 -7.59
CA ALA A 1022 22.73 -24.03 -7.47
C ALA A 1022 23.11 -25.18 -6.55
N ALA A 1023 22.38 -25.36 -5.45
CA ALA A 1023 22.67 -26.47 -4.54
C ALA A 1023 22.39 -27.82 -5.19
N THR A 1024 21.30 -27.91 -5.97
CA THR A 1024 21.04 -29.14 -6.73
C THR A 1024 22.14 -29.41 -7.75
N LYS A 1025 22.63 -28.37 -8.41
CA LYS A 1025 23.71 -28.55 -9.38
C LYS A 1025 25.01 -28.94 -8.68
N MET A 1026 25.27 -28.40 -7.49
CA MET A 1026 26.44 -28.84 -6.73
C MET A 1026 26.33 -30.31 -6.36
N SER A 1027 25.15 -30.74 -5.92
CA SER A 1027 24.96 -32.15 -5.56
C SER A 1027 25.10 -33.06 -6.78
N GLU A 1028 24.51 -32.69 -7.92
CA GLU A 1028 24.34 -33.62 -9.02
C GLU A 1028 25.39 -33.51 -10.12
N CYS A 1029 26.05 -32.36 -10.26
CA CYS A 1029 27.10 -32.18 -11.25
C CYS A 1029 28.51 -32.23 -10.67
N VAL A 1030 28.70 -31.74 -9.44
CA VAL A 1030 30.02 -31.75 -8.82
C VAL A 1030 30.23 -33.03 -8.01
N LEU A 1031 29.26 -33.41 -7.20
CA LEU A 1031 29.36 -34.59 -6.36
C LEU A 1031 28.99 -35.88 -7.09
N GLY A 1032 28.58 -35.79 -8.35
CA GLY A 1032 28.27 -36.98 -9.13
C GLY A 1032 28.26 -36.65 -10.60
N GLN A 1033 28.09 -37.69 -11.41
CA GLN A 1033 27.93 -37.58 -12.85
C GLN A 1033 26.45 -37.68 -13.18
N SER A 1034 25.93 -36.70 -13.91
CA SER A 1034 24.51 -36.59 -14.15
C SER A 1034 24.13 -37.15 -15.52
N LYS A 1035 23.00 -37.84 -15.58
CA LYS A 1035 22.41 -38.27 -16.83
C LYS A 1035 21.35 -37.31 -17.35
N ARG A 1036 20.97 -36.30 -16.58
CA ARG A 1036 19.95 -35.36 -17.03
C ARG A 1036 20.50 -34.49 -18.14
N VAL A 1037 19.82 -34.49 -19.30
CA VAL A 1037 20.29 -33.75 -20.46
C VAL A 1037 20.27 -32.26 -20.17
N ASP A 1038 21.40 -31.60 -20.41
CA ASP A 1038 21.59 -30.15 -20.32
C ASP A 1038 21.58 -29.61 -18.90
N PHE A 1039 21.52 -30.47 -17.89
CA PHE A 1039 21.54 -29.98 -16.52
C PHE A 1039 22.93 -29.54 -16.09
N CYS A 1040 23.97 -30.19 -16.61
CA CYS A 1040 25.34 -29.90 -16.21
C CYS A 1040 26.18 -29.59 -17.44
N GLY A 1041 25.71 -28.65 -18.26
CA GLY A 1041 26.41 -28.28 -19.48
C GLY A 1041 25.80 -28.91 -20.71
N LYS A 1042 26.34 -28.53 -21.86
CA LYS A 1042 25.88 -29.00 -23.16
C LYS A 1042 26.75 -30.16 -23.61
N GLY A 1043 26.14 -31.29 -23.87
CA GLY A 1043 26.85 -32.52 -24.18
C GLY A 1043 26.65 -33.54 -23.07
N TYR A 1044 27.32 -34.68 -23.24
CA TYR A 1044 27.28 -35.73 -22.23
C TYR A 1044 28.17 -35.34 -21.06
N HIS A 1045 27.56 -35.17 -19.89
CA HIS A 1045 28.29 -34.67 -18.73
C HIS A 1045 29.38 -35.63 -18.29
N LEU A 1046 30.59 -35.12 -18.16
CA LEU A 1046 31.68 -35.87 -17.54
C LEU A 1046 31.83 -35.49 -16.08
N MET A 1047 32.08 -34.21 -15.79
CA MET A 1047 32.29 -33.79 -14.41
C MET A 1047 32.13 -32.27 -14.34
N SER A 1048 32.07 -31.75 -13.11
CA SER A 1048 31.93 -30.32 -12.93
C SER A 1048 32.78 -29.85 -11.76
N PHE A 1049 33.26 -28.62 -11.86
CA PHE A 1049 34.10 -28.00 -10.84
C PHE A 1049 33.49 -26.68 -10.40
N PRO A 1050 33.31 -26.45 -9.10
CA PRO A 1050 32.79 -25.17 -8.64
C PRO A 1050 33.87 -24.14 -8.37
N GLN A 1051 33.49 -22.87 -8.53
CA GLN A 1051 34.32 -21.72 -8.19
C GLN A 1051 33.42 -20.68 -7.53
N SER A 1052 33.86 -20.12 -6.41
CA SER A 1052 33.07 -19.09 -5.75
C SER A 1052 33.13 -17.79 -6.54
N ALA A 1053 32.09 -16.98 -6.39
CA ALA A 1053 32.03 -15.67 -7.02
C ALA A 1053 31.27 -14.74 -6.10
N PRO A 1054 31.43 -13.42 -6.23
CA PRO A 1054 30.68 -12.50 -5.38
C PRO A 1054 29.18 -12.72 -5.47
N HIS A 1055 28.59 -13.14 -4.36
CA HIS A 1055 27.17 -13.43 -4.23
C HIS A 1055 26.71 -14.60 -5.10
N GLY A 1056 27.61 -15.48 -5.52
CA GLY A 1056 27.16 -16.53 -6.40
C GLY A 1056 28.19 -17.62 -6.61
N VAL A 1057 27.86 -18.52 -7.52
CA VAL A 1057 28.72 -19.65 -7.83
C VAL A 1057 28.88 -19.74 -9.35
N VAL A 1058 30.03 -20.28 -9.77
CA VAL A 1058 30.31 -20.56 -11.16
C VAL A 1058 30.64 -22.04 -11.27
N PHE A 1059 29.97 -22.73 -12.17
CA PHE A 1059 30.25 -24.12 -12.45
C PHE A 1059 31.00 -24.20 -13.77
N LEU A 1060 32.13 -24.90 -13.75
CA LEU A 1060 32.84 -25.29 -14.97
C LEU A 1060 32.42 -26.71 -15.27
N HIS A 1061 31.53 -26.86 -16.25
CA HIS A 1061 31.05 -28.17 -16.69
C HIS A 1061 31.97 -28.72 -17.76
N VAL A 1062 32.46 -29.94 -17.55
CA VAL A 1062 33.25 -30.68 -18.52
C VAL A 1062 32.34 -31.74 -19.12
N THR A 1063 32.16 -31.68 -20.44
CA THR A 1063 31.31 -32.59 -21.18
C THR A 1063 32.07 -33.19 -22.35
N TYR A 1064 31.55 -34.32 -22.82
CA TYR A 1064 32.06 -35.04 -23.97
C TYR A 1064 31.16 -34.73 -25.16
N VAL A 1065 31.74 -34.26 -26.26
CA VAL A 1065 30.98 -33.89 -27.44
C VAL A 1065 31.48 -34.73 -28.61
N PRO A 1066 30.65 -35.57 -29.21
CA PRO A 1066 31.08 -36.29 -30.43
C PRO A 1066 31.43 -35.32 -31.54
N ALA A 1067 32.49 -35.63 -32.30
CA ALA A 1067 33.11 -34.63 -33.15
C ALA A 1067 33.01 -34.89 -34.65
N GLN A 1068 33.52 -36.02 -35.15
CA GLN A 1068 33.72 -36.16 -36.60
C GLN A 1068 32.92 -37.37 -37.09
N GLU A 1069 31.64 -37.16 -37.38
CA GLU A 1069 30.76 -38.27 -37.73
C GLU A 1069 30.99 -38.70 -39.17
N LYS A 1070 30.94 -40.01 -39.37
CA LYS A 1070 30.93 -40.62 -40.69
C LYS A 1070 29.66 -41.42 -40.85
N ASN A 1071 29.18 -41.54 -42.07
CA ASN A 1071 27.95 -42.26 -42.33
C ASN A 1071 28.24 -43.68 -42.79
N PHE A 1072 27.39 -44.60 -42.35
CA PHE A 1072 27.53 -46.02 -42.60
C PHE A 1072 26.17 -46.58 -42.95
N THR A 1073 26.18 -47.72 -43.62
CA THR A 1073 24.96 -48.50 -43.78
C THR A 1073 24.70 -49.26 -42.49
N THR A 1074 23.45 -49.39 -42.10
CA THR A 1074 23.13 -50.05 -40.86
C THR A 1074 22.01 -51.07 -41.08
N ALA A 1075 21.97 -52.06 -40.20
CA ALA A 1075 20.92 -53.07 -40.18
C ALA A 1075 20.50 -53.32 -38.74
N PRO A 1076 19.23 -53.61 -38.50
CA PRO A 1076 18.78 -53.87 -37.12
C PRO A 1076 19.26 -55.21 -36.58
N ALA A 1077 19.43 -56.21 -37.44
CA ALA A 1077 19.80 -57.55 -37.02
C ALA A 1077 20.55 -58.21 -38.16
N ILE A 1078 21.23 -59.32 -37.83
CA ILE A 1078 22.01 -60.07 -38.80
C ILE A 1078 21.43 -61.47 -38.90
N CYS A 1079 21.18 -61.94 -40.12
CA CYS A 1079 20.66 -63.28 -40.35
C CYS A 1079 21.82 -64.23 -40.59
N HIS A 1080 21.92 -65.27 -39.75
CA HIS A 1080 22.97 -66.26 -39.90
C HIS A 1080 22.45 -67.61 -39.45
N ASP A 1081 22.61 -68.63 -40.32
CA ASP A 1081 22.14 -69.99 -40.04
C ASP A 1081 20.66 -70.00 -39.70
N GLY A 1082 19.88 -69.15 -40.36
CA GLY A 1082 18.46 -69.07 -40.08
C GLY A 1082 18.12 -68.49 -38.73
N LYS A 1083 19.04 -67.77 -38.10
CA LYS A 1083 18.82 -67.17 -36.79
C LYS A 1083 19.08 -65.69 -36.86
N ALA A 1084 18.33 -64.93 -36.06
CA ALA A 1084 18.48 -63.48 -35.98
C ALA A 1084 19.43 -63.14 -34.84
N HIS A 1085 20.43 -62.33 -35.15
CA HIS A 1085 21.44 -61.89 -34.18
C HIS A 1085 21.28 -60.39 -33.97
N PHE A 1086 21.29 -59.98 -32.72
CA PHE A 1086 21.20 -58.59 -32.31
C PHE A 1086 22.44 -58.22 -31.53
N PRO A 1087 22.92 -56.98 -31.63
CA PRO A 1087 24.11 -56.59 -30.88
C PRO A 1087 23.84 -56.58 -29.38
N ARG A 1088 24.84 -57.01 -28.60
CA ARG A 1088 24.71 -56.99 -27.16
C ARG A 1088 24.75 -55.55 -26.63
N GLU A 1089 25.71 -54.76 -27.09
CA GLU A 1089 25.86 -53.39 -26.61
C GLU A 1089 25.95 -52.34 -27.71
N GLY A 1090 26.25 -52.71 -28.94
CA GLY A 1090 26.47 -51.70 -29.96
C GLY A 1090 25.47 -51.67 -31.09
N VAL A 1091 25.97 -51.53 -32.31
CA VAL A 1091 25.14 -51.38 -33.50
C VAL A 1091 25.91 -51.96 -34.68
N PHE A 1092 25.18 -52.62 -35.58
CA PHE A 1092 25.77 -53.17 -36.80
C PHE A 1092 25.98 -52.06 -37.82
N VAL A 1093 27.17 -52.02 -38.42
CA VAL A 1093 27.48 -51.02 -39.43
C VAL A 1093 28.20 -51.69 -40.60
N SER A 1094 28.11 -51.03 -41.75
CA SER A 1094 28.74 -51.48 -42.98
C SER A 1094 29.40 -50.29 -43.63
N ASN A 1095 30.67 -50.47 -44.02
CA ASN A 1095 31.43 -49.49 -44.77
C ASN A 1095 31.19 -49.60 -46.27
N GLY A 1096 30.35 -50.54 -46.70
CA GLY A 1096 30.06 -50.73 -48.11
C GLY A 1096 30.19 -52.17 -48.54
N THR A 1097 31.18 -52.87 -47.99
CA THR A 1097 31.41 -54.26 -48.33
C THR A 1097 31.42 -55.20 -47.12
N HIS A 1098 31.78 -54.71 -45.94
CA HIS A 1098 31.95 -55.56 -44.78
C HIS A 1098 31.10 -55.07 -43.61
N TRP A 1099 30.60 -56.00 -42.83
CA TRP A 1099 29.75 -55.71 -41.68
C TRP A 1099 30.54 -55.89 -40.39
N PHE A 1100 30.39 -54.93 -39.49
CA PHE A 1100 31.00 -54.94 -38.17
C PHE A 1100 29.97 -54.56 -37.14
N VAL A 1101 30.34 -54.68 -35.87
CA VAL A 1101 29.56 -54.15 -34.76
C VAL A 1101 30.45 -53.14 -34.04
N THR A 1102 29.87 -51.99 -33.70
CA THR A 1102 30.63 -50.94 -33.04
C THR A 1102 29.82 -50.40 -31.87
N GLN A 1103 30.53 -49.83 -30.89
CA GLN A 1103 29.86 -49.07 -29.85
C GLN A 1103 29.24 -47.82 -30.47
N ARG A 1104 28.18 -47.33 -29.84
CA ARG A 1104 27.28 -46.39 -30.49
C ARG A 1104 27.83 -44.96 -30.55
N ASN A 1105 28.70 -44.57 -29.62
CA ASN A 1105 29.14 -43.18 -29.52
C ASN A 1105 30.56 -42.95 -30.03
N PHE A 1106 31.25 -43.99 -30.47
CA PHE A 1106 32.62 -43.86 -30.94
C PHE A 1106 32.91 -44.99 -31.90
N TYR A 1107 33.34 -44.66 -33.11
CA TYR A 1107 33.49 -45.67 -34.15
C TYR A 1107 34.65 -46.60 -33.82
N GLU A 1108 34.34 -47.86 -33.56
CA GLU A 1108 35.35 -48.87 -33.21
C GLU A 1108 34.88 -50.21 -33.75
N PRO A 1109 35.06 -50.45 -35.05
CA PRO A 1109 34.46 -51.64 -35.67
C PRO A 1109 35.13 -52.93 -35.21
N GLN A 1110 34.30 -53.94 -34.94
CA GLN A 1110 34.77 -55.25 -34.51
C GLN A 1110 34.06 -56.33 -35.31
N ILE A 1111 34.73 -57.48 -35.44
CA ILE A 1111 34.16 -58.61 -36.15
C ILE A 1111 32.93 -59.09 -35.39
N ILE A 1112 31.85 -59.36 -36.12
CA ILE A 1112 30.60 -59.81 -35.53
C ILE A 1112 30.75 -61.27 -35.12
N THR A 1113 30.67 -61.54 -33.82
CA THR A 1113 30.87 -62.88 -33.27
C THR A 1113 29.72 -63.23 -32.33
N THR A 1114 29.71 -64.49 -31.89
CA THR A 1114 28.70 -64.96 -30.95
C THR A 1114 28.89 -64.33 -29.56
N ASP A 1115 30.09 -63.86 -29.23
CA ASP A 1115 30.30 -63.12 -28.01
C ASP A 1115 29.86 -61.67 -28.13
N ASN A 1116 29.73 -61.17 -29.36
CA ASN A 1116 29.32 -59.80 -29.62
C ASN A 1116 27.81 -59.63 -29.68
N THR A 1117 27.08 -60.70 -29.96
CA THR A 1117 25.67 -60.64 -30.28
C THR A 1117 24.91 -61.67 -29.45
N PHE A 1118 23.58 -61.59 -29.52
CA PHE A 1118 22.72 -62.62 -28.97
C PHE A 1118 21.66 -62.99 -29.98
N VAL A 1119 21.18 -64.22 -29.89
CA VAL A 1119 20.23 -64.80 -30.83
C VAL A 1119 18.82 -64.63 -30.28
N SER A 1120 17.86 -64.34 -31.16
CA SER A 1120 16.45 -64.28 -30.78
C SER A 1120 15.61 -64.58 -32.01
N GLY A 1121 15.05 -65.79 -32.06
CA GLY A 1121 14.14 -66.15 -33.12
C GLY A 1121 14.82 -66.41 -34.45
N ASN A 1122 14.00 -66.52 -35.48
CA ASN A 1122 14.48 -66.77 -36.83
C ASN A 1122 14.55 -65.45 -37.60
N CYS A 1123 14.79 -65.54 -38.91
CA CYS A 1123 15.06 -64.38 -39.74
C CYS A 1123 13.81 -63.81 -40.40
N ASP A 1124 12.62 -64.35 -40.09
CA ASP A 1124 11.41 -64.01 -40.82
C ASP A 1124 10.66 -62.81 -40.26
N VAL A 1125 10.96 -62.36 -39.05
CA VAL A 1125 10.16 -61.35 -38.39
C VAL A 1125 10.78 -59.96 -38.51
N VAL A 1126 12.08 -59.83 -38.31
CA VAL A 1126 12.72 -58.52 -38.23
C VAL A 1126 12.69 -57.84 -39.59
N ILE A 1127 12.23 -56.60 -39.61
CA ILE A 1127 12.18 -55.80 -40.83
C ILE A 1127 13.55 -55.18 -41.07
N GLY A 1128 14.16 -55.49 -42.21
CA GLY A 1128 15.47 -54.97 -42.54
C GLY A 1128 16.64 -55.84 -42.15
N ILE A 1129 16.40 -57.09 -41.75
CA ILE A 1129 17.50 -57.97 -41.39
C ILE A 1129 18.39 -58.23 -42.61
N VAL A 1130 19.68 -58.40 -42.36
CA VAL A 1130 20.71 -58.48 -43.40
C VAL A 1130 21.47 -59.79 -43.23
N ASN A 1131 21.78 -60.42 -44.36
CA ASN A 1131 22.52 -61.68 -44.36
C ASN A 1131 24.01 -61.43 -44.18
N ASN A 1132 24.60 -62.06 -43.17
CA ASN A 1132 26.04 -62.01 -42.97
C ASN A 1132 26.44 -63.17 -42.07
N THR A 1133 27.74 -63.45 -42.04
CA THR A 1133 28.26 -64.51 -41.19
C THR A 1133 28.54 -63.99 -39.79
N VAL A 1134 28.34 -64.86 -38.81
CA VAL A 1134 28.66 -64.58 -37.41
C VAL A 1134 29.75 -65.54 -36.99
N TYR A 1135 30.90 -65.00 -36.59
CA TYR A 1135 32.06 -65.81 -36.30
C TYR A 1135 31.93 -66.48 -34.93
N ASP A 1136 32.25 -67.77 -34.88
CA ASP A 1136 32.22 -68.50 -33.62
C ASP A 1136 33.64 -68.71 -33.13
N PRO A 1137 34.03 -68.11 -32.00
CA PRO A 1137 35.42 -68.29 -31.53
C PRO A 1137 35.79 -69.72 -31.20
N LEU A 1138 34.83 -70.53 -30.74
CA LEU A 1138 35.12 -71.90 -30.34
C LEU A 1138 35.36 -72.81 -31.55
N GLN A 1139 34.85 -72.46 -32.72
CA GLN A 1139 34.99 -73.33 -33.88
C GLN A 1139 36.43 -73.53 -34.33
N PRO A 1140 37.27 -72.50 -34.50
CA PRO A 1140 38.67 -72.77 -34.84
C PRO A 1140 39.40 -73.56 -33.77
N GLU A 1141 39.10 -73.33 -32.49
CA GLU A 1141 39.74 -74.09 -31.43
C GLU A 1141 39.36 -75.56 -31.51
N LEU A 1142 38.09 -75.85 -31.76
CA LEU A 1142 37.67 -77.24 -31.97
C LEU A 1142 38.31 -77.82 -33.21
N ASP A 1143 38.45 -77.02 -34.26
CA ASP A 1143 39.13 -77.47 -35.47
C ASP A 1143 40.60 -77.76 -35.22
N SER A 1144 41.25 -76.94 -34.40
CA SER A 1144 42.66 -77.15 -34.07
C SER A 1144 42.81 -77.81 -32.70
N GLN B 1 -14.67 32.29 -52.49
CA GLN B 1 -15.64 31.72 -53.42
C GLN B 1 -15.40 30.22 -53.60
N VAL B 2 -16.28 29.41 -53.02
CA VAL B 2 -16.18 27.97 -53.09
C VAL B 2 -17.01 27.48 -54.27
N GLN B 3 -16.42 26.62 -55.10
CA GLN B 3 -17.06 26.11 -56.30
C GLN B 3 -16.92 24.61 -56.35
N LEU B 4 -17.98 23.93 -56.79
CA LEU B 4 -18.00 22.47 -56.94
C LEU B 4 -18.34 22.14 -58.38
N VAL B 5 -17.50 21.34 -59.02
CA VAL B 5 -17.64 21.04 -60.44
C VAL B 5 -17.64 19.52 -60.62
N GLN B 6 -18.67 19.01 -61.29
CA GLN B 6 -18.81 17.58 -61.52
C GLN B 6 -18.37 17.23 -62.95
N SER B 7 -17.78 16.05 -63.09
CA SER B 7 -17.28 15.59 -64.38
C SER B 7 -17.53 14.10 -64.63
N GLY B 8 -18.62 13.50 -64.12
CA GLY B 8 -18.77 12.05 -64.20
C GLY B 8 -19.40 11.59 -65.49
N PRO B 9 -19.24 10.37 -65.97
CA PRO B 9 -20.20 10.00 -67.15
C PRO B 9 -21.74 9.92 -66.89
N GLY B 10 -22.46 10.58 -67.81
CA GLY B 10 -23.90 10.73 -67.77
C GLY B 10 -24.68 9.71 -68.56
N LEU B 11 -24.04 8.70 -69.14
CA LEU B 11 -24.71 7.63 -69.88
C LEU B 11 -24.20 6.30 -69.36
N VAL B 12 -25.04 5.59 -68.62
CA VAL B 12 -24.65 4.32 -68.01
C VAL B 12 -25.78 3.32 -68.22
N LYS B 13 -25.44 2.17 -68.78
CA LYS B 13 -26.40 1.10 -69.04
C LYS B 13 -26.71 0.35 -67.76
N PRO B 14 -27.82 -0.38 -67.71
CA PRO B 14 -28.17 -1.14 -66.50
C PRO B 14 -27.13 -2.20 -66.20
N SER B 15 -27.02 -2.54 -64.90
CA SER B 15 -26.05 -3.51 -64.39
C SER B 15 -24.61 -3.05 -64.60
N GLN B 16 -24.39 -1.75 -64.55
CA GLN B 16 -23.07 -1.15 -64.62
C GLN B 16 -22.82 -0.33 -63.34
N THR B 17 -21.75 0.46 -63.37
CA THR B 17 -21.38 1.28 -62.22
C THR B 17 -21.15 2.72 -62.67
N LEU B 18 -21.59 3.66 -61.84
CA LEU B 18 -21.27 5.07 -62.08
C LEU B 18 -19.85 5.38 -61.62
N SER B 19 -19.30 6.46 -62.15
CA SER B 19 -17.97 6.92 -61.79
C SER B 19 -17.94 8.43 -61.62
N LEU B 20 -18.92 8.96 -60.90
CA LEU B 20 -19.05 10.41 -60.77
C LEU B 20 -17.93 10.98 -59.92
N THR B 21 -17.48 12.17 -60.27
CA THR B 21 -16.39 12.85 -59.56
C THR B 21 -16.74 14.32 -59.45
N CYS B 22 -16.42 14.92 -58.30
CA CYS B 22 -16.68 16.34 -58.07
C CYS B 22 -15.44 16.97 -57.45
N SER B 23 -14.88 17.96 -58.14
CA SER B 23 -13.73 18.71 -57.65
C SER B 23 -14.18 20.03 -57.03
N VAL B 24 -13.39 20.49 -56.05
CA VAL B 24 -13.74 21.64 -55.24
C VAL B 24 -12.63 22.68 -55.35
N SER B 25 -13.02 23.92 -55.62
CA SER B 25 -12.08 25.03 -55.72
C SER B 25 -12.45 26.11 -54.70
N GLY B 26 -11.43 26.80 -54.19
CA GLY B 26 -11.63 27.83 -53.19
C GLY B 26 -11.60 27.34 -51.75
N ASP B 27 -11.56 26.03 -51.53
CA ASP B 27 -11.50 25.47 -50.20
C ASP B 27 -10.67 24.19 -50.24
N SER B 28 -10.13 23.81 -49.10
CA SER B 28 -9.36 22.59 -48.96
C SER B 28 -10.24 21.56 -48.25
N ILE B 29 -10.51 20.44 -48.94
CA ILE B 29 -11.29 19.35 -48.37
C ILE B 29 -10.49 18.73 -47.23
N SER B 30 -9.17 18.91 -47.26
CA SER B 30 -8.29 18.35 -46.26
C SER B 30 -8.37 19.07 -44.92
N SER B 31 -9.10 20.18 -44.85
CA SER B 31 -9.26 20.90 -43.59
C SER B 31 -10.17 20.16 -42.61
N GLY B 32 -11.04 19.29 -43.11
CA GLY B 32 -11.91 18.50 -42.25
C GLY B 32 -13.09 19.24 -41.67
N THR B 33 -13.30 20.50 -42.04
CA THR B 33 -14.37 21.29 -41.42
C THR B 33 -15.75 20.84 -41.90
N TYR B 34 -15.87 20.47 -43.16
CA TYR B 34 -17.16 20.14 -43.75
C TYR B 34 -17.22 18.67 -44.12
N TYR B 35 -18.43 18.20 -44.38
CA TYR B 35 -18.66 16.92 -45.03
C TYR B 35 -18.99 17.18 -46.49
N TRP B 36 -18.85 16.16 -47.32
CA TRP B 36 -19.05 16.30 -48.76
C TRP B 36 -19.97 15.18 -49.23
N SER B 37 -21.16 15.55 -49.69
CA SER B 37 -22.24 14.60 -49.88
C SER B 37 -22.72 14.59 -51.34
N TRP B 38 -23.37 13.50 -51.70
CA TRP B 38 -23.97 13.33 -53.01
C TRP B 38 -25.48 13.22 -52.84
N ILE B 39 -26.23 14.05 -53.59
CA ILE B 39 -27.68 14.09 -53.49
C ILE B 39 -28.26 13.94 -54.89
N ARG B 40 -29.25 13.06 -55.04
CA ARG B 40 -29.88 12.82 -56.32
C ARG B 40 -31.32 13.33 -56.32
N LEU B 41 -31.73 13.87 -57.46
CA LEU B 41 -33.09 14.36 -57.67
C LEU B 41 -33.65 13.61 -58.87
N PRO B 42 -34.43 12.56 -58.63
CA PRO B 42 -35.14 11.89 -59.73
C PRO B 42 -36.29 12.74 -60.23
N ALA B 43 -36.68 12.51 -61.49
CA ALA B 43 -37.80 13.22 -62.07
C ALA B 43 -39.10 12.79 -61.42
N GLY B 44 -39.91 13.75 -61.03
CA GLY B 44 -41.17 13.46 -60.34
C GLY B 44 -41.05 13.35 -58.84
N GLN B 45 -40.04 12.62 -58.37
CA GLN B 45 -39.78 12.49 -56.95
C GLN B 45 -38.97 13.69 -56.43
N GLY B 46 -38.85 13.76 -55.11
CA GLY B 46 -38.10 14.82 -54.46
C GLY B 46 -36.63 14.49 -54.30
N LEU B 47 -35.94 15.34 -53.55
CA LEU B 47 -34.52 15.14 -53.31
C LEU B 47 -34.28 13.89 -52.49
N GLU B 48 -33.12 13.26 -52.71
CA GLU B 48 -32.73 12.07 -51.97
C GLU B 48 -31.25 12.18 -51.62
N TRP B 49 -30.92 11.94 -50.36
CA TRP B 49 -29.55 12.00 -49.87
C TRP B 49 -28.93 10.61 -50.00
N ILE B 50 -27.80 10.53 -50.70
CA ILE B 50 -27.15 9.25 -50.93
C ILE B 50 -26.12 8.94 -49.87
N GLY B 51 -25.25 9.92 -49.57
CA GLY B 51 -24.24 9.70 -48.56
C GLY B 51 -23.28 10.88 -48.52
N ARG B 52 -22.33 10.78 -47.59
CA ARG B 52 -21.35 11.83 -47.36
C ARG B 52 -20.02 11.20 -46.99
N VAL B 53 -18.95 11.97 -47.24
CA VAL B 53 -17.58 11.58 -46.92
C VAL B 53 -16.93 12.72 -46.16
N HIS B 54 -15.88 12.39 -45.41
CA HIS B 54 -15.09 13.34 -44.65
C HIS B 54 -13.62 13.13 -45.01
N SER B 55 -12.82 14.18 -44.77
CA SER B 55 -11.41 14.16 -45.18
C SER B 55 -10.66 12.97 -44.58
N SER B 56 -10.99 12.61 -43.34
CA SER B 56 -10.35 11.46 -42.71
C SER B 56 -10.77 10.14 -43.33
N GLY B 57 -11.76 10.14 -44.22
CA GLY B 57 -12.22 8.94 -44.88
C GLY B 57 -13.49 8.35 -44.32
N SER B 58 -13.99 8.85 -43.20
CA SER B 58 -15.25 8.36 -42.65
C SER B 58 -16.40 8.73 -43.57
N THR B 59 -17.33 7.80 -43.74
CA THR B 59 -18.47 7.99 -44.61
C THR B 59 -19.76 7.66 -43.86
N SER B 60 -20.85 8.24 -44.34
CA SER B 60 -22.18 7.91 -43.84
C SER B 60 -23.11 7.78 -45.04
N TYR B 61 -23.75 6.62 -45.18
CA TYR B 61 -24.53 6.30 -46.36
C TYR B 61 -26.01 6.21 -46.04
N ASN B 62 -26.83 6.50 -47.05
CA ASN B 62 -28.26 6.27 -46.95
C ASN B 62 -28.51 4.78 -46.75
N PRO B 63 -29.23 4.38 -45.69
CA PRO B 63 -29.37 2.93 -45.42
C PRO B 63 -29.95 2.13 -46.57
N SER B 64 -30.88 2.71 -47.32
CA SER B 64 -31.49 1.98 -48.44
C SER B 64 -30.46 1.75 -49.55
N LEU B 65 -29.60 2.73 -49.81
CA LEU B 65 -28.63 2.65 -50.90
C LEU B 65 -27.25 2.21 -50.44
N LYS B 66 -27.10 1.82 -49.17
CA LYS B 66 -25.76 1.55 -48.63
C LYS B 66 -25.09 0.37 -49.33
N SER B 67 -25.86 -0.64 -49.71
CA SER B 67 -25.26 -1.87 -50.24
C SER B 67 -24.48 -1.61 -51.53
N ARG B 68 -25.03 -0.80 -52.43
CA ARG B 68 -24.45 -0.62 -53.76
C ARG B 68 -23.83 0.76 -53.96
N VAL B 69 -23.32 1.37 -52.90
CA VAL B 69 -22.78 2.73 -52.99
C VAL B 69 -21.38 2.78 -52.41
N THR B 70 -20.56 3.69 -52.93
CA THR B 70 -19.26 3.96 -52.35
C THR B 70 -18.88 5.41 -52.64
N ILE B 71 -18.50 6.14 -51.60
CA ILE B 71 -18.05 7.52 -51.74
C ILE B 71 -16.62 7.62 -51.21
N SER B 72 -15.74 8.19 -52.02
CA SER B 72 -14.33 8.31 -51.69
C SER B 72 -13.89 9.76 -51.81
N VAL B 73 -12.73 10.08 -51.25
CA VAL B 73 -12.20 11.44 -51.29
C VAL B 73 -10.70 11.40 -51.57
N ASP B 74 -10.25 12.28 -52.45
CA ASP B 74 -8.82 12.52 -52.69
C ASP B 74 -8.52 13.94 -52.28
N THR B 75 -7.77 14.09 -51.17
CA THR B 75 -7.33 15.41 -50.74
C THR B 75 -6.22 15.97 -51.60
N SER B 76 -5.45 15.10 -52.25
CA SER B 76 -4.39 15.57 -53.14
C SER B 76 -4.96 16.35 -54.31
N LYS B 77 -6.04 15.85 -54.90
CA LYS B 77 -6.70 16.53 -56.01
C LYS B 77 -7.89 17.38 -55.56
N ASN B 78 -8.17 17.40 -54.26
CA ASN B 78 -9.29 18.18 -53.70
C ASN B 78 -10.61 17.82 -54.38
N ASN B 79 -10.96 16.54 -54.34
CA ASN B 79 -12.20 16.08 -54.96
C ASN B 79 -12.76 14.91 -54.18
N PHE B 80 -14.04 14.62 -54.44
CA PHE B 80 -14.66 13.41 -53.90
C PHE B 80 -15.51 12.77 -54.99
N SER B 81 -15.58 11.44 -54.94
CA SER B 81 -16.16 10.65 -56.01
C SER B 81 -17.24 9.73 -55.48
N LEU B 82 -18.23 9.49 -56.34
CA LEU B 82 -19.36 8.62 -56.06
C LEU B 82 -19.38 7.47 -57.07
N LYS B 83 -19.62 6.26 -56.56
CA LYS B 83 -19.73 5.06 -57.37
C LYS B 83 -21.00 4.34 -56.94
N LEU B 84 -22.02 4.39 -57.78
CA LEU B 84 -23.30 3.72 -57.56
C LEU B 84 -23.42 2.58 -58.56
N SER B 85 -23.50 1.35 -58.07
CA SER B 85 -23.57 0.17 -58.92
C SER B 85 -25.00 -0.33 -59.01
N SER B 86 -25.18 -1.44 -59.74
CA SER B 86 -26.49 -2.01 -60.02
C SER B 86 -27.43 -0.96 -60.62
N VAL B 87 -26.90 -0.21 -61.58
CA VAL B 87 -27.65 0.88 -62.19
C VAL B 87 -28.93 0.35 -62.80
N THR B 88 -30.02 1.10 -62.59
CA THR B 88 -31.35 0.69 -63.00
C THR B 88 -32.16 1.95 -63.27
N ALA B 89 -33.28 1.81 -63.99
CA ALA B 89 -34.10 2.94 -64.37
C ALA B 89 -34.49 3.83 -63.18
N ALA B 90 -34.31 3.35 -61.95
CA ALA B 90 -34.52 4.21 -60.80
C ALA B 90 -33.38 5.20 -60.61
N ASP B 91 -32.20 4.94 -61.19
CA ASP B 91 -31.03 5.75 -60.90
C ASP B 91 -30.89 6.97 -61.80
N THR B 92 -31.70 7.10 -62.85
CA THR B 92 -31.62 8.29 -63.69
C THR B 92 -32.13 9.49 -62.91
N ALA B 93 -31.26 10.47 -62.70
CA ALA B 93 -31.58 11.61 -61.84
C ALA B 93 -30.53 12.69 -62.05
N VAL B 94 -30.80 13.87 -61.51
CA VAL B 94 -29.82 14.93 -61.45
C VAL B 94 -28.99 14.75 -60.19
N TYR B 95 -27.68 14.57 -60.34
CA TYR B 95 -26.79 14.29 -59.22
C TYR B 95 -26.00 15.54 -58.90
N TYR B 96 -26.10 16.00 -57.65
CA TYR B 96 -25.34 17.13 -57.15
C TYR B 96 -24.31 16.65 -56.14
N CYS B 97 -23.14 17.27 -56.17
CA CYS B 97 -22.17 17.20 -55.09
C CYS B 97 -22.31 18.46 -54.27
N VAL B 98 -22.43 18.31 -52.95
CA VAL B 98 -22.83 19.42 -52.09
C VAL B 98 -21.96 19.42 -50.84
N ARG B 99 -21.60 20.62 -50.39
CA ARG B 99 -20.92 20.80 -49.12
C ARG B 99 -21.92 20.80 -47.99
N LEU B 100 -21.67 19.99 -46.97
CA LEU B 100 -22.55 19.86 -45.81
C LEU B 100 -21.84 20.43 -44.59
N ASP B 101 -22.46 21.40 -43.94
CA ASP B 101 -21.93 21.98 -42.71
C ASP B 101 -22.49 21.21 -41.53
N ASN B 102 -21.61 20.57 -40.76
CA ASN B 102 -22.00 19.74 -39.62
C ASN B 102 -21.87 20.49 -38.30
N CYS B 103 -22.22 21.78 -38.29
CA CYS B 103 -22.11 22.69 -37.14
C CYS B 103 -20.70 23.17 -36.91
N SER B 104 -19.74 22.60 -37.64
CA SER B 104 -18.34 22.94 -37.38
C SER B 104 -17.98 24.33 -37.90
N ALA B 105 -18.74 24.83 -38.88
CA ALA B 105 -18.47 26.13 -39.49
C ALA B 105 -19.70 27.03 -39.45
N GLY B 106 -20.37 27.10 -38.31
CA GLY B 106 -21.56 27.93 -38.23
C GLY B 106 -22.84 27.15 -38.39
N TYR B 107 -23.38 27.14 -39.61
CA TYR B 107 -24.67 26.52 -39.87
C TYR B 107 -24.66 25.06 -39.44
N CYS B 108 -25.77 24.61 -38.86
CA CYS B 108 -25.87 23.27 -38.31
C CYS B 108 -26.66 22.39 -39.27
N HIS B 109 -25.99 21.37 -39.81
CA HIS B 109 -26.62 20.34 -40.65
C HIS B 109 -27.34 20.94 -41.84
N ALA B 110 -26.73 21.93 -42.49
CA ALA B 110 -27.30 22.58 -43.66
C ALA B 110 -26.44 22.31 -44.89
N PHE B 111 -27.09 21.92 -45.98
CA PHE B 111 -26.42 21.76 -47.28
C PHE B 111 -26.40 23.12 -47.96
N ASP B 112 -25.29 23.84 -47.83
CA ASP B 112 -25.26 25.24 -48.24
C ASP B 112 -24.79 25.42 -49.69
N ILE B 113 -23.62 24.91 -50.03
CA ILE B 113 -23.03 25.11 -51.35
C ILE B 113 -23.30 23.87 -52.20
N TRP B 114 -24.01 24.06 -53.31
CA TRP B 114 -24.43 22.97 -54.17
C TRP B 114 -23.65 22.98 -55.48
N GLY B 115 -23.46 21.80 -56.04
CA GLY B 115 -22.88 21.69 -57.37
C GLY B 115 -23.90 21.97 -58.46
N GLN B 116 -23.40 22.04 -59.69
CA GLN B 116 -24.28 22.36 -60.81
C GLN B 116 -25.26 21.23 -61.10
N GLY B 117 -24.84 19.98 -60.89
CA GLY B 117 -25.71 18.85 -61.17
C GLY B 117 -25.44 18.22 -62.52
N THR B 118 -25.43 16.88 -62.56
CA THR B 118 -25.21 16.14 -63.79
C THR B 118 -26.38 15.17 -63.98
N MET B 119 -26.95 15.15 -65.17
CA MET B 119 -28.09 14.28 -65.47
C MET B 119 -27.56 12.90 -65.83
N VAL B 120 -27.78 11.93 -64.95
CA VAL B 120 -27.40 10.54 -65.18
C VAL B 120 -28.63 9.82 -65.71
N THR B 121 -28.54 9.31 -66.93
CA THR B 121 -29.62 8.61 -67.60
C THR B 121 -29.31 7.12 -67.65
N VAL B 122 -30.34 6.30 -67.46
CA VAL B 122 -30.21 4.85 -67.45
C VAL B 122 -30.99 4.29 -68.63
N SER B 123 -30.31 3.58 -69.52
CA SER B 123 -30.95 2.97 -70.68
C SER B 123 -30.04 1.87 -71.21
N SER B 124 -30.64 0.97 -71.97
CA SER B 124 -29.90 -0.14 -72.59
C SER B 124 -29.11 0.36 -73.80
N SER C 2 -36.76 6.51 -45.45
CA SER C 2 -38.03 7.17 -45.24
C SER C 2 -38.05 8.55 -45.89
N VAL C 3 -39.25 9.13 -46.00
CA VAL C 3 -39.42 10.46 -46.58
C VAL C 3 -40.27 11.29 -45.63
N LEU C 4 -40.21 12.60 -45.80
CA LEU C 4 -41.01 13.54 -45.03
C LEU C 4 -42.18 13.98 -45.89
N THR C 5 -43.40 13.74 -45.41
CA THR C 5 -44.59 14.01 -46.20
C THR C 5 -44.76 15.51 -46.39
N GLN C 6 -44.75 15.93 -47.66
CA GLN C 6 -44.88 17.34 -48.03
C GLN C 6 -45.99 17.46 -49.06
N PRO C 7 -46.79 18.53 -48.98
CA PRO C 7 -47.86 18.70 -49.98
C PRO C 7 -47.30 18.80 -51.38
N ALA C 8 -48.05 18.26 -52.35
CA ALA C 8 -47.58 18.22 -53.72
C ALA C 8 -47.41 19.62 -54.29
N SER C 9 -48.34 20.52 -54.00
CA SER C 9 -48.25 21.89 -54.49
C SER C 9 -49.14 22.79 -53.65
N VAL C 10 -48.72 24.04 -53.51
CA VAL C 10 -49.49 25.06 -52.80
C VAL C 10 -49.50 26.31 -53.68
N SER C 11 -50.48 27.18 -53.43
CA SER C 11 -50.68 28.36 -54.24
C SER C 11 -51.08 29.54 -53.36
N GLY C 12 -50.87 30.74 -53.87
CA GLY C 12 -51.21 31.95 -53.14
C GLY C 12 -51.18 33.15 -54.07
N SER C 13 -51.74 34.26 -53.57
CA SER C 13 -51.80 35.52 -54.31
C SER C 13 -50.74 36.50 -53.77
N PRO C 14 -50.32 37.48 -54.58
CA PRO C 14 -49.32 38.44 -54.07
C PRO C 14 -49.80 39.15 -52.81
N GLY C 15 -48.86 39.34 -51.88
CA GLY C 15 -49.13 40.02 -50.64
C GLY C 15 -49.66 39.17 -49.51
N GLN C 16 -49.88 37.87 -49.75
CA GLN C 16 -50.42 36.96 -48.75
C GLN C 16 -49.40 35.89 -48.40
N SER C 17 -49.45 35.41 -47.16
CA SER C 17 -48.52 34.40 -46.67
C SER C 17 -49.08 33.01 -46.90
N ILE C 18 -48.19 32.08 -47.24
CA ILE C 18 -48.54 30.67 -47.42
C ILE C 18 -47.72 29.85 -46.45
N THR C 19 -48.32 28.77 -45.94
CA THR C 19 -47.65 27.86 -45.02
C THR C 19 -47.50 26.50 -45.70
N ILE C 20 -46.25 26.08 -45.89
CA ILE C 20 -45.94 24.75 -46.40
C ILE C 20 -45.57 23.86 -45.24
N SER C 21 -46.20 22.70 -45.16
CA SER C 21 -45.94 21.76 -44.07
C SER C 21 -44.99 20.66 -44.53
N CYS C 22 -44.37 20.00 -43.56
CA CYS C 22 -43.45 18.90 -43.83
C CYS C 22 -43.50 17.98 -42.61
N THR C 23 -44.16 16.84 -42.75
CA THR C 23 -44.38 15.94 -41.63
C THR C 23 -43.46 14.73 -41.75
N GLY C 24 -42.72 14.45 -40.68
CA GLY C 24 -41.89 13.26 -40.61
C GLY C 24 -42.31 12.36 -39.48
N THR C 25 -41.41 11.51 -39.02
CA THR C 25 -41.67 10.64 -37.89
C THR C 25 -41.26 11.36 -36.60
N SER C 26 -41.23 10.62 -35.49
CA SER C 26 -40.77 11.15 -34.22
C SER C 26 -39.26 11.03 -34.04
N SER C 27 -38.56 10.48 -35.02
CA SER C 27 -37.12 10.26 -34.93
C SER C 27 -36.30 11.18 -35.83
N ASP C 28 -36.93 11.91 -36.75
CA ASP C 28 -36.22 12.86 -37.59
C ASP C 28 -36.64 14.30 -37.35
N VAL C 29 -37.92 14.62 -37.50
CA VAL C 29 -38.38 16.00 -37.32
C VAL C 29 -38.69 16.30 -35.87
N GLY C 30 -39.29 15.35 -35.16
CA GLY C 30 -39.62 15.51 -33.76
C GLY C 30 -38.51 15.15 -32.80
N SER C 31 -37.31 14.86 -33.31
CA SER C 31 -36.19 14.45 -32.47
C SER C 31 -35.09 15.49 -32.36
N TYR C 32 -35.02 16.45 -33.29
CA TYR C 32 -33.94 17.42 -33.30
C TYR C 32 -34.46 18.77 -33.76
N ASN C 33 -33.71 19.82 -33.41
CA ASN C 33 -33.93 21.15 -33.96
C ASN C 33 -33.04 21.37 -35.19
N LEU C 34 -33.13 20.47 -36.15
CA LEU C 34 -32.23 20.43 -37.30
C LEU C 34 -33.02 20.30 -38.60
N VAL C 35 -34.01 21.16 -38.77
CA VAL C 35 -34.81 21.18 -39.99
C VAL C 35 -34.29 22.27 -40.92
N SER C 36 -34.09 21.92 -42.19
CA SER C 36 -33.59 22.84 -43.21
C SER C 36 -34.61 22.94 -44.34
N TRP C 37 -34.62 24.09 -45.00
CA TRP C 37 -35.52 24.35 -46.12
C TRP C 37 -34.71 24.78 -47.34
N TYR C 38 -35.09 24.28 -48.51
CA TYR C 38 -34.36 24.54 -49.74
C TYR C 38 -35.33 24.97 -50.84
N GLN C 39 -34.88 25.92 -51.65
CA GLN C 39 -35.65 26.48 -52.75
C GLN C 39 -34.96 26.17 -54.07
N GLN C 40 -35.73 25.69 -55.04
CA GLN C 40 -35.22 25.24 -56.33
C GLN C 40 -35.94 26.01 -57.44
N HIS C 41 -35.28 27.02 -58.01
CA HIS C 41 -35.73 27.67 -59.24
C HIS C 41 -35.38 26.79 -60.43
N PRO C 42 -36.12 26.88 -61.55
CA PRO C 42 -35.88 25.92 -62.61
C PRO C 42 -34.60 26.20 -63.39
N GLY C 43 -33.87 25.13 -63.69
CA GLY C 43 -32.59 25.32 -64.33
C GLY C 43 -31.48 25.76 -63.42
N LYS C 44 -31.62 25.55 -62.11
CA LYS C 44 -30.62 25.95 -61.14
C LYS C 44 -30.49 24.87 -60.07
N ALA C 45 -29.52 25.06 -59.17
CA ALA C 45 -29.28 24.17 -58.05
C ALA C 45 -30.08 24.62 -56.83
N PRO C 46 -30.47 23.69 -55.96
CA PRO C 46 -31.20 24.09 -54.75
C PRO C 46 -30.37 25.03 -53.89
N LYS C 47 -31.06 25.97 -53.24
CA LYS C 47 -30.43 26.97 -52.39
C LYS C 47 -31.02 26.87 -50.99
N VAL C 48 -30.16 26.88 -49.97
CA VAL C 48 -30.64 26.79 -48.60
C VAL C 48 -31.24 28.13 -48.20
N MET C 49 -32.46 28.09 -47.66
CA MET C 49 -33.18 29.27 -47.22
C MET C 49 -33.41 29.32 -45.72
N ILE C 50 -33.47 28.17 -45.07
CA ILE C 50 -33.67 28.08 -43.62
C ILE C 50 -32.83 26.90 -43.12
N TYR C 51 -32.20 27.09 -41.97
CA TYR C 51 -31.49 26.01 -41.30
C TYR C 51 -31.79 26.10 -39.80
N GLU C 52 -31.66 24.96 -39.12
CA GLU C 52 -31.93 24.85 -37.69
C GLU C 52 -33.35 25.35 -37.37
N VAL C 53 -34.31 24.87 -38.17
CA VAL C 53 -35.73 25.11 -37.98
C VAL C 53 -36.11 26.54 -38.36
N SER C 54 -35.49 27.54 -37.72
CA SER C 54 -35.94 28.91 -37.88
C SER C 54 -34.79 29.91 -37.96
N LYS C 55 -33.65 29.52 -38.52
CA LYS C 55 -32.52 30.43 -38.68
C LYS C 55 -32.30 30.73 -40.15
N TRP C 56 -31.84 31.95 -40.43
CA TRP C 56 -31.66 32.41 -41.81
C TRP C 56 -30.19 32.42 -42.18
N PRO C 57 -29.82 31.77 -43.28
CA PRO C 57 -28.46 31.94 -43.80
C PRO C 57 -28.22 33.40 -44.17
N SER C 58 -26.97 33.83 -44.05
CA SER C 58 -26.61 35.21 -44.39
C SER C 58 -26.98 35.50 -45.84
N GLY C 59 -27.67 36.62 -46.06
CA GLY C 59 -28.17 36.95 -47.38
C GLY C 59 -29.49 36.33 -47.74
N VAL C 60 -30.31 35.94 -46.76
CA VAL C 60 -31.64 35.39 -47.00
C VAL C 60 -32.66 36.34 -46.42
N SER C 61 -33.69 36.65 -47.20
CA SER C 61 -34.72 37.58 -46.78
C SER C 61 -35.49 37.04 -45.58
N ASN C 62 -35.91 37.94 -44.70
CA ASN C 62 -36.60 37.58 -43.48
C ASN C 62 -38.05 37.14 -43.70
N ARG C 63 -38.58 37.30 -44.92
CA ARG C 63 -39.95 36.89 -45.20
C ARG C 63 -40.15 35.38 -45.15
N PHE C 64 -39.06 34.60 -45.20
CA PHE C 64 -39.13 33.15 -45.13
C PHE C 64 -38.93 32.75 -43.67
N SER C 65 -40.02 32.44 -42.98
CA SER C 65 -39.97 32.07 -41.58
C SER C 65 -40.10 30.56 -41.43
N GLY C 66 -39.43 30.01 -40.42
CA GLY C 66 -39.47 28.60 -40.14
C GLY C 66 -40.05 28.33 -38.76
N SER C 67 -40.73 27.20 -38.62
CA SER C 67 -41.29 26.82 -37.33
C SER C 67 -41.39 25.30 -37.26
N LYS C 68 -41.50 24.79 -36.04
CA LYS C 68 -41.68 23.36 -35.83
C LYS C 68 -42.68 23.15 -34.71
N SER C 69 -43.60 22.22 -34.91
CA SER C 69 -44.56 21.81 -33.90
C SER C 69 -44.66 20.29 -33.93
N GLY C 70 -44.32 19.66 -32.81
CA GLY C 70 -44.41 18.21 -32.73
C GLY C 70 -43.52 17.55 -33.74
N ASN C 71 -44.12 16.75 -34.63
CA ASN C 71 -43.41 16.02 -35.66
C ASN C 71 -43.55 16.70 -37.03
N THR C 72 -43.97 17.96 -37.07
CA THR C 72 -44.20 18.68 -38.32
C THR C 72 -43.39 19.97 -38.31
N ALA C 73 -42.79 20.28 -39.46
CA ALA C 73 -42.14 21.57 -39.68
C ALA C 73 -42.98 22.39 -40.66
N SER C 74 -42.77 23.70 -40.63
CA SER C 74 -43.57 24.60 -41.46
C SER C 74 -42.71 25.76 -41.93
N LEU C 75 -42.88 26.12 -43.20
CA LEU C 75 -42.24 27.28 -43.80
C LEU C 75 -43.32 28.27 -44.19
N THR C 76 -43.19 29.50 -43.71
CA THR C 76 -44.16 30.56 -43.94
C THR C 76 -43.54 31.61 -44.86
N ILE C 77 -44.25 31.93 -45.93
CA ILE C 77 -43.83 32.94 -46.90
C ILE C 77 -44.83 34.09 -46.83
N SER C 78 -44.39 35.21 -46.26
CA SER C 78 -45.22 36.41 -46.16
C SER C 78 -44.79 37.41 -47.22
N GLY C 79 -45.75 38.19 -47.72
CA GLY C 79 -45.49 39.10 -48.81
C GLY C 79 -45.11 38.37 -50.08
N LEU C 80 -45.89 37.34 -50.40
CA LEU C 80 -45.61 36.50 -51.56
C LEU C 80 -45.52 37.31 -52.85
N GLN C 81 -44.60 36.92 -53.71
CA GLN C 81 -44.36 37.62 -54.97
C GLN C 81 -43.95 36.59 -56.02
N ALA C 82 -43.82 37.07 -57.26
CA ALA C 82 -43.41 36.19 -58.36
C ALA C 82 -41.99 35.69 -58.19
N GLU C 83 -41.17 36.37 -57.39
CA GLU C 83 -39.81 35.89 -57.11
C GLU C 83 -39.84 34.56 -56.38
N ASP C 84 -40.84 34.35 -55.53
CA ASP C 84 -40.96 33.11 -54.76
C ASP C 84 -41.76 32.07 -55.54
N GLU C 85 -41.26 31.76 -56.74
CA GLU C 85 -41.85 30.77 -57.64
C GLU C 85 -40.82 29.67 -57.87
N ALA C 86 -40.83 28.66 -57.01
CA ALA C 86 -39.82 27.62 -57.04
C ALA C 86 -40.39 26.35 -56.43
N ASP C 87 -39.53 25.35 -56.26
CA ASP C 87 -39.88 24.09 -55.59
C ASP C 87 -39.23 24.08 -54.21
N TYR C 88 -40.02 23.83 -53.18
CA TYR C 88 -39.55 23.93 -51.81
C TYR C 88 -39.45 22.55 -51.18
N TYR C 89 -38.26 22.22 -50.70
CA TYR C 89 -37.96 20.93 -50.10
C TYR C 89 -37.62 21.12 -48.63
N CYS C 90 -37.98 20.13 -47.81
CA CYS C 90 -37.63 20.11 -46.41
C CYS C 90 -36.65 18.98 -46.15
N CYS C 91 -35.67 19.23 -45.29
CA CYS C 91 -34.66 18.24 -44.92
C CYS C 91 -34.58 18.16 -43.41
N SER C 92 -34.35 16.96 -42.91
CA SER C 92 -34.20 16.75 -41.47
C SER C 92 -33.07 15.77 -41.20
N TYR C 93 -32.29 16.06 -40.17
CA TYR C 93 -31.32 15.10 -39.66
C TYR C 93 -32.07 13.94 -39.02
N ALA C 94 -31.79 12.72 -39.46
CA ALA C 94 -32.50 11.54 -38.99
C ALA C 94 -31.72 10.74 -37.96
N GLY C 95 -30.59 11.24 -37.49
CA GLY C 95 -29.76 10.53 -36.55
C GLY C 95 -28.73 9.67 -37.24
N SER C 96 -27.68 9.33 -36.47
CA SER C 96 -26.57 8.52 -36.95
C SER C 96 -25.96 9.09 -38.22
N GLY C 97 -25.90 10.41 -38.33
CA GLY C 97 -25.26 11.05 -39.46
C GLY C 97 -26.00 10.93 -40.77
N THR C 98 -27.29 10.65 -40.75
CA THR C 98 -28.07 10.51 -41.98
C THR C 98 -29.12 11.60 -42.07
N TYR C 99 -29.64 11.78 -43.28
CA TYR C 99 -30.59 12.85 -43.55
C TYR C 99 -31.74 12.32 -44.37
N VAL C 100 -32.92 12.92 -44.17
CA VAL C 100 -34.12 12.57 -44.92
C VAL C 100 -34.70 13.84 -45.52
N PHE C 101 -35.02 13.80 -46.80
CA PHE C 101 -35.56 14.94 -47.53
C PHE C 101 -37.05 14.77 -47.77
N GLY C 102 -37.73 15.89 -47.99
CA GLY C 102 -39.15 15.87 -48.25
C GLY C 102 -39.46 15.59 -49.71
N THR C 103 -40.76 15.45 -49.99
CA THR C 103 -41.19 15.16 -51.36
C THR C 103 -41.15 16.40 -52.25
N GLY C 104 -41.32 17.58 -51.68
CA GLY C 104 -41.23 18.80 -52.45
C GLY C 104 -42.60 19.42 -52.70
N THR C 105 -42.67 20.74 -52.60
CA THR C 105 -43.89 21.50 -52.82
C THR C 105 -43.69 22.46 -53.99
N LYS C 106 -44.62 22.47 -54.93
CA LYS C 106 -44.60 23.40 -56.05
C LYS C 106 -45.42 24.63 -55.66
N VAL C 107 -44.74 25.74 -55.44
CA VAL C 107 -45.41 27.00 -55.13
C VAL C 107 -45.74 27.73 -56.43
N THR C 108 -47.00 28.12 -56.60
CA THR C 108 -47.45 28.84 -57.78
C THR C 108 -48.04 30.18 -57.35
N VAL C 109 -47.73 31.23 -58.12
CA VAL C 109 -48.20 32.59 -57.86
C VAL C 109 -49.23 32.95 -58.91
N LEU C 110 -50.41 33.37 -58.46
CA LEU C 110 -51.51 33.70 -59.36
C LEU C 110 -51.33 35.09 -59.97
N GLN D 1 -51.38 -14.82 33.95
CA GLN D 1 -51.21 -15.63 35.17
C GLN D 1 -50.20 -16.74 34.94
N VAL D 2 -49.03 -16.60 35.56
CA VAL D 2 -47.95 -17.57 35.43
C VAL D 2 -48.01 -18.53 36.61
N GLN D 3 -47.97 -19.82 36.33
CA GLN D 3 -48.08 -20.86 37.36
C GLN D 3 -46.96 -21.86 37.19
N LEU D 4 -46.40 -22.31 38.31
CA LEU D 4 -45.35 -23.32 38.32
C LEU D 4 -45.82 -24.49 39.18
N VAL D 5 -45.77 -25.69 38.62
CA VAL D 5 -46.28 -26.88 39.29
C VAL D 5 -45.17 -27.94 39.32
N GLN D 6 -44.96 -28.54 40.49
CA GLN D 6 -43.94 -29.56 40.67
C GLN D 6 -44.57 -30.93 40.77
N SER D 7 -43.89 -31.93 40.21
CA SER D 7 -44.40 -33.29 40.19
C SER D 7 -43.30 -34.34 40.45
N GLY D 8 -42.30 -34.05 41.29
CA GLY D 8 -41.17 -34.99 41.44
C GLY D 8 -41.33 -36.00 42.56
N PRO D 9 -40.67 -37.19 42.55
CA PRO D 9 -40.89 -38.13 43.77
C PRO D 9 -40.41 -37.46 45.03
N GLY D 10 -41.18 -37.53 46.13
CA GLY D 10 -40.71 -37.01 47.41
C GLY D 10 -40.15 -38.00 48.42
N LEU D 11 -39.89 -39.24 48.01
CA LEU D 11 -39.31 -40.26 48.88
C LEU D 11 -38.09 -40.84 48.17
N VAL D 12 -36.90 -40.48 48.64
CA VAL D 12 -35.65 -40.94 48.04
C VAL D 12 -34.71 -41.38 49.15
N LYS D 13 -34.21 -42.60 49.05
CA LYS D 13 -33.28 -43.14 50.03
C LYS D 13 -31.87 -42.63 49.76
N PRO D 14 -30.99 -42.70 50.76
CA PRO D 14 -29.63 -42.17 50.57
C PRO D 14 -28.89 -42.89 49.46
N SER D 15 -27.96 -42.16 48.84
CA SER D 15 -27.14 -42.64 47.72
C SER D 15 -27.98 -42.92 46.47
N GLN D 16 -29.03 -42.12 46.27
CA GLN D 16 -29.83 -42.15 45.06
C GLN D 16 -29.80 -40.77 44.41
N THR D 17 -30.66 -40.57 43.41
CA THR D 17 -30.77 -39.32 42.70
C THR D 17 -32.22 -38.83 42.71
N LEU D 18 -32.40 -37.52 42.87
CA LEU D 18 -33.73 -36.94 42.73
C LEU D 18 -34.07 -36.79 41.26
N SER D 19 -35.37 -36.69 40.99
CA SER D 19 -35.88 -36.53 39.63
C SER D 19 -36.97 -35.47 39.59
N LEU D 20 -36.73 -34.34 40.25
CA LEU D 20 -37.76 -33.32 40.37
C LEU D 20 -38.00 -32.64 39.03
N THR D 21 -39.25 -32.28 38.77
CA THR D 21 -39.63 -31.61 37.53
C THR D 21 -40.63 -30.52 37.86
N CYS D 22 -40.57 -29.41 37.12
CA CYS D 22 -41.48 -28.29 37.32
C CYS D 22 -41.94 -27.79 35.96
N SER D 23 -43.26 -27.86 35.73
CA SER D 23 -43.86 -27.35 34.52
C SER D 23 -44.42 -25.96 34.76
N VAL D 24 -44.42 -25.16 33.69
CA VAL D 24 -44.78 -23.75 33.75
C VAL D 24 -45.92 -23.48 32.79
N SER D 25 -46.96 -22.82 33.26
CA SER D 25 -48.12 -22.46 32.46
C SER D 25 -48.29 -20.94 32.47
N GLY D 26 -48.80 -20.40 31.38
CA GLY D 26 -49.00 -18.98 31.23
C GLY D 26 -47.82 -18.22 30.69
N ASP D 27 -46.67 -18.87 30.53
CA ASP D 27 -45.48 -18.24 29.98
C ASP D 27 -44.71 -19.28 29.19
N SER D 28 -43.92 -18.80 28.24
CA SER D 28 -43.06 -19.67 27.42
C SER D 28 -41.64 -19.55 27.95
N ILE D 29 -41.10 -20.68 28.42
CA ILE D 29 -39.72 -20.73 28.90
C ILE D 29 -38.78 -20.52 27.72
N SER D 30 -39.29 -20.75 26.50
CA SER D 30 -38.51 -20.60 25.29
C SER D 30 -38.31 -19.14 24.90
N SER D 31 -38.95 -18.20 25.60
CA SER D 31 -38.78 -16.79 25.30
C SER D 31 -37.41 -16.26 25.76
N GLY D 32 -36.77 -16.94 26.71
CA GLY D 32 -35.45 -16.56 27.16
C GLY D 32 -35.39 -15.35 28.06
N THR D 33 -36.53 -14.80 28.48
CA THR D 33 -36.53 -13.57 29.27
C THR D 33 -36.11 -13.83 30.71
N TYR D 34 -36.50 -14.97 31.28
CA TYR D 34 -36.26 -15.26 32.67
C TYR D 34 -35.28 -16.41 32.82
N TYR D 35 -34.75 -16.56 34.02
CA TYR D 35 -34.06 -17.76 34.44
C TYR D 35 -35.02 -18.59 35.29
N TRP D 36 -34.73 -19.88 35.42
CA TRP D 36 -35.61 -20.79 36.14
C TRP D 36 -34.78 -21.57 37.13
N SER D 37 -35.02 -21.39 38.42
CA SER D 37 -34.12 -21.82 39.45
C SER D 37 -34.81 -22.77 40.43
N TRP D 38 -33.99 -23.53 41.14
CA TRP D 38 -34.44 -24.44 42.18
C TRP D 38 -33.89 -23.99 43.51
N ILE D 39 -34.77 -23.83 44.50
CA ILE D 39 -34.39 -23.35 45.82
C ILE D 39 -34.91 -24.32 46.87
N ARG D 40 -34.06 -24.66 47.84
CA ARG D 40 -34.45 -25.60 48.89
C ARG D 40 -34.47 -24.90 50.25
N LEU D 41 -35.44 -25.30 51.06
CA LEU D 41 -35.61 -24.80 52.42
C LEU D 41 -35.55 -25.99 53.36
N PRO D 42 -34.39 -26.25 53.97
CA PRO D 42 -34.33 -27.28 55.01
C PRO D 42 -35.00 -26.80 56.29
N ALA D 43 -35.43 -27.75 57.10
CA ALA D 43 -36.04 -27.42 58.38
C ALA D 43 -35.00 -26.86 59.34
N GLY D 44 -35.34 -25.75 59.99
CA GLY D 44 -34.41 -25.07 60.88
C GLY D 44 -33.50 -24.07 60.21
N GLN D 45 -32.91 -24.47 59.08
CA GLN D 45 -32.06 -23.57 58.31
C GLN D 45 -32.92 -22.67 57.41
N GLY D 46 -32.28 -21.67 56.83
CA GLY D 46 -32.95 -20.75 55.93
C GLY D 46 -32.95 -21.23 54.49
N LEU D 47 -33.34 -20.33 53.60
CA LEU D 47 -33.40 -20.65 52.18
C LEU D 47 -32.00 -20.89 51.62
N GLU D 48 -31.93 -21.73 50.59
CA GLU D 48 -30.67 -22.01 49.91
C GLU D 48 -30.93 -22.10 48.42
N TRP D 49 -30.09 -21.42 47.63
CA TRP D 49 -30.21 -21.42 46.18
C TRP D 49 -29.35 -22.54 45.61
N ILE D 50 -29.96 -23.42 44.82
CA ILE D 50 -29.25 -24.56 44.25
C ILE D 50 -28.67 -24.23 42.89
N GLY D 51 -29.48 -23.65 42.01
CA GLY D 51 -29.01 -23.33 40.68
C GLY D 51 -30.15 -22.82 39.82
N ARG D 52 -29.79 -22.48 38.59
CA ARG D 52 -30.72 -21.93 37.62
C ARG D 52 -30.35 -22.41 36.23
N VAL D 53 -31.36 -22.41 35.35
CA VAL D 53 -31.22 -22.77 33.95
C VAL D 53 -31.85 -21.68 33.10
N HIS D 54 -31.41 -21.60 31.86
CA HIS D 54 -31.93 -20.67 30.87
C HIS D 54 -32.34 -21.44 29.63
N SER D 55 -33.23 -20.84 28.83
CA SER D 55 -33.80 -21.51 27.67
C SER D 55 -32.72 -22.02 26.72
N SER D 56 -31.65 -21.25 26.53
CA SER D 56 -30.56 -21.68 25.67
C SER D 56 -29.77 -22.84 26.24
N GLY D 57 -30.02 -23.22 27.50
CA GLY D 57 -29.33 -24.33 28.12
C GLY D 57 -28.23 -23.94 29.07
N SER D 58 -27.88 -22.66 29.14
CA SER D 58 -26.87 -22.20 30.09
C SER D 58 -27.39 -22.34 31.51
N THR D 59 -26.52 -22.80 32.41
CA THR D 59 -26.88 -23.04 33.80
C THR D 59 -25.89 -22.33 34.71
N SER D 60 -26.32 -22.13 35.95
CA SER D 60 -25.45 -21.58 36.99
C SER D 60 -25.79 -22.28 38.29
N TYR D 61 -24.81 -22.94 38.90
CA TYR D 61 -25.04 -23.78 40.06
C TYR D 61 -24.39 -23.20 41.31
N ASN D 62 -24.98 -23.50 42.45
CA ASN D 62 -24.38 -23.18 43.74
C ASN D 62 -23.03 -23.89 43.85
N PRO D 63 -21.93 -23.17 44.10
CA PRO D 63 -20.61 -23.82 44.09
C PRO D 63 -20.50 -25.00 45.03
N SER D 64 -21.15 -24.94 46.20
CA SER D 64 -21.07 -26.04 47.16
C SER D 64 -21.76 -27.30 46.60
N LEU D 65 -22.86 -27.12 45.89
CA LEU D 65 -23.65 -28.25 45.39
C LEU D 65 -23.40 -28.54 43.91
N LYS D 66 -22.39 -27.91 43.30
CA LYS D 66 -22.22 -28.04 41.86
C LYS D 66 -21.87 -29.46 41.43
N SER D 67 -21.10 -30.17 42.25
CA SER D 67 -20.59 -31.48 41.84
C SER D 67 -21.73 -32.49 41.60
N ARG D 68 -22.74 -32.48 42.45
CA ARG D 68 -23.79 -33.49 42.43
C ARG D 68 -25.14 -32.94 41.98
N VAL D 69 -25.14 -31.93 41.12
CA VAL D 69 -26.38 -31.30 40.70
C VAL D 69 -26.44 -31.22 39.18
N THR D 70 -27.66 -31.29 38.65
CA THR D 70 -27.88 -31.03 37.23
C THR D 70 -29.27 -30.45 37.04
N ILE D 71 -29.36 -29.34 36.32
CA ILE D 71 -30.63 -28.69 36.01
C ILE D 71 -30.76 -28.62 34.50
N SER D 72 -31.89 -29.11 33.99
CA SER D 72 -32.14 -29.17 32.56
C SER D 72 -33.47 -28.48 32.25
N VAL D 73 -33.71 -28.19 30.97
CA VAL D 73 -34.92 -27.52 30.54
C VAL D 73 -35.42 -28.16 29.25
N ASP D 74 -36.73 -28.39 29.17
CA ASP D 74 -37.41 -28.80 27.94
C ASP D 74 -38.37 -27.68 27.55
N THR D 75 -38.06 -26.98 26.46
CA THR D 75 -38.94 -25.95 25.95
C THR D 75 -40.16 -26.55 25.24
N SER D 76 -40.04 -27.77 24.72
CA SER D 76 -41.17 -28.42 24.08
C SER D 76 -42.32 -28.65 25.06
N LYS D 77 -42.00 -29.12 26.26
CA LYS D 77 -42.99 -29.33 27.30
C LYS D 77 -43.10 -28.16 28.27
N ASN D 78 -42.30 -27.11 28.07
CA ASN D 78 -42.32 -25.92 28.92
C ASN D 78 -42.10 -26.30 30.39
N ASN D 79 -40.98 -26.97 30.66
CA ASN D 79 -40.66 -27.35 32.03
C ASN D 79 -39.15 -27.36 32.22
N PHE D 80 -38.74 -27.39 33.48
CA PHE D 80 -37.34 -27.57 33.83
C PHE D 80 -37.23 -28.53 35.00
N SER D 81 -36.13 -29.27 35.02
CA SER D 81 -35.97 -30.40 35.93
C SER D 81 -34.68 -30.29 36.71
N LEU D 82 -34.72 -30.82 37.93
CA LEU D 82 -33.60 -30.87 38.85
C LEU D 82 -33.27 -32.31 39.18
N LYS D 83 -31.97 -32.64 39.17
CA LYS D 83 -31.46 -33.95 39.54
C LYS D 83 -30.33 -33.72 40.53
N LEU D 84 -30.60 -34.04 41.79
CA LEU D 84 -29.63 -33.94 42.88
C LEU D 84 -29.26 -35.36 43.34
N SER D 85 -28.00 -35.71 43.20
CA SER D 85 -27.52 -37.05 43.53
C SER D 85 -26.83 -37.04 44.90
N SER D 86 -26.33 -38.22 45.29
CA SER D 86 -25.71 -38.42 46.60
C SER D 86 -26.64 -37.96 47.72
N VAL D 87 -27.91 -38.35 47.62
CA VAL D 87 -28.92 -37.92 48.58
C VAL D 87 -28.51 -38.33 49.98
N THR D 88 -28.72 -37.43 50.94
CA THR D 88 -28.28 -37.61 52.31
C THR D 88 -29.24 -36.82 53.19
N ALA D 89 -29.25 -37.14 54.50
CA ALA D 89 -30.15 -36.49 55.44
C ALA D 89 -30.07 -34.96 55.39
N ALA D 90 -29.05 -34.40 54.76
CA ALA D 90 -29.00 -32.96 54.55
C ALA D 90 -29.96 -32.52 53.43
N ASP D 91 -30.41 -33.44 52.58
CA ASP D 91 -31.18 -33.07 51.41
C ASP D 91 -32.68 -33.04 51.64
N THR D 92 -33.16 -33.50 52.79
CA THR D 92 -34.59 -33.40 53.07
C THR D 92 -34.97 -31.94 53.29
N ALA D 93 -35.83 -31.42 52.42
CA ALA D 93 -36.17 -30.00 52.45
C ALA D 93 -37.39 -29.77 51.58
N VAL D 94 -37.95 -28.57 51.67
CA VAL D 94 -39.01 -28.14 50.78
C VAL D 94 -38.36 -27.52 49.55
N TYR D 95 -38.65 -28.08 48.37
CA TYR D 95 -38.02 -27.68 47.13
C TYR D 95 -39.01 -26.88 46.30
N TYR D 96 -38.64 -25.65 45.96
CA TYR D 96 -39.44 -24.78 45.10
C TYR D 96 -38.74 -24.62 43.76
N CYS D 97 -39.55 -24.57 42.70
CA CYS D 97 -39.11 -24.08 41.40
C CYS D 97 -39.61 -22.65 41.25
N VAL D 98 -38.71 -21.74 40.91
CA VAL D 98 -39.00 -20.32 40.99
C VAL D 98 -38.51 -19.62 39.73
N ARG D 99 -39.28 -18.65 39.26
CA ARG D 99 -38.87 -17.80 38.16
C ARG D 99 -37.98 -16.69 38.70
N LEU D 100 -36.83 -16.49 38.06
CA LEU D 100 -35.85 -15.49 38.45
C LEU D 100 -35.77 -14.44 37.35
N ASP D 101 -36.00 -13.18 37.73
CA ASP D 101 -35.91 -12.08 36.79
C ASP D 101 -34.50 -11.51 36.85
N ASN D 102 -33.78 -11.57 35.73
CA ASN D 102 -32.39 -11.13 35.65
C ASN D 102 -32.26 -9.73 35.06
N CYS D 103 -33.18 -8.83 35.42
CA CYS D 103 -33.26 -7.45 34.94
C CYS D 103 -33.85 -7.36 33.54
N SER D 104 -34.07 -8.50 32.90
CA SER D 104 -34.55 -8.48 31.52
C SER D 104 -36.02 -8.10 31.44
N ALA D 105 -36.79 -8.33 32.50
CA ALA D 105 -38.21 -8.06 32.52
C ALA D 105 -38.59 -7.14 33.68
N GLY D 106 -37.83 -6.06 33.88
CA GLY D 106 -38.13 -5.17 34.98
C GLY D 106 -37.29 -5.40 36.21
N TYR D 107 -37.82 -6.17 37.16
CA TYR D 107 -37.16 -6.40 38.43
C TYR D 107 -35.77 -6.99 38.21
N CYS D 108 -34.81 -6.53 39.02
CA CYS D 108 -33.42 -6.92 38.87
C CYS D 108 -33.08 -7.97 39.93
N HIS D 109 -32.77 -9.19 39.48
CA HIS D 109 -32.29 -10.27 40.34
C HIS D 109 -33.27 -10.59 41.46
N ALA D 110 -34.56 -10.65 41.14
CA ALA D 110 -35.60 -10.95 42.12
C ALA D 110 -36.29 -12.25 41.78
N PHE D 111 -36.46 -13.10 42.78
CA PHE D 111 -37.23 -14.35 42.64
C PHE D 111 -38.69 -14.02 42.91
N ASP D 112 -39.45 -13.75 41.85
CA ASP D 112 -40.79 -13.21 42.01
C ASP D 112 -41.86 -14.30 42.13
N ILE D 113 -41.94 -15.19 41.15
CA ILE D 113 -43.00 -16.19 41.10
C ILE D 113 -42.45 -17.52 41.60
N TRP D 114 -43.02 -18.03 42.69
CA TRP D 114 -42.53 -19.22 43.36
C TRP D 114 -43.47 -20.41 43.11
N GLY D 115 -42.89 -21.61 43.11
CA GLY D 115 -43.67 -22.82 43.02
C GLY D 115 -44.30 -23.19 44.35
N GLN D 116 -45.14 -24.23 44.31
CA GLN D 116 -45.84 -24.63 45.52
C GLN D 116 -44.91 -25.27 46.54
N GLY D 117 -43.86 -25.94 46.09
CA GLY D 117 -42.94 -26.59 47.00
C GLY D 117 -43.27 -28.04 47.23
N THR D 118 -42.25 -28.91 47.20
CA THR D 118 -42.42 -30.34 47.42
C THR D 118 -41.47 -30.78 48.53
N MET D 119 -41.99 -31.54 49.49
CA MET D 119 -41.19 -32.00 50.61
C MET D 119 -40.43 -33.25 50.20
N VAL D 120 -39.10 -33.12 50.06
CA VAL D 120 -38.24 -34.24 49.75
C VAL D 120 -37.66 -34.76 51.06
N THR D 121 -38.01 -35.99 51.41
CA THR D 121 -37.58 -36.62 52.64
C THR D 121 -36.51 -37.66 52.34
N VAL D 122 -35.50 -37.73 53.19
CA VAL D 122 -34.38 -38.66 53.02
C VAL D 122 -34.43 -39.65 54.18
N SER D 123 -34.51 -40.94 53.85
CA SER D 123 -34.53 -41.99 54.86
C SER D 123 -34.20 -43.32 54.20
N SER D 124 -33.73 -44.26 55.02
CA SER D 124 -33.39 -45.59 54.52
C SER D 124 -34.65 -46.39 54.20
N SER E 2 -21.59 -19.55 51.06
CA SER E 2 -21.68 -18.64 52.19
C SER E 2 -23.13 -18.29 52.51
N VAL E 3 -23.35 -17.69 53.67
CA VAL E 3 -24.67 -17.25 54.10
C VAL E 3 -24.58 -15.81 54.57
N LEU E 4 -25.74 -15.16 54.64
CA LEU E 4 -25.85 -13.79 55.12
C LEU E 4 -26.39 -13.82 56.54
N THR E 5 -25.60 -13.31 57.48
CA THR E 5 -25.95 -13.41 58.90
C THR E 5 -27.21 -12.59 59.18
N GLN E 6 -28.27 -13.28 59.60
CA GLN E 6 -29.55 -12.66 59.89
C GLN E 6 -29.95 -13.04 61.31
N PRO E 7 -30.55 -12.11 62.07
CA PRO E 7 -30.98 -12.44 63.43
C PRO E 7 -32.00 -13.58 63.43
N ALA E 8 -31.92 -14.41 64.48
CA ALA E 8 -32.78 -15.58 64.55
C ALA E 8 -34.25 -15.17 64.63
N SER E 9 -34.57 -14.15 65.43
CA SER E 9 -35.94 -13.69 65.56
C SER E 9 -35.95 -12.28 66.10
N VAL E 10 -36.96 -11.51 65.70
CA VAL E 10 -37.17 -10.15 66.18
C VAL E 10 -38.64 -10.02 66.56
N SER E 11 -38.92 -9.03 67.41
CA SER E 11 -40.26 -8.84 67.95
C SER E 11 -40.58 -7.34 68.02
N GLY E 12 -41.87 -7.05 68.07
CA GLY E 12 -42.33 -5.68 68.17
C GLY E 12 -43.79 -5.63 68.51
N SER E 13 -44.25 -4.44 68.86
CA SER E 13 -45.62 -4.16 69.21
C SER E 13 -46.34 -3.44 68.08
N PRO E 14 -47.67 -3.54 68.02
CA PRO E 14 -48.40 -2.87 66.93
C PRO E 14 -48.15 -1.37 66.91
N GLY E 15 -48.02 -0.82 65.71
CA GLY E 15 -47.79 0.59 65.51
C GLY E 15 -46.35 1.04 65.61
N GLN E 16 -45.41 0.12 65.82
CA GLN E 16 -44.00 0.47 65.94
C GLN E 16 -43.20 -0.22 64.83
N SER E 17 -42.11 0.42 64.41
CA SER E 17 -41.27 -0.08 63.34
C SER E 17 -40.17 -0.97 63.89
N ILE E 18 -39.84 -2.02 63.14
CA ILE E 18 -38.76 -2.94 63.48
C ILE E 18 -37.78 -2.98 62.33
N THR E 19 -36.48 -3.07 62.65
CA THR E 19 -35.42 -3.14 61.66
C THR E 19 -34.76 -4.52 61.73
N ILE E 20 -34.87 -5.28 60.66
CA ILE E 20 -34.19 -6.57 60.52
C ILE E 20 -32.92 -6.36 59.72
N SER E 21 -31.81 -6.84 60.26
CA SER E 21 -30.51 -6.70 59.60
C SER E 21 -30.15 -7.97 58.83
N CYS E 22 -29.23 -7.82 57.91
CA CYS E 22 -28.75 -8.95 57.10
C CYS E 22 -27.32 -8.60 56.66
N THR E 23 -26.34 -9.24 57.29
CA THR E 23 -24.94 -8.91 57.06
C THR E 23 -24.28 -10.00 56.21
N GLY E 24 -23.62 -9.58 55.13
CA GLY E 24 -22.86 -10.50 54.31
C GLY E 24 -21.39 -10.10 54.25
N THR E 25 -20.71 -10.52 53.20
CA THR E 25 -19.31 -10.16 53.00
C THR E 25 -19.25 -8.87 52.16
N SER E 26 -18.06 -8.52 51.69
CA SER E 26 -17.88 -7.38 50.82
C SER E 26 -18.06 -7.73 49.35
N SER E 27 -18.38 -8.98 49.04
CA SER E 27 -18.52 -9.43 47.67
C SER E 27 -19.95 -9.75 47.26
N ASP E 28 -20.89 -9.80 48.21
CA ASP E 28 -22.29 -10.04 47.89
C ASP E 28 -23.17 -8.85 48.24
N VAL E 29 -23.18 -8.41 49.50
CA VAL E 29 -24.04 -7.31 49.91
C VAL E 29 -23.38 -5.96 49.66
N GLY E 30 -22.08 -5.86 49.93
CA GLY E 30 -21.35 -4.63 49.73
C GLY E 30 -20.80 -4.45 48.34
N SER E 31 -21.14 -5.34 47.39
CA SER E 31 -20.63 -5.25 46.03
C SER E 31 -21.67 -4.84 45.01
N TYR E 32 -22.96 -4.97 45.31
CA TYR E 32 -24.02 -4.68 44.35
C TYR E 32 -25.21 -4.03 45.05
N ASN E 33 -26.00 -3.32 44.27
CA ASN E 33 -27.32 -2.85 44.70
C ASN E 33 -28.40 -3.85 44.32
N LEU E 34 -28.23 -5.10 44.75
CA LEU E 34 -29.08 -6.22 44.34
C LEU E 34 -29.51 -7.05 45.54
N VAL E 35 -30.02 -6.39 46.56
CA VAL E 35 -30.53 -7.07 47.75
C VAL E 35 -32.04 -7.23 47.64
N SER E 36 -32.53 -8.44 47.89
CA SER E 36 -33.95 -8.75 47.84
C SER E 36 -34.43 -9.25 49.19
N TRP E 37 -35.71 -9.03 49.47
CA TRP E 37 -36.31 -9.45 50.74
C TRP E 37 -37.54 -10.30 50.44
N TYR E 38 -37.71 -11.37 51.21
CA TYR E 38 -38.80 -12.32 51.00
C TYR E 38 -39.52 -12.61 52.32
N GLN E 39 -40.84 -12.69 52.23
CA GLN E 39 -41.71 -12.95 53.38
C GLN E 39 -42.40 -14.30 53.20
N GLN E 40 -42.39 -15.09 54.26
CA GLN E 40 -42.89 -16.47 54.23
C GLN E 40 -43.94 -16.62 55.33
N HIS E 41 -45.20 -16.62 54.92
CA HIS E 41 -46.29 -17.01 55.80
C HIS E 41 -46.36 -18.54 55.87
N PRO E 42 -46.84 -19.10 56.98
CA PRO E 42 -46.77 -20.55 57.15
C PRO E 42 -47.78 -21.27 56.27
N GLY E 43 -47.33 -22.38 55.68
CA GLY E 43 -48.15 -23.09 54.72
C GLY E 43 -48.23 -22.46 53.36
N LYS E 44 -47.27 -21.59 53.02
CA LYS E 44 -47.28 -20.88 51.75
C LYS E 44 -45.86 -20.81 51.21
N ALA E 45 -45.72 -20.27 50.00
CA ALA E 45 -44.44 -20.06 49.34
C ALA E 45 -43.91 -18.65 49.63
N PRO E 46 -42.59 -18.47 49.63
CA PRO E 46 -42.03 -17.14 49.88
C PRO E 46 -42.50 -16.16 48.82
N LYS E 47 -42.70 -14.91 49.24
CA LYS E 47 -43.16 -13.83 48.38
C LYS E 47 -42.15 -12.70 48.42
N VAL E 48 -41.80 -12.17 47.25
CA VAL E 48 -40.85 -11.08 47.19
C VAL E 48 -41.51 -9.79 47.64
N MET E 49 -40.87 -9.10 48.58
CA MET E 49 -41.38 -7.85 49.15
C MET E 49 -40.52 -6.66 48.80
N ILE E 50 -39.22 -6.86 48.57
CA ILE E 50 -38.29 -5.80 48.22
C ILE E 50 -37.29 -6.38 47.23
N TYR E 51 -36.96 -5.60 46.20
CA TYR E 51 -35.90 -5.95 45.27
C TYR E 51 -35.04 -4.72 45.01
N GLU E 52 -33.79 -4.95 44.60
CA GLU E 52 -32.84 -3.88 44.34
C GLU E 52 -32.69 -2.96 45.55
N VAL E 53 -32.49 -3.57 46.71
CA VAL E 53 -32.22 -2.90 47.98
C VAL E 53 -33.46 -2.21 48.52
N SER E 54 -34.05 -1.29 47.74
CA SER E 54 -35.12 -0.46 48.27
C SER E 54 -36.24 -0.21 47.27
N LYS E 55 -36.54 -1.17 46.39
CA LYS E 55 -37.63 -1.02 45.43
C LYS E 55 -38.77 -1.97 45.78
N TRP E 56 -39.99 -1.53 45.51
CA TRP E 56 -41.19 -2.29 45.86
C TRP E 56 -41.77 -2.96 44.63
N PRO E 57 -41.96 -4.27 44.65
CA PRO E 57 -42.73 -4.92 43.57
C PRO E 57 -44.14 -4.37 43.53
N SER E 58 -44.72 -4.35 42.33
CA SER E 58 -46.09 -3.87 42.17
C SER E 58 -47.04 -4.68 43.06
N GLY E 59 -47.87 -3.96 43.81
CA GLY E 59 -48.77 -4.61 44.75
C GLY E 59 -48.15 -4.90 46.11
N VAL E 60 -47.09 -4.20 46.48
CA VAL E 60 -46.46 -4.35 47.79
C VAL E 60 -46.64 -3.05 48.56
N SER E 61 -47.07 -3.16 49.81
CA SER E 61 -47.31 -2.00 50.65
C SER E 61 -46.01 -1.24 50.92
N ASN E 62 -46.12 0.08 50.97
CA ASN E 62 -44.96 0.95 51.15
C ASN E 62 -44.37 0.90 52.56
N ARG E 63 -45.05 0.27 53.50
CA ARG E 63 -44.55 0.19 54.87
C ARG E 63 -43.30 -0.66 55.00
N PHE E 64 -42.97 -1.46 53.99
CA PHE E 64 -41.76 -2.28 53.98
C PHE E 64 -40.67 -1.50 53.25
N SER E 65 -39.76 -0.91 54.01
CA SER E 65 -38.68 -0.12 53.43
C SER E 65 -37.37 -0.91 53.45
N GLY E 66 -36.55 -0.70 52.43
CA GLY E 66 -35.26 -1.35 52.34
C GLY E 66 -34.13 -0.33 52.37
N SER E 67 -33.00 -0.74 52.92
CA SER E 67 -31.83 0.13 52.96
C SER E 67 -30.57 -0.73 52.99
N LYS E 68 -29.46 -0.11 52.62
CA LYS E 68 -28.17 -0.78 52.66
C LYS E 68 -27.12 0.19 53.15
N SER E 69 -26.28 -0.27 54.07
CA SER E 69 -25.13 0.50 54.55
C SER E 69 -23.93 -0.45 54.61
N GLY E 70 -22.88 -0.10 53.89
CA GLY E 70 -21.68 -0.92 53.90
C GLY E 70 -21.96 -2.33 53.42
N ASN E 71 -21.69 -3.32 54.27
CA ASN E 71 -21.90 -4.72 53.96
C ASN E 71 -23.17 -5.26 54.60
N THR E 72 -24.07 -4.39 55.05
CA THR E 72 -25.28 -4.80 55.75
C THR E 72 -26.50 -4.23 55.04
N ALA E 73 -27.54 -5.05 54.92
CA ALA E 73 -28.84 -4.61 54.44
C ALA E 73 -29.83 -4.61 55.61
N SER E 74 -30.90 -3.84 55.45
CA SER E 74 -31.88 -3.68 56.51
C SER E 74 -33.27 -3.54 55.92
N LEU E 75 -34.23 -4.19 56.57
CA LEU E 75 -35.65 -4.10 56.22
C LEU E 75 -36.39 -3.48 57.40
N THR E 76 -37.08 -2.37 57.15
CA THR E 76 -37.81 -1.63 58.16
C THR E 76 -39.30 -1.81 57.95
N ILE E 77 -40.00 -2.20 59.01
CA ILE E 77 -41.45 -2.39 58.99
C ILE E 77 -42.06 -1.36 59.93
N SER E 78 -42.74 -0.37 59.37
CA SER E 78 -43.42 0.67 60.14
C SER E 78 -44.91 0.38 60.16
N GLY E 79 -45.57 0.75 61.26
CA GLY E 79 -46.96 0.42 61.44
C GLY E 79 -47.19 -1.07 61.53
N LEU E 80 -46.37 -1.73 62.35
CA LEU E 80 -46.43 -3.19 62.48
C LEU E 80 -47.81 -3.66 62.90
N GLN E 81 -48.21 -4.80 62.36
CA GLN E 81 -49.53 -5.36 62.61
C GLN E 81 -49.43 -6.88 62.60
N ALA E 82 -50.54 -7.54 62.93
CA ALA E 82 -50.57 -9.00 62.94
C ALA E 82 -50.44 -9.58 61.53
N GLU E 83 -50.72 -8.79 60.50
CA GLU E 83 -50.53 -9.25 59.13
C GLU E 83 -49.06 -9.52 58.84
N ASP E 84 -48.16 -8.78 59.47
CA ASP E 84 -46.72 -8.93 59.26
C ASP E 84 -46.14 -9.95 60.26
N GLU E 85 -46.72 -11.15 60.24
CA GLU E 85 -46.31 -12.26 61.09
C GLU E 85 -45.82 -13.38 60.18
N ALA E 86 -44.53 -13.37 59.86
CA ALA E 86 -43.99 -14.31 58.88
C ALA E 86 -42.51 -14.49 59.15
N ASP E 87 -41.84 -15.22 58.26
CA ASP E 87 -40.39 -15.40 58.28
C ASP E 87 -39.78 -14.56 57.17
N TYR E 88 -38.77 -13.76 57.50
CA TYR E 88 -38.20 -12.82 56.56
C TYR E 88 -36.78 -13.24 56.20
N TYR E 89 -36.54 -13.40 54.90
CA TYR E 89 -35.25 -13.82 54.38
C TYR E 89 -34.66 -12.71 53.52
N CYS E 90 -33.33 -12.62 53.52
CA CYS E 90 -32.61 -11.68 52.67
C CYS E 90 -31.82 -12.47 51.63
N CYS E 91 -31.78 -11.95 50.41
CA CYS E 91 -31.04 -12.55 49.30
C CYS E 91 -30.14 -11.51 48.68
N SER E 92 -28.96 -11.95 48.23
CA SER E 92 -28.02 -11.07 47.57
C SER E 92 -27.38 -11.79 46.38
N TYR E 93 -27.28 -11.06 45.28
CA TYR E 93 -26.47 -11.53 44.16
C TYR E 93 -25.01 -11.54 44.57
N ALA E 94 -24.37 -12.71 44.48
CA ALA E 94 -23.01 -12.89 44.94
C ALA E 94 -21.98 -12.85 43.81
N GLY E 95 -22.40 -12.50 42.60
CA GLY E 95 -21.51 -12.48 41.45
C GLY E 95 -21.48 -13.79 40.71
N SER E 96 -21.05 -13.71 39.45
CA SER E 96 -20.96 -14.86 38.56
C SER E 96 -22.29 -15.60 38.46
N GLY E 97 -23.40 -14.87 38.47
CA GLY E 97 -24.70 -15.49 38.31
C GLY E 97 -25.17 -16.32 39.48
N THR E 98 -24.56 -16.17 40.65
CA THR E 98 -24.94 -16.95 41.83
C THR E 98 -25.58 -16.05 42.88
N TYR E 99 -26.27 -16.68 43.82
CA TYR E 99 -27.03 -15.97 44.84
C TYR E 99 -26.77 -16.59 46.20
N VAL E 100 -26.87 -15.76 47.24
CA VAL E 100 -26.71 -16.20 48.62
C VAL E 100 -27.90 -15.71 49.42
N PHE E 101 -28.51 -16.60 50.19
CA PHE E 101 -29.68 -16.28 50.99
C PHE E 101 -29.32 -16.17 52.46
N GLY E 102 -30.15 -15.43 53.20
CA GLY E 102 -29.95 -15.26 54.62
C GLY E 102 -30.50 -16.42 55.43
N THR E 103 -30.20 -16.39 56.73
CA THR E 103 -30.65 -17.45 57.62
C THR E 103 -32.13 -17.34 57.96
N GLY E 104 -32.68 -16.14 57.95
CA GLY E 104 -34.11 -15.96 58.19
C GLY E 104 -34.40 -15.38 59.56
N THR E 105 -35.37 -14.47 59.60
CA THR E 105 -35.79 -13.83 60.85
C THR E 105 -37.26 -14.13 61.09
N LYS E 106 -37.57 -14.60 62.30
CA LYS E 106 -38.94 -14.87 62.72
C LYS E 106 -39.47 -13.62 63.41
N VAL E 107 -40.40 -12.93 62.75
CA VAL E 107 -41.04 -11.77 63.33
C VAL E 107 -42.25 -12.22 64.14
N THR E 108 -42.34 -11.75 65.38
CA THR E 108 -43.45 -12.05 66.27
C THR E 108 -44.13 -10.74 66.70
N VAL E 109 -45.46 -10.76 66.72
CA VAL E 109 -46.26 -9.60 67.10
C VAL E 109 -46.89 -9.87 68.46
N LEU E 110 -46.67 -8.96 69.39
CA LEU E 110 -47.16 -9.12 70.76
C LEU E 110 -48.64 -8.75 70.87
N GLN F 1 43.77 29.72 34.81
CA GLN F 1 45.02 30.09 34.16
C GLN F 1 45.53 28.97 33.26
N VAL F 2 45.45 29.21 31.95
CA VAL F 2 45.89 28.23 30.97
C VAL F 2 47.33 28.54 30.57
N GLN F 3 48.18 27.53 30.61
CA GLN F 3 49.60 27.68 30.28
C GLN F 3 50.00 26.64 29.26
N LEU F 4 50.88 27.03 28.33
CA LEU F 4 51.40 26.13 27.31
C LEU F 4 52.92 26.16 27.41
N VAL F 5 53.53 24.98 27.53
CA VAL F 5 54.96 24.85 27.74
C VAL F 5 55.54 23.92 26.68
N GLN F 6 56.55 24.38 25.96
CA GLN F 6 57.19 23.61 24.91
C GLN F 6 58.50 23.00 25.42
N SER F 7 58.80 21.81 24.91
CA SER F 7 60.01 21.10 25.32
C SER F 7 60.71 20.36 24.16
N GLY F 8 60.69 20.84 22.91
CA GLY F 8 61.26 20.08 21.78
C GLY F 8 62.76 20.29 21.57
N PRO F 9 63.54 19.41 20.87
CA PRO F 9 64.97 19.80 20.60
C PRO F 9 65.03 21.05 19.75
N GLY F 10 65.91 21.99 20.07
CA GLY F 10 66.13 23.14 19.22
C GLY F 10 67.34 23.11 18.31
N LEU F 11 68.00 21.96 18.15
CA LEU F 11 69.14 21.81 17.26
C LEU F 11 68.89 20.60 16.38
N VAL F 12 68.59 20.85 15.10
CA VAL F 12 68.28 19.78 14.15
C VAL F 12 69.02 20.06 12.85
N LYS F 13 69.78 19.08 12.39
CA LYS F 13 70.54 19.20 11.16
C LYS F 13 69.63 18.95 9.95
N PRO F 14 70.02 19.42 8.76
CA PRO F 14 69.18 19.25 7.58
C PRO F 14 68.92 17.79 7.26
N SER F 15 67.76 17.53 6.65
CA SER F 15 67.31 16.19 6.29
C SER F 15 67.02 15.33 7.52
N GLN F 16 66.56 15.95 8.60
CA GLN F 16 66.11 15.28 9.80
C GLN F 16 64.65 15.63 10.05
N THR F 17 64.15 15.26 11.23
CA THR F 17 62.78 15.53 11.64
C THR F 17 62.78 16.21 13.00
N LEU F 18 61.89 17.19 13.17
CA LEU F 18 61.69 17.79 14.48
C LEU F 18 60.80 16.89 15.34
N SER F 19 60.88 17.10 16.65
CA SER F 19 60.09 16.34 17.61
C SER F 19 59.50 17.25 18.67
N LEU F 20 58.96 18.39 18.25
CA LEU F 20 58.48 19.39 19.20
C LEU F 20 57.26 18.89 19.94
N THR F 21 57.14 19.25 21.21
CA THR F 21 56.03 18.84 22.05
C THR F 21 55.61 20.02 22.93
N CYS F 22 54.31 20.19 23.11
CA CYS F 22 53.77 21.27 23.92
C CYS F 22 52.72 20.71 24.87
N SER F 23 52.98 20.85 26.17
CA SER F 23 52.03 20.42 27.19
C SER F 23 51.20 21.61 27.67
N VAL F 24 49.97 21.32 28.08
CA VAL F 24 49.00 22.34 28.44
C VAL F 24 48.52 22.10 29.86
N SER F 25 48.53 23.15 30.68
CA SER F 25 48.09 23.10 32.06
C SER F 25 46.95 24.08 32.26
N GLY F 26 46.02 23.73 33.16
CA GLY F 26 44.88 24.56 33.45
C GLY F 26 43.66 24.30 32.58
N ASP F 27 43.80 23.50 31.53
CA ASP F 27 42.69 23.14 30.66
C ASP F 27 42.88 21.71 30.20
N SER F 28 41.77 21.07 29.83
CA SER F 28 41.78 19.72 29.32
C SER F 28 41.63 19.78 27.80
N ILE F 29 42.65 19.29 27.09
CA ILE F 29 42.62 19.24 25.62
C ILE F 29 41.54 18.25 25.20
N SER F 30 41.18 17.33 26.09
CA SER F 30 40.18 16.31 25.82
C SER F 30 38.77 16.86 25.83
N SER F 31 38.58 18.12 26.21
CA SER F 31 37.25 18.73 26.20
C SER F 31 36.76 19.03 24.80
N GLY F 32 37.66 19.14 23.82
CA GLY F 32 37.28 19.36 22.45
C GLY F 32 36.83 20.76 22.11
N THR F 33 36.91 21.71 23.04
CA THR F 33 36.38 23.05 22.79
C THR F 33 37.29 23.85 21.87
N TYR F 34 38.61 23.66 21.97
CA TYR F 34 39.57 24.45 21.22
C TYR F 34 40.30 23.59 20.21
N TYR F 35 40.98 24.25 19.29
CA TYR F 35 42.00 23.63 18.45
C TYR F 35 43.37 24.00 19.01
N TRP F 36 44.37 23.22 18.63
CA TRP F 36 45.72 23.43 19.16
C TRP F 36 46.69 23.44 17.98
N SER F 37 47.33 24.58 17.76
CA SER F 37 48.02 24.84 16.52
C SER F 37 49.49 25.17 16.76
N TRP F 38 50.28 25.00 15.71
CA TRP F 38 51.70 25.32 15.73
C TRP F 38 51.97 26.45 14.74
N ILE F 39 52.62 27.51 15.20
CA ILE F 39 52.90 28.68 14.37
C ILE F 39 54.39 28.99 14.44
N ARG F 40 55.01 29.20 13.29
CA ARG F 40 56.43 29.52 13.24
C ARG F 40 56.65 30.95 12.79
N LEU F 41 57.68 31.57 13.35
CA LEU F 41 58.09 32.92 13.01
C LEU F 41 59.55 32.86 12.59
N PRO F 42 59.81 32.84 11.28
CA PRO F 42 61.19 32.97 10.81
C PRO F 42 61.69 34.41 10.98
N ALA F 43 63.01 34.55 11.05
CA ALA F 43 63.61 35.87 11.16
C ALA F 43 63.43 36.64 9.86
N GLY F 44 63.02 37.89 9.95
CA GLY F 44 62.76 38.71 8.78
C GLY F 44 61.36 38.59 8.23
N GLN F 45 60.88 37.35 8.09
CA GLN F 45 59.52 37.12 7.62
C GLN F 45 58.53 37.24 8.78
N GLY F 46 57.24 37.26 8.43
CA GLY F 46 56.18 37.35 9.40
C GLY F 46 55.75 35.99 9.92
N LEU F 47 54.65 35.99 10.67
CA LEU F 47 54.13 34.76 11.24
C LEU F 47 53.63 33.83 10.14
N GLU F 48 53.70 32.52 10.41
CA GLU F 48 53.23 31.51 9.48
C GLU F 48 52.53 30.41 10.27
N TRP F 49 51.34 30.03 9.80
CA TRP F 49 50.54 28.99 10.44
C TRP F 49 50.89 27.65 9.80
N ILE F 50 51.27 26.68 10.64
CA ILE F 50 51.67 25.37 10.15
C ILE F 50 50.49 24.41 10.13
N GLY F 51 49.73 24.35 11.21
CA GLY F 51 48.61 23.44 11.27
C GLY F 51 48.01 23.42 12.66
N ARG F 52 46.96 22.63 12.79
CA ARG F 52 46.21 22.50 14.04
C ARG F 52 45.70 21.08 14.18
N VAL F 53 45.47 20.70 15.44
CA VAL F 53 44.92 19.41 15.82
C VAL F 53 43.74 19.63 16.75
N HIS F 54 42.86 18.63 16.80
CA HIS F 54 41.70 18.62 17.67
C HIS F 54 41.71 17.33 18.48
N SER F 55 41.01 17.36 19.62
CA SER F 55 41.03 16.23 20.56
C SER F 55 40.64 14.93 19.89
N SER F 56 39.66 14.98 18.97
CA SER F 56 39.23 13.78 18.27
C SER F 56 40.27 13.28 17.28
N GLY F 57 41.33 14.04 17.04
CA GLY F 57 42.39 13.63 16.12
C GLY F 57 42.34 14.28 14.76
N SER F 58 41.28 15.03 14.47
CA SER F 58 41.21 15.75 13.19
C SER F 58 42.26 16.84 13.16
N THR F 59 42.90 16.99 12.01
CA THR F 59 43.96 17.97 11.82
C THR F 59 43.67 18.80 10.58
N SER F 60 44.27 19.99 10.55
CA SER F 60 44.23 20.84 9.37
C SER F 60 45.61 21.46 9.19
N TYR F 61 46.22 21.25 8.03
CA TYR F 61 47.61 21.62 7.79
C TYR F 61 47.70 22.74 6.76
N ASN F 62 48.75 23.53 6.88
CA ASN F 62 49.09 24.53 5.87
C ASN F 62 49.34 23.81 4.55
N PRO F 63 48.65 24.17 3.47
CA PRO F 63 48.81 23.39 2.21
C PRO F 63 50.25 23.31 1.72
N SER F 64 51.03 24.39 1.89
CA SER F 64 52.41 24.36 1.42
C SER F 64 53.25 23.38 2.23
N LEU F 65 53.01 23.27 3.53
CA LEU F 65 53.81 22.43 4.41
C LEU F 65 53.15 21.09 4.70
N LYS F 66 52.05 20.75 4.01
CA LYS F 66 51.28 19.57 4.38
C LYS F 66 52.06 18.28 4.17
N SER F 67 52.89 18.23 3.12
CA SER F 67 53.57 16.98 2.76
C SER F 67 54.50 16.50 3.86
N ARG F 68 55.25 17.41 4.48
CA ARG F 68 56.31 17.06 5.42
C ARG F 68 55.95 17.41 6.87
N VAL F 69 54.66 17.42 7.22
CA VAL F 69 54.25 17.84 8.55
C VAL F 69 53.34 16.77 9.16
N THR F 70 53.39 16.67 10.49
CA THR F 70 52.46 15.83 11.23
C THR F 70 52.22 16.44 12.59
N ILE F 71 50.97 16.58 12.99
CA ILE F 71 50.60 17.08 14.30
C ILE F 71 49.73 16.04 14.99
N SER F 72 50.10 15.68 16.21
CA SER F 72 49.42 14.65 16.99
C SER F 72 49.03 15.21 18.34
N VAL F 73 48.14 14.51 19.04
CA VAL F 73 47.67 14.94 20.35
C VAL F 73 47.57 13.73 21.27
N ASP F 74 48.02 13.90 22.52
CA ASP F 74 47.82 12.93 23.58
C ASP F 74 46.96 13.59 24.67
N THR F 75 45.72 13.13 24.79
CA THR F 75 44.85 13.63 25.86
C THR F 75 45.23 13.08 27.22
N SER F 76 45.87 11.90 27.26
CA SER F 76 46.30 11.33 28.53
C SER F 76 47.32 12.23 29.21
N LYS F 77 48.29 12.74 28.45
CA LYS F 77 49.29 13.64 28.98
C LYS F 77 48.95 15.11 28.76
N ASN F 78 47.81 15.39 28.14
CA ASN F 78 47.36 16.76 27.87
C ASN F 78 48.41 17.55 27.10
N ASN F 79 48.81 17.03 25.95
CA ASN F 79 49.82 17.70 25.13
C ASN F 79 49.55 17.45 23.66
N PHE F 80 50.19 18.25 22.82
CA PHE F 80 50.17 18.02 21.39
C PHE F 80 51.57 18.25 20.83
N SER F 81 51.88 17.52 19.76
CA SER F 81 53.24 17.43 19.25
C SER F 81 53.28 17.71 17.75
N LEU F 82 54.39 18.31 17.34
CA LEU F 82 54.67 18.66 15.96
C LEU F 82 55.92 17.93 15.47
N LYS F 83 55.83 17.37 14.27
CA LYS F 83 56.94 16.69 13.60
C LYS F 83 57.05 17.28 12.19
N LEU F 84 58.08 18.08 11.97
CA LEU F 84 58.38 18.67 10.67
C LEU F 84 59.65 18.05 10.13
N SER F 85 59.54 17.36 9.00
CA SER F 85 60.66 16.66 8.39
C SER F 85 61.26 17.49 7.27
N SER F 86 62.28 16.93 6.61
CA SER F 86 63.01 17.61 5.54
C SER F 86 63.52 18.97 6.01
N VAL F 87 64.08 18.99 7.22
CA VAL F 87 64.53 20.23 7.83
C VAL F 87 65.57 20.90 6.93
N THR F 88 65.46 22.23 6.81
CA THR F 88 66.28 23.00 5.88
C THR F 88 66.38 24.41 6.45
N ALA F 89 67.37 25.17 5.97
CA ALA F 89 67.62 26.53 6.48
C ALA F 89 66.38 27.41 6.47
N ALA F 90 65.31 27.01 5.77
CA ALA F 90 64.05 27.73 5.88
C ALA F 90 63.32 27.44 7.17
N ASP F 91 63.67 26.36 7.87
CA ASP F 91 62.90 25.93 9.02
C ASP F 91 63.37 26.52 10.34
N THR F 92 64.51 27.21 10.35
CA THR F 92 64.95 27.86 11.58
C THR F 92 64.01 29.02 11.90
N ALA F 93 63.33 28.93 13.04
CA ALA F 93 62.30 29.92 13.38
C ALA F 93 61.94 29.75 14.85
N VAL F 94 61.20 30.71 15.37
CA VAL F 94 60.62 30.60 16.70
C VAL F 94 59.27 29.90 16.56
N TYR F 95 59.12 28.75 17.22
CA TYR F 95 57.93 27.92 17.11
C TYR F 95 57.09 28.08 18.38
N TYR F 96 55.84 28.52 18.20
CA TYR F 96 54.89 28.63 19.29
C TYR F 96 53.82 27.55 19.14
N CYS F 97 53.40 27.00 20.28
CA CYS F 97 52.17 26.23 20.37
C CYS F 97 51.09 27.15 20.93
N VAL F 98 49.95 27.20 20.26
CA VAL F 98 48.95 28.22 20.53
C VAL F 98 47.56 27.58 20.56
N ARG F 99 46.72 28.06 21.48
CA ARG F 99 45.33 27.66 21.52
C ARG F 99 44.53 28.50 20.54
N LEU F 100 43.73 27.83 19.71
CA LEU F 100 42.91 28.48 18.69
C LEU F 100 41.45 28.30 19.07
N ASP F 101 40.73 29.41 19.21
CA ASP F 101 39.31 29.38 19.49
C ASP F 101 38.55 29.38 18.17
N ASN F 102 37.78 28.32 17.91
CA ASN F 102 37.05 28.17 16.67
C ASN F 102 35.58 28.56 16.81
N CYS F 103 35.31 29.63 17.56
CA CYS F 103 33.98 30.16 17.85
C CYS F 103 33.27 29.34 18.92
N SER F 104 33.86 28.22 19.33
CA SER F 104 33.17 27.34 20.28
C SER F 104 33.18 27.92 21.69
N ALA F 105 34.18 28.74 22.01
CA ALA F 105 34.33 29.32 23.34
C ALA F 105 34.36 30.85 23.29
N GLY F 106 33.44 31.45 22.54
CA GLY F 106 33.43 32.90 22.44
C GLY F 106 34.10 33.42 21.20
N TYR F 107 35.37 33.81 21.32
CA TYR F 107 36.10 34.44 20.21
C TYR F 107 36.09 33.54 18.99
N CYS F 108 35.95 34.16 17.81
CA CYS F 108 35.84 33.43 16.56
C CYS F 108 37.19 33.47 15.84
N HIS F 109 37.80 32.30 15.66
CA HIS F 109 39.01 32.13 14.87
C HIS F 109 40.15 33.03 15.35
N ALA F 110 40.32 33.13 16.67
CA ALA F 110 41.36 33.94 17.27
C ALA F 110 42.37 33.06 18.00
N PHE F 111 43.65 33.33 17.76
CA PHE F 111 44.73 32.65 18.48
C PHE F 111 45.01 33.44 19.75
N ASP F 112 44.38 33.04 20.86
CA ASP F 112 44.38 33.86 22.07
C ASP F 112 45.57 33.55 22.99
N ILE F 113 45.74 32.30 23.38
CA ILE F 113 46.78 31.92 24.34
C ILE F 113 47.97 31.33 23.60
N TRP F 114 49.11 31.98 23.73
CA TRP F 114 50.32 31.60 23.00
C TRP F 114 51.34 30.96 23.92
N GLY F 115 52.13 30.05 23.34
CA GLY F 115 53.25 29.48 24.07
C GLY F 115 54.45 30.42 24.10
N GLN F 116 55.45 30.03 24.89
CA GLN F 116 56.63 30.87 25.05
C GLN F 116 57.46 30.93 23.77
N GLY F 117 57.48 29.85 23.00
CA GLY F 117 58.25 29.81 21.78
C GLY F 117 59.61 29.18 21.95
N THR F 118 60.01 28.34 20.99
CA THR F 118 61.31 27.67 21.01
C THR F 118 62.04 27.97 19.71
N MET F 119 63.31 28.38 19.82
CA MET F 119 64.09 28.70 18.64
C MET F 119 64.66 27.43 18.05
N VAL F 120 64.15 27.03 16.88
CA VAL F 120 64.65 25.87 16.15
C VAL F 120 65.64 26.36 15.12
N THR F 121 66.90 25.96 15.29
CA THR F 121 67.99 26.36 14.40
C THR F 121 68.35 25.19 13.49
N VAL F 122 68.64 25.51 12.23
CA VAL F 122 68.98 24.52 11.22
C VAL F 122 70.43 24.76 10.80
N SER F 123 71.28 23.76 10.96
CA SER F 123 72.68 23.86 10.57
C SER F 123 73.26 22.46 10.44
N SER F 124 74.38 22.37 9.73
CA SER F 124 75.07 21.10 9.56
C SER F 124 75.83 20.71 10.82
N SER G 2 49.66 31.44 0.66
CA SER G 2 49.61 32.86 0.35
C SER G 2 49.85 33.70 1.60
N VAL G 3 50.12 34.98 1.41
CA VAL G 3 50.35 35.92 2.50
C VAL G 3 49.47 37.13 2.29
N LEU G 4 49.26 37.89 3.37
CA LEU G 4 48.49 39.11 3.34
C LEU G 4 49.46 40.30 3.31
N THR G 5 49.40 41.09 2.25
CA THR G 5 50.36 42.18 2.06
C THR G 5 50.19 43.22 3.16
N GLN G 6 51.24 43.42 3.94
CA GLN G 6 51.25 44.37 5.04
C GLN G 6 52.44 45.30 4.88
N PRO G 7 52.28 46.58 5.19
CA PRO G 7 53.41 47.52 5.08
C PRO G 7 54.56 47.09 5.98
N ALA G 8 55.78 47.31 5.50
CA ALA G 8 56.97 46.88 6.24
C ALA G 8 57.07 47.59 7.58
N SER G 9 56.79 48.89 7.62
CA SER G 9 56.87 49.64 8.86
C SER G 9 56.06 50.92 8.71
N VAL G 10 55.47 51.36 9.83
CA VAL G 10 54.74 52.61 9.89
C VAL G 10 55.21 53.37 11.13
N SER G 11 54.98 54.68 11.12
CA SER G 11 55.47 55.55 12.19
C SER G 11 54.43 56.60 12.51
N GLY G 12 54.54 57.16 13.71
CA GLY G 12 53.63 58.20 14.14
C GLY G 12 54.15 58.89 15.38
N SER G 13 53.52 60.02 15.69
CA SER G 13 53.85 60.83 16.84
C SER G 13 52.83 60.63 17.95
N PRO G 14 53.21 60.89 19.20
CA PRO G 14 52.26 60.69 20.31
C PRO G 14 51.01 61.54 20.14
N GLY G 15 49.86 60.96 20.48
CA GLY G 15 48.59 61.63 20.38
C GLY G 15 47.93 61.59 19.02
N GLN G 16 48.53 60.93 18.04
CA GLN G 16 47.98 60.84 16.69
C GLN G 16 47.69 59.38 16.33
N SER G 17 46.67 59.18 15.51
CA SER G 17 46.25 57.85 15.11
C SER G 17 46.98 57.40 13.85
N ILE G 18 47.30 56.11 13.79
CA ILE G 18 47.94 55.52 12.61
C ILE G 18 47.06 54.38 12.12
N THR G 19 47.04 54.19 10.81
CA THR G 19 46.25 53.14 10.17
C THR G 19 47.20 52.17 9.48
N ILE G 20 47.23 50.92 9.97
CA ILE G 20 47.98 49.85 9.35
C ILE G 20 47.04 49.05 8.46
N SER G 21 47.43 48.84 7.21
CA SER G 21 46.62 48.09 6.26
C SER G 21 47.10 46.65 6.17
N CYS G 22 46.23 45.80 5.65
CA CYS G 22 46.53 44.39 5.46
C CYS G 22 45.66 43.89 4.30
N THR G 23 46.27 43.69 3.14
CA THR G 23 45.54 43.34 1.93
C THR G 23 45.72 41.87 1.62
N GLY G 24 44.61 41.16 1.43
CA GLY G 24 44.65 39.77 1.01
C GLY G 24 43.97 39.57 -0.32
N THR G 25 43.52 38.36 -0.59
CA THR G 25 42.78 38.06 -1.81
C THR G 25 41.28 38.24 -1.55
N SER G 26 40.46 37.78 -2.47
CA SER G 26 39.02 37.78 -2.30
C SER G 26 38.50 36.53 -1.60
N SER G 27 39.40 35.62 -1.23
CA SER G 27 39.01 34.37 -0.60
C SER G 27 39.41 34.26 0.86
N ASP G 28 40.22 35.17 1.38
CA ASP G 28 40.58 35.17 2.80
C ASP G 28 40.06 36.40 3.53
N VAL G 29 40.44 37.60 3.09
CA VAL G 29 40.02 38.82 3.78
C VAL G 29 38.65 39.27 3.31
N GLY G 30 38.40 39.21 2.00
CA GLY G 30 37.13 39.61 1.44
C GLY G 30 36.07 38.54 1.45
N SER G 31 36.34 37.39 2.06
CA SER G 31 35.39 36.30 2.09
C SER G 31 34.73 36.08 3.44
N TYR G 32 35.31 36.59 4.53
CA TYR G 32 34.78 36.35 5.86
C TYR G 32 34.98 37.58 6.73
N ASN G 33 34.18 37.65 7.79
CA ASN G 33 34.39 38.63 8.87
C ASN G 33 35.23 38.01 9.98
N LEU G 34 36.41 37.51 9.63
CA LEU G 34 37.25 36.74 10.54
C LEU G 34 38.70 37.22 10.48
N VAL G 35 38.89 38.53 10.61
CA VAL G 35 40.23 39.12 10.61
C VAL G 35 40.66 39.35 12.05
N SER G 36 41.88 38.91 12.39
CA SER G 36 42.45 39.06 13.71
C SER G 36 43.72 39.89 13.63
N TRP G 37 44.03 40.59 14.72
CA TRP G 37 45.23 41.43 14.80
C TRP G 37 46.04 41.00 16.02
N TYR G 38 47.36 40.96 15.86
CA TYR G 38 48.25 40.51 16.91
C TYR G 38 49.40 41.48 17.10
N GLN G 39 49.74 41.76 18.36
CA GLN G 39 50.80 42.66 18.73
C GLN G 39 51.93 41.88 19.40
N GLN G 40 53.15 42.13 18.97
CA GLN G 40 54.34 41.42 19.46
C GLN G 40 55.33 42.44 20.01
N HIS G 41 55.44 42.51 21.32
CA HIS G 41 56.55 43.23 21.91
C HIS G 41 57.80 42.36 21.86
N PRO G 42 58.97 42.96 21.67
CA PRO G 42 60.21 42.16 21.57
C PRO G 42 60.47 41.37 22.84
N GLY G 43 60.96 40.15 22.68
CA GLY G 43 61.19 39.29 23.81
C GLY G 43 59.94 38.72 24.44
N LYS G 44 58.84 38.62 23.69
CA LYS G 44 57.59 38.10 24.22
C LYS G 44 56.86 37.34 23.12
N ALA G 45 55.71 36.76 23.48
CA ALA G 45 54.84 36.04 22.55
C ALA G 45 53.78 36.98 21.99
N PRO G 46 53.30 36.71 20.79
CA PRO G 46 52.24 37.55 20.22
C PRO G 46 50.99 37.53 21.08
N LYS G 47 50.30 38.65 21.14
CA LYS G 47 49.08 38.80 21.92
C LYS G 47 47.96 39.25 20.99
N VAL G 48 46.81 38.60 21.11
CA VAL G 48 45.66 38.98 20.28
C VAL G 48 45.11 40.31 20.77
N MET G 49 44.95 41.26 19.85
CA MET G 49 44.46 42.59 20.15
C MET G 49 43.09 42.86 19.56
N ILE G 50 42.76 42.22 18.44
CA ILE G 50 41.48 42.36 17.76
C ILE G 50 41.11 41.01 17.17
N TYR G 51 39.83 40.66 17.25
CA TYR G 51 39.33 39.46 16.59
C TYR G 51 38.00 39.79 15.93
N GLU G 52 37.63 39.00 14.93
CA GLU G 52 36.40 39.20 14.16
C GLU G 52 36.32 40.62 13.60
N VAL G 53 37.41 41.04 12.97
CA VAL G 53 37.52 42.31 12.26
C VAL G 53 37.59 43.48 13.24
N SER G 54 36.58 43.64 14.09
CA SER G 54 36.48 44.83 14.92
C SER G 54 36.00 44.55 16.34
N LYS G 55 36.33 43.40 16.90
CA LYS G 55 35.93 43.07 18.26
C LYS G 55 37.15 43.04 19.17
N TRP G 56 36.96 43.44 20.43
CA TRP G 56 38.05 43.54 21.39
C TRP G 56 38.02 42.39 22.37
N PRO G 57 39.11 41.63 22.49
CA PRO G 57 39.20 40.64 23.58
C PRO G 57 39.10 41.33 24.93
N SER G 58 38.59 40.59 25.91
CA SER G 58 38.49 41.13 27.27
C SER G 58 39.87 41.56 27.76
N GLY G 59 39.95 42.77 28.31
CA GLY G 59 41.22 43.33 28.73
C GLY G 59 42.02 44.00 27.63
N VAL G 60 41.37 44.46 26.57
CA VAL G 60 42.01 45.18 25.47
C VAL G 60 41.49 46.61 25.45
N SER G 61 42.41 47.57 25.39
CA SER G 61 42.04 48.98 25.32
C SER G 61 41.29 49.28 24.04
N ASN G 62 40.31 50.19 24.14
CA ASN G 62 39.45 50.53 23.01
C ASN G 62 40.16 51.36 21.95
N ARG G 63 41.37 51.84 22.22
CA ARG G 63 42.10 52.66 21.25
C ARG G 63 42.53 51.88 20.01
N PHE G 64 42.49 50.55 20.06
CA PHE G 64 42.83 49.71 18.92
C PHE G 64 41.53 49.34 18.21
N SER G 65 41.26 50.02 17.10
CA SER G 65 40.03 49.79 16.34
C SER G 65 40.33 48.98 15.08
N GLY G 66 39.37 48.13 14.70
CA GLY G 66 39.50 47.32 13.51
C GLY G 66 38.44 47.67 12.49
N SER G 67 38.79 47.52 11.22
CA SER G 67 37.84 47.77 10.15
C SER G 67 38.22 46.92 8.94
N LYS G 68 37.24 46.72 8.06
CA LYS G 68 37.47 46.01 6.82
C LYS G 68 36.72 46.70 5.69
N SER G 69 37.39 46.86 4.56
CA SER G 69 36.77 47.37 3.34
C SER G 69 37.25 46.51 2.18
N GLY G 70 36.29 45.90 1.48
CA GLY G 70 36.64 45.08 0.32
C GLY G 70 37.54 43.92 0.73
N ASN G 71 38.72 43.88 0.12
CA ASN G 71 39.71 42.84 0.38
C ASN G 71 40.83 43.32 1.30
N THR G 72 40.62 44.43 2.00
CA THR G 72 41.64 45.01 2.86
C THR G 72 41.10 45.18 4.27
N ALA G 73 41.93 44.86 5.26
CA ALA G 73 41.65 45.13 6.65
C ALA G 73 42.54 46.24 7.14
N SER G 74 42.12 46.89 8.23
CA SER G 74 42.86 48.03 8.75
C SER G 74 42.76 48.07 10.27
N LEU G 75 43.88 48.40 10.91
CA LEU G 75 43.95 48.59 12.35
C LEU G 75 44.32 50.05 12.61
N THR G 76 43.49 50.72 13.42
CA THR G 76 43.67 52.13 13.74
C THR G 76 44.07 52.26 15.19
N ILE G 77 45.16 52.99 15.44
CA ILE G 77 45.67 53.25 16.78
C ILE G 77 45.55 54.75 17.03
N SER G 78 44.61 55.13 17.89
CA SER G 78 44.40 56.52 18.27
C SER G 78 45.00 56.76 19.65
N GLY G 79 45.51 57.97 19.86
CA GLY G 79 46.22 58.28 21.08
C GLY G 79 47.51 57.49 21.21
N LEU G 80 48.29 57.47 20.13
CA LEU G 80 49.52 56.69 20.08
C LEU G 80 50.47 57.08 21.21
N GLN G 81 51.16 56.09 21.74
CA GLN G 81 52.07 56.27 22.86
C GLN G 81 53.24 55.30 22.72
N ALA G 82 54.22 55.43 23.61
CA ALA G 82 55.37 54.55 23.59
C ALA G 82 55.01 53.12 23.97
N GLU G 83 53.87 52.93 24.65
CA GLU G 83 53.41 51.57 24.95
C GLU G 83 53.09 50.80 23.68
N ASP G 84 52.62 51.49 22.65
CA ASP G 84 52.28 50.84 21.37
C ASP G 84 53.50 50.81 20.45
N GLU G 85 54.56 50.19 20.94
CA GLU G 85 55.82 50.03 20.21
C GLU G 85 56.05 48.52 20.05
N ALA G 86 55.53 47.95 18.97
CA ALA G 86 55.56 46.51 18.79
C ALA G 86 55.49 46.19 17.30
N ASP G 87 55.40 44.91 16.98
CA ASP G 87 55.20 44.44 15.61
C ASP G 87 53.77 43.94 15.48
N TYR G 88 53.06 44.41 14.46
CA TYR G 88 51.64 44.13 14.31
C TYR G 88 51.41 43.23 13.11
N TYR G 89 50.76 42.10 13.35
CA TYR G 89 50.47 41.10 12.33
C TYR G 89 48.96 40.99 12.13
N CYS G 90 48.55 40.71 10.90
CA CYS G 90 47.16 40.47 10.58
C CYS G 90 46.98 39.00 10.20
N CYS G 91 45.89 38.40 10.65
CA CYS G 91 45.55 37.02 10.35
C CYS G 91 44.16 36.95 9.78
N SER G 92 43.95 36.04 8.85
CA SER G 92 42.65 35.83 8.24
C SER G 92 42.38 34.35 8.07
N TYR G 93 41.14 33.95 8.37
CA TYR G 93 40.68 32.62 8.02
C TYR G 93 40.57 32.52 6.50
N ALA G 94 41.25 31.55 5.91
CA ALA G 94 41.32 31.40 4.48
C ALA G 94 40.38 30.33 3.94
N GLY G 95 39.53 29.76 4.77
CA GLY G 95 38.63 28.71 4.36
C GLY G 95 39.23 27.33 4.56
N SER G 96 38.34 26.35 4.64
CA SER G 96 38.72 24.94 4.83
C SER G 96 39.59 24.76 6.07
N GLY G 97 39.31 25.53 7.12
CA GLY G 97 40.03 25.38 8.37
C GLY G 97 41.47 25.84 8.36
N THR G 98 41.86 26.66 7.39
CA THR G 98 43.23 27.13 7.29
C THR G 98 43.29 28.63 7.53
N TYR G 99 44.50 29.12 7.81
CA TYR G 99 44.70 30.52 8.17
C TYR G 99 45.89 31.07 7.40
N VAL G 100 45.84 32.37 7.12
CA VAL G 100 46.92 33.08 6.45
C VAL G 100 47.29 34.29 7.28
N PHE G 101 48.59 34.47 7.54
CA PHE G 101 49.08 35.58 8.34
C PHE G 101 49.73 36.64 7.46
N GLY G 102 49.78 37.86 7.98
CA GLY G 102 50.40 38.96 7.26
C GLY G 102 51.90 38.99 7.43
N THR G 103 52.55 39.89 6.70
CA THR G 103 54.00 40.02 6.77
C THR G 103 54.46 40.74 8.03
N GLY G 104 53.65 41.62 8.57
CA GLY G 104 54.00 42.29 9.82
C GLY G 104 54.41 43.73 9.59
N THR G 105 53.97 44.61 10.49
CA THR G 105 54.28 46.04 10.45
C THR G 105 55.03 46.42 11.71
N LYS G 106 56.17 47.09 11.53
CA LYS G 106 56.96 47.60 12.66
C LYS G 106 56.50 49.03 12.95
N VAL G 107 55.83 49.20 14.09
CA VAL G 107 55.39 50.53 14.51
C VAL G 107 56.50 51.18 15.33
N THR G 108 56.86 52.41 14.97
CA THR G 108 57.87 53.19 15.66
C THR G 108 57.26 54.49 16.16
N VAL G 109 57.61 54.86 17.40
CA VAL G 109 57.11 56.07 18.03
C VAL G 109 58.25 57.08 18.12
N LEU G 110 58.02 58.28 17.59
CA LEU G 110 59.03 59.32 17.56
C LEU G 110 59.17 60.02 18.91
N THR H 22 -63.43 -6.71 -4.42
CA THR H 22 -62.93 -8.06 -4.67
C THR H 22 -61.41 -8.08 -4.68
N GLN H 23 -60.82 -8.25 -3.51
CA GLN H 23 -59.37 -8.22 -3.32
C GLN H 23 -58.83 -9.64 -3.32
N SER H 24 -58.09 -10.00 -4.37
CA SER H 24 -57.39 -11.26 -4.48
C SER H 24 -55.89 -11.02 -4.39
N TYR H 25 -55.11 -12.09 -4.38
CA TYR H 25 -53.66 -11.99 -4.28
C TYR H 25 -53.01 -12.84 -5.36
N THR H 26 -51.95 -12.31 -5.97
CA THR H 26 -51.26 -13.00 -7.04
C THR H 26 -49.77 -12.65 -7.02
N ASN H 27 -49.05 -13.14 -8.03
CA ASN H 27 -47.60 -13.10 -8.07
C ASN H 27 -47.13 -12.06 -9.08
N SER H 28 -46.15 -11.25 -8.67
CA SER H 28 -45.62 -10.20 -9.54
C SER H 28 -44.59 -10.71 -10.53
N PHE H 29 -44.04 -11.92 -10.34
CA PHE H 29 -43.05 -12.53 -11.22
C PHE H 29 -41.85 -11.59 -11.31
N THR H 30 -41.44 -11.15 -12.50
CA THR H 30 -40.32 -10.23 -12.64
C THR H 30 -40.75 -8.90 -13.24
N ARG H 31 -41.97 -8.47 -12.95
CA ARG H 31 -42.48 -7.20 -13.46
C ARG H 31 -41.99 -6.04 -12.59
N GLY H 32 -42.08 -4.84 -13.14
CA GLY H 32 -41.88 -3.63 -12.38
C GLY H 32 -40.47 -3.06 -12.38
N VAL H 33 -39.58 -3.53 -13.25
CA VAL H 33 -38.26 -2.96 -13.36
C VAL H 33 -38.31 -1.70 -14.21
N TYR H 34 -37.65 -0.64 -13.76
CA TYR H 34 -37.61 0.63 -14.46
C TYR H 34 -36.17 1.11 -14.57
N TYR H 35 -35.97 2.15 -15.37
CA TYR H 35 -34.63 2.71 -15.55
C TYR H 35 -34.26 3.57 -14.35
N PRO H 36 -33.22 3.22 -13.59
CA PRO H 36 -32.92 3.98 -12.36
C PRO H 36 -32.54 5.44 -12.61
N ASP H 37 -31.90 5.75 -13.73
CA ASP H 37 -31.46 7.13 -13.99
C ASP H 37 -31.61 7.43 -15.47
N LYS H 38 -31.05 8.56 -15.90
CA LYS H 38 -31.13 9.02 -17.27
C LYS H 38 -29.90 8.69 -18.10
N VAL H 39 -28.90 8.03 -17.51
CA VAL H 39 -27.64 7.76 -18.20
C VAL H 39 -27.84 6.62 -19.19
N PHE H 40 -27.41 6.83 -20.43
CA PHE H 40 -27.42 5.77 -21.42
C PHE H 40 -26.34 4.75 -21.12
N ARG H 41 -26.69 3.46 -21.30
CA ARG H 41 -25.76 2.36 -21.08
C ARG H 41 -26.09 1.26 -22.07
N SER H 42 -25.06 0.67 -22.66
CA SER H 42 -25.24 -0.37 -23.67
C SER H 42 -24.28 -1.51 -23.42
N SER H 43 -24.76 -2.73 -23.63
CA SER H 43 -23.98 -3.96 -23.51
C SER H 43 -23.19 -4.00 -22.20
N VAL H 44 -23.92 -3.87 -21.10
CA VAL H 44 -23.31 -3.75 -19.78
C VAL H 44 -24.20 -4.42 -18.75
N LEU H 45 -23.60 -4.77 -17.62
CA LEU H 45 -24.33 -5.19 -16.43
C LEU H 45 -24.11 -4.14 -15.36
N HIS H 46 -25.18 -3.53 -14.88
CA HIS H 46 -25.08 -2.42 -13.94
C HIS H 46 -25.83 -2.75 -12.67
N SER H 47 -25.22 -2.46 -11.53
CA SER H 47 -25.79 -2.76 -10.23
C SER H 47 -26.37 -1.48 -9.62
N THR H 48 -27.64 -1.53 -9.23
CA THR H 48 -28.33 -0.36 -8.71
C THR H 48 -29.10 -0.70 -7.46
N GLN H 49 -28.92 0.11 -6.43
CA GLN H 49 -29.73 0.02 -5.21
C GLN H 49 -30.81 1.09 -5.28
N ASP H 50 -32.06 0.67 -5.35
CA ASP H 50 -33.17 1.61 -5.49
C ASP H 50 -34.45 0.95 -4.99
N LEU H 51 -35.54 1.71 -5.02
CA LEU H 51 -36.86 1.22 -4.63
C LEU H 51 -37.43 0.43 -5.80
N PHE H 52 -37.34 -0.90 -5.71
CA PHE H 52 -37.82 -1.78 -6.75
C PHE H 52 -38.95 -2.65 -6.22
N LEU H 53 -39.77 -3.13 -7.13
CA LEU H 53 -40.77 -4.14 -6.77
C LEU H 53 -40.06 -5.49 -6.70
N PRO H 54 -40.00 -6.13 -5.53
CA PRO H 54 -39.25 -7.39 -5.41
C PRO H 54 -39.82 -8.45 -6.32
N PHE H 55 -38.94 -9.28 -6.87
CA PHE H 55 -39.36 -10.35 -7.76
C PHE H 55 -40.24 -11.34 -7.01
N PHE H 56 -41.26 -11.85 -7.70
CA PHE H 56 -42.20 -12.84 -7.15
C PHE H 56 -42.81 -12.35 -5.85
N SER H 57 -43.10 -11.06 -5.78
CA SER H 57 -43.76 -10.51 -4.61
C SER H 57 -45.26 -10.75 -4.69
N ASN H 58 -45.93 -10.59 -3.56
CA ASN H 58 -47.38 -10.81 -3.46
C ASN H 58 -48.07 -9.48 -3.73
N VAL H 59 -48.68 -9.37 -4.90
CA VAL H 59 -49.40 -8.15 -5.27
C VAL H 59 -50.89 -8.43 -5.16
N THR H 60 -51.67 -7.35 -5.03
CA THR H 60 -53.10 -7.44 -4.77
C THR H 60 -53.86 -7.09 -6.05
N TRP H 61 -54.79 -7.95 -6.41
CA TRP H 61 -55.64 -7.76 -7.60
C TRP H 61 -57.01 -7.30 -7.12
N PHE H 62 -57.35 -6.05 -7.44
CA PHE H 62 -58.64 -5.48 -7.11
C PHE H 62 -59.54 -5.59 -8.34
N HIS H 63 -60.60 -6.39 -8.25
CA HIS H 63 -61.52 -6.53 -9.36
C HIS H 63 -62.59 -5.44 -9.34
N ALA H 64 -62.61 -4.62 -8.29
CA ALA H 64 -63.60 -3.56 -8.13
C ALA H 64 -63.61 -2.60 -9.31
N ASN H 78 -65.09 1.09 -1.50
CA ASN H 78 -63.75 1.26 -2.03
C ASN H 78 -62.88 2.09 -1.10
N PRO H 79 -62.30 1.46 -0.09
CA PRO H 79 -61.41 2.18 0.83
C PRO H 79 -60.12 2.59 0.14
N VAL H 80 -59.47 3.59 0.73
CA VAL H 80 -58.26 4.17 0.15
C VAL H 80 -57.05 3.33 0.56
N LEU H 81 -56.28 2.90 -0.44
CA LEU H 81 -55.10 2.07 -0.23
C LEU H 81 -53.91 2.91 0.25
N PRO H 82 -53.01 2.32 1.01
CA PRO H 82 -51.81 3.05 1.43
C PRO H 82 -50.78 3.15 0.31
N PHE H 83 -49.83 4.06 0.51
CA PHE H 83 -48.80 4.34 -0.48
C PHE H 83 -47.47 3.68 -0.17
N ASN H 84 -47.09 3.61 1.10
CA ASN H 84 -45.84 2.99 1.56
C ASN H 84 -44.68 3.76 0.90
N ASP H 85 -43.60 3.08 0.50
CA ASP H 85 -42.47 3.76 -0.13
C ASP H 85 -42.73 4.08 -1.60
N GLY H 86 -43.59 3.32 -2.26
CA GLY H 86 -43.87 3.54 -3.66
C GLY H 86 -44.87 2.51 -4.13
N VAL H 87 -45.41 2.73 -5.32
CA VAL H 87 -46.52 1.92 -5.81
C VAL H 87 -46.24 1.44 -7.23
N TYR H 88 -46.50 0.17 -7.48
CA TYR H 88 -46.56 -0.39 -8.81
C TYR H 88 -48.01 -0.65 -9.15
N PHE H 89 -48.46 -0.16 -10.30
CA PHE H 89 -49.87 -0.23 -10.69
C PHE H 89 -49.94 -0.82 -12.09
N ALA H 90 -50.71 -1.89 -12.25
CA ALA H 90 -50.86 -2.52 -13.55
C ALA H 90 -52.34 -2.66 -13.88
N SER H 91 -52.65 -2.64 -15.18
CA SER H 91 -54.03 -2.84 -15.63
C SER H 91 -54.03 -3.40 -17.04
N THR H 92 -54.79 -4.47 -17.25
CA THR H 92 -54.94 -5.07 -18.56
C THR H 92 -56.22 -4.62 -19.26
N GLU H 93 -56.87 -3.60 -18.72
CA GLU H 93 -58.16 -3.16 -19.26
C GLU H 93 -57.98 -2.54 -20.64
N LYS H 94 -59.00 -2.72 -21.48
CA LYS H 94 -59.07 -2.12 -22.81
C LYS H 94 -60.05 -0.96 -22.90
N SER H 95 -61.11 -0.98 -22.09
CA SER H 95 -62.20 -0.02 -22.22
C SER H 95 -61.82 1.39 -21.79
N ASN H 96 -60.63 1.58 -21.20
CA ASN H 96 -60.20 2.88 -20.69
C ASN H 96 -61.15 3.40 -19.60
N ILE H 97 -61.71 2.48 -18.80
CA ILE H 97 -62.51 2.91 -17.66
C ILE H 97 -61.62 3.51 -16.57
N ILE H 98 -60.45 2.92 -16.35
CA ILE H 98 -59.47 3.49 -15.42
C ILE H 98 -58.90 4.74 -16.04
N ARG H 99 -59.07 5.88 -15.36
CA ARG H 99 -58.74 7.15 -15.99
C ARG H 99 -58.06 8.13 -15.03
N GLY H 100 -57.30 7.63 -14.07
CA GLY H 100 -56.50 8.52 -13.24
C GLY H 100 -56.35 7.98 -11.84
N TRP H 101 -55.68 8.79 -11.02
CA TRP H 101 -55.35 8.42 -9.66
C TRP H 101 -55.41 9.63 -8.74
N ILE H 102 -55.48 9.36 -7.45
CA ILE H 102 -55.54 10.36 -6.39
C ILE H 102 -54.54 9.97 -5.33
N PHE H 103 -53.75 10.94 -4.86
CA PHE H 103 -52.72 10.69 -3.87
C PHE H 103 -52.81 11.77 -2.79
N GLY H 104 -52.48 11.39 -1.56
CA GLY H 104 -52.47 12.36 -0.48
C GLY H 104 -52.36 11.68 0.86
N THR H 105 -52.67 12.44 1.91
CA THR H 105 -52.70 11.93 3.27
C THR H 105 -54.09 11.96 3.87
N THR H 106 -54.73 13.12 3.92
CA THR H 106 -56.08 13.24 4.46
C THR H 106 -57.16 13.22 3.40
N LEU H 107 -56.81 13.46 2.14
CA LEU H 107 -57.73 13.45 1.01
C LEU H 107 -58.92 14.40 1.22
N ASP H 108 -58.73 15.43 2.02
CA ASP H 108 -59.71 16.49 2.22
C ASP H 108 -59.04 17.84 2.01
N SER H 109 -59.81 18.91 2.19
CA SER H 109 -59.28 20.24 1.96
C SER H 109 -58.28 20.68 3.03
N LYS H 110 -58.13 19.92 4.12
CA LYS H 110 -57.18 20.29 5.15
C LYS H 110 -55.75 20.22 4.65
N THR H 111 -55.45 19.27 3.76
CA THR H 111 -54.11 19.07 3.25
C THR H 111 -54.13 18.94 1.73
N GLN H 112 -53.04 19.34 1.10
CA GLN H 112 -52.93 19.26 -0.35
C GLN H 112 -52.91 17.81 -0.82
N SER H 113 -53.49 17.56 -1.99
CA SER H 113 -53.58 16.22 -2.56
C SER H 113 -53.38 16.28 -4.06
N LEU H 114 -52.66 15.29 -4.58
CA LEU H 114 -52.37 15.19 -6.00
C LEU H 114 -53.49 14.47 -6.73
N LEU H 115 -53.90 15.01 -7.88
CA LEU H 115 -54.96 14.43 -8.69
C LEU H 115 -54.49 14.34 -10.13
N ILE H 116 -54.56 13.14 -10.71
CA ILE H 116 -54.16 12.91 -12.09
C ILE H 116 -55.37 12.35 -12.82
N VAL H 117 -55.77 13.02 -13.91
CA VAL H 117 -56.94 12.62 -14.69
C VAL H 117 -56.52 12.50 -16.14
N ASN H 118 -56.77 11.32 -16.73
CA ASN H 118 -56.40 11.07 -18.12
C ASN H 118 -57.63 11.34 -18.98
N ASN H 119 -57.67 12.54 -19.57
CA ASN H 119 -58.73 12.88 -20.49
C ASN H 119 -58.57 12.09 -21.79
N ALA H 120 -59.66 12.01 -22.56
CA ALA H 120 -59.61 11.29 -23.83
C ALA H 120 -58.64 11.93 -24.82
N THR H 121 -58.29 13.20 -24.62
CA THR H 121 -57.33 13.88 -25.48
C THR H 121 -56.05 14.30 -24.77
N ASN H 122 -56.03 14.35 -23.44
CA ASN H 122 -54.89 14.87 -22.71
C ASN H 122 -54.82 14.22 -21.33
N VAL H 123 -53.83 14.65 -20.55
CA VAL H 123 -53.72 14.29 -19.14
C VAL H 123 -53.51 15.56 -18.35
N VAL H 124 -54.24 15.70 -17.25
CA VAL H 124 -54.21 16.89 -16.40
C VAL H 124 -53.83 16.47 -14.99
N ILE H 125 -52.85 17.16 -14.43
CA ILE H 125 -52.33 16.88 -13.09
C ILE H 125 -52.41 18.15 -12.27
N LYS H 126 -53.01 18.04 -11.09
CA LYS H 126 -53.18 19.20 -10.20
C LYS H 126 -52.82 18.81 -8.78
N VAL H 127 -52.42 19.81 -7.98
CA VAL H 127 -52.07 19.59 -6.59
C VAL H 127 -52.87 20.55 -5.71
N CYS H 128 -54.09 20.86 -6.13
CA CYS H 128 -54.97 21.70 -5.33
C CYS H 128 -55.37 20.97 -4.04
N GLU H 129 -56.00 21.71 -3.13
CA GLU H 129 -56.56 21.13 -1.92
C GLU H 129 -57.99 20.71 -2.21
N PHE H 130 -58.17 19.46 -2.66
CA PHE H 130 -59.48 18.95 -3.03
C PHE H 130 -60.20 18.40 -1.81
N GLN H 131 -61.53 18.58 -1.78
CA GLN H 131 -62.39 17.89 -0.83
C GLN H 131 -62.93 16.66 -1.55
N PHE H 132 -62.14 15.60 -1.52
CA PHE H 132 -62.46 14.40 -2.29
C PHE H 132 -63.67 13.67 -1.70
N CYS H 133 -64.44 13.06 -2.59
CA CYS H 133 -65.57 12.24 -2.16
C CYS H 133 -65.07 10.91 -1.59
N ASN H 134 -65.96 10.24 -0.87
CA ASN H 134 -65.60 8.96 -0.27
C ASN H 134 -65.36 7.89 -1.33
N ASP H 135 -66.13 7.95 -2.42
CA ASP H 135 -65.97 7.02 -3.54
C ASP H 135 -65.91 7.84 -4.84
N PRO H 136 -64.79 8.50 -5.10
CA PRO H 136 -64.70 9.33 -6.30
C PRO H 136 -64.71 8.51 -7.58
N PHE H 137 -65.31 9.09 -8.62
CA PHE H 137 -65.35 8.48 -9.94
C PHE H 137 -65.75 9.56 -10.94
N LEU H 138 -65.29 9.40 -12.18
CA LEU H 138 -65.54 10.37 -13.23
C LEU H 138 -66.74 9.92 -14.07
N ASP H 139 -67.76 10.77 -14.13
CA ASP H 139 -68.98 10.47 -14.87
C ASP H 139 -68.92 11.10 -16.26
N VAL H 140 -69.52 10.42 -17.22
CA VAL H 140 -69.55 10.85 -18.62
C VAL H 140 -71.00 11.04 -19.04
N TYR H 141 -71.31 12.20 -19.61
CA TYR H 141 -72.66 12.43 -20.12
C TYR H 141 -72.67 13.53 -21.17
N TRP H 149 -70.04 14.69 -25.68
CA TRP H 149 -69.89 14.03 -24.39
C TRP H 149 -68.96 14.83 -23.49
N MET H 150 -69.46 15.24 -22.33
CA MET H 150 -68.69 16.00 -21.36
C MET H 150 -68.42 15.09 -20.17
N GLU H 151 -67.15 15.08 -19.72
CA GLU H 151 -66.73 14.25 -18.60
C GLU H 151 -66.63 15.14 -17.36
N SER H 152 -67.56 14.96 -16.44
CA SER H 152 -67.68 15.88 -15.31
C SER H 152 -66.59 15.63 -14.28
N GLU H 153 -65.91 16.70 -13.87
CA GLU H 153 -64.95 16.62 -12.78
C GLU H 153 -65.62 16.61 -11.42
N PHE H 154 -66.94 16.82 -11.36
CA PHE H 154 -67.69 16.61 -10.13
C PHE H 154 -67.94 15.12 -9.92
N ARG H 155 -68.46 14.80 -8.73
CA ARG H 155 -68.59 13.45 -8.18
C ARG H 155 -67.24 12.87 -7.77
N VAL H 156 -66.15 13.57 -8.03
CA VAL H 156 -64.83 13.22 -7.49
C VAL H 156 -64.50 14.06 -6.27
N TYR H 157 -64.60 15.38 -6.40
CA TYR H 157 -64.38 16.30 -5.31
C TYR H 157 -65.49 17.33 -5.29
N SER H 158 -65.88 17.76 -4.08
CA SER H 158 -66.89 18.79 -3.96
C SER H 158 -66.33 20.17 -4.26
N SER H 159 -65.05 20.40 -3.92
CA SER H 159 -64.42 21.69 -4.14
C SER H 159 -62.93 21.50 -4.35
N ALA H 160 -62.31 22.49 -5.00
CA ALA H 160 -60.87 22.53 -5.25
C ALA H 160 -60.37 23.92 -4.91
N ASN H 161 -59.96 24.12 -3.66
CA ASN H 161 -59.58 25.44 -3.16
C ASN H 161 -58.08 25.50 -2.90
N ASN H 162 -57.53 26.70 -3.04
CA ASN H 162 -56.12 26.98 -2.79
C ASN H 162 -55.21 26.09 -3.65
N CYS H 163 -55.36 26.25 -4.96
CA CYS H 163 -54.54 25.49 -5.90
C CYS H 163 -53.08 25.94 -5.84
N THR H 164 -52.15 24.99 -6.07
CA THR H 164 -50.72 25.28 -5.97
C THR H 164 -49.91 24.66 -7.11
N PHE H 165 -50.55 23.97 -8.06
CA PHE H 165 -49.79 23.40 -9.16
C PHE H 165 -50.76 22.95 -10.23
N GLU H 166 -50.32 23.05 -11.48
CA GLU H 166 -51.10 22.59 -12.62
C GLU H 166 -50.15 22.08 -13.69
N TYR H 167 -50.62 21.12 -14.48
CA TYR H 167 -49.78 20.56 -15.53
C TYR H 167 -50.69 19.82 -16.53
N VAL H 168 -50.42 20.00 -17.81
CA VAL H 168 -51.19 19.35 -18.87
C VAL H 168 -50.21 18.76 -19.88
N SER H 169 -50.49 17.55 -20.35
CA SER H 169 -49.61 16.90 -21.32
C SER H 169 -50.42 15.88 -22.12
N GLN H 170 -49.73 15.08 -22.93
CA GLN H 170 -50.37 14.07 -23.76
C GLN H 170 -50.87 12.89 -22.92
N PRO H 171 -51.99 12.30 -23.29
CA PRO H 171 -52.57 11.23 -22.47
C PRO H 171 -51.71 9.97 -22.49
N PHE H 172 -51.75 9.24 -21.37
CA PHE H 172 -50.95 8.03 -21.22
C PHE H 172 -51.48 6.91 -22.10
N PHE H 183 -55.44 -11.22 -27.81
CA PHE H 183 -54.39 -10.32 -27.33
C PHE H 183 -54.97 -9.18 -26.50
N LYS H 184 -54.15 -8.63 -25.62
CA LYS H 184 -54.53 -7.50 -24.78
C LYS H 184 -53.37 -6.53 -24.71
N ASN H 185 -53.62 -5.36 -24.11
CA ASN H 185 -52.62 -4.32 -23.95
C ASN H 185 -52.44 -4.05 -22.46
N LEU H 186 -51.40 -4.64 -21.87
CA LEU H 186 -51.10 -4.41 -20.46
C LEU H 186 -50.43 -3.05 -20.30
N ARG H 187 -50.87 -2.28 -19.31
CA ARG H 187 -50.33 -0.97 -19.02
C ARG H 187 -49.76 -0.98 -17.60
N GLU H 188 -48.51 -0.56 -17.47
CA GLU H 188 -47.77 -0.63 -16.22
C GLU H 188 -47.28 0.75 -15.85
N PHE H 189 -47.38 1.09 -14.57
CA PHE H 189 -46.95 2.36 -14.03
C PHE H 189 -46.25 2.14 -12.72
N VAL H 190 -45.29 3.02 -12.43
CA VAL H 190 -44.61 3.04 -11.14
C VAL H 190 -44.63 4.48 -10.64
N PHE H 191 -45.14 4.67 -9.44
CA PHE H 191 -45.23 5.98 -8.80
C PHE H 191 -44.29 5.99 -7.61
N LYS H 192 -43.37 6.95 -7.60
CA LYS H 192 -42.46 7.16 -6.50
C LYS H 192 -42.55 8.60 -6.03
N ASN H 193 -42.38 8.81 -4.73
CA ASN H 193 -42.47 10.14 -4.13
C ASN H 193 -41.23 10.33 -3.27
N ILE H 194 -40.16 10.84 -3.89
CA ILE H 194 -38.88 11.01 -3.21
C ILE H 194 -38.26 12.33 -3.62
N ASP H 195 -37.53 12.95 -2.68
CA ASP H 195 -36.83 14.21 -2.91
C ASP H 195 -37.81 15.32 -3.33
N GLY H 196 -38.99 15.32 -2.72
CA GLY H 196 -40.01 16.29 -3.10
C GLY H 196 -40.44 16.16 -4.54
N TYR H 197 -40.28 14.98 -5.13
CA TYR H 197 -40.54 14.76 -6.54
C TYR H 197 -41.42 13.54 -6.71
N PHE H 198 -42.45 13.67 -7.53
CA PHE H 198 -43.33 12.57 -7.89
C PHE H 198 -42.89 12.07 -9.26
N LYS H 199 -42.30 10.89 -9.30
CA LYS H 199 -41.80 10.29 -10.52
C LYS H 199 -42.78 9.21 -10.99
N ILE H 200 -43.10 9.24 -12.27
CA ILE H 200 -44.01 8.28 -12.87
C ILE H 200 -43.29 7.63 -14.04
N TYR H 201 -43.13 6.31 -13.96
CA TYR H 201 -42.63 5.49 -15.05
C TYR H 201 -43.79 4.67 -15.62
N SER H 202 -43.71 4.33 -16.90
CA SER H 202 -44.83 3.62 -17.51
C SER H 202 -44.36 2.81 -18.70
N LYS H 203 -45.24 1.90 -19.13
CA LYS H 203 -44.96 1.04 -20.28
C LYS H 203 -46.25 0.39 -20.74
N HIS H 204 -46.34 0.13 -22.04
CA HIS H 204 -47.46 -0.57 -22.64
C HIS H 204 -46.94 -1.78 -23.40
N THR H 205 -47.51 -2.95 -23.14
CA THR H 205 -47.01 -4.19 -23.72
C THR H 205 -48.15 -5.01 -24.29
N PRO H 206 -48.04 -5.50 -25.53
CA PRO H 206 -49.01 -6.45 -26.04
C PRO H 206 -48.79 -7.84 -25.45
N ILE H 207 -49.90 -8.50 -25.11
CA ILE H 207 -49.85 -9.82 -24.47
C ILE H 207 -50.82 -10.75 -25.17
N ASN H 208 -50.55 -12.05 -25.05
CA ASN H 208 -51.42 -13.08 -25.61
C ASN H 208 -52.51 -13.47 -24.62
N LEU H 213 -50.66 -10.46 -15.96
CA LEU H 213 -49.24 -10.23 -15.79
C LEU H 213 -48.42 -11.35 -16.42
N PRO H 214 -47.88 -11.11 -17.60
CA PRO H 214 -47.04 -12.12 -18.27
C PRO H 214 -45.73 -12.32 -17.53
N GLN H 215 -45.00 -13.36 -17.94
CA GLN H 215 -43.76 -13.75 -17.28
C GLN H 215 -42.53 -13.26 -18.02
N GLY H 216 -42.69 -12.37 -18.99
CA GLY H 216 -41.57 -11.80 -19.70
C GLY H 216 -40.92 -10.68 -18.91
N PHE H 217 -40.10 -9.90 -19.60
CA PHE H 217 -39.43 -8.75 -19.02
C PHE H 217 -39.72 -7.51 -19.87
N SER H 218 -40.02 -6.40 -19.21
CA SER H 218 -40.33 -5.15 -19.89
C SER H 218 -40.04 -4.00 -18.93
N ALA H 219 -39.01 -3.21 -19.25
CA ALA H 219 -38.61 -2.11 -18.39
C ALA H 219 -39.51 -0.90 -18.61
N LEU H 220 -39.68 -0.12 -17.55
CA LEU H 220 -40.59 1.02 -17.54
C LEU H 220 -39.77 2.30 -17.71
N GLU H 221 -39.97 3.01 -18.82
CA GLU H 221 -39.24 4.23 -19.09
C GLU H 221 -39.78 5.38 -18.26
N PRO H 222 -38.92 6.32 -17.86
CA PRO H 222 -39.38 7.51 -17.14
C PRO H 222 -40.39 8.29 -17.98
N LEU H 223 -41.62 8.37 -17.49
CA LEU H 223 -42.69 9.05 -18.20
C LEU H 223 -42.79 10.52 -17.82
N VAL H 224 -42.68 10.84 -16.53
CA VAL H 224 -42.77 12.24 -16.09
C VAL H 224 -42.15 12.37 -14.70
N ASP H 225 -41.69 13.57 -14.39
CA ASP H 225 -41.21 13.94 -13.06
C ASP H 225 -41.85 15.26 -12.68
N LEU H 226 -42.40 15.33 -11.46
CA LEU H 226 -43.11 16.52 -11.02
C LEU H 226 -42.49 17.06 -9.73
N PRO H 227 -42.09 18.33 -9.69
CA PRO H 227 -41.45 18.91 -8.49
C PRO H 227 -42.47 19.40 -7.47
N ILE H 228 -43.24 18.49 -6.91
CA ILE H 228 -44.28 18.81 -5.94
C ILE H 228 -43.88 18.23 -4.59
N GLY H 229 -43.63 19.12 -3.62
CA GLY H 229 -43.28 18.71 -2.29
C GLY H 229 -44.48 18.50 -1.39
N ILE H 230 -45.22 17.42 -1.59
CA ILE H 230 -46.41 17.12 -0.80
C ILE H 230 -46.23 15.78 -0.11
N ASN H 231 -47.02 15.56 0.93
CA ASN H 231 -47.01 14.30 1.64
C ASN H 231 -48.03 13.35 1.02
N ILE H 232 -47.59 12.14 0.72
CA ILE H 232 -48.44 11.11 0.13
C ILE H 232 -48.24 9.84 0.95
N THR H 233 -49.31 9.37 1.61
CA THR H 233 -49.30 8.09 2.29
C THR H 233 -50.49 7.22 1.92
N ARG H 234 -51.41 7.72 1.12
CA ARG H 234 -52.59 6.98 0.68
C ARG H 234 -52.90 7.36 -0.77
N PHE H 235 -53.55 6.44 -1.48
CA PHE H 235 -53.86 6.66 -2.89
C PHE H 235 -55.09 5.85 -3.27
N GLN H 236 -55.68 6.22 -4.40
CA GLN H 236 -56.93 5.62 -4.87
C GLN H 236 -57.00 5.76 -6.38
N THR H 237 -57.68 4.82 -7.02
CA THR H 237 -57.88 4.81 -8.46
C THR H 237 -59.17 5.54 -8.82
N LEU H 238 -59.22 6.07 -10.05
CA LEU H 238 -60.39 6.77 -10.56
C LEU H 238 -60.95 6.05 -11.78
N LEU H 239 -62.28 5.95 -11.83
CA LEU H 239 -62.94 5.33 -12.97
C LEU H 239 -63.74 6.34 -13.77
N ALA H 261 -60.47 -3.94 -12.98
CA ALA H 261 -59.53 -4.88 -12.39
C ALA H 261 -58.10 -4.40 -12.57
N TYR H 262 -57.42 -4.09 -11.46
CA TYR H 262 -56.06 -3.59 -11.52
C TYR H 262 -55.23 -4.23 -10.42
N TYR H 263 -53.92 -4.27 -10.65
CA TYR H 263 -52.96 -4.87 -9.74
C TYR H 263 -52.17 -3.78 -9.04
N VAL H 264 -51.92 -3.96 -7.74
CA VAL H 264 -51.16 -3.03 -6.93
C VAL H 264 -50.06 -3.79 -6.19
N GLY H 265 -48.83 -3.31 -6.30
CA GLY H 265 -47.72 -3.84 -5.53
C GLY H 265 -46.94 -2.71 -4.90
N TYR H 266 -46.06 -3.08 -3.96
CA TYR H 266 -45.30 -2.09 -3.20
C TYR H 266 -43.81 -2.26 -3.42
N LEU H 267 -43.10 -1.15 -3.40
CA LEU H 267 -41.66 -1.15 -3.64
C LEU H 267 -40.89 -1.24 -2.33
N GLN H 268 -39.74 -1.90 -2.39
CA GLN H 268 -38.81 -2.06 -1.29
C GLN H 268 -37.41 -1.64 -1.74
N PRO H 269 -36.56 -1.21 -0.82
CA PRO H 269 -35.17 -0.94 -1.18
C PRO H 269 -34.41 -2.22 -1.50
N ARG H 270 -34.08 -2.42 -2.78
CA ARG H 270 -33.43 -3.63 -3.24
C ARG H 270 -32.28 -3.28 -4.16
N THR H 271 -31.31 -4.20 -4.21
CA THR H 271 -30.20 -4.12 -5.16
C THR H 271 -30.51 -5.03 -6.34
N PHE H 272 -30.44 -4.49 -7.55
CA PHE H 272 -30.71 -5.22 -8.76
C PHE H 272 -29.49 -5.19 -9.66
N LEU H 273 -29.31 -6.27 -10.42
CA LEU H 273 -28.30 -6.35 -11.46
C LEU H 273 -29.03 -6.32 -12.80
N LEU H 274 -28.94 -5.19 -13.50
CA LEU H 274 -29.67 -4.97 -14.74
C LEU H 274 -28.75 -5.17 -15.94
N LYS H 275 -29.30 -5.81 -16.97
CA LYS H 275 -28.56 -6.09 -18.20
C LYS H 275 -29.03 -5.12 -19.27
N TYR H 276 -28.15 -4.22 -19.70
CA TYR H 276 -28.40 -3.35 -20.84
C TYR H 276 -27.84 -4.02 -22.08
N ASN H 277 -28.69 -4.20 -23.09
CA ASN H 277 -28.27 -4.80 -24.35
C ASN H 277 -27.53 -3.75 -25.19
N GLU H 278 -27.22 -4.11 -26.44
CA GLU H 278 -26.45 -3.20 -27.30
C GLU H 278 -27.22 -1.93 -27.63
N ASN H 279 -28.54 -2.02 -27.73
CA ASN H 279 -29.37 -0.87 -28.08
C ASN H 279 -29.68 0.02 -26.88
N GLY H 280 -29.20 -0.32 -25.69
CA GLY H 280 -29.45 0.47 -24.50
C GLY H 280 -30.66 0.06 -23.70
N THR H 281 -31.34 -1.02 -24.08
CA THR H 281 -32.56 -1.44 -23.40
C THR H 281 -32.23 -2.40 -22.27
N ILE H 282 -32.93 -2.24 -21.15
CA ILE H 282 -32.83 -3.19 -20.05
C ILE H 282 -33.63 -4.43 -20.44
N THR H 283 -32.94 -5.54 -20.71
CA THR H 283 -33.58 -6.75 -21.20
C THR H 283 -33.67 -7.86 -20.16
N ASP H 284 -33.04 -7.69 -18.99
CA ASP H 284 -33.07 -8.71 -17.95
C ASP H 284 -32.57 -8.08 -16.66
N ALA H 285 -32.94 -8.71 -15.54
CA ALA H 285 -32.50 -8.25 -14.24
C ALA H 285 -32.40 -9.43 -13.29
N VAL H 286 -31.60 -9.24 -12.24
CA VAL H 286 -31.46 -10.19 -11.16
C VAL H 286 -31.72 -9.44 -9.86
N ASP H 287 -32.70 -9.90 -9.09
CA ASP H 287 -32.98 -9.36 -7.76
C ASP H 287 -32.06 -10.05 -6.75
N CYS H 288 -31.08 -9.31 -6.24
CA CYS H 288 -29.99 -9.92 -5.49
C CYS H 288 -30.47 -10.65 -4.25
N ALA H 289 -31.47 -10.09 -3.56
CA ALA H 289 -31.92 -10.62 -2.28
C ALA H 289 -33.00 -11.69 -2.42
N LEU H 290 -33.31 -12.12 -3.64
CA LEU H 290 -34.40 -13.07 -3.83
C LEU H 290 -34.10 -14.41 -3.19
N ASP H 291 -32.94 -14.99 -3.50
CA ASP H 291 -32.61 -16.34 -3.06
C ASP H 291 -31.10 -16.51 -3.15
N PRO H 292 -30.55 -17.63 -2.65
CA PRO H 292 -29.09 -17.79 -2.70
C PRO H 292 -28.50 -17.74 -4.10
N LEU H 293 -29.18 -18.31 -5.10
CA LEU H 293 -28.66 -18.28 -6.47
C LEU H 293 -28.57 -16.87 -7.01
N SER H 294 -29.58 -16.03 -6.74
CA SER H 294 -29.54 -14.65 -7.19
C SER H 294 -28.44 -13.87 -6.49
N GLU H 295 -28.22 -14.14 -5.20
CA GLU H 295 -27.12 -13.51 -4.50
C GLU H 295 -25.78 -13.93 -5.10
N THR H 296 -25.66 -15.19 -5.50
CA THR H 296 -24.45 -15.64 -6.19
C THR H 296 -24.27 -14.92 -7.53
N LYS H 297 -25.36 -14.77 -8.28
CA LYS H 297 -25.28 -14.07 -9.56
C LYS H 297 -24.86 -12.62 -9.37
N CYS H 298 -25.38 -11.95 -8.34
CA CYS H 298 -25.01 -10.57 -8.08
C CYS H 298 -23.56 -10.47 -7.61
N THR H 299 -23.10 -11.45 -6.82
CA THR H 299 -21.71 -11.44 -6.37
C THR H 299 -20.76 -11.65 -7.54
N LEU H 300 -21.08 -12.58 -8.44
CA LEU H 300 -20.25 -12.83 -9.60
C LEU H 300 -20.44 -11.81 -10.72
N LYS H 301 -21.43 -10.92 -10.58
CA LYS H 301 -21.75 -9.94 -11.62
C LYS H 301 -21.99 -10.61 -12.96
N SER H 302 -22.74 -11.71 -12.94
CA SER H 302 -23.03 -12.47 -14.15
C SER H 302 -24.42 -13.06 -14.02
N PHE H 303 -25.02 -13.38 -15.17
CA PHE H 303 -26.32 -14.02 -15.22
C PHE H 303 -26.24 -15.53 -15.33
N THR H 304 -25.03 -16.08 -15.54
CA THR H 304 -24.81 -17.51 -15.57
C THR H 304 -23.72 -17.85 -14.57
N VAL H 305 -23.85 -19.00 -13.92
CA VAL H 305 -22.92 -19.45 -12.89
C VAL H 305 -22.38 -20.82 -13.28
N GLU H 306 -21.07 -20.97 -13.21
CA GLU H 306 -20.45 -22.27 -13.40
C GLU H 306 -20.58 -23.13 -12.15
N LYS H 307 -20.45 -24.44 -12.33
CA LYS H 307 -20.49 -25.36 -11.20
C LYS H 307 -19.39 -25.03 -10.20
N GLY H 308 -19.74 -25.03 -8.92
CA GLY H 308 -18.78 -24.77 -7.88
C GLY H 308 -19.45 -24.27 -6.62
N ILE H 309 -18.61 -23.87 -5.68
CA ILE H 309 -19.05 -23.34 -4.39
C ILE H 309 -18.50 -21.93 -4.26
N TYR H 310 -19.37 -20.99 -3.88
CA TYR H 310 -19.04 -19.57 -3.92
C TYR H 310 -19.34 -18.93 -2.58
N GLN H 311 -18.37 -18.19 -2.04
CA GLN H 311 -18.54 -17.47 -0.78
C GLN H 311 -19.34 -16.21 -1.06
N THR H 312 -20.60 -16.20 -0.66
CA THR H 312 -21.43 -15.01 -0.76
C THR H 312 -21.39 -14.27 0.58
N SER H 313 -22.29 -13.32 0.78
CA SER H 313 -22.25 -12.48 1.96
C SER H 313 -22.46 -13.32 3.23
N ASN H 314 -22.15 -12.70 4.37
CA ASN H 314 -22.20 -13.37 5.65
C ASN H 314 -23.50 -13.05 6.37
N PHE H 315 -24.02 -14.03 7.10
CA PHE H 315 -25.23 -13.84 7.88
C PHE H 315 -24.90 -13.17 9.21
N ARG H 316 -25.78 -12.26 9.63
CA ARG H 316 -25.61 -11.57 10.90
C ARG H 316 -26.97 -11.43 11.58
N VAL H 317 -27.03 -11.76 12.86
CA VAL H 317 -28.23 -11.57 13.65
C VAL H 317 -28.35 -10.09 14.01
N GLN H 318 -29.52 -9.51 13.74
CA GLN H 318 -29.66 -8.08 13.98
C GLN H 318 -30.25 -7.81 15.36
N PRO H 319 -29.92 -6.67 15.96
CA PRO H 319 -30.41 -6.38 17.31
C PRO H 319 -31.92 -6.14 17.34
N THR H 320 -32.57 -6.70 18.36
CA THR H 320 -34.01 -6.56 18.54
C THR H 320 -34.38 -5.25 19.25
N GLU H 321 -33.62 -4.87 20.28
CA GLU H 321 -33.95 -3.74 21.13
C GLU H 321 -32.75 -2.83 21.28
N SER H 322 -32.99 -1.66 21.85
CA SER H 322 -31.95 -0.74 22.28
C SER H 322 -32.16 -0.43 23.75
N ILE H 323 -31.10 -0.54 24.54
CA ILE H 323 -31.15 -0.32 25.98
C ILE H 323 -30.18 0.80 26.35
N VAL H 324 -30.58 1.61 27.32
CA VAL H 324 -29.76 2.70 27.84
C VAL H 324 -29.64 2.52 29.35
N ARG H 325 -28.42 2.50 29.86
CA ARG H 325 -28.16 2.34 31.27
C ARG H 325 -27.28 3.49 31.73
N PHE H 326 -27.86 4.42 32.47
CA PHE H 326 -27.19 5.59 33.01
C PHE H 326 -27.28 5.55 34.53
N PRO H 327 -26.39 6.24 35.23
CA PRO H 327 -26.52 6.31 36.69
C PRO H 327 -27.78 7.08 37.08
N ASN H 328 -28.29 6.75 38.26
CA ASN H 328 -29.48 7.42 38.78
C ASN H 328 -29.04 8.75 39.40
N ILE H 329 -29.13 9.81 38.61
CA ILE H 329 -28.75 11.16 39.02
C ILE H 329 -29.95 12.07 38.83
N THR H 330 -30.26 12.88 39.83
CA THR H 330 -31.48 13.68 39.85
C THR H 330 -31.25 15.17 39.76
N ASN H 331 -30.16 15.69 40.32
CA ASN H 331 -29.94 17.13 40.34
C ASN H 331 -29.65 17.66 38.93
N LEU H 332 -29.89 18.95 38.76
CA LEU H 332 -29.60 19.65 37.51
C LEU H 332 -28.33 20.46 37.67
N CYS H 333 -27.45 20.38 36.67
CA CYS H 333 -26.15 21.04 36.77
C CYS H 333 -26.32 22.56 36.77
N PRO H 334 -25.53 23.27 37.58
CA PRO H 334 -25.67 24.74 37.71
C PRO H 334 -24.83 25.51 36.69
N PHE H 335 -25.17 25.35 35.43
CA PHE H 335 -24.50 26.09 34.36
C PHE H 335 -24.96 27.54 34.27
N ASP H 336 -26.21 27.80 34.68
CA ASP H 336 -26.74 29.15 34.57
C ASP H 336 -25.97 30.13 35.46
N GLU H 337 -25.59 29.69 36.67
CA GLU H 337 -24.80 30.56 37.53
C GLU H 337 -23.37 30.71 37.04
N VAL H 338 -22.88 29.76 36.24
CA VAL H 338 -21.58 29.96 35.60
C VAL H 338 -21.68 31.04 34.53
N PHE H 339 -22.68 30.93 33.65
CA PHE H 339 -22.78 31.86 32.54
C PHE H 339 -23.34 33.21 32.97
N ASN H 340 -24.33 33.22 33.87
CA ASN H 340 -24.96 34.48 34.30
C ASN H 340 -24.35 34.94 35.62
N ALA H 341 -23.06 35.27 35.53
CA ALA H 341 -22.33 35.85 36.65
C ALA H 341 -22.18 37.36 36.43
N THR H 342 -22.30 38.12 37.52
CA THR H 342 -22.23 39.57 37.42
C THR H 342 -20.86 40.03 36.94
N ARG H 343 -19.80 39.44 37.50
CA ARG H 343 -18.43 39.79 37.13
C ARG H 343 -17.64 38.51 36.90
N PHE H 344 -16.89 38.47 35.81
CA PHE H 344 -16.00 37.35 35.52
C PHE H 344 -14.62 37.60 36.11
N ALA H 345 -13.86 36.52 36.25
CA ALA H 345 -12.52 36.62 36.80
C ALA H 345 -11.54 37.18 35.77
N SER H 346 -10.43 37.72 36.26
CA SER H 346 -9.32 38.06 35.39
C SER H 346 -8.66 36.78 34.90
N VAL H 347 -8.02 36.86 33.72
CA VAL H 347 -7.48 35.66 33.11
C VAL H 347 -6.33 35.08 33.92
N TYR H 348 -5.53 35.93 34.57
CA TYR H 348 -4.46 35.41 35.41
C TYR H 348 -5.00 34.72 36.66
N ALA H 349 -6.19 35.13 37.11
CA ALA H 349 -6.83 34.53 38.28
C ALA H 349 -8.14 33.85 37.87
N TRP H 350 -8.10 33.09 36.78
CA TRP H 350 -9.31 32.54 36.19
C TRP H 350 -10.06 31.65 37.18
N ASN H 351 -11.38 31.70 37.09
CA ASN H 351 -12.22 30.97 38.04
C ASN H 351 -12.47 29.55 37.53
N ARG H 352 -12.35 28.58 38.42
CA ARG H 352 -12.66 27.19 38.10
C ARG H 352 -13.77 26.70 39.01
N LYS H 353 -14.79 26.08 38.41
CA LYS H 353 -15.92 25.52 39.14
C LYS H 353 -16.08 24.05 38.77
N ARG H 354 -16.34 23.22 39.78
CA ARG H 354 -16.51 21.79 39.58
C ARG H 354 -17.98 21.45 39.41
N ILE H 355 -18.29 20.68 38.38
CA ILE H 355 -19.64 20.22 38.08
C ILE H 355 -19.64 18.71 38.25
N SER H 356 -20.46 18.21 39.18
CA SER H 356 -20.50 16.78 39.45
C SER H 356 -21.86 16.43 40.06
N ASN H 357 -22.26 15.17 39.86
CA ASN H 357 -23.48 14.61 40.42
C ASN H 357 -24.72 15.44 40.02
N CYS H 358 -24.89 15.57 38.71
CA CYS H 358 -26.03 16.32 38.19
C CYS H 358 -26.29 15.88 36.75
N VAL H 359 -27.47 16.23 36.26
CA VAL H 359 -27.87 15.97 34.88
C VAL H 359 -27.64 17.25 34.08
N ALA H 360 -26.86 17.16 33.01
CA ALA H 360 -26.42 18.31 32.24
C ALA H 360 -27.15 18.34 30.91
N ASP H 361 -27.98 19.35 30.72
CA ASP H 361 -28.62 19.64 29.44
C ASP H 361 -27.82 20.76 28.77
N TYR H 362 -27.07 20.41 27.73
CA TYR H 362 -26.18 21.37 27.10
C TYR H 362 -26.87 22.21 26.03
N SER H 363 -28.09 21.85 25.64
CA SER H 363 -28.81 22.64 24.65
C SER H 363 -29.31 23.96 25.23
N VAL H 364 -29.43 24.06 26.56
CA VAL H 364 -29.91 25.30 27.16
C VAL H 364 -28.80 26.30 27.40
N LEU H 365 -27.54 25.94 27.14
CA LEU H 365 -26.45 26.89 27.27
C LEU H 365 -26.59 28.04 26.27
N TYR H 366 -27.23 27.77 25.12
CA TYR H 366 -27.44 28.82 24.13
C TYR H 366 -28.31 29.95 24.67
N ASN H 367 -29.14 29.65 25.67
CA ASN H 367 -30.04 30.65 26.24
C ASN H 367 -29.38 31.48 27.34
N PHE H 368 -28.20 31.11 27.81
CA PHE H 368 -27.56 31.82 28.92
C PHE H 368 -26.63 32.93 28.47
N ALA H 369 -25.95 32.75 27.34
CA ALA H 369 -25.03 33.75 26.83
C ALA H 369 -25.26 33.93 25.33
N PRO H 370 -25.03 35.14 24.82
CA PRO H 370 -25.25 35.37 23.38
C PRO H 370 -24.07 34.99 22.52
N PHE H 371 -23.47 33.84 22.77
CA PHE H 371 -22.38 33.35 21.93
C PHE H 371 -22.93 32.78 20.64
N PHE H 372 -22.11 32.83 19.59
CA PHE H 372 -22.56 32.35 18.29
C PHE H 372 -22.53 30.84 18.19
N ALA H 373 -21.44 30.21 18.64
CA ALA H 373 -21.32 28.75 18.55
C ALA H 373 -20.28 28.26 19.54
N PHE H 374 -20.35 26.96 19.82
CA PHE H 374 -19.32 26.28 20.60
C PHE H 374 -18.06 26.14 19.75
N LYS H 375 -16.93 25.85 20.41
CA LYS H 375 -15.73 25.39 19.75
C LYS H 375 -15.22 24.19 20.52
N CYS H 376 -15.55 22.99 20.06
CA CYS H 376 -15.30 21.77 20.83
C CYS H 376 -14.16 20.96 20.22
N TYR H 377 -13.43 20.27 21.09
CA TYR H 377 -12.29 19.45 20.73
C TYR H 377 -12.51 18.06 21.30
N GLY H 378 -12.45 17.05 20.43
CA GLY H 378 -12.66 15.68 20.83
C GLY H 378 -14.11 15.27 20.97
N VAL H 379 -15.04 16.19 20.74
CA VAL H 379 -16.46 15.93 20.94
C VAL H 379 -17.23 16.94 20.12
N SER H 380 -18.50 16.64 19.85
CA SER H 380 -19.37 17.57 19.15
C SER H 380 -20.43 18.10 20.10
N PRO H 381 -20.83 19.36 19.97
CA PRO H 381 -21.85 19.90 20.89
C PRO H 381 -23.14 19.11 20.90
N THR H 382 -23.67 18.78 19.71
CA THR H 382 -24.94 18.07 19.62
C THR H 382 -24.88 16.66 20.19
N LYS H 383 -23.68 16.13 20.42
CA LYS H 383 -23.53 14.82 21.03
C LYS H 383 -23.42 14.88 22.55
N LEU H 384 -23.24 16.08 23.12
CA LEU H 384 -22.94 16.17 24.55
C LEU H 384 -24.08 15.64 25.41
N ASN H 385 -25.31 15.65 24.88
CA ASN H 385 -26.44 15.16 25.67
C ASN H 385 -26.51 13.64 25.72
N ASP H 386 -25.76 12.92 24.88
CA ASP H 386 -25.78 11.46 24.88
C ASP H 386 -24.63 10.87 25.68
N LEU H 387 -23.81 11.70 26.32
CA LEU H 387 -22.60 11.25 26.96
C LEU H 387 -22.68 11.40 28.48
N CYS H 388 -21.79 10.71 29.17
CA CYS H 388 -21.62 10.82 30.61
C CYS H 388 -20.15 11.10 30.90
N PHE H 389 -19.90 11.90 31.94
CA PHE H 389 -18.55 12.27 32.32
C PHE H 389 -18.35 12.06 33.81
N THR H 390 -17.13 11.69 34.19
CA THR H 390 -16.82 11.54 35.61
C THR H 390 -16.92 12.89 36.33
N ASN H 391 -16.38 13.94 35.73
CA ASN H 391 -16.48 15.28 36.27
C ASN H 391 -16.45 16.27 35.12
N VAL H 392 -16.99 17.46 35.36
CA VAL H 392 -16.91 18.56 34.41
C VAL H 392 -16.27 19.74 35.13
N TYR H 393 -15.46 20.49 34.40
CA TYR H 393 -14.86 21.72 34.92
C TYR H 393 -15.30 22.88 34.07
N ALA H 394 -15.71 23.97 34.72
CA ALA H 394 -16.08 25.20 34.03
C ALA H 394 -15.13 26.30 34.47
N ASP H 395 -14.29 26.75 33.56
CA ASP H 395 -13.35 27.83 33.81
C ASP H 395 -13.84 29.09 33.13
N SER H 396 -13.93 30.18 33.88
CA SER H 396 -14.46 31.43 33.35
C SER H 396 -13.46 32.55 33.58
N PHE H 397 -13.32 33.40 32.57
CA PHE H 397 -12.43 34.55 32.65
C PHE H 397 -12.80 35.53 31.53
N VAL H 398 -12.03 36.60 31.43
CA VAL H 398 -12.23 37.64 30.43
C VAL H 398 -10.91 37.96 29.76
N ILE H 399 -10.91 38.03 28.42
CA ILE H 399 -9.76 38.43 27.65
C ILE H 399 -10.21 39.46 26.60
N ARG H 400 -9.31 39.85 25.72
CA ARG H 400 -9.73 40.63 24.56
C ARG H 400 -9.85 39.73 23.34
N GLY H 401 -10.52 40.25 22.31
CA GLY H 401 -10.92 39.42 21.18
C GLY H 401 -9.76 38.79 20.45
N ASN H 402 -8.69 39.56 20.22
CA ASN H 402 -7.57 39.02 19.46
C ASN H 402 -6.79 37.95 20.21
N GLU H 403 -7.11 37.72 21.48
CA GLU H 403 -6.53 36.63 22.26
C GLU H 403 -7.44 35.41 22.33
N VAL H 404 -8.64 35.48 21.76
CA VAL H 404 -9.58 34.37 21.84
C VAL H 404 -9.02 33.14 21.14
N SER H 405 -8.25 33.33 20.07
CA SER H 405 -7.62 32.21 19.39
C SER H 405 -6.60 31.49 20.26
N GLN H 406 -6.13 32.12 21.34
CA GLN H 406 -5.16 31.47 22.21
C GLN H 406 -5.81 30.45 23.14
N ILE H 407 -7.12 30.46 23.30
CA ILE H 407 -7.80 29.49 24.16
C ILE H 407 -8.10 28.28 23.28
N ALA H 408 -7.09 27.45 23.12
CA ALA H 408 -7.14 26.26 22.27
C ALA H 408 -5.91 25.40 22.56
N PRO H 409 -6.02 24.08 22.43
CA PRO H 409 -4.85 23.22 22.66
C PRO H 409 -3.72 23.53 21.70
N GLY H 410 -2.49 23.45 22.20
CA GLY H 410 -1.31 23.66 21.38
C GLY H 410 -1.12 25.08 20.87
N GLN H 411 -1.44 26.08 21.69
CA GLN H 411 -1.29 27.47 21.30
C GLN H 411 -0.16 28.15 22.07
N THR H 412 0.31 29.27 21.53
CA THR H 412 1.38 30.04 22.12
C THR H 412 0.97 31.51 22.14
N GLY H 413 1.43 32.23 23.14
CA GLY H 413 1.12 33.63 23.30
C GLY H 413 1.05 33.98 24.77
N ASN H 414 0.83 35.28 25.02
CA ASN H 414 0.84 35.77 26.39
C ASN H 414 -0.19 35.04 27.26
N ILE H 415 -1.42 34.93 26.77
CA ILE H 415 -2.47 34.27 27.54
C ILE H 415 -2.14 32.79 27.71
N ALA H 416 -1.74 32.12 26.63
CA ALA H 416 -1.48 30.69 26.70
C ALA H 416 -0.24 30.39 27.52
N ASP H 417 0.77 31.25 27.45
CA ASP H 417 2.03 30.95 28.14
C ASP H 417 1.99 31.33 29.61
N TYR H 418 1.37 32.46 29.95
CA TYR H 418 1.49 33.00 31.31
C TYR H 418 0.19 33.06 32.09
N ASN H 419 -0.97 32.88 31.45
CA ASN H 419 -2.25 33.03 32.15
C ASN H 419 -3.09 31.77 32.17
N TYR H 420 -3.38 31.19 31.00
CA TYR H 420 -4.29 30.04 30.93
C TYR H 420 -3.81 29.12 29.83
N LYS H 421 -3.47 27.89 30.20
CA LYS H 421 -2.89 26.92 29.27
C LYS H 421 -3.83 25.72 29.13
N LEU H 422 -4.22 25.43 27.90
CA LEU H 422 -4.98 24.20 27.71
C LEU H 422 -4.06 23.04 27.39
N PRO H 423 -4.38 21.84 27.84
CA PRO H 423 -3.53 20.68 27.54
C PRO H 423 -3.59 20.32 26.06
N ASP H 424 -2.52 19.70 25.58
CA ASP H 424 -2.47 19.26 24.19
C ASP H 424 -3.52 18.21 23.89
N ASP H 425 -3.84 17.35 24.87
CA ASP H 425 -4.85 16.33 24.73
C ASP H 425 -6.20 16.78 25.26
N PHE H 426 -6.51 18.06 25.13
CA PHE H 426 -7.73 18.63 25.69
C PHE H 426 -8.96 18.08 24.98
N THR H 427 -9.93 17.61 25.76
CA THR H 427 -11.24 17.27 25.26
C THR H 427 -12.26 18.12 26.01
N GLY H 428 -13.03 18.90 25.27
CA GLY H 428 -13.93 19.84 25.91
C GLY H 428 -14.46 20.85 24.89
N CYS H 429 -14.92 21.99 25.41
CA CYS H 429 -15.49 23.02 24.56
C CYS H 429 -15.09 24.39 25.08
N VAL H 430 -15.00 25.35 24.16
CA VAL H 430 -14.69 26.74 24.47
C VAL H 430 -15.84 27.60 23.97
N ILE H 431 -16.34 28.48 24.84
CA ILE H 431 -17.46 29.36 24.54
C ILE H 431 -17.02 30.78 24.86
N ALA H 432 -16.81 31.59 23.83
CA ALA H 432 -16.40 32.97 24.00
C ALA H 432 -17.43 33.89 23.36
N TRP H 433 -17.81 34.95 24.06
CA TRP H 433 -18.76 35.90 23.51
C TRP H 433 -18.38 37.32 23.89
N ASN H 434 -18.68 38.25 23.01
CA ASN H 434 -18.39 39.66 23.23
C ASN H 434 -19.17 40.19 24.42
N SER H 435 -18.48 40.93 25.28
CA SER H 435 -19.06 41.50 26.49
C SER H 435 -18.68 42.97 26.62
N ASN H 436 -18.76 43.70 25.52
CA ASN H 436 -18.41 45.12 25.53
C ASN H 436 -19.38 45.92 26.38
N LYS H 437 -20.68 45.57 26.34
CA LYS H 437 -21.67 46.35 27.06
C LYS H 437 -21.57 46.19 28.57
N LEU H 438 -20.96 45.10 29.05
CA LEU H 438 -20.84 44.87 30.48
C LEU H 438 -19.46 45.09 31.05
N ASP H 439 -18.41 44.97 30.23
CA ASP H 439 -17.04 45.01 30.74
C ASP H 439 -16.24 46.21 30.23
N SER H 440 -16.91 47.18 29.59
CA SER H 440 -16.25 48.39 29.13
C SER H 440 -16.80 49.60 29.86
N LYS H 441 -15.96 50.60 30.05
CA LYS H 441 -16.34 51.85 30.68
C LYS H 441 -15.78 53.01 29.87
N VAL H 442 -16.43 54.17 29.98
CA VAL H 442 -15.98 55.34 29.24
C VAL H 442 -14.56 55.74 29.67
N GLY H 443 -14.31 55.71 30.97
CA GLY H 443 -12.96 55.96 31.45
C GLY H 443 -12.01 54.80 31.30
N GLY H 444 -12.49 53.67 30.82
CA GLY H 444 -11.66 52.48 30.68
C GLY H 444 -11.80 51.56 31.87
N ASN H 445 -12.17 50.30 31.63
CA ASN H 445 -12.32 49.31 32.68
C ASN H 445 -10.94 48.72 32.98
N TYR H 446 -10.44 49.01 34.18
CA TYR H 446 -9.11 48.55 34.60
C TYR H 446 -9.19 47.44 35.64
N ASN H 447 -10.36 46.84 35.85
CA ASN H 447 -10.49 45.76 36.81
C ASN H 447 -9.90 44.45 36.31
N TYR H 448 -9.79 44.26 35.00
CA TYR H 448 -9.31 43.01 34.41
C TYR H 448 -7.84 43.13 34.07
N GLN H 449 -7.06 42.13 34.49
CA GLN H 449 -5.61 42.13 34.30
C GLN H 449 -5.15 40.81 33.70
N TYR H 450 -3.96 40.84 33.13
CA TYR H 450 -3.29 39.66 32.62
C TYR H 450 -1.83 39.70 33.02
N ARG H 451 -1.25 38.52 33.25
CA ARG H 451 0.17 38.43 33.52
C ARG H 451 0.96 38.63 32.23
N LEU H 452 1.94 39.51 32.28
CA LEU H 452 2.77 39.80 31.12
C LEU H 452 4.15 39.14 31.17
N PHE H 453 4.69 38.92 32.37
CA PHE H 453 6.04 38.42 32.53
C PHE H 453 6.05 37.20 33.42
N ARG H 454 6.81 36.18 33.03
CA ARG H 454 6.97 34.98 33.83
C ARG H 454 8.29 34.31 33.46
N LYS H 455 8.88 33.62 34.43
CA LYS H 455 10.16 32.96 34.18
C LYS H 455 10.00 31.76 33.25
N SER H 456 8.88 31.04 33.37
CA SER H 456 8.63 29.87 32.54
C SER H 456 7.18 29.88 32.09
N ASN H 457 6.86 28.95 31.20
CA ASN H 457 5.49 28.78 30.73
C ASN H 457 4.67 28.02 31.76
N LEU H 458 3.37 28.32 31.81
CA LEU H 458 2.47 27.59 32.67
C LEU H 458 2.27 26.17 32.16
N LYS H 459 2.05 25.25 33.09
CA LYS H 459 1.56 23.92 32.73
C LYS H 459 0.05 23.98 32.53
N PRO H 460 -0.52 23.01 31.82
CA PRO H 460 -1.97 23.04 31.58
C PRO H 460 -2.77 23.07 32.88
N PHE H 461 -3.77 23.95 32.91
CA PHE H 461 -4.68 24.10 34.05
C PHE H 461 -3.95 24.51 35.33
N GLU H 462 -2.82 25.19 35.19
CA GLU H 462 -2.07 25.72 36.31
C GLU H 462 -2.36 27.21 36.46
N ARG H 463 -2.63 27.64 37.68
CA ARG H 463 -2.97 29.02 37.97
C ARG H 463 -1.84 29.69 38.76
N ASP H 464 -1.45 30.88 38.30
CA ASP H 464 -0.41 31.68 38.96
C ASP H 464 -1.03 33.03 39.32
N ILE H 465 -1.21 33.26 40.61
CA ILE H 465 -1.76 34.53 41.09
C ILE H 465 -0.73 35.32 41.89
N SER H 466 0.55 35.06 41.66
CA SER H 466 1.61 35.78 42.34
C SER H 466 1.72 37.21 41.81
N THR H 467 2.28 38.09 42.64
CA THR H 467 2.52 39.48 42.27
C THR H 467 3.97 39.88 42.57
N GLU H 468 4.88 38.92 42.48
CA GLU H 468 6.29 39.21 42.73
C GLU H 468 6.88 40.03 41.58
N ILE H 469 7.78 40.95 41.92
CA ILE H 469 8.41 41.78 40.90
C ILE H 469 9.23 40.90 39.98
N TYR H 470 9.05 41.09 38.68
CA TYR H 470 9.76 40.28 37.69
C TYR H 470 11.16 40.86 37.45
N GLN H 471 12.16 40.00 37.54
CA GLN H 471 13.56 40.39 37.39
C GLN H 471 14.01 40.03 35.98
N ALA H 472 13.78 40.94 35.03
CA ALA H 472 14.18 40.70 33.65
C ALA H 472 15.70 40.74 33.52
N GLY H 473 16.34 41.75 34.09
CA GLY H 473 17.78 41.88 34.02
C GLY H 473 18.48 41.04 35.08
N ASN H 474 19.81 41.08 35.02
CA ASN H 474 20.61 40.37 36.02
C ASN H 474 20.60 41.11 37.35
N LYS H 475 20.43 42.43 37.33
CA LYS H 475 20.40 43.19 38.56
C LYS H 475 19.18 42.81 39.40
N PRO H 476 19.36 42.60 40.70
CA PRO H 476 18.21 42.23 41.54
C PRO H 476 17.28 43.42 41.76
N CYS H 477 16.04 43.09 42.11
CA CYS H 477 15.00 44.10 42.34
C CYS H 477 14.73 44.35 43.81
N ASN H 478 15.04 43.39 44.68
CA ASN H 478 14.82 43.50 46.12
C ASN H 478 13.36 43.80 46.46
N GLY H 479 12.44 43.32 45.64
CA GLY H 479 11.03 43.54 45.85
C GLY H 479 10.53 44.92 45.50
N VAL H 480 11.33 45.73 44.83
CA VAL H 480 10.95 47.09 44.42
C VAL H 480 11.06 47.17 42.91
N ALA H 481 10.03 47.72 42.27
CA ALA H 481 9.99 47.80 40.82
C ALA H 481 10.95 48.86 40.30
N GLY H 482 11.12 48.89 38.98
CA GLY H 482 11.99 49.86 38.35
C GLY H 482 12.41 49.37 36.97
N PHE H 483 13.50 49.94 36.48
CA PHE H 483 14.05 49.53 35.20
C PHE H 483 14.45 48.05 35.27
N ASN H 484 14.04 47.28 34.27
CA ASN H 484 14.20 45.83 34.21
C ASN H 484 13.53 45.11 35.38
N CYS H 485 12.72 45.81 36.16
CA CYS H 485 11.99 45.23 37.29
C CYS H 485 10.53 45.63 37.12
N TYR H 486 9.79 44.81 36.36
CA TYR H 486 8.41 45.12 36.00
C TYR H 486 7.44 44.39 36.92
N PHE H 487 6.35 45.07 37.24
CA PHE H 487 5.24 44.41 37.90
C PHE H 487 4.59 43.44 36.93
N PRO H 488 4.43 42.16 37.29
CA PRO H 488 4.08 41.14 36.29
C PRO H 488 2.70 41.30 35.67
N LEU H 489 1.79 42.03 36.31
CA LEU H 489 0.41 42.12 35.84
C LEU H 489 0.17 43.47 35.17
N ARG H 490 -0.48 43.43 34.01
CA ARG H 490 -0.87 44.62 33.28
C ARG H 490 -2.38 44.61 33.06
N SER H 491 -3.00 45.79 33.10
CA SER H 491 -4.44 45.90 33.03
C SER H 491 -4.91 46.13 31.61
N TYR H 492 -6.03 45.49 31.26
CA TYR H 492 -6.74 45.85 30.04
C TYR H 492 -7.36 47.23 30.20
N GLY H 493 -7.59 47.89 29.07
CA GLY H 493 -8.18 49.21 29.09
C GLY H 493 -9.51 49.26 28.35
N PHE H 494 -10.34 48.24 28.56
CA PHE H 494 -11.56 48.06 27.78
C PHE H 494 -12.40 49.33 27.74
N ARG H 495 -12.65 49.83 26.53
CA ARG H 495 -13.46 51.00 26.28
C ARG H 495 -14.48 50.70 25.19
N PRO H 496 -15.68 51.27 25.28
CA PRO H 496 -16.73 50.93 24.33
C PRO H 496 -16.44 51.31 22.88
N THR H 497 -15.50 52.22 22.64
CA THR H 497 -15.20 52.68 21.30
C THR H 497 -14.11 51.88 20.61
N TYR H 498 -13.56 50.87 21.28
CA TYR H 498 -12.52 50.04 20.69
C TYR H 498 -13.10 49.17 19.59
N GLY H 499 -12.23 48.72 18.69
CA GLY H 499 -12.60 47.73 17.70
C GLY H 499 -12.78 46.36 18.32
N VAL H 500 -13.43 45.48 17.57
CA VAL H 500 -13.84 44.19 18.12
C VAL H 500 -12.65 43.35 18.56
N GLY H 501 -11.51 43.50 17.88
CA GLY H 501 -10.31 42.77 18.28
C GLY H 501 -9.73 43.23 19.61
N HIS H 502 -10.08 44.43 20.05
CA HIS H 502 -9.63 44.97 21.32
C HIS H 502 -10.74 45.04 22.36
N GLN H 503 -11.94 44.58 22.03
CA GLN H 503 -13.06 44.60 22.95
C GLN H 503 -13.02 43.40 23.89
N PRO H 504 -13.65 43.50 25.06
CA PRO H 504 -13.63 42.37 25.99
C PRO H 504 -14.50 41.21 25.52
N TYR H 505 -14.05 40.01 25.84
CA TYR H 505 -14.76 38.78 25.55
C TYR H 505 -14.76 37.91 26.80
N ARG H 506 -15.93 37.43 27.17
CA ARG H 506 -16.07 36.49 28.27
C ARG H 506 -15.92 35.07 27.74
N VAL H 507 -15.11 34.27 28.43
CA VAL H 507 -14.76 32.93 27.98
C VAL H 507 -15.11 31.94 29.07
N VAL H 508 -15.82 30.88 28.70
CA VAL H 508 -16.10 29.72 29.54
C VAL H 508 -15.54 28.49 28.84
N VAL H 509 -14.70 27.75 29.53
CA VAL H 509 -14.08 26.53 29.03
C VAL H 509 -14.67 25.36 29.81
N LEU H 510 -15.28 24.43 29.10
CA LEU H 510 -15.82 23.21 29.69
C LEU H 510 -14.84 22.08 29.43
N SER H 511 -14.32 21.49 30.50
CA SER H 511 -13.41 20.36 30.43
C SER H 511 -14.14 19.11 30.88
N PHE H 512 -14.09 18.07 30.05
CA PHE H 512 -14.79 16.82 30.30
C PHE H 512 -13.78 15.71 30.61
N GLU H 513 -14.11 14.90 31.62
CA GLU H 513 -13.35 13.71 31.95
C GLU H 513 -14.17 12.49 31.54
N LEU H 514 -13.64 11.69 30.63
CA LEU H 514 -14.38 10.58 30.04
C LEU H 514 -13.88 9.25 30.57
N LEU H 515 -14.81 8.31 30.72
CA LEU H 515 -14.54 6.90 31.06
C LEU H 515 -13.91 6.85 32.47
N HIS H 516 -12.93 5.98 32.68
CA HIS H 516 -12.35 5.67 33.99
C HIS H 516 -13.40 5.59 35.09
N ALA H 517 -13.22 6.35 36.16
CA ALA H 517 -14.08 6.37 37.35
C ALA H 517 -15.56 6.47 36.99
N PRO H 518 -16.47 6.02 37.86
CA PRO H 518 -17.90 6.09 37.54
C PRO H 518 -18.36 7.51 37.24
N ALA H 519 -19.24 7.62 36.26
CA ALA H 519 -19.71 8.92 35.81
C ALA H 519 -20.62 9.57 36.84
N THR H 520 -20.46 10.89 37.01
CA THR H 520 -21.35 11.67 37.85
C THR H 520 -22.11 12.74 37.10
N VAL H 521 -21.68 13.12 35.91
CA VAL H 521 -22.38 14.09 35.08
C VAL H 521 -22.87 13.35 33.84
N CYS H 522 -24.18 13.43 33.58
CA CYS H 522 -24.79 12.74 32.46
C CYS H 522 -25.78 13.66 31.78
N GLY H 523 -26.08 13.33 30.52
CA GLY H 523 -27.09 14.05 29.79
C GLY H 523 -28.48 13.61 30.17
N PRO H 524 -29.47 14.29 29.60
CA PRO H 524 -30.88 14.01 29.93
C PRO H 524 -31.43 12.81 29.16
N LYS H 525 -30.83 11.65 29.41
CA LYS H 525 -31.18 10.41 28.73
C LYS H 525 -31.87 9.48 29.71
N LYS H 526 -33.03 8.96 29.32
CA LYS H 526 -33.79 8.08 30.20
C LYS H 526 -33.27 6.66 30.10
N SER H 527 -33.11 6.01 31.26
CA SER H 527 -32.59 4.66 31.34
C SER H 527 -33.70 3.64 31.15
N THR H 528 -33.46 2.65 30.31
CA THR H 528 -34.40 1.57 30.08
C THR H 528 -34.08 0.40 31.01
N ASN H 529 -34.72 -0.74 30.75
CA ASN H 529 -34.39 -1.97 31.47
C ASN H 529 -33.13 -2.60 30.89
N LEU H 530 -32.46 -3.41 31.71
CA LEU H 530 -31.23 -4.09 31.32
C LEU H 530 -31.60 -5.47 30.78
N VAL H 531 -31.62 -5.60 29.46
CA VAL H 531 -32.07 -6.82 28.81
C VAL H 531 -30.87 -7.71 28.51
N LYS H 532 -30.90 -8.94 29.01
CA LYS H 532 -29.82 -9.89 28.84
C LYS H 532 -30.21 -10.98 27.86
N ASN H 533 -29.20 -11.73 27.40
CA ASN H 533 -29.36 -12.92 26.59
C ASN H 533 -30.01 -12.64 25.24
N LYS H 534 -30.04 -11.38 24.81
CA LYS H 534 -30.58 -11.01 23.51
C LYS H 534 -29.61 -10.07 22.81
N CYS H 535 -29.56 -10.18 21.48
CA CYS H 535 -28.76 -9.25 20.68
C CYS H 535 -29.43 -7.88 20.70
N VAL H 536 -28.80 -6.91 21.36
CA VAL H 536 -29.36 -5.58 21.52
C VAL H 536 -28.28 -4.54 21.24
N ASN H 537 -28.73 -3.34 20.89
CA ASN H 537 -27.91 -2.15 21.03
C ASN H 537 -27.89 -1.75 22.49
N PHE H 538 -26.72 -1.36 22.98
CA PHE H 538 -26.59 -0.95 24.37
C PHE H 538 -25.83 0.36 24.45
N ASN H 539 -26.19 1.17 25.45
CA ASN H 539 -25.53 2.43 25.76
C ASN H 539 -25.30 2.48 27.26
N PHE H 540 -24.07 2.17 27.69
CA PHE H 540 -23.67 2.22 29.09
C PHE H 540 -22.86 3.49 29.31
N ASN H 541 -23.49 4.51 29.88
CA ASN H 541 -22.82 5.76 30.27
C ASN H 541 -22.17 6.45 29.08
N GLY H 542 -22.71 6.26 27.88
CA GLY H 542 -22.15 6.80 26.67
C GLY H 542 -21.34 5.81 25.86
N LEU H 543 -20.89 4.72 26.47
CA LEU H 543 -20.22 3.63 25.75
C LEU H 543 -21.26 2.83 25.00
N THR H 544 -21.25 2.93 23.68
CA THR H 544 -22.27 2.31 22.86
C THR H 544 -21.75 1.04 22.19
N GLY H 545 -22.67 0.19 21.80
CA GLY H 545 -22.29 -1.01 21.07
C GLY H 545 -23.48 -1.87 20.76
N THR H 546 -23.20 -3.03 20.18
CA THR H 546 -24.23 -4.02 19.88
C THR H 546 -23.69 -5.39 20.30
N GLY H 547 -24.55 -6.20 20.88
CA GLY H 547 -24.14 -7.52 21.30
C GLY H 547 -25.14 -8.15 22.26
N VAL H 548 -24.71 -9.27 22.83
CA VAL H 548 -25.47 -10.03 23.81
C VAL H 548 -24.81 -9.83 25.17
N LEU H 549 -25.60 -9.46 26.16
CA LEU H 549 -25.12 -9.20 27.51
C LEU H 549 -25.44 -10.38 28.40
N THR H 550 -24.43 -10.86 29.13
CA THR H 550 -24.63 -11.97 30.05
C THR H 550 -23.95 -11.66 31.37
N GLU H 551 -24.29 -12.43 32.40
CA GLU H 551 -23.56 -12.34 33.66
C GLU H 551 -22.10 -12.71 33.43
N SER H 552 -21.20 -11.98 34.07
CA SER H 552 -19.77 -12.15 33.90
C SER H 552 -19.14 -12.70 35.17
N ASN H 553 -18.22 -13.64 35.01
CA ASN H 553 -17.43 -14.16 36.11
C ASN H 553 -16.04 -13.55 36.18
N LYS H 554 -15.78 -12.50 35.41
CA LYS H 554 -14.53 -11.77 35.54
C LYS H 554 -14.46 -11.07 36.88
N LYS H 555 -13.31 -11.16 37.54
CA LYS H 555 -13.15 -10.64 38.89
C LYS H 555 -12.74 -9.17 38.81
N PHE H 556 -13.70 -8.34 38.44
CA PHE H 556 -13.47 -6.90 38.45
C PHE H 556 -13.15 -6.43 39.86
N LEU H 557 -12.14 -5.60 39.98
CA LEU H 557 -11.88 -4.92 41.24
C LEU H 557 -12.81 -3.71 41.34
N PRO H 558 -13.10 -3.26 42.56
CA PRO H 558 -14.11 -2.20 42.74
C PRO H 558 -13.86 -0.94 41.93
N PHE H 559 -12.61 -0.59 41.67
CA PHE H 559 -12.31 0.62 40.91
C PHE H 559 -12.45 0.43 39.40
N GLN H 560 -12.68 -0.79 38.93
CA GLN H 560 -12.70 -1.09 37.50
C GLN H 560 -14.13 -1.04 36.96
N GLN H 561 -14.32 -0.30 35.87
CA GLN H 561 -15.64 -0.08 35.30
C GLN H 561 -15.89 -0.83 34.01
N PHE H 562 -14.86 -1.23 33.28
CA PHE H 562 -15.04 -2.02 32.07
C PHE H 562 -13.77 -2.80 31.79
N GLY H 563 -13.90 -3.81 30.93
CA GLY H 563 -12.78 -4.63 30.53
C GLY H 563 -12.59 -4.61 29.02
N ARG H 564 -11.34 -4.72 28.60
CA ARG H 564 -10.98 -4.69 27.19
C ARG H 564 -10.30 -5.99 26.79
N ASP H 565 -10.24 -6.22 25.48
CA ASP H 565 -9.62 -7.40 24.90
C ASP H 565 -8.46 -6.99 23.99
N ILE H 566 -7.95 -7.95 23.23
CA ILE H 566 -6.76 -7.73 22.42
C ILE H 566 -6.97 -6.61 21.42
N ALA H 567 -8.11 -6.62 20.73
CA ALA H 567 -8.41 -5.60 19.73
C ALA H 567 -8.82 -4.27 20.34
N ASP H 568 -8.64 -4.10 21.65
CA ASP H 568 -9.00 -2.87 22.36
C ASP H 568 -10.49 -2.57 22.25
N THR H 569 -11.30 -3.62 22.22
CA THR H 569 -12.75 -3.49 22.23
C THR H 569 -13.27 -3.88 23.62
N THR H 570 -14.24 -3.11 24.11
CA THR H 570 -14.84 -3.41 25.40
C THR H 570 -15.58 -4.73 25.32
N ASP H 571 -15.19 -5.68 26.17
CA ASP H 571 -15.87 -6.97 26.25
C ASP H 571 -16.53 -7.22 27.60
N ALA H 572 -16.37 -6.33 28.56
CA ALA H 572 -17.07 -6.43 29.83
C ALA H 572 -17.36 -5.02 30.34
N VAL H 573 -18.45 -4.88 31.08
CA VAL H 573 -18.87 -3.56 31.55
C VAL H 573 -19.58 -3.71 32.89
N ARG H 574 -19.39 -2.74 33.76
CA ARG H 574 -20.14 -2.68 35.01
C ARG H 574 -21.41 -1.87 34.80
N ASP H 575 -22.53 -2.43 35.20
CA ASP H 575 -23.80 -1.73 35.04
C ASP H 575 -23.86 -0.55 36.00
N PRO H 576 -24.17 0.65 35.51
CA PRO H 576 -24.09 1.84 36.39
C PRO H 576 -25.09 1.84 37.54
N GLN H 577 -26.18 1.09 37.47
CA GLN H 577 -27.18 1.11 38.53
C GLN H 577 -27.09 -0.09 39.47
N THR H 578 -26.94 -1.30 38.93
CA THR H 578 -26.83 -2.49 39.75
C THR H 578 -25.40 -2.83 40.13
N LEU H 579 -24.42 -2.23 39.46
CA LEU H 579 -22.99 -2.43 39.71
C LEU H 579 -22.53 -3.85 39.43
N GLU H 580 -23.30 -4.61 38.66
CA GLU H 580 -22.89 -5.97 38.31
C GLU H 580 -22.03 -5.93 37.04
N ILE H 581 -21.28 -7.01 36.84
CA ILE H 581 -20.37 -7.13 35.72
C ILE H 581 -21.04 -7.95 34.63
N LEU H 582 -21.05 -7.43 33.42
CA LEU H 582 -21.71 -8.06 32.28
C LEU H 582 -20.69 -8.32 31.19
N ASP H 583 -20.66 -9.55 30.71
CA ASP H 583 -19.94 -9.90 29.48
C ASP H 583 -20.71 -9.41 28.27
N ILE H 584 -19.97 -8.88 27.30
CA ILE H 584 -20.51 -8.44 26.02
C ILE H 584 -19.96 -9.37 24.96
N THR H 585 -20.86 -10.03 24.23
CA THR H 585 -20.45 -10.94 23.17
C THR H 585 -21.05 -10.50 21.84
N PRO H 586 -20.29 -10.58 20.74
CA PRO H 586 -20.87 -10.22 19.44
C PRO H 586 -22.07 -11.09 19.09
N CYS H 587 -23.02 -10.51 18.38
CA CYS H 587 -24.19 -11.25 17.93
C CYS H 587 -23.78 -12.29 16.90
N SER H 588 -24.61 -13.34 16.79
CA SER H 588 -24.27 -14.49 15.96
C SER H 588 -24.06 -14.09 14.51
N PHE H 589 -23.00 -14.64 13.91
CA PHE H 589 -22.58 -14.28 12.57
C PHE H 589 -21.82 -15.45 11.96
N GLY H 590 -21.54 -15.35 10.67
CA GLY H 590 -20.76 -16.37 10.00
C GLY H 590 -20.83 -16.32 8.48
N GLY H 591 -19.91 -16.99 7.82
CA GLY H 591 -19.87 -16.96 6.37
C GLY H 591 -20.87 -17.92 5.74
N VAL H 592 -21.28 -17.59 4.51
CA VAL H 592 -22.26 -18.36 3.77
C VAL H 592 -21.67 -18.70 2.41
N SER H 593 -21.76 -19.98 2.02
CA SER H 593 -21.32 -20.43 0.72
C SER H 593 -22.50 -21.06 -0.01
N VAL H 594 -22.57 -20.84 -1.32
CA VAL H 594 -23.62 -21.38 -2.16
C VAL H 594 -23.00 -22.42 -3.07
N ILE H 595 -23.53 -23.63 -3.03
CA ILE H 595 -23.07 -24.74 -3.85
C ILE H 595 -24.04 -24.87 -5.00
N THR H 596 -23.55 -24.79 -6.22
CA THR H 596 -24.42 -24.91 -7.37
C THR H 596 -23.76 -25.76 -8.43
N PRO H 597 -24.52 -26.56 -9.15
CA PRO H 597 -24.08 -26.99 -10.47
C PRO H 597 -24.20 -25.79 -11.39
N GLY H 598 -23.83 -25.90 -12.66
CA GLY H 598 -24.01 -24.77 -13.55
C GLY H 598 -25.48 -24.38 -13.64
N THR H 599 -25.73 -23.09 -13.81
CA THR H 599 -27.08 -22.65 -14.15
C THR H 599 -27.52 -23.24 -15.49
N ASN H 600 -26.57 -23.67 -16.32
CA ASN H 600 -26.85 -24.43 -17.53
C ASN H 600 -27.36 -25.83 -17.24
N THR H 601 -27.31 -26.28 -15.99
CA THR H 601 -27.78 -27.59 -15.58
C THR H 601 -29.02 -27.52 -14.71
N SER H 602 -29.01 -26.68 -13.67
CA SER H 602 -30.12 -26.59 -12.75
C SER H 602 -30.06 -25.26 -12.02
N ASN H 603 -31.19 -24.84 -11.48
CA ASN H 603 -31.27 -23.67 -10.62
C ASN H 603 -31.25 -24.03 -9.14
N GLN H 604 -31.26 -25.31 -8.80
CA GLN H 604 -31.18 -25.74 -7.41
C GLN H 604 -29.79 -25.46 -6.85
N VAL H 605 -29.77 -25.11 -5.56
CA VAL H 605 -28.52 -24.83 -4.85
C VAL H 605 -28.58 -25.48 -3.49
N ALA H 606 -27.40 -25.62 -2.88
CA ALA H 606 -27.26 -25.93 -1.47
C ALA H 606 -26.54 -24.78 -0.80
N VAL H 607 -26.70 -24.66 0.51
CA VAL H 607 -26.12 -23.56 1.26
C VAL H 607 -25.30 -24.15 2.41
N LEU H 608 -24.05 -23.72 2.51
CA LEU H 608 -23.17 -24.10 3.60
C LEU H 608 -23.00 -22.90 4.53
N TYR H 609 -23.46 -23.04 5.77
CA TYR H 609 -23.16 -22.08 6.82
C TYR H 609 -21.88 -22.52 7.48
N GLN H 610 -20.81 -21.74 7.30
CA GLN H 610 -19.47 -22.19 7.61
C GLN H 610 -19.18 -22.07 9.11
N GLY H 611 -18.62 -23.14 9.67
CA GLY H 611 -18.18 -23.13 11.06
C GLY H 611 -19.28 -22.89 12.07
N VAL H 612 -20.51 -23.32 11.78
CA VAL H 612 -21.60 -23.21 12.74
C VAL H 612 -22.25 -24.58 12.91
N ASN H 613 -22.79 -24.79 14.11
CA ASN H 613 -23.57 -25.98 14.39
C ASN H 613 -24.95 -25.84 13.76
N CYS H 614 -25.51 -26.97 13.32
CA CYS H 614 -26.83 -26.93 12.71
C CYS H 614 -27.91 -26.45 13.66
N THR H 615 -27.72 -26.64 14.97
CA THR H 615 -28.68 -26.15 15.95
C THR H 615 -28.64 -24.62 16.05
N GLU H 616 -27.49 -24.01 15.83
CA GLU H 616 -27.35 -22.55 15.90
C GLU H 616 -27.49 -21.89 14.54
N VAL H 617 -27.92 -22.63 13.52
CA VAL H 617 -28.10 -22.04 12.19
C VAL H 617 -29.17 -20.96 12.26
N PRO H 618 -28.95 -19.78 11.71
CA PRO H 618 -29.91 -18.69 11.86
C PRO H 618 -31.23 -18.97 11.15
N VAL H 619 -32.31 -19.09 11.93
CA VAL H 619 -33.66 -19.14 11.41
C VAL H 619 -34.40 -17.92 11.96
N ALA H 620 -34.86 -17.05 11.06
CA ALA H 620 -35.42 -15.76 11.44
C ALA H 620 -36.70 -15.54 10.64
N ILE H 621 -37.85 -15.67 11.31
CA ILE H 621 -39.12 -15.46 10.64
C ILE H 621 -39.27 -13.99 10.23
N HIS H 622 -38.75 -13.07 11.04
CA HIS H 622 -38.79 -11.65 10.71
C HIS H 622 -37.66 -11.31 9.75
N ALA H 623 -37.92 -10.34 8.87
CA ALA H 623 -36.96 -9.92 7.86
C ALA H 623 -36.01 -8.83 8.35
N ASP H 624 -36.17 -8.35 9.58
CA ASP H 624 -35.29 -7.32 10.12
C ASP H 624 -34.38 -7.82 11.23
N GLN H 625 -34.37 -9.12 11.49
CA GLN H 625 -33.51 -9.72 12.52
C GLN H 625 -32.40 -10.57 11.93
N LEU H 626 -32.19 -10.50 10.62
CA LEU H 626 -31.13 -11.24 9.93
C LEU H 626 -30.80 -10.48 8.66
N THR H 627 -29.52 -10.54 8.25
CA THR H 627 -29.07 -9.77 7.07
C THR H 627 -29.45 -10.50 5.79
N PRO H 628 -29.08 -11.78 5.55
CA PRO H 628 -29.52 -12.46 4.36
C PRO H 628 -31.03 -12.45 4.49
N THR H 629 -31.72 -11.90 3.47
CA THR H 629 -33.17 -11.80 3.56
C THR H 629 -33.86 -13.05 3.05
N TRP H 630 -33.24 -13.75 2.10
CA TRP H 630 -33.78 -15.03 1.67
C TRP H 630 -33.71 -16.04 2.80
N ARG H 631 -34.62 -17.00 2.77
CA ARG H 631 -34.69 -18.03 3.80
C ARG H 631 -34.71 -19.39 3.11
N VAL H 632 -33.76 -20.24 3.47
CA VAL H 632 -33.79 -21.65 3.13
C VAL H 632 -34.19 -22.40 4.40
N TYR H 633 -35.32 -23.09 4.35
CA TYR H 633 -35.85 -23.78 5.52
C TYR H 633 -34.84 -24.80 6.02
N SER H 634 -34.25 -24.55 7.19
CA SER H 634 -33.28 -25.48 7.74
C SER H 634 -33.92 -26.84 7.96
N THR H 635 -34.89 -26.90 8.88
CA THR H 635 -35.51 -28.18 9.20
C THR H 635 -36.23 -28.78 7.99
N GLY H 636 -36.89 -27.94 7.19
CA GLY H 636 -37.59 -28.43 6.02
C GLY H 636 -36.69 -29.10 5.00
N SER H 637 -35.64 -28.41 4.56
CA SER H 637 -34.71 -28.99 3.61
C SER H 637 -33.82 -30.01 4.30
N ASN H 638 -33.05 -30.75 3.50
CA ASN H 638 -32.08 -31.68 4.05
C ASN H 638 -31.02 -30.91 4.84
N VAL H 639 -30.72 -31.40 6.04
CA VAL H 639 -29.72 -30.79 6.91
C VAL H 639 -28.66 -31.83 7.20
N PHE H 640 -27.40 -31.45 7.00
CA PHE H 640 -26.26 -32.30 7.31
C PHE H 640 -25.23 -31.44 8.04
N GLN H 641 -24.52 -32.05 8.97
CA GLN H 641 -23.52 -31.32 9.76
C GLN H 641 -22.15 -31.87 9.40
N THR H 642 -21.39 -31.10 8.64
CA THR H 642 -20.00 -31.38 8.33
C THR H 642 -19.10 -30.58 9.26
N ARG H 643 -17.84 -30.99 9.34
CA ARG H 643 -16.87 -30.21 10.11
C ARG H 643 -16.60 -28.84 9.48
N ALA H 644 -17.04 -28.62 8.25
CA ALA H 644 -16.97 -27.31 7.61
C ALA H 644 -18.20 -26.46 7.87
N GLY H 645 -19.22 -26.99 8.55
CA GLY H 645 -20.39 -26.23 8.87
C GLY H 645 -21.65 -27.01 8.58
N CYS H 646 -22.77 -26.30 8.55
CA CYS H 646 -24.07 -26.92 8.33
C CYS H 646 -24.45 -26.77 6.86
N LEU H 647 -24.72 -27.90 6.20
CA LEU H 647 -25.11 -27.93 4.80
C LEU H 647 -26.61 -28.16 4.71
N ILE H 648 -27.30 -27.26 4.02
CA ILE H 648 -28.75 -27.29 3.86
C ILE H 648 -29.08 -27.37 2.39
N GLY H 649 -29.91 -28.34 2.02
CA GLY H 649 -30.33 -28.51 0.65
C GLY H 649 -29.63 -29.59 -0.12
N ALA H 650 -28.72 -30.31 0.52
CA ALA H 650 -28.04 -31.46 -0.09
C ALA H 650 -28.31 -32.68 0.77
N GLU H 651 -28.59 -33.80 0.12
CA GLU H 651 -28.89 -35.04 0.81
C GLU H 651 -27.61 -35.86 0.97
N TYR H 652 -27.32 -36.26 2.20
CA TYR H 652 -26.13 -37.06 2.44
C TYR H 652 -26.40 -38.52 2.13
N VAL H 653 -25.53 -39.12 1.32
CA VAL H 653 -25.64 -40.52 0.96
C VAL H 653 -24.42 -41.26 1.48
N ASN H 654 -24.57 -42.56 1.65
CA ASN H 654 -23.49 -43.39 2.18
C ASN H 654 -22.58 -43.95 1.10
N ASN H 655 -22.92 -43.77 -0.17
CA ASN H 655 -22.00 -44.13 -1.23
C ASN H 655 -20.82 -43.16 -1.26
N SER H 656 -19.71 -43.63 -1.80
CA SER H 656 -18.52 -42.82 -1.96
C SER H 656 -18.23 -42.63 -3.44
N TYR H 657 -18.01 -41.39 -3.85
CA TYR H 657 -17.70 -41.04 -5.22
C TYR H 657 -16.44 -40.19 -5.24
N GLU H 658 -15.92 -40.00 -6.45
CA GLU H 658 -14.84 -39.04 -6.64
C GLU H 658 -15.37 -37.63 -6.37
N CYS H 659 -14.54 -36.80 -5.76
CA CYS H 659 -14.97 -35.44 -5.43
C CYS H 659 -15.37 -34.67 -6.67
N ASP H 660 -16.52 -34.00 -6.60
CA ASP H 660 -17.00 -33.15 -7.66
C ASP H 660 -16.97 -31.68 -7.26
N ILE H 661 -17.67 -31.31 -6.19
CA ILE H 661 -17.63 -29.97 -5.64
C ILE H 661 -17.12 -30.09 -4.22
N PRO H 662 -15.93 -29.58 -3.91
CA PRO H 662 -15.38 -29.75 -2.56
C PRO H 662 -16.12 -28.90 -1.55
N ILE H 663 -16.58 -29.55 -0.49
CA ILE H 663 -17.13 -28.84 0.66
C ILE H 663 -16.10 -28.72 1.78
N GLY H 664 -15.38 -29.79 2.05
CA GLY H 664 -14.34 -29.73 3.05
C GLY H 664 -14.41 -30.87 4.04
N ALA H 665 -13.28 -31.12 4.71
CA ALA H 665 -13.18 -32.17 5.73
C ALA H 665 -13.68 -33.52 5.19
N GLY H 666 -13.28 -33.83 3.96
CA GLY H 666 -13.62 -35.07 3.32
C GLY H 666 -14.99 -35.12 2.69
N ILE H 667 -15.74 -34.03 2.70
CA ILE H 667 -17.11 -34.01 2.18
C ILE H 667 -17.12 -33.26 0.86
N CYS H 668 -17.79 -33.85 -0.14
CA CYS H 668 -17.98 -33.25 -1.44
C CYS H 668 -19.45 -33.34 -1.81
N ALA H 669 -19.85 -32.57 -2.83
CA ALA H 669 -21.23 -32.55 -3.29
C ALA H 669 -21.28 -32.67 -4.80
N SER H 670 -22.39 -33.18 -5.31
CA SER H 670 -22.58 -33.28 -6.75
C SER H 670 -24.06 -33.35 -7.08
N TYR H 671 -24.39 -32.94 -8.30
CA TYR H 671 -25.76 -32.97 -8.81
C TYR H 671 -25.96 -34.29 -9.53
N GLN H 672 -26.72 -35.20 -8.92
CA GLN H 672 -26.87 -36.56 -9.45
C GLN H 672 -28.33 -36.99 -9.42
N THR H 673 -28.64 -37.98 -10.25
CA THR H 673 -29.97 -38.58 -10.30
C THR H 673 -30.30 -39.26 -8.97
N SER H 686 -35.23 -38.48 -10.77
CA SER H 686 -35.13 -37.14 -10.19
C SER H 686 -33.70 -36.81 -9.81
N GLN H 687 -33.22 -35.65 -10.26
CA GLN H 687 -31.87 -35.20 -9.98
C GLN H 687 -31.89 -34.17 -8.86
N SER H 688 -30.91 -34.28 -7.96
CA SER H 688 -30.78 -33.37 -6.84
C SER H 688 -29.32 -33.32 -6.42
N ILE H 689 -29.02 -32.41 -5.51
CA ILE H 689 -27.67 -32.24 -4.98
C ILE H 689 -27.49 -33.19 -3.81
N ILE H 690 -26.43 -34.00 -3.85
CA ILE H 690 -26.12 -34.96 -2.82
C ILE H 690 -24.74 -34.67 -2.27
N ALA H 691 -24.60 -34.81 -0.96
CA ALA H 691 -23.31 -34.74 -0.28
C ALA H 691 -22.84 -36.15 0.04
N TYR H 692 -21.52 -36.32 0.09
CA TYR H 692 -20.96 -37.64 0.32
C TYR H 692 -19.52 -37.49 0.79
N THR H 693 -19.04 -38.53 1.46
CA THR H 693 -17.62 -38.66 1.77
C THR H 693 -16.89 -39.06 0.50
N MET H 694 -15.84 -38.33 0.15
CA MET H 694 -15.15 -38.57 -1.11
C MET H 694 -14.34 -39.85 -1.06
N SER H 695 -14.22 -40.49 -2.22
CA SER H 695 -13.49 -41.73 -2.36
C SER H 695 -12.06 -41.46 -2.79
N LEU H 696 -11.12 -42.20 -2.21
CA LEU H 696 -9.72 -42.10 -2.59
C LEU H 696 -9.33 -43.11 -3.66
N GLY H 697 -10.21 -44.04 -4.00
CA GLY H 697 -9.92 -45.09 -4.96
C GLY H 697 -10.34 -46.45 -4.44
N ALA H 698 -10.24 -47.43 -5.33
CA ALA H 698 -10.62 -48.80 -5.00
C ALA H 698 -9.48 -49.53 -4.31
N GLU H 699 -9.84 -50.37 -3.34
CA GLU H 699 -8.84 -51.17 -2.65
C GLU H 699 -8.24 -52.22 -3.58
N ASN H 700 -6.97 -52.53 -3.34
CA ASN H 700 -6.23 -53.48 -4.16
C ASN H 700 -5.32 -54.28 -3.24
N LEU H 701 -5.71 -55.51 -2.93
CA LEU H 701 -4.88 -56.40 -2.14
C LEU H 701 -3.82 -57.01 -3.04
N VAL H 702 -2.56 -56.69 -2.77
CA VAL H 702 -1.46 -57.22 -3.56
C VAL H 702 -1.15 -58.63 -3.09
N ALA H 703 -1.07 -59.57 -4.04
CA ALA H 703 -0.85 -60.98 -3.73
C ALA H 703 0.63 -61.26 -3.47
N TYR H 704 1.16 -60.59 -2.46
CA TYR H 704 2.54 -60.77 -2.04
C TYR H 704 2.72 -62.11 -1.34
N SER H 705 3.88 -62.72 -1.55
CA SER H 705 4.25 -63.93 -0.83
C SER H 705 5.77 -64.08 -0.87
N ASN H 706 6.26 -65.16 -0.27
CA ASN H 706 7.70 -65.38 -0.18
C ASN H 706 8.34 -65.68 -1.54
N ASN H 707 7.59 -66.28 -2.47
CA ASN H 707 8.20 -66.73 -3.71
C ASN H 707 7.30 -66.54 -4.92
N SER H 708 6.46 -65.51 -4.92
CA SER H 708 5.57 -65.23 -6.03
C SER H 708 6.01 -63.94 -6.72
N ILE H 709 6.08 -63.98 -8.06
CA ILE H 709 6.42 -62.79 -8.83
C ILE H 709 5.42 -62.64 -9.97
N ALA H 710 5.04 -61.40 -10.25
CA ALA H 710 4.19 -61.09 -11.40
C ALA H 710 5.05 -60.46 -12.48
N ILE H 711 4.98 -61.02 -13.70
CA ILE H 711 5.79 -60.56 -14.82
C ILE H 711 4.85 -60.25 -15.98
N PRO H 712 4.97 -59.08 -16.59
CA PRO H 712 4.10 -58.75 -17.74
C PRO H 712 4.48 -59.56 -18.98
N THR H 713 3.45 -59.99 -19.71
CA THR H 713 3.63 -60.72 -20.95
C THR H 713 3.39 -59.87 -22.19
N ASN H 714 2.95 -58.63 -22.01
CA ASN H 714 2.62 -57.74 -23.11
C ASN H 714 2.93 -56.32 -22.66
N PHE H 715 2.56 -55.35 -23.49
CA PHE H 715 2.81 -53.95 -23.18
C PHE H 715 1.82 -53.08 -23.95
N THR H 716 1.73 -51.83 -23.53
CA THR H 716 0.92 -50.81 -24.17
C THR H 716 1.77 -49.57 -24.36
N ILE H 717 1.76 -49.03 -25.57
CA ILE H 717 2.37 -47.74 -25.84
C ILE H 717 1.36 -46.66 -25.49
N SER H 718 1.71 -45.83 -24.52
CA SER H 718 0.83 -44.78 -24.03
C SER H 718 1.33 -43.42 -24.48
N VAL H 719 0.42 -42.56 -24.93
CA VAL H 719 0.74 -41.18 -25.25
C VAL H 719 -0.16 -40.30 -24.40
N THR H 720 0.46 -39.44 -23.60
CA THR H 720 -0.27 -38.57 -22.69
C THR H 720 0.18 -37.13 -22.88
N THR H 721 -0.69 -36.20 -22.49
CA THR H 721 -0.50 -34.78 -22.73
C THR H 721 -0.17 -34.08 -21.43
N GLU H 722 0.84 -33.21 -21.47
CA GLU H 722 1.14 -32.32 -20.35
C GLU H 722 1.19 -30.89 -20.86
N ILE H 723 0.49 -30.00 -20.18
CA ILE H 723 0.34 -28.62 -20.63
C ILE H 723 1.00 -27.71 -19.62
N LEU H 724 1.91 -26.84 -20.08
CA LEU H 724 2.64 -25.97 -19.19
C LEU H 724 2.56 -24.53 -19.68
N PRO H 725 2.14 -23.59 -18.84
CA PRO H 725 2.26 -22.17 -19.17
C PRO H 725 3.73 -21.77 -19.28
N VAL H 726 4.01 -20.87 -20.22
CA VAL H 726 5.36 -20.38 -20.46
C VAL H 726 5.45 -18.87 -20.29
N SER H 727 4.50 -18.15 -20.86
CA SER H 727 4.51 -16.69 -20.80
C SER H 727 3.11 -16.20 -20.48
N MET H 728 3.03 -14.96 -20.02
CA MET H 728 1.77 -14.26 -19.86
C MET H 728 1.81 -12.96 -20.66
N THR H 729 0.66 -12.29 -20.70
CA THR H 729 0.53 -11.03 -21.42
C THR H 729 1.50 -9.99 -20.89
N LYS H 730 2.16 -9.29 -21.80
CA LYS H 730 3.03 -8.17 -21.44
C LYS H 730 2.19 -6.91 -21.42
N THR H 731 2.12 -6.26 -20.27
CA THR H 731 1.29 -5.07 -20.13
C THR H 731 2.16 -3.84 -19.85
N SER H 732 1.67 -2.70 -20.30
CA SER H 732 2.27 -1.42 -20.04
C SER H 732 1.20 -0.49 -19.50
N VAL H 733 1.58 0.35 -18.54
CA VAL H 733 0.67 1.31 -17.94
C VAL H 733 1.28 2.70 -18.10
N ASP H 734 0.53 3.60 -18.73
CA ASP H 734 0.83 5.02 -18.69
C ASP H 734 0.30 5.55 -17.35
N CYS H 735 1.20 5.72 -16.38
CA CYS H 735 0.80 6.04 -15.02
C CYS H 735 0.04 7.37 -14.97
N THR H 736 0.57 8.40 -15.63
CA THR H 736 -0.06 9.71 -15.62
C THR H 736 -1.43 9.66 -16.30
N MET H 737 -1.54 8.95 -17.42
CA MET H 737 -2.83 8.86 -18.11
C MET H 737 -3.85 8.12 -17.27
N TYR H 738 -3.44 7.05 -16.58
CA TYR H 738 -4.37 6.32 -15.73
C TYR H 738 -4.85 7.16 -14.56
N ILE H 739 -3.91 7.77 -13.82
CA ILE H 739 -4.29 8.49 -12.61
C ILE H 739 -5.02 9.78 -12.95
N CYS H 740 -4.52 10.54 -13.92
CA CYS H 740 -4.90 11.92 -14.10
C CYS H 740 -5.60 12.23 -15.42
N GLY H 741 -5.74 11.26 -16.31
CA GLY H 741 -6.25 11.57 -17.63
C GLY H 741 -5.34 12.56 -18.32
N ASP H 742 -5.94 13.60 -18.89
CA ASP H 742 -5.19 14.69 -19.51
C ASP H 742 -5.34 15.99 -18.74
N SER H 743 -5.44 15.91 -17.41
CA SER H 743 -5.59 17.07 -16.55
C SER H 743 -4.22 17.49 -16.03
N THR H 744 -3.83 18.73 -16.32
CA THR H 744 -2.52 19.23 -15.90
C THR H 744 -2.49 19.53 -14.40
N GLU H 745 -3.61 19.94 -13.82
CA GLU H 745 -3.67 20.12 -12.38
C GLU H 745 -3.37 18.82 -11.65
N CYS H 746 -4.01 17.73 -12.09
CA CYS H 746 -3.75 16.44 -11.49
C CYS H 746 -2.31 16.00 -11.70
N SER H 747 -1.75 16.25 -12.89
CA SER H 747 -0.37 15.85 -13.16
C SER H 747 0.60 16.60 -12.26
N ASN H 748 0.39 17.90 -12.07
CA ASN H 748 1.25 18.68 -11.20
C ASN H 748 1.14 18.21 -9.75
N LEU H 749 -0.07 17.85 -9.32
CA LEU H 749 -0.22 17.29 -7.99
C LEU H 749 0.47 15.93 -7.87
N LEU H 750 0.39 15.11 -8.92
CA LEU H 750 0.97 13.78 -8.91
C LEU H 750 2.49 13.83 -8.90
N LEU H 751 3.08 14.91 -9.43
CA LEU H 751 4.53 15.07 -9.38
C LEU H 751 5.07 15.06 -7.95
N GLN H 752 4.25 15.39 -6.96
CA GLN H 752 4.69 15.50 -5.58
C GLN H 752 4.83 14.15 -4.88
N TYR H 753 4.45 13.05 -5.53
CA TYR H 753 4.53 11.74 -4.92
C TYR H 753 5.81 11.00 -5.27
N GLY H 754 6.75 11.67 -5.92
CA GLY H 754 8.08 11.12 -6.11
C GLY H 754 8.15 10.19 -7.29
N SER H 755 8.75 9.02 -7.07
CA SER H 755 9.10 8.11 -8.14
C SER H 755 8.23 6.85 -8.17
N PHE H 756 7.04 6.88 -7.56
CA PHE H 756 6.19 5.70 -7.53
C PHE H 756 5.85 5.23 -8.95
N CYS H 757 5.51 6.17 -9.83
CA CYS H 757 5.14 5.79 -11.20
C CYS H 757 6.31 5.17 -11.94
N THR H 758 7.52 5.71 -11.73
CA THR H 758 8.68 5.15 -12.40
C THR H 758 9.02 3.76 -11.88
N GLN H 759 8.84 3.52 -10.57
CA GLN H 759 9.05 2.16 -10.07
C GLN H 759 8.03 1.19 -10.63
N LEU H 760 6.77 1.60 -10.73
CA LEU H 760 5.75 0.73 -11.32
C LEU H 760 6.10 0.41 -12.77
N LYS H 761 6.50 1.43 -13.54
CA LYS H 761 6.86 1.23 -14.94
C LYS H 761 8.06 0.31 -15.08
N ARG H 762 9.07 0.48 -14.22
CA ARG H 762 10.24 -0.37 -14.24
C ARG H 762 9.89 -1.82 -13.94
N ALA H 763 9.02 -2.05 -12.96
CA ALA H 763 8.60 -3.41 -12.62
C ALA H 763 7.85 -4.05 -13.78
N LEU H 764 6.94 -3.31 -14.41
CA LEU H 764 6.20 -3.86 -15.55
C LEU H 764 7.12 -4.16 -16.72
N THR H 765 8.12 -3.31 -16.96
CA THR H 765 9.09 -3.56 -18.01
C THR H 765 9.90 -4.82 -17.73
N GLY H 766 10.32 -5.00 -16.48
CA GLY H 766 11.01 -6.23 -16.11
C GLY H 766 10.18 -7.46 -16.40
N ILE H 767 8.89 -7.42 -16.03
CA ILE H 767 8.01 -8.54 -16.31
C ILE H 767 7.91 -8.81 -17.81
N ALA H 768 7.75 -7.74 -18.60
CA ALA H 768 7.59 -7.89 -20.04
C ALA H 768 8.82 -8.52 -20.68
N VAL H 769 10.02 -8.10 -20.26
CA VAL H 769 11.24 -8.70 -20.79
C VAL H 769 11.35 -10.16 -20.35
N GLU H 770 10.95 -10.46 -19.11
CA GLU H 770 11.02 -11.84 -18.62
C GLU H 770 10.11 -12.77 -19.41
N GLN H 771 9.00 -12.28 -19.93
CA GLN H 771 8.12 -13.16 -20.73
C GLN H 771 8.83 -13.66 -21.98
N ASP H 772 9.50 -12.76 -22.70
CA ASP H 772 10.25 -13.17 -23.87
C ASP H 772 11.41 -14.09 -23.50
N LYS H 773 12.06 -13.80 -22.37
CA LYS H 773 13.12 -14.70 -21.90
C LYS H 773 12.58 -16.11 -21.62
N ASN H 774 11.40 -16.20 -21.02
CA ASN H 774 10.76 -17.49 -20.76
C ASN H 774 10.54 -18.27 -22.05
N THR H 775 9.94 -17.60 -23.04
CA THR H 775 9.68 -18.27 -24.31
C THR H 775 10.98 -18.73 -24.96
N GLN H 776 12.00 -17.87 -24.94
CA GLN H 776 13.28 -18.22 -25.57
C GLN H 776 13.93 -19.41 -24.87
N GLU H 777 13.87 -19.45 -23.54
CA GLU H 777 14.47 -20.58 -22.82
C GLU H 777 13.72 -21.88 -23.07
N VAL H 778 12.40 -21.82 -23.26
CA VAL H 778 11.67 -23.05 -23.52
C VAL H 778 11.92 -23.55 -24.94
N PHE H 779 11.79 -22.67 -25.94
CA PHE H 779 11.69 -23.14 -27.32
C PHE H 779 12.99 -23.05 -28.10
N ALA H 780 13.87 -22.11 -27.79
CA ALA H 780 15.12 -21.97 -28.54
C ALA H 780 16.23 -22.84 -27.92
N GLN H 781 15.99 -24.15 -27.92
CA GLN H 781 16.93 -25.12 -27.40
C GLN H 781 17.60 -25.92 -28.52
N VAL H 782 17.68 -25.34 -29.71
CA VAL H 782 18.18 -26.02 -30.89
C VAL H 782 19.18 -25.10 -31.58
N LYS H 783 20.31 -25.67 -31.99
CA LYS H 783 21.34 -24.87 -32.64
C LYS H 783 21.09 -24.67 -34.13
N GLN H 784 20.23 -25.50 -34.73
CA GLN H 784 19.92 -25.39 -36.15
C GLN H 784 18.45 -25.71 -36.34
N ILE H 785 17.88 -25.17 -37.41
CA ILE H 785 16.50 -25.47 -37.75
C ILE H 785 16.47 -26.76 -38.56
N TYR H 786 16.35 -27.89 -37.86
CA TYR H 786 16.39 -29.20 -38.49
C TYR H 786 15.14 -29.42 -39.35
N LYS H 787 15.33 -30.14 -40.44
CA LYS H 787 14.25 -30.49 -41.36
C LYS H 787 14.36 -31.96 -41.73
N THR H 788 13.21 -32.61 -41.83
CA THR H 788 13.19 -34.00 -42.27
C THR H 788 13.26 -34.08 -43.79
N PRO H 789 13.75 -35.20 -44.33
CA PRO H 789 13.71 -35.41 -45.78
C PRO H 789 12.29 -35.55 -46.27
N PRO H 790 12.03 -35.32 -47.56
CA PRO H 790 10.64 -35.36 -48.06
C PRO H 790 9.96 -36.71 -47.93
N ILE H 791 10.70 -37.80 -47.82
CA ILE H 791 10.10 -39.12 -47.61
C ILE H 791 9.81 -39.30 -46.12
N LYS H 792 8.55 -39.54 -45.78
CA LYS H 792 8.07 -39.49 -44.41
C LYS H 792 7.70 -40.86 -43.85
N TYR H 793 8.51 -41.87 -44.12
CA TYR H 793 8.34 -43.19 -43.52
C TYR H 793 9.32 -43.34 -42.35
N PHE H 794 8.80 -43.57 -41.15
CA PHE H 794 9.61 -43.78 -39.96
C PHE H 794 9.18 -45.09 -39.30
N GLY H 795 9.68 -46.20 -39.84
CA GLY H 795 9.39 -47.52 -39.32
C GLY H 795 7.93 -47.86 -39.12
N GLY H 796 7.04 -47.16 -39.82
CA GLY H 796 5.62 -47.36 -39.66
C GLY H 796 4.94 -46.45 -38.67
N PHE H 797 5.69 -45.60 -37.97
CA PHE H 797 5.11 -44.63 -37.05
C PHE H 797 4.63 -43.42 -37.84
N ASN H 798 3.43 -42.94 -37.50
CA ASN H 798 2.77 -41.89 -38.26
C ASN H 798 2.86 -40.57 -37.49
N PHE H 799 3.71 -39.66 -37.96
CA PHE H 799 3.92 -38.37 -37.32
C PHE H 799 3.19 -37.23 -38.04
N SER H 800 2.24 -37.56 -38.91
CA SER H 800 1.67 -36.55 -39.80
C SER H 800 0.90 -35.47 -39.04
N GLN H 801 0.23 -35.84 -37.94
CA GLN H 801 -0.56 -34.86 -37.21
C GLN H 801 0.26 -33.96 -36.30
N ILE H 802 1.54 -34.25 -36.09
CA ILE H 802 2.39 -33.38 -35.29
C ILE H 802 3.47 -32.70 -36.12
N LEU H 803 3.72 -33.15 -37.34
CA LEU H 803 4.64 -32.49 -38.23
C LEU H 803 3.98 -31.27 -38.87
N PRO H 804 4.77 -30.31 -39.34
CA PRO H 804 4.18 -29.07 -39.89
C PRO H 804 3.29 -29.34 -41.09
N ASP H 805 2.23 -28.56 -41.19
CA ASP H 805 1.34 -28.58 -42.34
C ASP H 805 1.75 -27.46 -43.29
N PRO H 806 2.42 -27.75 -44.41
CA PRO H 806 2.92 -26.67 -45.27
C PRO H 806 1.83 -25.83 -45.91
N SER H 807 0.59 -26.32 -45.96
CA SER H 807 -0.48 -25.59 -46.64
C SER H 807 -0.80 -24.27 -45.93
N LYS H 808 -0.94 -24.29 -44.61
CA LYS H 808 -1.44 -23.13 -43.90
C LYS H 808 -0.39 -22.02 -43.82
N PRO H 809 -0.82 -20.76 -43.66
CA PRO H 809 0.14 -19.67 -43.51
C PRO H 809 1.05 -19.80 -42.30
N SER H 810 0.56 -20.40 -41.22
CA SER H 810 1.34 -20.48 -39.98
C SER H 810 2.32 -21.64 -39.96
N LYS H 811 2.18 -22.60 -40.86
CA LYS H 811 2.99 -23.82 -40.88
C LYS H 811 2.89 -24.58 -39.56
N ARG H 812 1.73 -24.51 -38.91
CA ARG H 812 1.49 -25.28 -37.71
C ARG H 812 1.10 -26.70 -38.06
N SER H 813 1.27 -27.59 -37.09
CA SER H 813 0.77 -28.94 -37.24
C SER H 813 -0.74 -28.98 -37.00
N PHE H 814 -1.35 -30.13 -37.32
CA PHE H 814 -2.77 -30.32 -37.08
C PHE H 814 -3.11 -30.16 -35.60
N ILE H 815 -2.34 -30.80 -34.73
CA ILE H 815 -2.58 -30.72 -33.30
C ILE H 815 -2.32 -29.32 -32.78
N GLU H 816 -1.30 -28.65 -33.32
CA GLU H 816 -1.03 -27.26 -32.95
C GLU H 816 -2.17 -26.35 -33.38
N ASP H 817 -2.81 -26.62 -34.53
CA ASP H 817 -4.00 -25.88 -34.92
C ASP H 817 -5.14 -26.08 -33.93
N LEU H 818 -5.37 -27.33 -33.53
CA LEU H 818 -6.41 -27.58 -32.52
C LEU H 818 -6.12 -26.83 -31.23
N LEU H 819 -4.87 -26.86 -30.78
CA LEU H 819 -4.51 -26.16 -29.55
C LEU H 819 -4.68 -24.66 -29.70
N PHE H 820 -4.29 -24.11 -30.85
CA PHE H 820 -4.38 -22.67 -31.06
C PHE H 820 -5.83 -22.20 -31.11
N ASN H 821 -6.71 -23.00 -31.70
CA ASN H 821 -8.13 -22.68 -31.65
C ASN H 821 -8.75 -22.95 -30.29
N LYS H 822 -8.07 -23.70 -29.42
CA LYS H 822 -8.63 -24.03 -28.12
C LYS H 822 -8.47 -22.92 -27.09
N VAL H 823 -7.56 -21.97 -27.30
CA VAL H 823 -7.31 -20.90 -26.35
C VAL H 823 -7.65 -19.57 -27.02
N THR H 824 -8.53 -18.80 -26.40
CA THR H 824 -8.96 -17.51 -26.92
C THR H 824 -8.23 -16.40 -26.17
N LEU H 825 -7.37 -15.67 -26.88
CA LEU H 825 -6.62 -14.58 -26.28
C LEU H 825 -7.47 -13.33 -26.18
N ALA H 826 -7.23 -12.54 -25.13
CA ALA H 826 -7.98 -11.30 -24.94
C ALA H 826 -7.36 -10.14 -25.71
N ASP H 827 -6.04 -10.11 -25.83
CA ASP H 827 -5.35 -9.05 -26.56
C ASP H 827 -3.97 -9.55 -26.95
N ALA H 828 -3.72 -9.66 -28.26
CA ALA H 828 -2.45 -10.15 -28.75
C ALA H 828 -1.34 -9.11 -28.68
N GLY H 829 -1.68 -7.83 -28.60
CA GLY H 829 -0.70 -6.77 -28.62
C GLY H 829 -0.41 -6.19 -29.99
N PHE H 830 -1.17 -6.54 -31.01
CA PHE H 830 -0.93 -6.07 -32.37
C PHE H 830 -1.59 -4.71 -32.57
N ILE H 831 -1.60 -4.24 -33.82
CA ILE H 831 -1.97 -2.86 -34.10
C ILE H 831 -3.48 -2.68 -33.96
N LYS H 832 -3.88 -1.61 -33.28
CA LYS H 832 -5.26 -1.16 -33.23
C LYS H 832 -5.31 0.27 -33.76
N GLN H 833 -6.11 0.49 -34.80
CA GLN H 833 -6.21 1.77 -35.49
C GLN H 833 -7.47 2.51 -35.07
N TYR H 834 -7.56 3.77 -35.49
CA TYR H 834 -8.79 4.52 -35.28
C TYR H 834 -9.92 3.91 -36.11
N GLY H 835 -11.05 3.69 -35.47
CA GLY H 835 -12.16 2.98 -36.09
C GLY H 835 -12.57 1.79 -35.26
N ASP H 836 -11.59 1.07 -34.70
CA ASP H 836 -11.89 0.03 -33.74
C ASP H 836 -12.28 0.59 -32.38
N CYS H 837 -11.85 1.81 -32.06
CA CYS H 837 -12.19 2.45 -30.79
C CYS H 837 -12.94 3.76 -31.02
N LEU H 838 -13.56 3.94 -32.18
CA LEU H 838 -14.38 5.11 -32.47
C LEU H 838 -15.81 4.68 -32.76
N GLY H 839 -16.75 5.56 -32.43
CA GLY H 839 -18.15 5.30 -32.70
C GLY H 839 -18.82 4.41 -31.67
N ASP H 840 -19.69 3.51 -32.13
CA ASP H 840 -20.43 2.61 -31.26
C ASP H 840 -19.69 1.31 -30.98
N ILE H 841 -18.48 1.15 -31.50
CA ILE H 841 -17.75 -0.10 -31.33
C ILE H 841 -16.94 -0.10 -30.03
N ALA H 842 -16.56 1.09 -29.54
CA ALA H 842 -15.79 1.16 -28.30
C ALA H 842 -16.63 0.69 -27.11
N ALA H 843 -17.92 1.03 -27.10
CA ALA H 843 -18.76 0.74 -25.93
C ALA H 843 -18.85 -0.76 -25.68
N ARG H 844 -18.85 -1.56 -26.74
CA ARG H 844 -18.98 -3.01 -26.61
C ARG H 844 -17.63 -3.71 -26.50
N ASP H 845 -16.56 -2.98 -26.19
CA ASP H 845 -15.21 -3.56 -26.12
C ASP H 845 -14.50 -3.00 -24.90
N LEU H 846 -14.02 -3.89 -24.03
CA LEU H 846 -13.25 -3.47 -22.87
C LEU H 846 -11.84 -3.04 -23.23
N ILE H 847 -11.30 -3.55 -24.34
CA ILE H 847 -9.94 -3.21 -24.75
C ILE H 847 -9.81 -1.73 -25.04
N CYS H 848 -10.84 -1.16 -25.68
CA CYS H 848 -10.80 0.27 -25.99
C CYS H 848 -10.80 1.12 -24.73
N ALA H 849 -11.61 0.76 -23.73
CA ALA H 849 -11.58 1.47 -22.46
C ALA H 849 -10.22 1.35 -21.78
N GLN H 850 -9.66 0.14 -21.77
CA GLN H 850 -8.34 -0.05 -21.20
C GLN H 850 -7.30 0.85 -21.88
N LYS H 851 -7.31 0.87 -23.21
CA LYS H 851 -6.37 1.70 -23.95
C LYS H 851 -6.58 3.18 -23.64
N PHE H 852 -7.84 3.63 -23.63
CA PHE H 852 -8.17 5.02 -23.34
C PHE H 852 -7.78 5.42 -21.93
N ASN H 853 -7.59 4.46 -21.02
CA ASN H 853 -7.13 4.79 -19.67
C ASN H 853 -5.68 4.41 -19.45
N GLY H 854 -4.88 4.29 -20.51
CA GLY H 854 -3.45 4.12 -20.37
C GLY H 854 -2.94 2.71 -20.16
N LEU H 855 -3.75 1.69 -20.39
CA LEU H 855 -3.36 0.30 -20.20
C LEU H 855 -3.26 -0.38 -21.56
N THR H 856 -2.06 -0.79 -21.94
CA THR H 856 -1.83 -1.38 -23.25
C THR H 856 -1.14 -2.73 -23.12
N VAL H 857 -1.22 -3.50 -24.21
CA VAL H 857 -0.59 -4.82 -24.31
C VAL H 857 0.52 -4.73 -25.36
N LEU H 858 1.70 -5.23 -25.01
CA LEU H 858 2.84 -5.29 -25.91
C LEU H 858 2.91 -6.66 -26.57
N PRO H 859 3.27 -6.72 -27.86
CA PRO H 859 3.34 -8.02 -28.54
C PRO H 859 4.57 -8.79 -28.06
N PRO H 860 4.49 -10.12 -28.05
CA PRO H 860 5.70 -10.92 -27.78
C PRO H 860 6.74 -10.75 -28.87
N LEU H 861 8.00 -10.90 -28.47
CA LEU H 861 9.11 -10.80 -29.42
C LEU H 861 9.05 -11.91 -30.46
N LEU H 862 8.84 -13.15 -30.02
CA LEU H 862 8.68 -14.27 -30.92
C LEU H 862 7.24 -14.39 -31.36
N THR H 863 7.01 -14.42 -32.67
CA THR H 863 5.68 -14.65 -33.20
C THR H 863 5.30 -16.12 -33.05
N ASP H 864 4.01 -16.41 -33.25
CA ASP H 864 3.55 -17.79 -33.23
C ASP H 864 4.22 -18.62 -34.31
N GLU H 865 4.45 -18.03 -35.48
CA GLU H 865 5.11 -18.74 -36.57
C GLU H 865 6.54 -19.12 -36.20
N MET H 866 7.26 -18.23 -35.52
CA MET H 866 8.62 -18.55 -35.10
C MET H 866 8.63 -19.66 -34.06
N ILE H 867 7.68 -19.64 -33.12
CA ILE H 867 7.60 -20.68 -32.11
C ILE H 867 7.27 -22.02 -32.75
N ALA H 868 6.37 -22.02 -33.74
CA ALA H 868 6.07 -23.25 -34.46
C ALA H 868 7.28 -23.74 -35.24
N GLN H 869 8.09 -22.84 -35.79
CA GLN H 869 9.34 -23.25 -36.42
C GLN H 869 10.29 -23.91 -35.43
N TYR H 870 10.39 -23.35 -34.22
CA TYR H 870 11.23 -23.96 -33.20
C TYR H 870 10.75 -25.36 -32.85
N THR H 871 9.44 -25.53 -32.67
CA THR H 871 8.92 -26.84 -32.32
C THR H 871 9.10 -27.84 -33.45
N SER H 872 8.95 -27.39 -34.70
CA SER H 872 9.16 -28.30 -35.82
C SER H 872 10.62 -28.70 -35.95
N ALA H 873 11.54 -27.78 -35.68
CA ALA H 873 12.95 -28.13 -35.66
C ALA H 873 13.25 -29.16 -34.56
N LEU H 874 12.68 -28.97 -33.37
CA LEU H 874 12.86 -29.94 -32.29
C LEU H 874 12.31 -31.30 -32.68
N LEU H 875 11.13 -31.32 -33.28
CA LEU H 875 10.51 -32.58 -33.68
C LEU H 875 11.33 -33.28 -34.77
N ALA H 876 11.79 -32.53 -35.77
CA ALA H 876 12.61 -33.12 -36.83
C ALA H 876 13.90 -33.70 -36.27
N GLY H 877 14.56 -32.95 -35.38
CA GLY H 877 15.75 -33.48 -34.73
C GLY H 877 15.48 -34.76 -33.96
N THR H 878 14.39 -34.79 -33.19
CA THR H 878 14.10 -35.97 -32.39
C THR H 878 13.82 -37.19 -33.26
N ILE H 879 12.96 -37.03 -34.27
CA ILE H 879 12.56 -38.22 -35.04
C ILE H 879 13.61 -38.63 -36.06
N THR H 880 14.57 -37.77 -36.41
CA THR H 880 15.61 -38.18 -37.34
C THR H 880 16.89 -38.62 -36.66
N SER H 881 17.19 -38.10 -35.47
CA SER H 881 18.49 -38.34 -34.85
C SER H 881 18.40 -38.77 -33.40
N GLY H 882 17.21 -38.97 -32.86
CA GLY H 882 17.08 -39.40 -31.48
C GLY H 882 17.53 -38.30 -30.52
N TRP H 883 18.42 -38.67 -29.59
CA TRP H 883 18.95 -37.74 -28.61
C TRP H 883 20.32 -37.19 -28.98
N THR H 884 20.84 -37.53 -30.16
CA THR H 884 22.19 -37.08 -30.52
C THR H 884 22.24 -35.58 -30.76
N PHE H 885 21.20 -35.00 -31.36
CA PHE H 885 21.22 -33.57 -31.66
C PHE H 885 21.21 -32.72 -30.40
N GLY H 886 20.74 -33.25 -29.27
CA GLY H 886 20.82 -32.53 -28.03
C GLY H 886 22.22 -32.45 -27.46
N ALA H 887 23.11 -33.36 -27.85
CA ALA H 887 24.47 -33.39 -27.34
C ALA H 887 25.52 -32.89 -28.32
N GLY H 888 25.17 -32.72 -29.59
CA GLY H 888 26.11 -32.27 -30.58
C GLY H 888 25.48 -32.19 -31.95
N ALA H 889 26.20 -32.62 -32.98
CA ALA H 889 25.62 -32.71 -34.31
C ALA H 889 24.51 -33.76 -34.33
N ALA H 890 23.48 -33.48 -35.11
CA ALA H 890 22.41 -34.46 -35.31
C ALA H 890 22.94 -35.63 -36.12
N LEU H 891 22.93 -36.82 -35.54
CA LEU H 891 23.38 -38.04 -36.19
C LEU H 891 22.15 -38.86 -36.57
N GLN H 892 21.93 -39.02 -37.87
CA GLN H 892 20.76 -39.75 -38.33
C GLN H 892 20.85 -41.22 -37.93
N ILE H 893 19.69 -41.80 -37.67
CA ILE H 893 19.56 -43.22 -37.32
C ILE H 893 18.17 -43.64 -37.75
N PRO H 894 17.98 -44.85 -38.29
CA PRO H 894 16.62 -45.29 -38.61
C PRO H 894 15.75 -45.31 -37.37
N PHE H 895 14.48 -44.96 -37.53
CA PHE H 895 13.63 -44.70 -36.38
C PHE H 895 13.35 -45.96 -35.58
N ALA H 896 13.20 -47.11 -36.24
CA ALA H 896 13.00 -48.36 -35.51
C ALA H 896 14.23 -48.71 -34.66
N MET H 897 15.42 -48.42 -35.17
CA MET H 897 16.63 -48.66 -34.39
C MET H 897 16.73 -47.69 -33.22
N GLN H 898 16.28 -46.45 -33.40
CA GLN H 898 16.22 -45.51 -32.29
C GLN H 898 15.26 -46.01 -31.22
N MET H 899 14.11 -46.57 -31.63
CA MET H 899 13.18 -47.15 -30.67
C MET H 899 13.79 -48.36 -29.96
N ALA H 900 14.60 -49.15 -30.67
CA ALA H 900 15.31 -50.24 -30.01
C ALA H 900 16.26 -49.71 -28.94
N TYR H 901 16.95 -48.62 -29.25
CA TYR H 901 17.77 -47.94 -28.24
C TYR H 901 16.94 -47.54 -27.02
N ARG H 902 15.77 -46.93 -27.26
CA ARG H 902 14.92 -46.48 -26.16
C ARG H 902 14.39 -47.65 -25.34
N PHE H 903 14.07 -48.76 -26.00
CA PHE H 903 13.66 -49.97 -25.29
C PHE H 903 14.80 -50.47 -24.39
N ASN H 904 16.03 -50.45 -24.89
CA ASN H 904 17.17 -50.77 -24.04
C ASN H 904 17.25 -49.81 -22.86
N GLY H 905 16.89 -48.55 -23.08
CA GLY H 905 16.96 -47.56 -22.02
C GLY H 905 16.05 -47.86 -20.84
N ILE H 906 14.95 -48.58 -21.06
CA ILE H 906 14.02 -48.92 -19.99
C ILE H 906 14.17 -50.37 -19.55
N GLY H 907 15.24 -51.05 -19.97
CA GLY H 907 15.47 -52.41 -19.51
C GLY H 907 14.75 -53.50 -20.27
N VAL H 908 14.36 -53.26 -21.52
CA VAL H 908 13.74 -54.27 -22.36
C VAL H 908 14.69 -54.55 -23.52
N THR H 909 14.93 -55.82 -23.82
CA THR H 909 15.83 -56.17 -24.92
C THR H 909 15.23 -55.71 -26.24
N GLN H 910 16.12 -55.36 -27.18
CA GLN H 910 15.67 -54.69 -28.40
C GLN H 910 14.99 -55.64 -29.37
N ASN H 911 15.20 -56.95 -29.24
CA ASN H 911 14.45 -57.90 -30.05
C ASN H 911 12.96 -57.83 -29.74
N VAL H 912 12.60 -57.39 -28.54
CA VAL H 912 11.18 -57.18 -28.23
C VAL H 912 10.62 -56.08 -29.10
N LEU H 913 11.37 -54.99 -29.27
CA LEU H 913 10.94 -53.94 -30.18
C LEU H 913 10.87 -54.44 -31.62
N TYR H 914 11.91 -55.13 -32.08
CA TYR H 914 11.96 -55.51 -33.49
C TYR H 914 10.91 -56.56 -33.84
N GLU H 915 10.66 -57.52 -32.95
CA GLU H 915 9.68 -58.55 -33.22
C GLU H 915 8.25 -58.08 -33.06
N ASN H 916 8.04 -56.93 -32.42
CA ASN H 916 6.72 -56.36 -32.23
C ASN H 916 6.57 -55.01 -32.92
N GLN H 917 7.35 -54.76 -33.98
CA GLN H 917 7.45 -53.41 -34.53
C GLN H 917 6.11 -52.92 -35.08
N LYS H 918 5.40 -53.79 -35.81
CA LYS H 918 4.11 -53.38 -36.37
C LYS H 918 3.10 -53.10 -35.26
N LEU H 919 3.06 -53.95 -34.24
CA LEU H 919 2.15 -53.73 -33.12
C LEU H 919 2.46 -52.44 -32.38
N ILE H 920 3.75 -52.16 -32.17
CA ILE H 920 4.15 -50.95 -31.44
C ILE H 920 3.80 -49.71 -32.25
N ALA H 921 4.07 -49.74 -33.56
CA ALA H 921 3.69 -48.62 -34.43
C ALA H 921 2.18 -48.41 -34.42
N ASN H 922 1.40 -49.50 -34.49
CA ASN H 922 -0.05 -49.37 -34.48
C ASN H 922 -0.56 -48.81 -33.16
N GLN H 923 0.01 -49.25 -32.04
CA GLN H 923 -0.40 -48.72 -30.74
C GLN H 923 -0.09 -47.23 -30.65
N PHE H 924 1.09 -46.81 -31.12
CA PHE H 924 1.41 -45.40 -31.12
C PHE H 924 0.46 -44.60 -32.00
N ASN H 925 0.14 -45.13 -33.19
CA ASN H 925 -0.75 -44.43 -34.11
C ASN H 925 -2.14 -44.27 -33.50
N SER H 926 -2.65 -45.32 -32.85
CA SER H 926 -3.95 -45.23 -32.20
C SER H 926 -3.92 -44.22 -31.05
N ALA H 927 -2.83 -44.20 -30.27
CA ALA H 927 -2.76 -43.27 -29.16
C ALA H 927 -2.72 -41.82 -29.65
N ILE H 928 -1.97 -41.55 -30.72
CA ILE H 928 -1.96 -40.22 -31.31
C ILE H 928 -3.34 -39.83 -31.82
N GLY H 929 -4.03 -40.77 -32.47
CA GLY H 929 -5.38 -40.50 -32.93
C GLY H 929 -6.33 -40.19 -31.78
N LYS H 930 -6.16 -40.89 -30.65
CA LYS H 930 -6.98 -40.58 -29.48
C LYS H 930 -6.69 -39.18 -28.95
N ILE H 931 -5.41 -38.78 -28.94
CA ILE H 931 -5.08 -37.42 -28.52
C ILE H 931 -5.80 -36.41 -29.42
N GLN H 932 -5.73 -36.64 -30.74
CA GLN H 932 -6.34 -35.70 -31.68
C GLN H 932 -7.86 -35.65 -31.51
N ASP H 933 -8.50 -36.81 -31.34
CA ASP H 933 -9.95 -36.84 -31.14
C ASP H 933 -10.35 -36.15 -29.85
N SER H 934 -9.59 -36.36 -28.77
CA SER H 934 -9.89 -35.70 -27.51
C SER H 934 -9.76 -34.19 -27.63
N LEU H 935 -8.73 -33.71 -28.34
CA LEU H 935 -8.57 -32.27 -28.51
C LEU H 935 -9.67 -31.69 -29.39
N SER H 936 -10.11 -32.45 -30.39
CA SER H 936 -11.20 -31.98 -31.25
C SER H 936 -12.53 -31.92 -30.51
N SER H 937 -12.83 -32.92 -29.69
CA SER H 937 -14.15 -33.06 -29.09
C SER H 937 -14.28 -32.28 -27.79
N THR H 938 -13.47 -32.62 -26.79
CA THR H 938 -13.56 -31.96 -25.50
C THR H 938 -13.28 -30.47 -25.65
N ALA H 939 -13.99 -29.66 -24.86
CA ALA H 939 -14.01 -28.22 -25.05
C ALA H 939 -13.13 -27.42 -24.08
N SER H 940 -12.64 -28.04 -23.01
CA SER H 940 -11.89 -27.33 -21.98
C SER H 940 -10.62 -28.08 -21.60
N ALA H 941 -9.86 -28.54 -22.60
CA ALA H 941 -8.64 -29.29 -22.32
C ALA H 941 -7.53 -28.38 -21.82
N LEU H 942 -7.40 -27.19 -22.39
CA LEU H 942 -6.27 -26.30 -22.10
C LEU H 942 -6.64 -25.31 -20.98
N GLY H 943 -6.96 -25.86 -19.82
CA GLY H 943 -7.44 -25.05 -18.72
C GLY H 943 -6.41 -24.08 -18.17
N LYS H 944 -5.15 -24.52 -18.05
CA LYS H 944 -4.13 -23.69 -17.42
C LYS H 944 -3.80 -22.46 -18.25
N LEU H 945 -3.68 -22.61 -19.57
CA LEU H 945 -3.40 -21.48 -20.43
C LEU H 945 -4.57 -20.49 -20.44
N GLN H 946 -5.79 -21.01 -20.49
CA GLN H 946 -6.97 -20.17 -20.41
C GLN H 946 -7.03 -19.45 -19.07
N ASP H 947 -6.59 -20.10 -18.00
CA ASP H 947 -6.55 -19.46 -16.69
C ASP H 947 -5.55 -18.31 -16.67
N VAL H 948 -4.39 -18.48 -17.30
CA VAL H 948 -3.42 -17.38 -17.38
C VAL H 948 -4.04 -16.19 -18.11
N VAL H 949 -4.67 -16.47 -19.26
CA VAL H 949 -5.30 -15.40 -20.04
C VAL H 949 -6.39 -14.70 -19.23
N ASN H 950 -7.24 -15.49 -18.57
CA ASN H 950 -8.35 -14.95 -17.81
C ASN H 950 -7.87 -14.11 -16.64
N HIS H 951 -6.83 -14.56 -15.94
CA HIS H 951 -6.29 -13.78 -14.82
C HIS H 951 -5.77 -12.44 -15.29
N ASN H 952 -5.05 -12.41 -16.42
CA ASN H 952 -4.59 -11.12 -16.93
C ASN H 952 -5.76 -10.21 -17.28
N ALA H 953 -6.75 -10.75 -17.99
CA ALA H 953 -7.89 -9.93 -18.42
C ALA H 953 -8.67 -9.41 -17.21
N GLN H 954 -8.86 -10.26 -16.19
CA GLN H 954 -9.57 -9.84 -15.00
C GLN H 954 -8.81 -8.76 -14.24
N ALA H 955 -7.49 -8.88 -14.15
CA ALA H 955 -6.71 -7.86 -13.47
C ALA H 955 -6.82 -6.51 -14.19
N LEU H 956 -6.72 -6.53 -15.51
CA LEU H 956 -6.85 -5.27 -16.25
C LEU H 956 -8.25 -4.67 -16.11
N ASN H 957 -9.28 -5.52 -16.16
CA ASN H 957 -10.65 -5.02 -16.03
C ASN H 957 -10.90 -4.45 -14.64
N THR H 958 -10.36 -5.08 -13.60
CA THR H 958 -10.46 -4.53 -12.25
C THR H 958 -9.77 -3.19 -12.13
N LEU H 959 -8.59 -3.07 -12.75
CA LEU H 959 -7.89 -1.79 -12.76
C LEU H 959 -8.74 -0.71 -13.44
N VAL H 960 -9.37 -1.05 -14.56
CA VAL H 960 -10.22 -0.08 -15.26
C VAL H 960 -11.43 0.30 -14.39
N LYS H 961 -12.08 -0.68 -13.77
CA LYS H 961 -13.25 -0.40 -12.96
C LYS H 961 -12.93 0.40 -11.72
N GLN H 962 -11.69 0.34 -11.22
CA GLN H 962 -11.32 1.13 -10.06
C GLN H 962 -11.36 2.62 -10.32
N LEU H 963 -11.39 3.05 -11.58
CA LEU H 963 -11.45 4.48 -11.90
C LEU H 963 -12.80 5.10 -11.60
N SER H 964 -13.82 4.30 -11.31
CA SER H 964 -15.12 4.82 -10.93
C SER H 964 -15.29 4.92 -9.42
N SER H 965 -14.26 4.61 -8.64
CA SER H 965 -14.32 4.76 -7.20
C SER H 965 -14.04 6.21 -6.81
N LYS H 966 -14.74 6.68 -5.79
CA LYS H 966 -14.56 8.05 -5.32
C LYS H 966 -13.44 8.19 -4.30
N PHE H 967 -13.15 7.14 -3.53
CA PHE H 967 -12.09 7.14 -2.53
C PHE H 967 -12.26 8.25 -1.51
N GLY H 968 -13.51 8.62 -1.22
CA GLY H 968 -13.80 9.69 -0.29
C GLY H 968 -13.94 11.07 -0.91
N ALA H 969 -13.66 11.21 -2.20
CA ALA H 969 -13.85 12.50 -2.86
C ALA H 969 -15.33 12.71 -3.19
N ILE H 970 -15.66 13.92 -3.62
CA ILE H 970 -17.03 14.23 -3.99
C ILE H 970 -17.43 13.53 -5.27
N SER H 971 -16.46 13.26 -6.14
CA SER H 971 -16.73 12.66 -7.43
C SER H 971 -15.54 11.81 -7.84
N SER H 972 -15.83 10.80 -8.67
CA SER H 972 -14.78 10.00 -9.27
C SER H 972 -14.29 10.59 -10.60
N VAL H 973 -14.88 11.70 -11.04
CA VAL H 973 -14.53 12.33 -12.30
C VAL H 973 -13.72 13.57 -11.98
N LEU H 974 -12.50 13.65 -12.51
CA LEU H 974 -11.65 14.81 -12.27
C LEU H 974 -12.25 16.06 -12.89
N ASN H 975 -12.87 15.93 -14.06
CA ASN H 975 -13.45 17.08 -14.73
C ASN H 975 -14.57 17.71 -13.91
N ASP H 976 -15.42 16.89 -13.30
CA ASP H 976 -16.48 17.42 -12.44
C ASP H 976 -15.89 18.16 -11.24
N ILE H 977 -14.86 17.60 -10.62
CA ILE H 977 -14.21 18.26 -9.49
C ILE H 977 -13.63 19.61 -9.92
N LEU H 978 -12.97 19.63 -11.07
CA LEU H 978 -12.33 20.87 -11.51
C LEU H 978 -13.33 21.92 -11.96
N SER H 979 -14.47 21.49 -12.52
CA SER H 979 -15.47 22.46 -12.96
C SER H 979 -16.41 22.90 -11.84
N ARG H 980 -16.48 22.17 -10.73
CA ARG H 980 -17.40 22.51 -9.66
C ARG H 980 -16.74 23.19 -8.48
N LEU H 981 -15.42 23.13 -8.34
CA LEU H 981 -14.74 23.59 -7.14
C LEU H 981 -13.62 24.54 -7.51
N ASP H 982 -13.26 25.39 -6.53
CA ASP H 982 -12.14 26.30 -6.70
C ASP H 982 -10.82 25.53 -6.55
N LYS H 983 -9.71 26.26 -6.63
CA LYS H 983 -8.40 25.61 -6.76
C LYS H 983 -8.07 24.75 -5.55
N VAL H 984 -8.30 25.26 -4.34
CA VAL H 984 -7.81 24.58 -3.14
C VAL H 984 -8.64 23.34 -2.83
N GLU H 985 -9.96 23.48 -2.81
CA GLU H 985 -10.82 22.34 -2.51
C GLU H 985 -10.74 21.29 -3.61
N ALA H 986 -10.64 21.74 -4.87
CA ALA H 986 -10.41 20.80 -5.97
C ALA H 986 -9.10 20.06 -5.78
N GLU H 987 -8.07 20.74 -5.29
CA GLU H 987 -6.79 20.07 -5.04
C GLU H 987 -6.94 19.00 -3.96
N VAL H 988 -7.74 19.28 -2.92
CA VAL H 988 -7.97 18.28 -1.89
C VAL H 988 -8.65 17.04 -2.46
N GLN H 989 -9.72 17.24 -3.23
CA GLN H 989 -10.44 16.11 -3.82
C GLN H 989 -9.55 15.34 -4.79
N ILE H 990 -8.75 16.06 -5.58
CA ILE H 990 -7.86 15.41 -6.54
C ILE H 990 -6.79 14.61 -5.82
N ASP H 991 -6.31 15.11 -4.67
CA ASP H 991 -5.35 14.33 -3.89
C ASP H 991 -5.97 13.02 -3.42
N ARG H 992 -7.23 13.05 -2.98
CA ARG H 992 -7.89 11.81 -2.61
C ARG H 992 -7.95 10.83 -3.79
N LEU H 993 -8.34 11.33 -4.96
CA LEU H 993 -8.43 10.47 -6.13
C LEU H 993 -7.07 9.91 -6.52
N ILE H 994 -6.03 10.75 -6.45
CA ILE H 994 -4.68 10.33 -6.78
C ILE H 994 -4.21 9.23 -5.86
N THR H 995 -4.44 9.38 -4.56
CA THR H 995 -4.02 8.37 -3.60
C THR H 995 -4.74 7.05 -3.86
N GLY H 996 -6.05 7.09 -4.11
CA GLY H 996 -6.77 5.86 -4.39
C GLY H 996 -6.29 5.16 -5.66
N ARG H 997 -6.09 5.93 -6.73
CA ARG H 997 -5.69 5.32 -8.00
C ARG H 997 -4.26 4.82 -7.95
N LEU H 998 -3.38 5.52 -7.24
CA LEU H 998 -2.02 5.06 -7.02
C LEU H 998 -2.02 3.73 -6.25
N GLN H 999 -2.87 3.61 -5.23
CA GLN H 999 -2.98 2.35 -4.52
C GLN H 999 -3.46 1.23 -5.43
N SER H 1000 -4.43 1.51 -6.29
CA SER H 1000 -4.93 0.48 -7.19
C SER H 1000 -3.85 0.02 -8.17
N LEU H 1001 -3.07 0.98 -8.70
CA LEU H 1001 -1.96 0.62 -9.57
C LEU H 1001 -0.92 -0.22 -8.84
N GLN H 1002 -0.60 0.14 -7.59
CA GLN H 1002 0.38 -0.61 -6.84
C GLN H 1002 -0.09 -2.04 -6.57
N THR H 1003 -1.37 -2.21 -6.24
CA THR H 1003 -1.92 -3.55 -6.05
C THR H 1003 -1.81 -4.37 -7.33
N TYR H 1004 -2.17 -3.75 -8.47
CA TYR H 1004 -2.06 -4.46 -9.73
C TYR H 1004 -0.63 -4.89 -10.02
N VAL H 1005 0.34 -4.00 -9.80
CA VAL H 1005 1.72 -4.34 -10.13
C VAL H 1005 2.26 -5.41 -9.19
N THR H 1006 1.90 -5.36 -7.91
CA THR H 1006 2.35 -6.39 -6.96
C THR H 1006 1.81 -7.76 -7.35
N GLN H 1007 0.52 -7.83 -7.66
CA GLN H 1007 -0.06 -9.10 -8.09
C GLN H 1007 0.57 -9.58 -9.39
N GLN H 1008 0.90 -8.65 -10.30
CA GLN H 1008 1.57 -9.01 -11.53
C GLN H 1008 2.95 -9.61 -11.26
N LEU H 1009 3.69 -9.02 -10.32
CA LEU H 1009 5.02 -9.56 -9.99
C LEU H 1009 4.92 -10.97 -9.43
N ILE H 1010 3.95 -11.21 -8.54
CA ILE H 1010 3.79 -12.54 -7.96
C ILE H 1010 3.38 -13.56 -9.03
N ARG H 1011 2.43 -13.19 -9.89
CA ARG H 1011 2.02 -14.09 -10.97
C ARG H 1011 3.15 -14.31 -11.97
N ALA H 1012 3.98 -13.30 -12.20
CA ALA H 1012 5.13 -13.47 -13.07
C ALA H 1012 6.14 -14.45 -12.49
N ALA H 1013 6.33 -14.41 -11.16
CA ALA H 1013 7.22 -15.40 -10.54
C ALA H 1013 6.69 -16.81 -10.71
N GLU H 1014 5.37 -16.99 -10.53
CA GLU H 1014 4.77 -18.30 -10.76
C GLU H 1014 4.94 -18.74 -12.22
N ILE H 1015 4.72 -17.82 -13.17
CA ILE H 1015 4.88 -18.14 -14.59
C ILE H 1015 6.32 -18.49 -14.91
N ARG H 1016 7.27 -17.80 -14.29
CA ARG H 1016 8.68 -18.09 -14.51
C ARG H 1016 9.05 -19.47 -13.99
N ALA H 1017 8.53 -19.86 -12.83
CA ALA H 1017 8.77 -21.20 -12.34
C ALA H 1017 8.20 -22.25 -13.30
N SER H 1018 7.00 -22.00 -13.83
CA SER H 1018 6.42 -22.92 -14.80
C SER H 1018 7.26 -22.99 -16.08
N ALA H 1019 7.79 -21.85 -16.53
CA ALA H 1019 8.62 -21.83 -17.74
C ALA H 1019 9.94 -22.56 -17.52
N ASN H 1020 10.55 -22.40 -16.34
CA ASN H 1020 11.75 -23.16 -16.03
C ASN H 1020 11.49 -24.65 -16.02
N LEU H 1021 10.35 -25.06 -15.45
CA LEU H 1021 9.97 -26.47 -15.51
C LEU H 1021 9.79 -26.93 -16.95
N ALA H 1022 9.14 -26.12 -17.79
CA ALA H 1022 8.95 -26.49 -19.18
C ALA H 1022 10.26 -26.62 -19.93
N ALA H 1023 11.21 -25.74 -19.65
CA ALA H 1023 12.53 -25.82 -20.29
C ALA H 1023 13.29 -27.06 -19.84
N THR H 1024 13.20 -27.41 -18.55
CA THR H 1024 13.79 -28.64 -18.06
C THR H 1024 13.15 -29.87 -18.72
N LYS H 1025 11.83 -29.85 -18.89
CA LYS H 1025 11.17 -30.96 -19.56
C LYS H 1025 11.54 -31.04 -21.03
N MET H 1026 11.72 -29.90 -21.69
CA MET H 1026 12.21 -29.92 -23.07
C MET H 1026 13.60 -30.52 -23.15
N SER H 1027 14.49 -30.15 -22.23
CA SER H 1027 15.84 -30.71 -22.23
C SER H 1027 15.83 -32.21 -21.95
N GLU H 1028 15.04 -32.66 -20.97
CA GLU H 1028 15.20 -34.00 -20.43
C GLU H 1028 14.22 -35.02 -21.00
N CYS H 1029 13.08 -34.60 -21.53
CA CYS H 1029 12.10 -35.51 -22.13
C CYS H 1029 12.12 -35.48 -23.65
N VAL H 1030 12.38 -34.33 -24.27
CA VAL H 1030 12.41 -34.24 -25.72
C VAL H 1030 13.82 -34.48 -26.26
N LEU H 1031 14.82 -33.85 -25.66
CA LEU H 1031 16.20 -33.99 -26.11
C LEU H 1031 16.89 -35.23 -25.54
N GLY H 1032 16.21 -35.99 -24.69
CA GLY H 1032 16.78 -37.21 -24.16
C GLY H 1032 15.69 -38.10 -23.60
N GLN H 1033 16.10 -39.29 -23.19
CA GLN H 1033 15.23 -40.24 -22.50
C GLN H 1033 15.49 -40.15 -21.01
N SER H 1034 14.45 -39.94 -20.23
CA SER H 1034 14.58 -39.67 -18.80
C SER H 1034 14.34 -40.93 -17.97
N LYS H 1035 15.14 -41.09 -16.93
CA LYS H 1035 14.92 -42.12 -15.93
C LYS H 1035 14.13 -41.63 -14.72
N ARG H 1036 13.86 -40.33 -14.62
CA ARG H 1036 13.13 -39.81 -13.47
C ARG H 1036 11.68 -40.24 -13.55
N VAL H 1037 11.20 -40.91 -12.49
CA VAL H 1037 9.84 -41.44 -12.48
C VAL H 1037 8.85 -40.29 -12.52
N ASP H 1038 7.90 -40.38 -13.45
CA ASP H 1038 6.76 -39.46 -13.62
C ASP H 1038 7.15 -38.08 -14.11
N PHE H 1039 8.41 -37.84 -14.45
CA PHE H 1039 8.80 -36.53 -14.95
C PHE H 1039 8.34 -36.32 -16.40
N CYS H 1040 8.30 -37.38 -17.20
CA CYS H 1040 7.95 -37.29 -18.61
C CYS H 1040 6.79 -38.22 -18.93
N GLY H 1041 5.72 -38.13 -18.16
CA GLY H 1041 4.57 -38.98 -18.35
C GLY H 1041 4.52 -40.12 -17.36
N LYS H 1042 3.42 -40.87 -17.41
CA LYS H 1042 3.19 -41.99 -16.52
C LYS H 1042 3.61 -43.29 -17.21
N GLY H 1043 4.51 -44.02 -16.58
CA GLY H 1043 5.13 -45.18 -17.17
C GLY H 1043 6.60 -44.95 -17.42
N TYR H 1044 7.23 -45.95 -18.02
CA TYR H 1044 8.64 -45.86 -18.39
C TYR H 1044 8.77 -44.99 -19.63
N HIS H 1045 9.45 -43.86 -19.50
CA HIS H 1045 9.53 -42.88 -20.58
C HIS H 1045 10.26 -43.45 -21.78
N LEU H 1046 9.63 -43.36 -22.95
CA LEU H 1046 10.29 -43.67 -24.20
C LEU H 1046 10.79 -42.38 -24.88
N MET H 1047 9.89 -41.45 -25.16
CA MET H 1047 10.27 -40.22 -25.86
C MET H 1047 9.17 -39.19 -25.68
N SER H 1048 9.46 -37.95 -26.05
CA SER H 1048 8.47 -36.89 -25.95
C SER H 1048 8.57 -35.97 -27.15
N PHE H 1049 7.42 -35.41 -27.52
CA PHE H 1049 7.30 -34.50 -28.65
C PHE H 1049 6.66 -33.20 -28.21
N PRO H 1050 7.27 -32.04 -28.51
CA PRO H 1050 6.65 -30.77 -28.15
C PRO H 1050 5.71 -30.23 -29.23
N GLN H 1051 4.73 -29.46 -28.77
CA GLN H 1051 3.81 -28.72 -29.62
C GLN H 1051 3.60 -27.35 -28.99
N SER H 1052 3.67 -26.30 -29.80
CA SER H 1052 3.43 -24.97 -29.27
C SER H 1052 1.95 -24.76 -28.99
N ALA H 1053 1.66 -23.86 -28.06
CA ALA H 1053 0.29 -23.50 -27.72
C ALA H 1053 0.27 -22.04 -27.32
N PRO H 1054 -0.88 -21.37 -27.38
CA PRO H 1054 -0.93 -19.96 -26.97
C PRO H 1054 -0.44 -19.77 -25.55
N HIS H 1055 0.68 -19.05 -25.42
CA HIS H 1055 1.33 -18.74 -24.15
C HIS H 1055 1.87 -19.98 -23.45
N GLY H 1056 2.09 -21.09 -24.16
CA GLY H 1056 2.54 -22.27 -23.45
C GLY H 1056 3.03 -23.37 -24.36
N VAL H 1057 3.29 -24.52 -23.76
CA VAL H 1057 3.79 -25.67 -24.48
C VAL H 1057 2.97 -26.89 -24.08
N VAL H 1058 2.86 -27.84 -25.01
CA VAL H 1058 2.22 -29.12 -24.76
C VAL H 1058 3.24 -30.21 -25.09
N PHE H 1059 3.44 -31.11 -24.15
CA PHE H 1059 4.31 -32.26 -24.35
C PHE H 1059 3.44 -33.49 -24.57
N LEU H 1060 3.70 -34.21 -25.65
CA LEU H 1060 3.15 -35.53 -25.87
C LEU H 1060 4.21 -36.53 -25.41
N HIS H 1061 3.99 -37.11 -24.25
CA HIS H 1061 4.89 -38.10 -23.68
C HIS H 1061 4.48 -39.48 -24.16
N VAL H 1062 5.43 -40.22 -24.73
CA VAL H 1062 5.27 -41.60 -25.13
C VAL H 1062 5.99 -42.46 -24.11
N THR H 1063 5.24 -43.34 -23.46
CA THR H 1063 5.75 -44.22 -22.41
C THR H 1063 5.36 -45.67 -22.71
N TYR H 1064 6.12 -46.57 -22.10
CA TYR H 1064 5.91 -48.00 -22.17
C TYR H 1064 5.22 -48.44 -20.89
N VAL H 1065 4.08 -49.11 -21.00
CA VAL H 1065 3.31 -49.56 -19.86
C VAL H 1065 3.19 -51.07 -19.91
N PRO H 1066 3.71 -51.82 -18.95
CA PRO H 1066 3.49 -53.28 -18.93
C PRO H 1066 2.00 -53.59 -18.82
N ALA H 1067 1.56 -54.63 -19.53
CA ALA H 1067 0.12 -54.81 -19.77
C ALA H 1067 -0.47 -56.05 -19.13
N GLN H 1068 -0.02 -57.25 -19.46
CA GLN H 1068 -0.76 -58.46 -19.11
C GLN H 1068 0.10 -59.36 -18.24
N GLU H 1069 0.10 -59.10 -16.94
CA GLU H 1069 0.98 -59.80 -16.03
C GLU H 1069 0.46 -61.19 -15.72
N LYS H 1070 1.38 -62.14 -15.64
CA LYS H 1070 1.11 -63.49 -15.17
C LYS H 1070 1.98 -63.77 -13.96
N ASN H 1071 1.49 -64.61 -13.06
CA ASN H 1071 2.23 -64.92 -11.85
C ASN H 1071 3.01 -66.21 -12.00
N PHE H 1072 4.20 -66.22 -11.41
CA PHE H 1072 5.14 -67.32 -11.49
C PHE H 1072 5.73 -67.56 -10.12
N THR H 1073 6.24 -68.77 -9.92
CA THR H 1073 7.06 -69.02 -8.74
C THR H 1073 8.46 -68.49 -9.00
N THR H 1074 9.09 -67.93 -7.98
CA THR H 1074 10.40 -67.34 -8.17
C THR H 1074 11.34 -67.84 -7.08
N ALA H 1075 12.64 -67.79 -7.40
CA ALA H 1075 13.70 -68.11 -6.46
C ALA H 1075 14.82 -67.08 -6.61
N PRO H 1076 15.51 -66.75 -5.53
CA PRO H 1076 16.60 -65.77 -5.63
C PRO H 1076 17.84 -66.33 -6.31
N ALA H 1077 18.10 -67.63 -6.19
CA ALA H 1077 19.29 -68.25 -6.74
C ALA H 1077 18.99 -69.70 -7.04
N ILE H 1078 19.86 -70.32 -7.82
CA ILE H 1078 19.71 -71.72 -8.22
C ILE H 1078 20.90 -72.50 -7.68
N CYS H 1079 20.64 -73.62 -7.02
CA CYS H 1079 21.70 -74.47 -6.50
C CYS H 1079 22.02 -75.56 -7.52
N HIS H 1080 23.27 -75.60 -7.96
CA HIS H 1080 23.71 -76.61 -8.92
C HIS H 1080 25.16 -76.98 -8.64
N ASP H 1081 25.42 -78.27 -8.50
CA ASP H 1081 26.76 -78.79 -8.20
C ASP H 1081 27.35 -78.15 -6.96
N GLY H 1082 26.50 -77.90 -5.96
CA GLY H 1082 26.95 -77.26 -4.75
C GLY H 1082 27.35 -75.81 -4.90
N LYS H 1083 26.91 -75.16 -5.97
CA LYS H 1083 27.23 -73.76 -6.21
C LYS H 1083 25.95 -72.95 -6.39
N ALA H 1084 26.01 -71.70 -5.96
CA ALA H 1084 24.88 -70.79 -6.08
C ALA H 1084 25.01 -69.98 -7.37
N HIS H 1085 23.95 -69.98 -8.17
CA HIS H 1085 23.90 -69.26 -9.43
C HIS H 1085 22.88 -68.15 -9.33
N PHE H 1086 23.26 -66.97 -9.77
CA PHE H 1086 22.42 -65.79 -9.80
C PHE H 1086 22.26 -65.32 -11.23
N PRO H 1087 21.10 -64.75 -11.60
CA PRO H 1087 20.93 -64.27 -12.96
C PRO H 1087 21.84 -63.09 -13.26
N ARG H 1088 22.37 -63.05 -14.49
CA ARG H 1088 23.20 -61.93 -14.90
C ARG H 1088 22.36 -60.67 -15.08
N GLU H 1089 21.23 -60.78 -15.78
CA GLU H 1089 20.40 -59.62 -16.05
C GLU H 1089 18.92 -59.80 -15.69
N GLY H 1090 18.43 -61.03 -15.53
CA GLY H 1090 17.02 -61.23 -15.33
C GLY H 1090 16.60 -61.76 -13.98
N VAL H 1091 15.67 -62.71 -14.00
CA VAL H 1091 15.10 -63.27 -12.78
C VAL H 1091 14.69 -64.71 -13.08
N PHE H 1092 14.88 -65.58 -12.10
CA PHE H 1092 14.47 -66.98 -12.22
C PHE H 1092 12.98 -67.11 -11.99
N VAL H 1093 12.30 -67.84 -12.88
CA VAL H 1093 10.87 -68.07 -12.77
C VAL H 1093 10.55 -69.53 -13.03
N SER H 1094 9.41 -69.94 -12.50
CA SER H 1094 8.91 -71.30 -12.65
C SER H 1094 7.43 -71.22 -12.99
N ASN H 1095 7.04 -71.97 -14.03
CA ASN H 1095 5.66 -72.12 -14.42
C ASN H 1095 4.96 -73.23 -13.65
N GLY H 1096 5.65 -73.90 -12.75
CA GLY H 1096 5.08 -74.98 -11.97
C GLY H 1096 5.94 -76.23 -11.99
N THR H 1097 6.55 -76.53 -13.13
CA THR H 1097 7.40 -77.69 -13.27
C THR H 1097 8.81 -77.38 -13.75
N HIS H 1098 9.01 -76.30 -14.50
CA HIS H 1098 10.30 -76.02 -15.12
C HIS H 1098 10.77 -74.62 -14.73
N TRP H 1099 12.09 -74.48 -14.59
CA TRP H 1099 12.71 -73.23 -14.20
C TRP H 1099 13.39 -72.60 -15.42
N PHE H 1100 13.18 -71.29 -15.58
CA PHE H 1100 13.77 -70.50 -16.64
C PHE H 1100 14.32 -69.22 -16.04
N VAL H 1101 15.04 -68.47 -16.86
CA VAL H 1101 15.44 -67.10 -16.53
C VAL H 1101 14.83 -66.19 -17.58
N THR H 1102 14.28 -65.07 -17.13
CA THR H 1102 13.63 -64.13 -18.03
C THR H 1102 14.07 -62.72 -17.71
N GLN H 1103 14.00 -61.85 -18.70
CA GLN H 1103 14.16 -60.42 -18.43
C GLN H 1103 12.98 -59.94 -17.59
N ARG H 1104 13.23 -58.88 -16.82
CA ARG H 1104 12.35 -58.54 -15.72
C ARG H 1104 11.05 -57.85 -16.16
N ASN H 1105 11.04 -57.15 -17.29
CA ASN H 1105 9.90 -56.34 -17.69
C ASN H 1105 9.08 -56.95 -18.81
N PHE H 1106 9.46 -58.12 -19.33
CA PHE H 1106 8.75 -58.74 -20.43
C PHE H 1106 9.03 -60.24 -20.38
N TYR H 1107 7.98 -61.04 -20.32
CA TYR H 1107 8.15 -62.47 -20.12
C TYR H 1107 8.77 -63.11 -21.36
N GLU H 1108 9.99 -63.62 -21.20
CA GLU H 1108 10.71 -64.26 -22.30
C GLU H 1108 11.59 -65.36 -21.71
N PRO H 1109 11.00 -66.51 -21.40
CA PRO H 1109 11.73 -67.55 -20.66
C PRO H 1109 12.84 -68.19 -21.49
N GLN H 1110 13.98 -68.39 -20.84
CA GLN H 1110 15.14 -69.00 -21.49
C GLN H 1110 15.73 -70.06 -20.57
N ILE H 1111 16.38 -71.06 -21.19
CA ILE H 1111 17.02 -72.12 -20.43
C ILE H 1111 18.14 -71.54 -19.58
N ILE H 1112 18.19 -71.95 -18.32
CA ILE H 1112 19.21 -71.46 -17.39
C ILE H 1112 20.54 -72.10 -17.74
N THR H 1113 21.51 -71.27 -18.14
CA THR H 1113 22.82 -71.75 -18.57
C THR H 1113 23.91 -70.96 -17.86
N THR H 1114 25.15 -71.42 -18.06
CA THR H 1114 26.31 -70.73 -17.49
C THR H 1114 26.56 -69.38 -18.14
N ASP H 1115 26.07 -69.17 -19.37
CA ASP H 1115 26.12 -67.85 -19.99
C ASP H 1115 25.02 -66.94 -19.48
N ASN H 1116 23.97 -67.50 -18.89
CA ASN H 1116 22.85 -66.73 -18.36
C ASN H 1116 23.07 -66.27 -16.95
N THR H 1117 23.93 -66.94 -16.19
CA THR H 1117 24.06 -66.75 -14.76
C THR H 1117 25.53 -66.57 -14.39
N PHE H 1118 25.76 -66.22 -13.14
CA PHE H 1118 27.09 -66.22 -12.57
C PHE H 1118 27.07 -66.91 -11.22
N VAL H 1119 28.23 -67.47 -10.85
CA VAL H 1119 28.37 -68.27 -9.63
C VAL H 1119 28.92 -67.38 -8.53
N SER H 1120 28.43 -67.59 -7.30
CA SER H 1120 28.95 -66.89 -6.13
C SER H 1120 28.71 -67.76 -4.90
N GLY H 1121 29.76 -68.39 -4.41
CA GLY H 1121 29.68 -69.15 -3.18
C GLY H 1121 28.96 -70.47 -3.34
N ASN H 1122 28.67 -71.09 -2.20
CA ASN H 1122 27.97 -72.37 -2.17
C ASN H 1122 26.49 -72.14 -1.89
N CYS H 1123 25.77 -73.23 -1.65
CA CYS H 1123 24.31 -73.20 -1.55
C CYS H 1123 23.81 -73.00 -0.13
N ASP H 1124 24.70 -72.78 0.84
CA ASP H 1124 24.32 -72.79 2.24
C ASP H 1124 23.88 -71.43 2.78
N VAL H 1125 24.15 -70.34 2.07
CA VAL H 1125 23.93 -69.01 2.60
C VAL H 1125 22.61 -68.40 2.12
N VAL H 1126 22.30 -68.53 0.84
CA VAL H 1126 21.15 -67.83 0.27
C VAL H 1126 19.85 -68.41 0.82
N ILE H 1127 18.98 -67.53 1.29
CA ILE H 1127 17.68 -67.93 1.81
C ILE H 1127 16.72 -68.09 0.64
N GLY H 1128 16.17 -69.28 0.48
CA GLY H 1128 15.24 -69.56 -0.59
C GLY H 1128 15.84 -70.12 -1.85
N ILE H 1129 17.11 -70.53 -1.82
CA ILE H 1129 17.73 -71.11 -3.01
C ILE H 1129 17.02 -72.41 -3.40
N VAL H 1130 16.96 -72.67 -4.70
CA VAL H 1130 16.19 -73.77 -5.27
C VAL H 1130 17.11 -74.67 -6.08
N ASN H 1131 16.89 -75.97 -5.98
CA ASN H 1131 17.70 -76.95 -6.70
C ASN H 1131 17.24 -77.06 -8.15
N ASN H 1132 18.15 -76.87 -9.08
CA ASN H 1132 17.86 -77.08 -10.50
C ASN H 1132 19.18 -77.23 -11.24
N THR H 1133 19.09 -77.73 -12.46
CA THR H 1133 20.27 -77.91 -13.29
C THR H 1133 20.59 -76.62 -14.05
N VAL H 1134 21.87 -76.39 -14.26
CA VAL H 1134 22.36 -75.27 -15.06
C VAL H 1134 23.08 -75.84 -16.25
N TYR H 1135 22.60 -75.52 -17.45
CA TYR H 1135 23.11 -76.12 -18.67
C TYR H 1135 24.44 -75.49 -19.07
N ASP H 1136 25.40 -76.33 -19.43
CA ASP H 1136 26.70 -75.86 -19.88
C ASP H 1136 26.78 -76.00 -21.39
N PRO H 1137 26.85 -74.91 -22.16
CA PRO H 1137 26.90 -75.03 -23.62
C PRO H 1137 28.12 -75.78 -24.13
N LEU H 1138 29.26 -75.68 -23.45
CA LEU H 1138 30.49 -76.32 -23.90
C LEU H 1138 30.46 -77.83 -23.72
N GLN H 1139 29.65 -78.34 -22.80
CA GLN H 1139 29.64 -79.78 -22.52
C GLN H 1139 29.19 -80.62 -23.70
N PRO H 1140 28.07 -80.33 -24.38
CA PRO H 1140 27.74 -81.13 -25.58
C PRO H 1140 28.78 -81.02 -26.68
N GLU H 1141 29.40 -79.85 -26.86
CA GLU H 1141 30.44 -79.71 -27.86
C GLU H 1141 31.64 -80.58 -27.54
N LEU H 1142 32.05 -80.60 -26.27
CA LEU H 1142 33.12 -81.50 -25.84
C LEU H 1142 32.72 -82.95 -26.02
N ASP H 1143 31.45 -83.27 -25.73
CA ASP H 1143 30.96 -84.63 -25.93
C ASP H 1143 30.96 -85.02 -27.39
N SER H 1144 30.61 -84.09 -28.28
CA SER H 1144 30.62 -84.34 -29.71
C SER H 1144 31.87 -83.78 -30.37
N THR I 22 18.70 9.67 60.37
CA THR I 22 19.50 8.52 59.96
C THR I 22 19.12 8.10 58.55
N GLN I 23 19.78 8.69 57.55
CA GLN I 23 19.49 8.47 56.15
C GLN I 23 20.47 7.44 55.60
N SER I 24 19.97 6.25 55.29
CA SER I 24 20.73 5.19 54.64
C SER I 24 20.20 5.01 53.22
N TYR I 25 20.86 4.14 52.45
CA TYR I 25 20.48 3.88 51.06
C TYR I 25 20.36 2.38 50.83
N THR I 26 19.34 1.98 50.08
CA THR I 26 19.10 0.57 49.81
C THR I 26 18.47 0.42 48.44
N ASN I 27 18.11 -0.83 48.12
CA ASN I 27 17.69 -1.24 46.78
C ASN I 27 16.18 -1.46 46.75
N SER I 28 15.52 -0.92 45.72
CA SER I 28 14.08 -1.06 45.58
C SER I 28 13.66 -2.38 44.97
N PHE I 29 14.58 -3.12 44.35
CA PHE I 29 14.30 -4.43 43.74
C PHE I 29 13.23 -4.24 42.68
N THR I 30 12.10 -4.96 42.75
CA THR I 30 11.01 -4.80 41.79
C THR I 30 9.73 -4.30 42.45
N ARG I 31 9.87 -3.49 43.50
CA ARG I 31 8.71 -2.95 44.19
C ARG I 31 8.17 -1.72 43.46
N GLY I 32 6.94 -1.36 43.79
CA GLY I 32 6.36 -0.10 43.35
C GLY I 32 5.57 -0.13 42.07
N VAL I 33 5.22 -1.30 41.55
CA VAL I 33 4.38 -1.39 40.37
C VAL I 33 2.93 -1.22 40.79
N TYR I 34 2.18 -0.41 40.03
CA TYR I 34 0.78 -0.16 40.29
C TYR I 34 -0.02 -0.32 39.01
N TYR I 35 -1.34 -0.32 39.15
CA TYR I 35 -2.22 -0.47 37.99
C TYR I 35 -2.31 0.84 37.24
N PRO I 36 -1.87 0.90 35.98
CA PRO I 36 -1.85 2.19 35.27
C PRO I 36 -3.22 2.81 35.06
N ASP I 37 -4.27 2.02 34.90
CA ASP I 37 -5.61 2.55 34.63
C ASP I 37 -6.64 1.68 35.32
N LYS I 38 -7.91 1.92 34.98
CA LYS I 38 -9.03 1.21 35.58
C LYS I 38 -9.56 0.06 34.71
N VAL I 39 -8.95 -0.19 33.56
CA VAL I 39 -9.45 -1.20 32.64
C VAL I 39 -9.06 -2.57 33.14
N PHE I 40 -10.04 -3.48 33.20
CA PHE I 40 -9.76 -4.86 33.56
C PHE I 40 -9.06 -5.57 32.40
N ARG I 41 -8.07 -6.39 32.74
CA ARG I 41 -7.32 -7.17 31.77
C ARG I 41 -6.92 -8.49 32.40
N SER I 42 -7.05 -9.57 31.64
CA SER I 42 -6.75 -10.90 32.14
C SER I 42 -5.97 -11.69 31.11
N SER I 43 -4.99 -12.46 31.60
CA SER I 43 -4.17 -13.36 30.79
C SER I 43 -3.59 -12.62 29.58
N VAL I 44 -2.88 -11.53 29.87
CA VAL I 44 -2.39 -10.65 28.80
C VAL I 44 -1.06 -10.06 29.24
N LEU I 45 -0.28 -9.60 28.25
CA LEU I 45 0.89 -8.78 28.49
C LEU I 45 0.63 -7.41 27.91
N HIS I 46 0.68 -6.39 28.76
CA HIS I 46 0.31 -5.04 28.36
C HIS I 46 1.49 -4.10 28.58
N SER I 47 1.75 -3.24 27.60
CA SER I 47 2.86 -2.31 27.65
C SER I 47 2.35 -0.92 28.00
N THR I 48 2.93 -0.32 29.04
CA THR I 48 2.46 0.97 29.52
C THR I 48 3.64 1.89 29.77
N GLN I 49 3.55 3.12 29.25
CA GLN I 49 4.51 4.17 29.55
C GLN I 49 3.89 5.08 30.61
N ASP I 50 4.51 5.10 31.80
CA ASP I 50 3.98 5.88 32.91
C ASP I 50 5.09 6.18 33.90
N LEU I 51 4.74 6.93 34.94
CA LEU I 51 5.68 7.27 36.01
C LEU I 51 5.79 6.06 36.94
N PHE I 52 6.86 5.30 36.78
CA PHE I 52 7.09 4.10 37.58
C PHE I 52 8.35 4.27 38.40
N LEU I 53 8.43 3.51 39.50
CA LEU I 53 9.67 3.42 40.25
C LEU I 53 10.59 2.45 39.53
N PRO I 54 11.74 2.91 39.02
CA PRO I 54 12.60 2.01 38.24
C PRO I 54 13.07 0.83 39.06
N PHE I 55 13.18 -0.32 38.41
CA PHE I 55 13.64 -1.52 39.10
C PHE I 55 15.05 -1.34 39.62
N PHE I 56 15.32 -1.89 40.81
CA PHE I 56 16.64 -1.85 41.44
C PHE I 56 17.15 -0.42 41.55
N SER I 57 16.25 0.51 41.83
CA SER I 57 16.64 1.90 42.03
C SER I 57 17.16 2.09 43.46
N ASN I 58 17.85 3.20 43.66
CA ASN I 58 18.43 3.52 44.96
C ASN I 58 17.41 4.33 45.75
N VAL I 59 16.81 3.71 46.76
CA VAL I 59 15.83 4.37 47.60
C VAL I 59 16.49 4.70 48.93
N THR I 60 15.91 5.67 49.64
CA THR I 60 16.48 6.19 50.87
C THR I 60 15.69 5.66 52.06
N TRP I 61 16.39 5.11 53.04
CA TRP I 61 15.78 4.58 54.26
C TRP I 61 16.02 5.59 55.38
N PHE I 62 14.95 6.22 55.85
CA PHE I 62 15.01 7.16 56.95
C PHE I 62 14.63 6.42 58.23
N HIS I 63 15.58 6.29 59.16
CA HIS I 63 15.29 5.63 60.42
C HIS I 63 14.72 6.61 61.44
N ALA I 64 14.67 7.89 61.10
CA ALA I 64 14.18 8.93 62.00
C ALA I 64 12.76 8.65 62.47
N ASN I 78 14.65 17.11 61.10
CA ASN I 78 13.87 16.45 60.05
C ASN I 78 13.53 17.42 58.94
N PRO I 79 14.46 17.62 58.00
CA PRO I 79 14.18 18.51 56.86
C PRO I 79 13.15 17.91 55.93
N VAL I 80 12.53 18.78 55.14
CA VAL I 80 11.45 18.39 54.25
C VAL I 80 12.04 17.84 52.96
N LEU I 81 11.61 16.63 52.58
CA LEU I 81 12.08 15.95 51.38
C LEU I 81 11.40 16.50 50.13
N PRO I 82 12.06 16.46 48.99
CA PRO I 82 11.44 16.91 47.74
C PRO I 82 10.47 15.86 47.21
N PHE I 83 9.62 16.31 46.28
CA PHE I 83 8.58 15.48 45.69
C PHE I 83 8.95 14.94 44.31
N ASN I 84 9.62 15.73 43.49
CA ASN I 84 10.05 15.34 42.14
C ASN I 84 8.79 15.02 41.34
N ASP I 85 8.82 14.02 40.46
CA ASP I 85 7.64 13.66 39.67
C ASP I 85 6.62 12.86 40.46
N GLY I 86 7.07 12.13 41.47
CA GLY I 86 6.17 11.30 42.25
C GLY I 86 6.97 10.59 43.32
N VAL I 87 6.25 9.99 44.26
CA VAL I 87 6.90 9.43 45.45
C VAL I 87 6.39 8.02 45.69
N TYR I 88 7.32 7.11 45.98
CA TYR I 88 7.02 5.79 46.51
C TYR I 88 7.40 5.77 47.98
N PHE I 89 6.47 5.36 48.84
CA PHE I 89 6.66 5.40 50.28
C PHE I 89 6.36 4.02 50.84
N ALA I 90 7.30 3.46 51.59
CA ALA I 90 7.10 2.15 52.18
C ALA I 90 7.38 2.21 53.68
N SER I 91 6.71 1.34 54.43
CA SER I 91 6.96 1.26 55.87
C SER I 91 6.60 -0.13 56.37
N THR I 92 7.52 -0.74 57.12
CA THR I 92 7.28 -2.04 57.72
C THR I 92 6.85 -1.93 59.18
N GLU I 93 6.52 -0.72 59.63
CA GLU I 93 6.19 -0.50 61.03
C GLU I 93 4.88 -1.19 61.40
N LYS I 94 4.80 -1.65 62.65
CA LYS I 94 3.59 -2.24 63.21
C LYS I 94 2.89 -1.33 64.20
N SER I 95 3.61 -0.45 64.89
CA SER I 95 3.07 0.34 65.98
C SER I 95 2.11 1.43 65.52
N ASN I 96 2.00 1.66 64.21
CA ASN I 96 1.16 2.73 63.66
C ASN I 96 1.60 4.11 64.16
N ILE I 97 2.91 4.29 64.35
CA ILE I 97 3.43 5.60 64.70
C ILE I 97 3.35 6.53 63.48
N ILE I 98 3.65 6.02 62.30
CA ILE I 98 3.48 6.79 61.07
C ILE I 98 1.99 6.96 60.80
N ARG I 99 1.53 8.21 60.75
CA ARG I 99 0.09 8.44 60.72
C ARG I 99 -0.29 9.57 59.77
N GLY I 100 0.44 9.76 58.69
CA GLY I 100 0.01 10.70 57.67
C GLY I 100 1.19 11.37 57.00
N TRP I 101 0.85 12.30 56.10
CA TRP I 101 1.83 12.99 55.29
C TRP I 101 1.41 14.43 55.04
N ILE I 102 2.38 15.23 54.62
CA ILE I 102 2.20 16.65 54.33
C ILE I 102 2.86 16.93 52.99
N PHE I 103 2.16 17.64 52.12
CA PHE I 103 2.65 17.96 50.78
C PHE I 103 2.46 19.44 50.52
N GLY I 104 3.35 20.03 49.74
CA GLY I 104 3.20 21.42 49.37
C GLY I 104 4.47 21.96 48.74
N THR I 105 4.55 23.29 48.69
CA THR I 105 5.72 23.98 48.19
C THR I 105 6.39 24.82 49.27
N THR I 106 5.66 25.75 49.88
CA THR I 106 6.22 26.59 50.93
C THR I 106 5.90 26.08 52.34
N LEU I 107 4.91 25.21 52.48
CA LEU I 107 4.50 24.62 53.74
C LEU I 107 4.18 25.66 54.80
N ASP I 108 3.78 26.85 54.37
CA ASP I 108 3.30 27.93 55.24
C ASP I 108 1.96 28.42 54.74
N SER I 109 1.42 29.42 55.42
CA SER I 109 0.10 29.94 55.06
C SER I 109 0.11 30.72 53.75
N LYS I 110 1.29 31.02 53.19
CA LYS I 110 1.35 31.76 51.94
C LYS I 110 0.76 30.95 50.79
N THR I 111 0.92 29.63 50.81
CA THR I 111 0.46 28.76 49.75
C THR I 111 -0.29 27.57 50.32
N GLN I 112 -1.24 27.05 49.54
CA GLN I 112 -2.02 25.91 49.98
C GLN I 112 -1.16 24.66 50.08
N SER I 113 -1.47 23.81 51.05
CA SER I 113 -0.72 22.58 51.29
C SER I 113 -1.67 21.46 51.65
N LEU I 114 -1.37 20.25 51.15
CA LEU I 114 -2.18 19.07 51.40
C LEU I 114 -1.74 18.39 52.68
N LEU I 115 -2.71 17.98 53.49
CA LEU I 115 -2.44 17.31 54.76
C LEU I 115 -3.31 16.06 54.84
N ILE I 116 -2.68 14.92 55.09
CA ILE I 116 -3.36 13.64 55.22
C ILE I 116 -3.05 13.09 56.60
N VAL I 117 -4.08 12.81 57.39
CA VAL I 117 -3.92 12.29 58.75
C VAL I 117 -4.75 11.03 58.88
N ASN I 118 -4.10 9.94 59.28
CA ASN I 118 -4.77 8.66 59.45
C ASN I 118 -5.17 8.53 60.92
N ASN I 119 -6.43 8.84 61.21
CA ASN I 119 -6.96 8.66 62.55
C ASN I 119 -7.11 7.16 62.85
N ALA I 120 -7.21 6.84 64.15
CA ALA I 120 -7.37 5.45 64.54
C ALA I 120 -8.67 4.85 64.03
N THR I 121 -9.64 5.69 63.65
CA THR I 121 -10.91 5.22 63.10
C THR I 121 -11.16 5.66 61.67
N ASN I 122 -10.46 6.66 61.17
CA ASN I 122 -10.74 7.21 59.84
C ASN I 122 -9.47 7.82 59.26
N VAL I 123 -9.60 8.39 58.07
CA VAL I 123 -8.55 9.17 57.44
C VAL I 123 -9.16 10.49 56.99
N VAL I 124 -8.46 11.59 57.28
CA VAL I 124 -8.92 12.93 56.98
C VAL I 124 -7.90 13.62 56.10
N ILE I 125 -8.36 14.19 54.99
CA ILE I 125 -7.51 14.86 54.02
C ILE I 125 -8.02 16.28 53.83
N LYS I 126 -7.13 17.26 53.95
CA LYS I 126 -7.48 18.66 53.82
C LYS I 126 -6.47 19.38 52.95
N VAL I 127 -6.90 20.47 52.32
CA VAL I 127 -6.03 21.28 51.48
C VAL I 127 -6.08 22.73 51.93
N CYS I 128 -6.27 22.94 53.23
CA CYS I 128 -6.25 24.29 53.78
C CYS I 128 -4.84 24.89 53.65
N GLU I 129 -4.75 26.19 53.93
CA GLU I 129 -3.47 26.88 53.99
C GLU I 129 -2.94 26.79 55.42
N PHE I 130 -2.18 25.74 55.69
CA PHE I 130 -1.66 25.50 57.03
C PHE I 130 -0.36 26.26 57.24
N GLN I 131 -0.15 26.74 58.47
CA GLN I 131 1.15 27.26 58.89
C GLN I 131 1.85 26.12 59.63
N PHE I 132 2.50 25.26 58.85
CA PHE I 132 3.08 24.04 59.39
C PHE I 132 4.29 24.35 60.27
N CYS I 133 4.47 23.53 61.29
CA CYS I 133 5.63 23.64 62.16
C CYS I 133 6.87 23.10 61.44
N ASN I 134 8.04 23.46 61.98
CA ASN I 134 9.29 23.01 61.38
C ASN I 134 9.46 21.51 61.52
N ASP I 135 9.00 20.94 62.63
CA ASP I 135 9.05 19.49 62.87
C ASP I 135 7.67 19.03 63.32
N PRO I 136 6.71 18.94 62.39
CA PRO I 136 5.36 18.55 62.78
C PRO I 136 5.29 17.10 63.23
N PHE I 137 4.40 16.86 64.18
CA PHE I 137 4.13 15.52 64.68
C PHE I 137 2.82 15.55 65.46
N LEU I 138 2.13 14.42 65.48
CA LEU I 138 0.83 14.30 66.13
C LEU I 138 1.02 13.73 67.53
N ASP I 139 0.57 14.48 68.54
CA ASP I 139 0.70 14.08 69.93
C ASP I 139 -0.60 13.42 70.40
N VAL I 140 -0.45 12.46 71.30
CA VAL I 140 -1.58 11.70 71.85
C VAL I 140 -1.61 11.90 73.35
N TYR I 141 -2.76 12.28 73.89
CA TYR I 141 -2.88 12.41 75.34
C TYR I 141 -4.34 12.31 75.78
N TRP I 149 -8.48 8.99 75.02
CA TRP I 149 -7.27 9.49 74.39
C TRP I 149 -7.62 10.41 73.22
N MET I 150 -7.16 11.65 73.28
CA MET I 150 -7.39 12.63 72.22
C MET I 150 -6.07 12.87 71.51
N GLU I 151 -6.13 12.86 70.17
CA GLU I 151 -4.95 13.06 69.33
C GLU I 151 -4.98 14.49 68.81
N SER I 152 -4.08 15.31 69.34
CA SER I 152 -4.13 16.74 69.06
C SER I 152 -3.63 17.06 67.66
N GLU I 153 -4.40 17.84 66.92
CA GLU I 153 -3.97 18.34 65.62
C GLU I 153 -3.02 19.52 65.75
N PHE I 154 -2.81 20.05 66.96
CA PHE I 154 -1.77 21.02 67.20
C PHE I 154 -0.42 20.33 67.29
N ARG I 155 0.63 21.14 67.34
CA ARG I 155 2.04 20.75 67.21
C ARG I 155 2.39 20.35 65.80
N VAL I 156 1.42 20.28 64.89
CA VAL I 156 1.67 20.10 63.47
C VAL I 156 1.61 21.44 62.74
N TYR I 157 0.53 22.18 62.92
CA TYR I 157 0.37 23.51 62.33
C TYR I 157 -0.15 24.46 63.40
N SER I 158 0.30 25.72 63.33
CA SER I 158 -0.19 26.72 64.27
C SER I 158 -1.60 27.19 63.89
N SER I 159 -1.90 27.24 62.59
CA SER I 159 -3.19 27.71 62.13
C SER I 159 -3.54 27.03 60.81
N ALA I 160 -4.83 27.01 60.50
CA ALA I 160 -5.37 26.45 59.25
C ALA I 160 -6.40 27.43 58.72
N ASN I 161 -5.95 28.37 57.89
CA ASN I 161 -6.79 29.44 57.39
C ASN I 161 -7.08 29.27 55.91
N ASN I 162 -8.24 29.77 55.48
CA ASN I 162 -8.67 29.74 54.08
C ASN I 162 -8.69 28.31 53.53
N CYS I 163 -9.52 27.48 54.15
CA CYS I 163 -9.66 26.09 53.72
C CYS I 163 -10.34 26.03 52.34
N THR I 164 -9.96 25.02 51.54
CA THR I 164 -10.48 24.89 50.18
C THR I 164 -10.85 23.44 49.83
N PHE I 165 -10.68 22.49 50.74
CA PHE I 165 -11.06 21.11 50.43
C PHE I 165 -11.06 20.31 51.70
N GLU I 166 -11.96 19.32 51.76
CA GLU I 166 -12.04 18.41 52.89
C GLU I 166 -12.49 17.05 52.37
N TYR I 167 -12.06 16.00 53.07
CA TYR I 167 -12.42 14.65 52.67
C TYR I 167 -12.18 13.71 53.84
N VAL I 168 -13.12 12.79 54.07
CA VAL I 168 -13.01 11.82 55.15
C VAL I 168 -13.36 10.44 54.59
N SER I 169 -12.62 9.43 54.99
CA SER I 169 -12.87 8.07 54.51
C SER I 169 -12.32 7.07 55.52
N GLN I 170 -12.33 5.79 55.15
CA GLN I 170 -11.84 4.72 56.01
C GLN I 170 -10.31 4.75 56.13
N PRO I 171 -9.77 4.42 57.29
CA PRO I 171 -8.32 4.52 57.48
C PRO I 171 -7.57 3.49 56.65
N PHE I 172 -6.36 3.87 56.26
CA PHE I 172 -5.51 3.02 55.43
C PHE I 172 -5.00 1.82 56.21
N PHE I 183 7.01 -12.53 61.38
CA PHE I 183 6.31 -11.91 60.25
C PHE I 183 6.03 -10.43 60.53
N LYS I 184 5.88 -9.65 59.46
CA LYS I 184 5.57 -8.24 59.55
C LYS I 184 4.55 -7.89 58.47
N ASN I 185 4.04 -6.67 58.53
CA ASN I 185 3.06 -6.17 57.57
C ASN I 185 3.66 -4.96 56.86
N LEU I 186 4.19 -5.16 55.66
CA LEU I 186 4.72 -4.07 54.87
C LEU I 186 3.58 -3.28 54.24
N ARG I 187 3.65 -1.96 54.31
CA ARG I 187 2.64 -1.08 53.74
C ARG I 187 3.30 -0.20 52.70
N GLU I 188 2.75 -0.19 51.50
CA GLU I 188 3.32 0.50 50.35
C GLU I 188 2.32 1.50 49.79
N PHE I 189 2.81 2.67 49.43
CA PHE I 189 2.00 3.75 48.89
C PHE I 189 2.74 4.40 47.74
N VAL I 190 1.98 4.90 46.78
CA VAL I 190 2.51 5.67 45.67
C VAL I 190 1.68 6.93 45.55
N PHE I 191 2.33 8.09 45.58
CA PHE I 191 1.69 9.39 45.48
C PHE I 191 2.12 10.02 44.17
N LYS I 192 1.13 10.37 43.34
CA LYS I 192 1.37 11.07 42.10
C LYS I 192 0.52 12.32 42.06
N ASN I 193 1.06 13.37 41.43
CA ASN I 193 0.38 14.67 41.34
C ASN I 193 0.39 15.08 39.87
N ILE I 194 -0.62 14.64 39.12
CA ILE I 194 -0.69 14.91 37.69
C ILE I 194 -2.13 15.25 37.31
N ASP I 195 -2.26 16.13 36.30
CA ASP I 195 -3.56 16.56 35.78
C ASP I 195 -4.41 17.19 36.88
N GLY I 196 -3.78 17.97 37.76
CA GLY I 196 -4.49 18.56 38.87
C GLY I 196 -5.10 17.53 39.80
N TYR I 197 -4.55 16.32 39.82
CA TYR I 197 -5.11 15.21 40.58
C TYR I 197 -4.01 14.57 41.42
N PHE I 198 -4.33 14.33 42.69
CA PHE I 198 -3.45 13.62 43.60
C PHE I 198 -3.95 12.17 43.68
N LYS I 199 -3.19 11.26 43.09
CA LYS I 199 -3.53 9.85 43.06
C LYS I 199 -2.71 9.11 44.10
N ILE I 200 -3.37 8.27 44.89
CA ILE I 200 -2.73 7.47 45.92
C ILE I 200 -3.06 6.01 45.65
N TYR I 201 -2.02 5.21 45.44
CA TYR I 201 -2.11 3.76 45.34
C TYR I 201 -1.50 3.14 46.59
N SER I 202 -1.98 1.97 46.98
CA SER I 202 -1.49 1.39 48.22
C SER I 202 -1.64 -0.12 48.20
N LYS I 203 -0.95 -0.76 49.14
CA LYS I 203 -1.00 -2.21 49.27
C LYS I 203 -0.43 -2.61 50.63
N HIS I 204 -0.93 -3.70 51.17
CA HIS I 204 -0.43 -4.29 52.42
C HIS I 204 -0.05 -5.74 52.16
N THR I 205 1.16 -6.11 52.57
CA THR I 205 1.68 -7.43 52.27
C THR I 205 2.30 -8.06 53.52
N PRO I 206 1.94 -9.30 53.85
CA PRO I 206 2.65 -10.02 54.92
C PRO I 206 4.02 -10.49 54.45
N ILE I 207 5.01 -10.36 55.33
CA ILE I 207 6.39 -10.70 55.01
C ILE I 207 6.97 -11.54 56.14
N ASN I 208 7.98 -12.32 55.79
CA ASN I 208 8.69 -13.14 56.78
C ASN I 208 9.84 -12.35 57.40
N LEU I 213 11.91 -4.60 52.62
CA LEU I 213 11.47 -4.71 51.23
C LEU I 213 11.80 -6.09 50.67
N PRO I 214 10.80 -6.97 50.61
CA PRO I 214 11.01 -8.31 50.04
C PRO I 214 11.25 -8.23 48.54
N GLN I 215 11.65 -9.38 47.98
CA GLN I 215 12.02 -9.47 46.58
C GLN I 215 10.90 -10.04 45.71
N GLY I 216 9.70 -10.17 46.26
CA GLY I 216 8.56 -10.63 45.49
C GLY I 216 7.97 -9.53 44.63
N PHE I 217 6.76 -9.79 44.15
CA PHE I 217 6.01 -8.82 43.35
C PHE I 217 4.64 -8.62 43.98
N SER I 218 4.21 -7.36 44.04
CA SER I 218 2.92 -7.00 44.63
C SER I 218 2.49 -5.67 44.04
N ALA I 219 1.43 -5.69 43.23
CA ALA I 219 0.96 -4.48 42.58
C ALA I 219 0.10 -3.66 43.53
N LEU I 220 0.13 -2.35 43.33
CA LEU I 220 -0.53 -1.39 44.21
C LEU I 220 -1.83 -0.93 43.56
N GLU I 221 -2.96 -1.26 44.17
CA GLU I 221 -4.26 -0.91 43.62
C GLU I 221 -4.56 0.57 43.86
N PRO I 222 -5.29 1.20 42.94
CA PRO I 222 -5.71 2.59 43.16
C PRO I 222 -6.54 2.73 44.42
N LEU I 223 -6.01 3.47 45.38
CA LEU I 223 -6.68 3.65 46.66
C LEU I 223 -7.59 4.87 46.66
N VAL I 224 -7.14 5.99 46.10
CA VAL I 224 -7.97 7.20 46.08
C VAL I 224 -7.44 8.14 44.99
N ASP I 225 -8.33 9.00 44.49
CA ASP I 225 -7.99 10.07 43.56
C ASP I 225 -8.65 11.35 44.06
N LEU I 226 -7.87 12.43 44.13
CA LEU I 226 -8.37 13.69 44.66
C LEU I 226 -8.22 14.81 43.63
N PRO I 227 -9.30 15.51 43.29
CA PRO I 227 -9.24 16.58 42.29
C PRO I 227 -8.80 17.92 42.87
N ILE I 228 -7.56 17.97 43.35
CA ILE I 228 -7.01 19.17 43.97
C ILE I 228 -5.90 19.71 43.08
N GLY I 229 -6.11 20.90 42.54
CA GLY I 229 -5.11 21.53 41.69
C GLY I 229 -4.15 22.39 42.48
N ILE I 230 -3.23 21.77 43.20
CA ILE I 230 -2.24 22.49 44.00
C ILE I 230 -0.84 22.13 43.54
N ASN I 231 0.12 22.98 43.89
CA ASN I 231 1.51 22.72 43.58
C ASN I 231 2.16 21.96 44.72
N ILE I 232 2.83 20.86 44.38
CA ILE I 232 3.52 20.02 45.36
C ILE I 232 4.93 19.78 44.84
N THR I 233 5.94 20.27 45.56
CA THR I 233 7.33 19.97 45.26
C THR I 233 8.11 19.49 46.48
N ARG I 234 7.48 19.45 47.65
CA ARG I 234 8.11 18.98 48.87
C ARG I 234 7.07 18.23 49.71
N PHE I 235 7.55 17.32 50.54
CA PHE I 235 6.67 16.50 51.36
C PHE I 235 7.39 16.05 52.61
N GLN I 236 6.62 15.61 53.59
CA GLN I 236 7.13 15.22 54.89
C GLN I 236 6.19 14.21 55.53
N THR I 237 6.74 13.33 56.37
CA THR I 237 5.97 12.32 57.08
C THR I 237 5.52 12.85 58.43
N LEU I 238 4.42 12.29 58.95
CA LEU I 238 3.87 12.67 60.25
C LEU I 238 3.89 11.47 61.19
N LEU I 239 4.28 11.72 62.44
CA LEU I 239 4.29 10.68 63.46
C LEU I 239 3.23 10.92 64.52
N ALA I 261 10.95 4.27 60.85
CA ALA I 261 11.77 3.87 59.73
C ALA I 261 10.94 3.65 58.49
N TYR I 262 11.15 4.48 57.47
CA TYR I 262 10.38 4.38 56.23
C TYR I 262 11.31 4.57 55.03
N TYR I 263 10.88 4.02 53.90
CA TYR I 263 11.62 4.07 52.65
C TYR I 263 10.96 5.05 51.69
N VAL I 264 11.78 5.82 50.98
CA VAL I 264 11.31 6.79 50.00
C VAL I 264 12.06 6.57 48.69
N GLY I 265 11.30 6.45 47.60
CA GLY I 265 11.88 6.39 46.28
C GLY I 265 11.16 7.35 45.34
N TYR I 266 11.75 7.59 44.17
CA TYR I 266 11.21 8.55 43.23
C TYR I 266 10.86 7.88 41.92
N LEU I 267 9.81 8.39 41.27
CA LEU I 267 9.31 7.82 40.03
C LEU I 267 9.93 8.53 38.83
N GLN I 268 10.12 7.77 37.76
CA GLN I 268 10.64 8.23 36.48
C GLN I 268 9.71 7.78 35.38
N PRO I 269 9.68 8.50 34.25
CA PRO I 269 8.91 8.02 33.10
C PRO I 269 9.53 6.80 32.47
N ARG I 270 8.89 5.64 32.63
CA ARG I 270 9.42 4.37 32.16
C ARG I 270 8.33 3.60 31.42
N THR I 271 8.78 2.73 30.52
CA THR I 271 7.91 1.77 29.85
C THR I 271 8.04 0.43 30.52
N PHE I 272 6.90 -0.14 30.92
CA PHE I 272 6.87 -1.43 31.60
C PHE I 272 6.02 -2.39 30.78
N LEU I 273 6.39 -3.67 30.86
CA LEU I 273 5.60 -4.76 30.31
C LEU I 273 5.01 -5.53 31.48
N LEU I 274 3.71 -5.38 31.69
CA LEU I 274 3.02 -5.96 32.84
C LEU I 274 2.27 -7.21 32.41
N LYS I 275 2.32 -8.24 33.27
CA LYS I 275 1.66 -9.51 33.03
C LYS I 275 0.41 -9.58 33.90
N TYR I 276 -0.75 -9.58 33.25
CA TYR I 276 -2.02 -9.81 33.93
C TYR I 276 -2.34 -11.30 33.86
N ASN I 277 -2.55 -11.92 35.01
CA ASN I 277 -2.90 -13.34 35.06
C ASN I 277 -4.38 -13.51 34.72
N GLU I 278 -4.89 -14.73 34.87
CA GLU I 278 -6.28 -15.02 34.50
C GLU I 278 -7.27 -14.27 35.38
N ASN I 279 -6.93 -14.03 36.65
CA ASN I 279 -7.83 -13.36 37.58
C ASN I 279 -7.76 -11.84 37.47
N GLY I 280 -6.95 -11.30 36.56
CA GLY I 280 -6.84 -9.88 36.38
C GLY I 280 -5.76 -9.21 37.21
N THR I 281 -4.95 -9.96 37.94
CA THR I 281 -3.93 -9.40 38.81
C THR I 281 -2.62 -9.25 38.07
N ILE I 282 -1.94 -8.13 38.30
CA ILE I 282 -0.58 -7.93 37.78
C ILE I 282 0.36 -8.77 38.62
N THR I 283 0.91 -9.84 38.04
CA THR I 283 1.74 -10.77 38.78
C THR I 283 3.22 -10.67 38.44
N ASP I 284 3.60 -9.87 37.44
CA ASP I 284 4.98 -9.73 37.05
C ASP I 284 5.11 -8.51 36.14
N ALA I 285 6.33 -7.99 36.04
CA ALA I 285 6.59 -6.86 35.17
C ALA I 285 8.02 -6.91 34.69
N VAL I 286 8.26 -6.24 33.57
CA VAL I 286 9.60 -6.06 33.01
C VAL I 286 9.80 -4.57 32.80
N ASP I 287 10.85 -4.03 33.40
CA ASP I 287 11.25 -2.64 33.21
C ASP I 287 12.13 -2.58 31.95
N CYS I 288 11.59 -1.99 30.88
CA CYS I 288 12.22 -2.11 29.57
C CYS I 288 13.62 -1.51 29.54
N ALA I 289 13.83 -0.39 30.23
CA ALA I 289 15.08 0.35 30.17
C ALA I 289 16.10 -0.12 31.19
N LEU I 290 15.82 -1.20 31.91
CA LEU I 290 16.73 -1.64 32.97
C LEU I 290 18.09 -2.08 32.40
N ASP I 291 18.07 -2.97 31.42
CA ASP I 291 19.30 -3.57 30.91
C ASP I 291 18.99 -4.16 29.52
N PRO I 292 20.02 -4.63 28.79
CA PRO I 292 19.75 -5.16 27.44
C PRO I 292 18.78 -6.33 27.42
N LEU I 293 18.82 -7.22 28.41
CA LEU I 293 17.90 -8.35 28.42
C LEU I 293 16.46 -7.91 28.59
N SER I 294 16.22 -6.92 29.45
CA SER I 294 14.86 -6.41 29.62
C SER I 294 14.37 -5.70 28.37
N GLU I 295 15.25 -4.98 27.69
CA GLU I 295 14.88 -4.37 26.42
C GLU I 295 14.53 -5.43 25.39
N THR I 296 15.26 -6.54 25.38
CA THR I 296 14.92 -7.65 24.50
C THR I 296 13.57 -8.24 24.84
N LYS I 297 13.29 -8.41 26.13
CA LYS I 297 12.00 -8.95 26.55
C LYS I 297 10.86 -8.02 26.13
N CYS I 298 11.05 -6.71 26.28
CA CYS I 298 10.02 -5.77 25.87
C CYS I 298 9.84 -5.75 24.36
N THR I 299 10.93 -5.89 23.60
CA THR I 299 10.83 -5.93 22.15
C THR I 299 10.10 -7.17 21.68
N LEU I 300 10.40 -8.32 22.29
CA LEU I 300 9.74 -9.57 21.92
C LEU I 300 8.35 -9.71 22.55
N LYS I 301 7.97 -8.79 23.45
CA LYS I 301 6.69 -8.86 24.17
C LYS I 301 6.53 -10.21 24.85
N SER I 302 7.59 -10.67 25.50
CA SER I 302 7.58 -11.95 26.20
C SER I 302 8.46 -11.85 27.43
N PHE I 303 8.21 -12.74 28.39
CA PHE I 303 9.02 -12.81 29.60
C PHE I 303 10.12 -13.86 29.50
N THR I 304 10.12 -14.67 28.45
CA THR I 304 11.18 -15.64 28.20
C THR I 304 11.74 -15.40 26.81
N VAL I 305 13.04 -15.60 26.65
CA VAL I 305 13.75 -15.37 25.41
C VAL I 305 14.46 -16.64 25.01
N GLU I 306 14.30 -17.04 23.74
CA GLU I 306 15.05 -18.16 23.21
C GLU I 306 16.46 -17.72 22.84
N LYS I 307 17.36 -18.70 22.73
CA LYS I 307 18.73 -18.43 22.33
C LYS I 307 18.77 -17.78 20.95
N GLY I 308 19.58 -16.75 20.80
CA GLY I 308 19.72 -16.07 19.53
C GLY I 308 20.21 -14.65 19.71
N ILE I 309 20.21 -13.93 18.60
CA ILE I 309 20.64 -12.54 18.55
C ILE I 309 19.46 -11.72 18.04
N TYR I 310 19.16 -10.63 18.75
CA TYR I 310 17.94 -9.86 18.50
C TYR I 310 18.28 -8.40 18.30
N GLN I 311 17.75 -7.81 17.23
CA GLN I 311 17.93 -6.39 16.95
C GLN I 311 16.99 -5.59 17.83
N THR I 312 17.53 -4.95 18.86
CA THR I 312 16.75 -4.07 19.71
C THR I 312 16.92 -2.63 19.20
N SER I 313 16.50 -1.66 20.00
CA SER I 313 16.50 -0.27 19.55
C SER I 313 17.93 0.20 19.25
N ASN I 314 18.01 1.33 18.58
CA ASN I 314 19.28 1.89 18.12
C ASN I 314 19.77 2.96 19.09
N PHE I 315 21.08 3.03 19.26
CA PHE I 315 21.67 4.06 20.11
C PHE I 315 21.82 5.37 19.34
N ARG I 316 21.55 6.47 20.03
CA ARG I 316 21.69 7.80 19.43
C ARG I 316 22.31 8.74 20.45
N VAL I 317 23.30 9.51 20.02
CA VAL I 317 23.91 10.53 20.86
C VAL I 317 22.98 11.74 20.89
N GLN I 318 22.67 12.22 22.09
CA GLN I 318 21.71 13.32 22.18
C GLN I 318 22.42 14.66 22.23
N PRO I 319 21.79 15.73 21.75
CA PRO I 319 22.44 17.04 21.73
C PRO I 319 22.65 17.60 23.12
N THR I 320 23.84 18.19 23.32
CA THR I 320 24.18 18.80 24.60
C THR I 320 23.66 20.22 24.73
N GLU I 321 23.75 21.01 23.65
CA GLU I 321 23.43 22.43 23.70
C GLU I 321 22.50 22.78 22.54
N SER I 322 21.96 24.00 22.60
CA SER I 322 21.21 24.61 21.51
C SER I 322 21.86 25.94 21.17
N ILE I 323 22.13 26.16 19.89
CA ILE I 323 22.78 27.37 19.42
C ILE I 323 21.87 28.07 18.42
N VAL I 324 21.88 29.40 18.46
CA VAL I 324 21.12 30.25 17.55
C VAL I 324 22.08 31.21 16.88
N ARG I 325 22.07 31.25 15.56
CA ARG I 325 22.93 32.12 14.78
C ARG I 325 22.06 32.94 13.83
N PHE I 326 21.90 34.22 14.14
CA PHE I 326 21.13 35.15 13.36
C PHE I 326 22.04 36.27 12.89
N PRO I 327 21.67 36.98 11.82
CA PRO I 327 22.47 38.14 11.40
C PRO I 327 22.40 39.23 12.45
N ASN I 328 23.45 40.05 12.50
CA ASN I 328 23.52 41.17 13.42
C ASN I 328 22.72 42.32 12.83
N ILE I 329 21.45 42.43 13.25
CA ILE I 329 20.54 43.46 12.78
C ILE I 329 20.01 44.20 14.00
N THR I 330 20.03 45.52 13.94
CA THR I 330 19.72 46.36 15.09
C THR I 330 18.43 47.16 14.97
N ASN I 331 18.07 47.60 13.77
CA ASN I 331 16.89 48.44 13.59
C ASN I 331 15.61 47.65 13.86
N LEU I 332 14.56 48.39 14.20
CA LEU I 332 13.24 47.82 14.41
C LEU I 332 12.37 48.10 13.19
N CYS I 333 11.64 47.07 12.74
CA CYS I 333 10.85 47.19 11.52
C CYS I 333 9.70 48.18 11.72
N PRO I 334 9.40 49.01 10.71
CA PRO I 334 8.36 50.05 10.84
C PRO I 334 6.97 49.56 10.46
N PHE I 335 6.46 48.61 11.25
CA PHE I 335 5.11 48.10 11.03
C PHE I 335 4.04 49.05 11.55
N ASP I 336 4.37 49.85 12.56
CA ASP I 336 3.38 50.76 13.13
C ASP I 336 2.93 51.80 12.13
N GLU I 337 3.86 52.32 11.32
CA GLU I 337 3.47 53.28 10.30
C GLU I 337 2.72 52.63 9.16
N VAL I 338 2.88 51.32 8.95
CA VAL I 338 2.04 50.61 7.99
C VAL I 338 0.62 50.52 8.52
N PHE I 339 0.46 50.09 9.77
CA PHE I 339 -0.88 49.86 10.30
C PHE I 339 -1.56 51.16 10.70
N ASN I 340 -0.82 52.10 11.29
CA ASN I 340 -1.39 53.36 11.76
C ASN I 340 -1.17 54.46 10.72
N ALA I 341 -1.80 54.26 9.57
CA ALA I 341 -1.81 55.24 8.49
C ALA I 341 -3.15 55.96 8.49
N THR I 342 -3.10 57.27 8.22
CA THR I 342 -4.32 58.07 8.25
C THR I 342 -5.29 57.65 7.16
N ARG I 343 -4.79 57.40 5.95
CA ARG I 343 -5.60 56.97 4.83
C ARG I 343 -4.93 55.80 4.14
N PHE I 344 -5.71 54.77 3.82
CA PHE I 344 -5.21 53.63 3.08
C PHE I 344 -5.42 53.84 1.58
N ALA I 345 -4.68 53.07 0.79
CA ALA I 345 -4.79 53.17 -0.66
C ALA I 345 -6.06 52.50 -1.17
N SER I 346 -6.48 52.90 -2.36
CA SER I 346 -7.52 52.16 -3.06
C SER I 346 -6.96 50.83 -3.54
N VAL I 347 -7.85 49.84 -3.70
CA VAL I 347 -7.39 48.50 -4.01
C VAL I 347 -6.76 48.43 -5.40
N TYR I 348 -7.26 49.23 -6.35
CA TYR I 348 -6.65 49.23 -7.67
C TYR I 348 -5.26 49.87 -7.64
N ALA I 349 -5.02 50.78 -6.70
CA ALA I 349 -3.74 51.45 -6.55
C ALA I 349 -3.12 51.08 -5.21
N TRP I 350 -3.13 49.79 -4.88
CA TRP I 350 -2.74 49.34 -3.55
C TRP I 350 -1.30 49.72 -3.24
N ASN I 351 -1.04 50.05 -1.97
CA ASN I 351 0.28 50.51 -1.56
C ASN I 351 1.16 49.34 -1.19
N ARG I 352 2.40 49.36 -1.66
CA ARG I 352 3.39 48.35 -1.31
C ARG I 352 4.57 49.02 -0.62
N LYS I 353 4.97 48.47 0.52
CA LYS I 353 6.11 48.97 1.28
C LYS I 353 7.09 47.83 1.51
N ARG I 354 8.37 48.13 1.36
CA ARG I 354 9.43 47.13 1.55
C ARG I 354 9.97 47.21 2.96
N ILE I 355 10.08 46.05 3.61
CA ILE I 355 10.61 45.91 4.96
C ILE I 355 11.89 45.09 4.84
N SER I 356 13.01 45.68 5.25
CA SER I 356 14.30 45.02 5.15
C SER I 356 15.25 45.61 6.17
N ASN I 357 16.23 44.81 6.57
CA ASN I 357 17.29 45.21 7.49
C ASN I 357 16.73 45.75 8.80
N CYS I 358 15.93 44.91 9.45
CA CYS I 358 15.33 45.29 10.73
C CYS I 358 14.92 44.03 11.48
N VAL I 359 14.67 44.20 12.78
CA VAL I 359 14.19 43.13 13.64
C VAL I 359 12.68 43.27 13.77
N ALA I 360 11.96 42.21 13.43
CA ALA I 360 10.50 42.24 13.33
C ALA I 360 9.91 41.48 14.51
N ASP I 361 9.22 42.19 15.39
CA ASP I 361 8.43 41.58 16.45
C ASP I 361 6.98 41.56 16.00
N TYR I 362 6.47 40.38 15.67
CA TYR I 362 5.13 40.27 15.11
C TYR I 362 4.04 40.19 16.16
N SER I 363 4.41 40.01 17.43
CA SER I 363 3.41 39.96 18.50
C SER I 363 2.82 41.34 18.79
N VAL I 364 3.52 42.41 18.42
CA VAL I 364 3.03 43.76 18.67
C VAL I 364 2.08 44.25 17.59
N LEU I 365 1.91 43.49 16.50
CA LEU I 365 0.95 43.89 15.47
C LEU I 365 -0.47 43.89 16.01
N TYR I 366 -0.76 43.06 17.02
CA TYR I 366 -2.09 43.03 17.60
C TYR I 366 -2.45 44.36 18.26
N ASN I 367 -1.44 45.14 18.66
CA ASN I 367 -1.68 46.42 19.32
C ASN I 367 -1.88 47.56 18.32
N PHE I 368 -1.62 47.36 17.04
CA PHE I 368 -1.70 48.44 16.06
C PHE I 368 -3.06 48.54 15.40
N ALA I 369 -3.73 47.41 15.18
CA ALA I 369 -5.04 47.41 14.55
C ALA I 369 -5.97 46.48 15.31
N PRO I 370 -7.26 46.78 15.33
CA PRO I 370 -8.20 45.93 16.07
C PRO I 370 -8.69 44.74 15.27
N PHE I 371 -7.79 44.05 14.57
CA PHE I 371 -8.16 42.85 13.86
C PHE I 371 -8.30 41.68 14.83
N PHE I 372 -9.14 40.71 14.45
CA PHE I 372 -9.39 39.58 15.33
C PHE I 372 -8.26 38.56 15.29
N ALA I 373 -7.79 38.20 14.09
CA ALA I 373 -6.72 37.22 13.97
C ALA I 373 -6.04 37.36 12.62
N PHE I 374 -4.84 36.78 12.54
CA PHE I 374 -4.13 36.65 11.27
C PHE I 374 -4.81 35.59 10.41
N LYS I 375 -4.49 35.61 9.12
CA LYS I 375 -4.82 34.51 8.22
C LYS I 375 -3.56 34.20 7.42
N CYS I 376 -2.79 33.20 7.86
CA CYS I 376 -1.47 32.96 7.31
C CYS I 376 -1.47 31.70 6.44
N TYR I 377 -0.61 31.73 5.43
CA TYR I 377 -0.46 30.64 4.46
C TYR I 377 1.01 30.26 4.41
N GLY I 378 1.30 28.98 4.64
CA GLY I 378 2.66 28.48 4.65
C GLY I 378 3.42 28.73 5.93
N VAL I 379 2.81 29.37 6.92
CA VAL I 379 3.48 29.75 8.15
C VAL I 379 2.42 29.96 9.20
N SER I 380 2.81 29.93 10.47
CA SER I 380 1.91 30.21 11.56
C SER I 380 2.30 31.53 12.22
N PRO I 381 1.33 32.32 12.69
CA PRO I 381 1.68 33.61 13.30
C PRO I 381 2.64 33.47 14.48
N THR I 382 2.36 32.54 15.39
CA THR I 382 3.17 32.38 16.59
C THR I 382 4.58 31.91 16.27
N LYS I 383 4.83 31.42 15.06
CA LYS I 383 6.17 31.03 14.65
C LYS I 383 6.96 32.15 13.99
N LEU I 384 6.30 33.26 13.64
CA LEU I 384 6.96 34.30 12.86
C LEU I 384 8.14 34.91 13.58
N ASN I 385 8.16 34.86 14.91
CA ASN I 385 9.26 35.44 15.66
C ASN I 385 10.51 34.57 15.67
N ASP I 386 10.40 33.30 15.26
CA ASP I 386 11.55 32.41 15.22
C ASP I 386 12.19 32.32 13.84
N LEU I 387 11.69 33.08 12.86
CA LEU I 387 12.11 32.94 11.48
C LEU I 387 12.86 34.18 11.01
N CYS I 388 13.57 34.02 9.90
CA CYS I 388 14.25 35.11 9.23
C CYS I 388 13.83 35.11 7.77
N PHE I 389 13.73 36.30 7.18
CA PHE I 389 13.31 36.45 5.79
C PHE I 389 14.27 37.37 5.07
N THR I 390 14.48 37.09 3.78
CA THR I 390 15.31 37.97 2.95
C THR I 390 14.70 39.35 2.83
N ASN I 391 13.38 39.41 2.58
CA ASN I 391 12.67 40.67 2.51
C ASN I 391 11.23 40.41 2.94
N VAL I 392 10.57 41.47 3.40
CA VAL I 392 9.15 41.44 3.71
C VAL I 392 8.46 42.53 2.89
N TYR I 393 7.26 42.24 2.43
CA TYR I 393 6.45 43.20 1.72
C TYR I 393 5.16 43.43 2.49
N ALA I 394 4.77 44.69 2.66
CA ALA I 394 3.51 45.04 3.30
C ALA I 394 2.65 45.79 2.29
N ASP I 395 1.57 45.16 1.86
CA ASP I 395 0.63 45.76 0.92
C ASP I 395 -0.63 46.17 1.68
N SER I 396 -1.03 47.41 1.51
CA SER I 396 -2.17 47.95 2.25
C SER I 396 -3.18 48.54 1.27
N PHE I 397 -4.45 48.28 1.53
CA PHE I 397 -5.54 48.81 0.72
C PHE I 397 -6.84 48.69 1.50
N VAL I 398 -7.95 49.07 0.86
CA VAL I 398 -9.28 49.03 1.45
C VAL I 398 -10.23 48.37 0.47
N ILE I 399 -11.04 47.44 0.97
CA ILE I 399 -12.09 46.79 0.19
C ILE I 399 -13.36 46.79 1.03
N ARG I 400 -14.40 46.13 0.54
CA ARG I 400 -15.57 45.87 1.38
C ARG I 400 -15.52 44.44 1.92
N GLY I 401 -16.34 44.19 2.93
CA GLY I 401 -16.23 42.95 3.68
C GLY I 401 -16.44 41.71 2.84
N ASN I 402 -17.44 41.72 1.97
CA ASN I 402 -17.73 40.52 1.18
C ASN I 402 -16.66 40.21 0.15
N GLU I 403 -15.68 41.09 -0.04
CA GLU I 403 -14.53 40.83 -0.89
C GLU I 403 -13.31 40.37 -0.11
N VAL I 404 -13.38 40.33 1.22
CA VAL I 404 -12.22 39.95 2.03
C VAL I 404 -11.79 38.52 1.72
N SER I 405 -12.74 37.64 1.40
CA SER I 405 -12.41 36.27 1.04
C SER I 405 -11.59 36.20 -0.25
N GLN I 406 -11.60 37.25 -1.06
CA GLN I 406 -10.84 37.25 -2.31
C GLN I 406 -9.35 37.48 -2.09
N ILE I 407 -8.95 37.95 -0.92
CA ILE I 407 -7.52 38.17 -0.63
C ILE I 407 -7.00 36.85 -0.07
N ALA I 408 -6.69 35.95 -0.99
CA ALA I 408 -6.23 34.60 -0.67
C ALA I 408 -5.69 33.95 -1.93
N PRO I 409 -4.70 33.06 -1.84
CA PRO I 409 -4.19 32.40 -3.03
C PRO I 409 -5.27 31.57 -3.72
N GLY I 410 -5.23 31.55 -5.06
CA GLY I 410 -6.15 30.76 -5.84
C GLY I 410 -7.60 31.22 -5.79
N GLN I 411 -7.85 32.51 -5.76
CA GLN I 411 -9.20 33.05 -5.71
C GLN I 411 -9.57 33.73 -7.02
N THR I 412 -10.88 33.90 -7.21
CA THR I 412 -11.42 34.53 -8.40
C THR I 412 -12.46 35.56 -7.98
N GLY I 413 -12.57 36.63 -8.76
CA GLY I 413 -13.51 37.69 -8.47
C GLY I 413 -12.94 39.01 -8.94
N ASN I 414 -13.75 40.05 -8.78
CA ASN I 414 -13.37 41.37 -9.28
C ASN I 414 -12.04 41.83 -8.67
N ILE I 415 -11.93 41.73 -7.35
CA ILE I 415 -10.71 42.17 -6.68
C ILE I 415 -9.52 41.31 -7.10
N ALA I 416 -9.72 39.99 -7.09
CA ALA I 416 -8.62 39.08 -7.40
C ALA I 416 -8.23 39.17 -8.87
N ASP I 417 -9.19 39.38 -9.76
CA ASP I 417 -8.90 39.36 -11.19
C ASP I 417 -8.34 40.69 -11.67
N TYR I 418 -8.88 41.82 -11.19
CA TYR I 418 -8.57 43.11 -11.78
C TYR I 418 -7.85 44.08 -10.85
N ASN I 419 -7.78 43.81 -9.55
CA ASN I 419 -7.19 44.75 -8.62
C ASN I 419 -5.98 44.22 -7.88
N TYR I 420 -6.10 43.08 -7.21
CA TYR I 420 -5.02 42.57 -6.37
C TYR I 420 -5.02 41.05 -6.44
N LYS I 421 -3.94 40.47 -6.93
CA LYS I 421 -3.84 39.03 -7.16
C LYS I 421 -2.75 38.43 -6.28
N LEU I 422 -3.12 37.46 -5.47
CA LEU I 422 -2.08 36.76 -4.73
C LEU I 422 -1.58 35.55 -5.51
N PRO I 423 -0.29 35.23 -5.42
CA PRO I 423 0.23 34.06 -6.13
C PRO I 423 -0.31 32.77 -5.55
N ASP I 424 -0.35 31.73 -6.39
CA ASP I 424 -0.82 30.43 -5.94
C ASP I 424 0.11 29.85 -4.88
N ASP I 425 1.40 30.12 -4.98
CA ASP I 425 2.39 29.66 -4.02
C ASP I 425 2.68 30.69 -2.95
N PHE I 426 1.67 31.47 -2.57
CA PHE I 426 1.85 32.56 -1.62
C PHE I 426 2.19 32.03 -0.24
N THR I 427 3.23 32.58 0.36
CA THR I 427 3.57 32.35 1.76
C THR I 427 3.57 33.71 2.45
N GLY I 428 2.73 33.85 3.47
CA GLY I 428 2.57 35.15 4.11
C GLY I 428 1.35 35.16 5.00
N CYS I 429 0.86 36.37 5.27
CA CYS I 429 -0.29 36.54 6.15
C CYS I 429 -1.18 37.67 5.64
N VAL I 430 -2.47 37.55 5.92
CA VAL I 430 -3.46 38.56 5.56
C VAL I 430 -4.13 39.02 6.84
N ILE I 431 -4.21 40.35 7.02
CA ILE I 431 -4.78 40.96 8.20
C ILE I 431 -5.82 41.97 7.72
N ALA I 432 -7.10 41.65 7.92
CA ALA I 432 -8.19 42.53 7.52
C ALA I 432 -9.02 42.89 8.75
N TRP I 433 -9.35 44.17 8.88
CA TRP I 433 -10.18 44.61 10.00
C TRP I 433 -11.16 45.67 9.55
N ASN I 434 -12.34 45.66 10.19
CA ASN I 434 -13.39 46.62 9.87
C ASN I 434 -12.93 48.04 10.18
N SER I 435 -13.20 48.95 9.26
CA SER I 435 -12.82 50.35 9.37
C SER I 435 -13.98 51.25 9.02
N ASN I 436 -15.17 50.90 9.52
CA ASN I 436 -16.36 51.70 9.24
C ASN I 436 -16.27 53.08 9.86
N LYS I 437 -15.69 53.18 11.07
CA LYS I 437 -15.64 54.46 11.76
C LYS I 437 -14.70 55.46 11.09
N LEU I 438 -13.72 54.98 10.32
CA LEU I 438 -12.75 55.86 9.68
C LEU I 438 -12.96 56.04 8.19
N ASP I 439 -13.58 55.08 7.51
CA ASP I 439 -13.68 55.10 6.06
C ASP I 439 -15.10 55.26 5.54
N SER I 440 -16.05 55.56 6.41
CA SER I 440 -17.44 55.79 6.02
C SER I 440 -17.83 57.23 6.31
N LYS I 441 -18.73 57.76 5.49
CA LYS I 441 -19.25 59.10 5.65
C LYS I 441 -20.76 59.07 5.46
N VAL I 442 -21.45 60.05 6.06
CA VAL I 442 -22.91 60.10 5.95
C VAL I 442 -23.32 60.28 4.50
N GLY I 443 -22.63 61.16 3.78
CA GLY I 443 -22.90 61.31 2.36
C GLY I 443 -22.31 60.22 1.50
N GLY I 444 -21.56 59.29 2.08
CA GLY I 444 -20.91 58.24 1.32
C GLY I 444 -19.49 58.58 0.98
N ASN I 445 -18.55 57.73 1.37
CA ASN I 445 -17.14 57.93 1.09
C ASN I 445 -16.86 57.42 -0.32
N TYR I 446 -16.52 58.33 -1.22
CA TYR I 446 -16.24 58.00 -2.61
C TYR I 446 -14.77 58.12 -2.96
N ASN I 447 -13.90 58.21 -1.97
CA ASN I 447 -12.47 58.30 -2.24
C ASN I 447 -11.87 56.95 -2.66
N TYR I 448 -12.50 55.84 -2.28
CA TYR I 448 -11.97 54.51 -2.54
C TYR I 448 -12.61 53.93 -3.79
N GLN I 449 -11.79 53.40 -4.71
CA GLN I 449 -12.26 52.89 -5.97
C GLN I 449 -11.68 51.50 -6.22
N TYR I 450 -12.33 50.77 -7.12
CA TYR I 450 -11.86 49.48 -7.60
C TYR I 450 -12.03 49.40 -9.10
N ARG I 451 -11.12 48.71 -9.76
CA ARG I 451 -11.25 48.46 -11.18
C ARG I 451 -12.34 47.42 -11.43
N LEU I 452 -13.25 47.73 -12.35
CA LEU I 452 -14.34 46.82 -12.68
C LEU I 452 -14.14 46.09 -14.00
N PHE I 453 -13.43 46.70 -14.94
CA PHE I 453 -13.28 46.13 -16.28
C PHE I 453 -11.81 46.04 -16.65
N ARG I 454 -11.43 44.91 -17.26
CA ARG I 454 -10.07 44.72 -17.74
C ARG I 454 -10.10 43.67 -18.84
N LYS I 455 -9.15 43.80 -19.78
CA LYS I 455 -9.09 42.87 -20.90
C LYS I 455 -8.62 41.49 -20.45
N SER I 456 -7.72 41.43 -19.47
CA SER I 456 -7.21 40.16 -18.98
C SER I 456 -7.10 40.23 -17.47
N ASN I 457 -6.80 39.08 -16.86
CA ASN I 457 -6.59 38.99 -15.43
C ASN I 457 -5.20 39.51 -15.08
N LEU I 458 -5.09 40.08 -13.88
CA LEU I 458 -3.80 40.51 -13.37
C LEU I 458 -2.92 39.31 -13.05
N LYS I 459 -1.61 39.48 -13.21
CA LYS I 459 -0.65 38.53 -12.67
C LYS I 459 -0.43 38.83 -11.19
N PRO I 460 0.06 37.86 -10.43
CA PRO I 460 0.27 38.09 -8.99
C PRO I 460 1.18 39.28 -8.73
N PHE I 461 0.77 40.12 -7.78
CA PHE I 461 1.52 41.30 -7.35
C PHE I 461 1.73 42.29 -8.47
N GLU I 462 0.84 42.31 -9.45
CA GLU I 462 0.87 43.27 -10.55
C GLU I 462 -0.15 44.37 -10.28
N ARG I 463 0.28 45.62 -10.47
CA ARG I 463 -0.55 46.78 -10.20
C ARG I 463 -0.92 47.46 -11.52
N ASP I 464 -2.21 47.76 -11.69
CA ASP I 464 -2.72 48.45 -12.86
C ASP I 464 -3.43 49.71 -12.38
N ILE I 465 -2.83 50.87 -12.68
CA ILE I 465 -3.42 52.15 -12.29
C ILE I 465 -3.86 52.95 -13.52
N SER I 466 -4.10 52.28 -14.64
CA SER I 466 -4.54 52.95 -15.84
C SER I 466 -5.99 53.40 -15.71
N THR I 467 -6.35 54.40 -16.51
CA THR I 467 -7.71 54.94 -16.55
C THR I 467 -8.22 55.01 -17.98
N GLU I 468 -7.76 54.11 -18.84
CA GLU I 468 -8.19 54.10 -20.23
C GLU I 468 -9.62 53.59 -20.33
N ILE I 469 -10.39 54.17 -21.25
CA ILE I 469 -11.77 53.76 -21.46
C ILE I 469 -11.82 52.31 -21.91
N TYR I 470 -12.65 51.51 -21.25
CA TYR I 470 -12.76 50.09 -21.57
C TYR I 470 -13.69 49.89 -22.76
N GLN I 471 -13.22 49.17 -23.76
CA GLN I 471 -13.97 48.92 -24.99
C GLN I 471 -14.59 47.53 -24.91
N ALA I 472 -15.78 47.46 -24.31
CA ALA I 472 -16.48 46.19 -24.19
C ALA I 472 -16.97 45.69 -25.54
N GLY I 473 -17.61 46.57 -26.32
CA GLY I 473 -18.10 46.21 -27.63
C GLY I 473 -17.03 46.29 -28.69
N ASN I 474 -17.42 45.90 -29.91
CA ASN I 474 -16.49 46.00 -31.04
C ASN I 474 -16.32 47.44 -31.50
N LYS I 475 -17.33 48.28 -31.28
CA LYS I 475 -17.23 49.67 -31.69
C LYS I 475 -16.15 50.38 -30.87
N PRO I 476 -15.29 51.16 -31.51
CA PRO I 476 -14.23 51.87 -30.78
C PRO I 476 -14.80 53.02 -29.94
N CYS I 477 -14.03 53.40 -28.93
CA CYS I 477 -14.43 54.47 -28.03
C CYS I 477 -13.73 55.80 -28.31
N ASN I 478 -12.56 55.76 -28.94
CA ASN I 478 -11.78 56.96 -29.26
C ASN I 478 -11.45 57.78 -28.02
N GLY I 479 -11.32 57.11 -26.87
CA GLY I 479 -11.01 57.80 -25.64
C GLY I 479 -12.17 58.53 -25.00
N VAL I 480 -13.40 58.31 -25.48
CA VAL I 480 -14.59 58.95 -24.93
C VAL I 480 -15.53 57.85 -24.47
N ALA I 481 -16.08 58.00 -23.26
CA ALA I 481 -16.95 57.00 -22.69
C ALA I 481 -18.32 57.01 -23.36
N GLY I 482 -19.13 56.01 -23.03
CA GLY I 482 -20.47 55.90 -23.56
C GLY I 482 -20.97 54.47 -23.47
N PHE I 483 -21.97 54.17 -24.28
CA PHE I 483 -22.50 52.81 -24.35
C PHE I 483 -21.41 51.85 -24.79
N ASN I 484 -21.27 50.74 -24.06
CA ASN I 484 -20.20 49.76 -24.24
C ASN I 484 -18.81 50.35 -24.07
N CYS I 485 -18.71 51.59 -23.59
CA CYS I 485 -17.43 52.26 -23.34
C CYS I 485 -17.48 52.76 -21.90
N TYR I 486 -17.07 51.91 -20.97
CA TYR I 486 -17.18 52.20 -19.54
C TYR I 486 -15.84 52.69 -19.00
N PHE I 487 -15.92 53.64 -18.07
CA PHE I 487 -14.74 54.02 -17.31
C PHE I 487 -14.37 52.87 -16.39
N PRO I 488 -13.12 52.41 -16.41
CA PRO I 488 -12.80 51.13 -15.76
C PRO I 488 -12.92 51.14 -14.24
N LEU I 489 -12.91 52.30 -13.59
CA LEU I 489 -12.90 52.39 -12.14
C LEU I 489 -14.28 52.79 -11.63
N ARG I 490 -14.74 52.08 -10.59
CA ARG I 490 -15.99 52.40 -9.91
C ARG I 490 -15.72 52.63 -8.44
N SER I 491 -16.47 53.55 -7.85
CA SER I 491 -16.24 53.95 -6.47
C SER I 491 -17.10 53.17 -5.50
N TYR I 492 -16.53 52.82 -4.36
CA TYR I 492 -17.31 52.33 -3.25
C TYR I 492 -18.15 53.48 -2.67
N GLY I 493 -19.26 53.11 -2.03
CA GLY I 493 -20.13 54.10 -1.43
C GLY I 493 -20.26 53.94 0.06
N PHE I 494 -19.13 53.70 0.73
CA PHE I 494 -19.12 53.33 2.14
C PHE I 494 -19.93 54.32 2.99
N ARG I 495 -20.93 53.79 3.67
CA ARG I 495 -21.80 54.56 4.56
C ARG I 495 -21.93 53.84 5.89
N PRO I 496 -22.02 54.59 6.99
CA PRO I 496 -22.02 53.94 8.31
C PRO I 496 -23.22 53.05 8.58
N THR I 497 -24.31 53.18 7.83
CA THR I 497 -25.51 52.38 8.06
C THR I 497 -25.53 51.08 7.27
N TYR I 498 -24.50 50.81 6.47
CA TYR I 498 -24.45 49.58 5.70
C TYR I 498 -24.24 48.38 6.62
N GLY I 499 -24.62 47.21 6.12
CA GLY I 499 -24.30 45.97 6.80
C GLY I 499 -22.83 45.64 6.69
N VAL I 500 -22.39 44.70 7.54
CA VAL I 500 -20.97 44.42 7.68
C VAL I 500 -20.37 43.91 6.38
N GLY I 501 -21.15 43.19 5.57
CA GLY I 501 -20.65 42.72 4.30
C GLY I 501 -20.40 43.82 3.29
N HIS I 502 -21.02 44.99 3.49
CA HIS I 502 -20.82 46.14 2.61
C HIS I 502 -20.02 47.24 3.27
N GLN I 503 -19.54 47.04 4.49
CA GLN I 503 -18.77 48.04 5.20
C GLN I 503 -17.30 47.98 4.77
N PRO I 504 -16.55 49.07 4.93
CA PRO I 504 -15.14 49.05 4.53
C PRO I 504 -14.28 48.23 5.48
N TYR I 505 -13.27 47.60 4.91
CA TYR I 505 -12.29 46.81 5.62
C TYR I 505 -10.90 47.20 5.14
N ARG I 506 -10.01 47.49 6.08
CA ARG I 506 -8.62 47.76 5.77
C ARG I 506 -7.84 46.45 5.78
N VAL I 507 -7.03 46.23 4.75
CA VAL I 507 -6.32 44.99 4.54
C VAL I 507 -4.83 45.28 4.43
N VAL I 508 -4.03 44.53 5.20
CA VAL I 508 -2.58 44.52 5.12
C VAL I 508 -2.15 43.09 4.82
N VAL I 509 -1.39 42.92 3.74
CA VAL I 509 -0.87 41.62 3.31
C VAL I 509 0.64 41.64 3.53
N LEU I 510 1.12 40.70 4.33
CA LEU I 510 2.55 40.54 4.58
C LEU I 510 3.05 39.38 3.73
N SER I 511 3.98 39.66 2.84
CA SER I 511 4.61 38.67 1.98
C SER I 511 6.02 38.41 2.45
N PHE I 512 6.35 37.15 2.68
CA PHE I 512 7.66 36.75 3.19
C PHE I 512 8.44 36.03 2.11
N GLU I 513 9.73 36.35 2.01
CA GLU I 513 10.67 35.66 1.14
C GLU I 513 11.61 34.83 2.01
N LEU I 514 11.58 33.52 1.83
CA LEU I 514 12.31 32.60 2.69
C LEU I 514 13.53 32.04 1.99
N LEU I 515 14.58 31.81 2.78
CA LEU I 515 15.81 31.12 2.35
C LEU I 515 16.49 31.96 1.25
N HIS I 516 17.05 31.32 0.22
CA HIS I 516 17.89 31.93 -0.80
C HIS I 516 18.84 32.97 -0.23
N ALA I 517 18.80 34.19 -0.76
CA ALA I 517 19.67 35.30 -0.40
C ALA I 517 19.75 35.51 1.11
N PRO I 518 20.82 36.11 1.62
CA PRO I 518 20.96 36.30 3.07
C PRO I 518 19.79 37.08 3.65
N ALA I 519 19.37 36.67 4.84
CA ALA I 519 18.20 37.26 5.48
C ALA I 519 18.51 38.67 5.97
N THR I 520 17.54 39.57 5.80
CA THR I 520 17.63 40.92 6.35
C THR I 520 16.54 41.24 7.37
N VAL I 521 15.45 40.46 7.42
CA VAL I 521 14.41 40.64 8.41
C VAL I 521 14.41 39.40 9.29
N CYS I 522 14.52 39.61 10.60
CA CYS I 522 14.60 38.51 11.55
C CYS I 522 13.73 38.84 12.76
N GLY I 523 13.36 37.80 13.49
CA GLY I 523 12.63 37.97 14.72
C GLY I 523 13.54 38.36 15.87
N PRO I 524 12.93 38.63 17.02
CA PRO I 524 13.69 39.08 18.19
C PRO I 524 14.33 37.92 18.94
N LYS I 525 15.24 37.23 18.27
CA LYS I 525 15.91 36.05 18.80
C LYS I 525 17.37 36.38 19.05
N LYS I 526 17.85 36.09 20.25
CA LYS I 526 19.23 36.40 20.62
C LYS I 526 20.17 35.31 20.11
N SER I 527 21.29 35.73 19.51
CA SER I 527 22.26 34.80 18.96
C SER I 527 23.23 34.34 20.03
N THR I 528 23.47 33.03 20.07
CA THR I 528 24.43 32.45 21.00
C THR I 528 25.80 32.33 20.33
N ASN I 529 26.71 31.61 20.98
CA ASN I 529 27.99 31.29 20.37
C ASN I 529 27.84 30.13 19.38
N LEU I 530 28.78 30.06 18.44
CA LEU I 530 28.78 29.01 17.42
C LEU I 530 29.65 27.86 17.91
N VAL I 531 29.01 26.81 18.40
CA VAL I 531 29.72 25.69 19.03
C VAL I 531 29.94 24.61 17.99
N LYS I 532 31.19 24.22 17.80
CA LYS I 532 31.58 23.22 16.82
C LYS I 532 31.98 21.92 17.51
N ASN I 533 32.05 20.86 16.71
CA ASN I 533 32.57 19.55 17.13
C ASN I 533 31.75 18.90 18.23
N LYS I 534 30.52 19.38 18.46
CA LYS I 534 29.63 18.80 19.45
C LYS I 534 28.26 18.59 18.82
N CYS I 535 27.58 17.54 19.27
CA CYS I 535 26.20 17.30 18.86
C CYS I 535 25.30 18.34 19.51
N VAL I 536 24.75 19.26 18.71
CA VAL I 536 23.93 20.35 19.22
C VAL I 536 22.69 20.49 18.35
N ASN I 537 21.66 21.10 18.94
CA ASN I 537 20.61 21.71 18.16
C ASN I 537 21.11 23.03 17.63
N PHE I 538 20.79 23.32 16.36
CA PHE I 538 21.22 24.58 15.74
C PHE I 538 20.04 25.24 15.06
N ASN I 539 20.07 26.57 15.05
CA ASN I 539 19.08 27.40 14.37
C ASN I 539 19.84 28.48 13.60
N PHE I 540 20.01 28.27 12.30
CA PHE I 540 20.67 29.23 11.41
C PHE I 540 19.59 29.96 10.61
N ASN I 541 19.27 31.18 11.02
CA ASN I 541 18.34 32.05 10.30
C ASN I 541 16.95 31.44 10.16
N GLY I 542 16.57 30.57 11.09
CA GLY I 542 15.31 29.86 11.03
C GLY I 542 15.43 28.44 10.55
N LEU I 543 16.53 28.09 9.86
CA LEU I 543 16.80 26.71 9.47
C LEU I 543 17.27 25.94 10.70
N THR I 544 16.44 25.02 11.17
CA THR I 544 16.72 24.30 12.40
C THR I 544 17.20 22.89 12.11
N GLY I 545 17.88 22.32 13.08
CA GLY I 545 18.32 20.93 12.96
C GLY I 545 19.11 20.50 14.16
N THR I 546 19.63 19.28 14.08
CA THR I 546 20.51 18.72 15.10
C THR I 546 21.67 18.04 14.41
N GLY I 547 22.86 18.21 14.96
CA GLY I 547 24.04 17.58 14.39
C GLY I 547 25.31 18.17 14.94
N VAL I 548 26.41 17.77 14.29
CA VAL I 548 27.75 18.25 14.61
C VAL I 548 28.19 19.19 13.51
N LEU I 549 28.67 20.37 13.90
CA LEU I 549 29.10 21.39 12.96
C LEU I 549 30.61 21.41 12.89
N THR I 550 31.16 21.37 11.68
CA THR I 550 32.60 21.42 11.47
C THR I 550 32.92 22.41 10.37
N GLU I 551 34.19 22.78 10.28
CA GLU I 551 34.66 23.57 9.15
C GLU I 551 34.45 22.77 7.86
N SER I 552 34.02 23.47 6.81
CA SER I 552 33.69 22.85 5.55
C SER I 552 34.69 23.27 4.47
N ASN I 553 35.10 22.32 3.64
CA ASN I 553 35.94 22.60 2.50
C ASN I 553 35.14 22.66 1.20
N LYS I 554 33.82 22.67 1.27
CA LYS I 554 33.00 22.88 0.09
C LYS I 554 33.19 24.29 -0.44
N LYS I 555 33.36 24.40 -1.76
CA LYS I 555 33.67 25.68 -2.40
C LYS I 555 32.37 26.41 -2.69
N PHE I 556 31.74 26.92 -1.64
CA PHE I 556 30.56 27.75 -1.81
C PHE I 556 30.91 29.00 -2.60
N LEU I 557 30.08 29.32 -3.57
CA LEU I 557 30.19 30.60 -4.23
C LEU I 557 29.53 31.68 -3.38
N PRO I 558 29.94 32.95 -3.54
CA PRO I 558 29.46 34.00 -2.63
C PRO I 558 27.94 34.11 -2.52
N PHE I 559 27.21 33.80 -3.58
CA PHE I 559 25.76 33.90 -3.55
C PHE I 559 25.09 32.71 -2.87
N GLN I 560 25.83 31.67 -2.51
CA GLN I 560 25.27 30.44 -1.98
C GLN I 560 25.28 30.46 -0.45
N GLN I 561 24.14 30.15 0.14
CA GLN I 561 23.98 30.23 1.59
C GLN I 561 23.89 28.87 2.28
N PHE I 562 23.54 27.81 1.56
CA PHE I 562 23.51 26.48 2.15
C PHE I 562 23.65 25.44 1.04
N GLY I 563 23.99 24.23 1.46
CA GLY I 563 24.14 23.11 0.53
C GLY I 563 23.21 21.98 0.91
N ARG I 564 22.74 21.25 -0.10
CA ARG I 564 21.82 20.13 0.08
C ARG I 564 22.44 18.86 -0.45
N ASP I 565 21.88 17.73 -0.04
CA ASP I 565 22.32 16.40 -0.44
C ASP I 565 21.19 15.68 -1.16
N ILE I 566 21.39 14.38 -1.40
CA ILE I 566 20.46 13.59 -2.20
C ILE I 566 19.06 13.61 -1.59
N ALA I 567 18.97 13.39 -0.29
CA ALA I 567 17.68 13.37 0.40
C ALA I 567 17.08 14.76 0.61
N ASP I 568 17.64 15.78 -0.05
CA ASP I 568 17.17 17.16 0.07
C ASP I 568 17.24 17.66 1.51
N THR I 569 18.25 17.21 2.24
CA THR I 569 18.54 17.69 3.59
C THR I 569 19.74 18.61 3.54
N THR I 570 19.66 19.71 4.29
CA THR I 570 20.78 20.65 4.38
C THR I 570 21.96 19.97 5.05
N ASP I 571 23.09 19.90 4.34
CA ASP I 571 24.31 19.35 4.90
C ASP I 571 25.44 20.37 5.00
N ALA I 572 25.25 21.59 4.53
CA ALA I 572 26.22 22.65 4.73
C ALA I 572 25.47 23.97 4.85
N VAL I 573 26.06 24.90 5.59
CA VAL I 573 25.40 26.17 5.84
C VAL I 573 26.44 27.26 6.02
N ARG I 574 26.12 28.47 5.56
CA ARG I 574 26.98 29.62 5.79
C ARG I 574 26.54 30.31 7.08
N ASP I 575 27.49 30.56 7.96
CA ASP I 575 27.17 31.21 9.22
C ASP I 575 26.80 32.67 8.96
N PRO I 576 25.66 33.14 9.46
CA PRO I 576 25.20 34.50 9.11
C PRO I 576 26.10 35.62 9.61
N GLN I 577 26.93 35.39 10.63
CA GLN I 577 27.76 36.45 11.18
C GLN I 577 29.21 36.38 10.69
N THR I 578 29.82 35.20 10.73
CA THR I 578 31.20 35.04 10.28
C THR I 578 31.31 34.73 8.80
N LEU I 579 30.21 34.34 8.15
CA LEU I 579 30.16 34.02 6.73
C LEU I 579 31.00 32.80 6.37
N GLU I 580 31.36 31.97 7.33
CA GLU I 580 32.11 30.76 7.03
C GLU I 580 31.16 29.62 6.70
N ILE I 581 31.70 28.60 6.05
CA ILE I 581 30.93 27.45 5.60
C ILE I 581 31.14 26.32 6.59
N LEU I 582 30.03 25.75 7.07
CA LEU I 582 30.05 24.70 8.08
C LEU I 582 29.38 23.46 7.51
N ASP I 583 30.07 22.33 7.64
CA ASP I 583 29.47 21.03 7.40
C ASP I 583 28.59 20.63 8.57
N ILE I 584 27.44 20.05 8.26
CA ILE I 584 26.50 19.52 9.24
C ILE I 584 26.50 18.01 9.11
N THR I 585 26.83 17.30 10.18
CA THR I 585 26.84 15.86 10.15
C THR I 585 25.89 15.31 11.22
N PRO I 586 25.15 14.24 10.91
CA PRO I 586 24.27 13.65 11.94
C PRO I 586 25.06 13.18 13.15
N CYS I 587 24.43 13.29 14.31
CA CYS I 587 25.06 12.80 15.54
C CYS I 587 25.19 11.29 15.51
N SER I 588 26.16 10.78 16.28
CA SER I 588 26.52 9.37 16.23
C SER I 588 25.33 8.48 16.58
N PHE I 589 25.16 7.42 15.80
CA PHE I 589 24.00 6.54 15.91
C PHE I 589 24.39 5.16 15.39
N GLY I 590 23.51 4.19 15.61
CA GLY I 590 23.73 2.86 15.10
C GLY I 590 22.86 1.79 15.72
N GLY I 591 22.77 0.63 15.08
CA GLY I 591 21.93 -0.44 15.57
C GLY I 591 22.58 -1.22 16.71
N VAL I 592 21.72 -1.80 17.55
CA VAL I 592 22.15 -2.57 18.71
C VAL I 592 21.49 -3.94 18.66
N SER I 593 22.30 -4.99 18.84
CA SER I 593 21.81 -6.36 18.89
C SER I 593 22.19 -6.97 20.22
N VAL I 594 21.29 -7.77 20.79
CA VAL I 594 21.51 -8.45 22.05
C VAL I 594 21.65 -9.94 21.77
N ILE I 595 22.76 -10.51 22.21
CA ILE I 595 23.05 -11.93 22.05
C ILE I 595 22.75 -12.59 23.37
N THR I 596 21.87 -13.58 23.35
CA THR I 596 21.52 -14.26 24.59
C THR I 596 21.42 -15.76 24.33
N PRO I 597 21.84 -16.57 25.29
CA PRO I 597 21.32 -17.93 25.35
C PRO I 597 19.89 -17.84 25.83
N GLY I 598 19.17 -18.94 25.95
CA GLY I 598 17.82 -18.85 26.48
C GLY I 598 17.84 -18.29 27.89
N THR I 599 16.78 -17.54 28.23
CA THR I 599 16.59 -17.17 29.63
C THR I 599 16.40 -18.39 30.50
N ASN I 600 16.03 -19.53 29.91
CA ASN I 600 16.02 -20.81 30.60
C ASN I 600 17.40 -21.33 30.92
N THR I 601 18.45 -20.69 30.39
CA THR I 601 19.84 -21.08 30.64
C THR I 601 20.58 -20.05 31.48
N SER I 602 20.50 -18.78 31.11
CA SER I 602 21.24 -17.74 31.81
C SER I 602 20.59 -16.39 31.52
N ASN I 603 20.85 -15.42 32.40
CA ASN I 603 20.44 -14.05 32.18
C ASN I 603 21.55 -13.19 31.61
N GLN I 604 22.75 -13.73 31.46
CA GLN I 604 23.85 -12.98 30.86
C GLN I 604 23.61 -12.76 29.38
N VAL I 605 24.06 -11.61 28.89
CA VAL I 605 23.91 -11.24 27.49
C VAL I 605 25.22 -10.63 27.00
N ALA I 606 25.37 -10.59 25.69
CA ALA I 606 26.39 -9.78 25.04
C ALA I 606 25.67 -8.76 24.16
N VAL I 607 26.37 -7.68 23.83
CA VAL I 607 25.79 -6.60 23.05
C VAL I 607 26.68 -6.33 21.85
N LEU I 608 26.09 -6.33 20.66
CA LEU I 608 26.79 -5.99 19.43
C LEU I 608 26.33 -4.62 18.97
N TYR I 609 27.26 -3.67 18.94
CA TYR I 609 27.02 -2.37 18.32
C TYR I 609 27.43 -2.51 16.85
N GLN I 610 26.45 -2.44 15.96
CA GLN I 610 26.63 -2.85 14.58
C GLN I 610 27.31 -1.75 13.77
N GLY I 611 28.33 -2.15 13.01
CA GLY I 611 28.99 -1.23 12.09
C GLY I 611 29.65 -0.04 12.75
N VAL I 612 30.13 -0.19 13.99
CA VAL I 612 30.87 0.87 14.65
C VAL I 612 32.20 0.33 15.14
N ASN I 613 33.18 1.22 15.20
CA ASN I 613 34.47 0.91 15.79
C ASN I 613 34.35 0.91 17.30
N CYS I 614 35.13 0.04 17.95
CA CYS I 614 35.07 -0.04 19.40
C CYS I 614 35.52 1.26 20.07
N THR I 615 36.36 2.05 19.40
CA THR I 615 36.76 3.34 19.95
C THR I 615 35.62 4.35 19.94
N GLU I 616 34.72 4.26 18.96
CA GLU I 616 33.59 5.16 18.86
C GLU I 616 32.33 4.61 19.51
N VAL I 617 32.44 3.51 20.26
CA VAL I 617 31.27 2.95 20.92
C VAL I 617 30.73 3.95 21.93
N PRO I 618 29.44 4.21 21.97
CA PRO I 618 28.91 5.27 22.85
C PRO I 618 29.06 4.93 24.32
N VAL I 619 29.86 5.72 25.03
CA VAL I 619 29.94 5.67 26.48
C VAL I 619 29.48 7.02 27.01
N ALA I 620 28.41 7.01 27.79
CA ALA I 620 27.75 8.24 28.21
C ALA I 620 27.45 8.14 29.70
N ILE I 621 28.22 8.86 30.52
CA ILE I 621 27.98 8.84 31.96
C ILE I 621 26.65 9.48 32.30
N HIS I 622 26.25 10.51 31.55
CA HIS I 622 24.95 11.15 31.75
C HIS I 622 23.86 10.35 31.06
N ALA I 623 22.67 10.39 31.66
CA ALA I 623 21.53 9.63 31.16
C ALA I 623 20.71 10.41 30.13
N ASP I 624 21.07 11.65 29.84
CA ASP I 624 20.34 12.46 28.86
C ASP I 624 21.13 12.72 27.59
N GLN I 625 22.31 12.11 27.44
CA GLN I 625 23.14 12.26 26.25
C GLN I 625 23.19 11.00 25.40
N LEU I 626 22.35 10.01 25.69
CA LEU I 626 22.27 8.77 24.93
C LEU I 626 20.86 8.22 25.12
N THR I 627 20.37 7.54 24.08
CA THR I 627 18.98 7.01 24.12
C THR I 627 18.92 5.71 24.91
N PRO I 628 19.70 4.65 24.60
CA PRO I 628 19.68 3.46 25.44
C PRO I 628 20.11 3.98 26.79
N THR I 629 19.30 3.75 27.82
CA THR I 629 19.62 4.27 29.14
C THR I 629 20.49 3.31 29.94
N TRP I 630 20.36 2.01 29.68
CA TRP I 630 21.24 1.05 30.31
C TRP I 630 22.65 1.23 29.78
N ARG I 631 23.62 0.87 30.61
CA ARG I 631 25.03 1.00 30.28
C ARG I 631 25.72 -0.33 30.49
N VAL I 632 26.34 -0.86 29.44
CA VAL I 632 27.27 -1.97 29.56
C VAL I 632 28.67 -1.39 29.43
N TYR I 633 29.47 -1.55 30.49
CA TYR I 633 30.81 -0.97 30.53
C TYR I 633 31.64 -1.51 29.37
N SER I 634 31.96 -0.65 28.40
CA SER I 634 32.76 -1.07 27.26
C SER I 634 34.11 -1.57 27.73
N THR I 635 34.91 -0.67 28.30
CA THR I 635 36.26 -1.05 28.72
C THR I 635 36.22 -2.13 29.80
N GLY I 636 35.28 -2.02 30.73
CA GLY I 636 35.17 -3.00 31.80
C GLY I 636 34.90 -4.41 31.32
N SER I 637 33.85 -4.59 30.53
CA SER I 637 33.54 -5.91 30.00
C SER I 637 34.51 -6.27 28.88
N ASN I 638 34.43 -7.52 28.44
CA ASN I 638 35.23 -7.95 27.30
C ASN I 638 34.81 -7.18 26.06
N VAL I 639 35.80 -6.68 25.32
CA VAL I 639 35.56 -5.93 24.09
C VAL I 639 36.27 -6.63 22.95
N PHE I 640 35.55 -6.89 21.88
CA PHE I 640 36.10 -7.49 20.67
C PHE I 640 35.58 -6.71 19.48
N GLN I 641 36.41 -6.59 18.46
CA GLN I 641 36.04 -5.83 17.27
C GLN I 641 35.92 -6.79 16.09
N THR I 642 34.68 -7.09 15.69
CA THR I 642 34.39 -7.86 14.51
C THR I 642 34.05 -6.92 13.36
N ARG I 643 34.10 -7.45 12.14
CA ARG I 643 33.69 -6.67 10.98
C ARG I 643 32.19 -6.36 11.01
N ALA I 644 31.42 -7.02 11.88
CA ALA I 644 30.02 -6.69 12.09
C ALA I 644 29.81 -5.64 13.16
N GLY I 645 30.86 -5.20 13.85
CA GLY I 645 30.74 -4.16 14.84
C GLY I 645 31.52 -4.53 16.09
N CYS I 646 31.22 -3.81 17.16
CA CYS I 646 31.91 -4.00 18.44
C CYS I 646 31.06 -4.89 19.34
N LEU I 647 31.63 -6.00 19.79
CA LEU I 647 30.96 -6.94 20.67
C LEU I 647 31.46 -6.76 22.08
N ILE I 648 30.54 -6.53 23.01
CA ILE I 648 30.85 -6.27 24.41
C ILE I 648 30.16 -7.32 25.26
N GLY I 649 30.92 -7.97 26.14
CA GLY I 649 30.38 -8.98 27.03
C GLY I 649 30.62 -10.41 26.62
N ALA I 650 31.32 -10.62 25.51
CA ALA I 650 31.70 -11.96 25.07
C ALA I 650 33.22 -12.01 24.97
N GLU I 651 33.80 -13.11 25.43
CA GLU I 651 35.24 -13.28 25.41
C GLU I 651 35.66 -14.01 24.14
N TYR I 652 36.58 -13.43 23.39
CA TYR I 652 37.05 -14.06 22.17
C TYR I 652 38.09 -15.12 22.49
N VAL I 653 37.89 -16.33 21.97
CA VAL I 653 38.81 -17.44 22.16
C VAL I 653 39.37 -17.84 20.80
N ASN I 654 40.54 -18.48 20.83
CA ASN I 654 41.22 -18.88 19.61
C ASN I 654 40.82 -20.27 19.14
N ASN I 655 40.05 -21.02 19.93
CA ASN I 655 39.49 -22.27 19.45
C ASN I 655 38.42 -22.00 18.40
N SER I 656 38.19 -22.99 17.55
CA SER I 656 37.17 -22.93 16.52
C SER I 656 36.12 -23.98 16.81
N TYR I 657 34.86 -23.57 16.79
CA TYR I 657 33.73 -24.46 17.02
C TYR I 657 32.73 -24.28 15.90
N GLU I 658 31.77 -25.21 15.84
CA GLU I 658 30.64 -25.04 14.95
C GLU I 658 29.81 -23.83 15.40
N CYS I 659 29.30 -23.09 14.43
CA CYS I 659 28.53 -21.88 14.73
C CYS I 659 27.33 -22.22 15.60
N ASP I 660 27.13 -21.44 16.66
CA ASP I 660 25.97 -21.57 17.52
C ASP I 660 25.04 -20.38 17.40
N ILE I 661 25.54 -19.17 17.68
CA ILE I 661 24.78 -17.94 17.48
C ILE I 661 25.55 -17.10 16.47
N PRO I 662 25.02 -16.89 15.28
CA PRO I 662 25.78 -16.15 14.26
C PRO I 662 25.88 -14.67 14.61
N ILE I 663 27.10 -14.15 14.63
CA ILE I 663 27.33 -12.73 14.74
C ILE I 663 27.62 -12.11 13.38
N GLY I 664 28.43 -12.77 12.56
CA GLY I 664 28.68 -12.26 11.24
C GLY I 664 30.15 -12.22 10.90
N ALA I 665 30.45 -12.18 9.60
CA ALA I 665 31.82 -12.11 9.09
C ALA I 665 32.69 -13.21 9.71
N GLY I 666 32.14 -14.41 9.79
CA GLY I 666 32.86 -15.56 10.29
C GLY I 666 32.88 -15.69 11.80
N ILE I 667 32.21 -14.81 12.53
CA ILE I 667 32.25 -14.80 13.99
C ILE I 667 30.92 -15.32 14.51
N CYS I 668 30.98 -16.23 15.48
CA CYS I 668 29.82 -16.79 16.16
C CYS I 668 30.05 -16.71 17.66
N ALA I 669 28.98 -16.88 18.43
CA ALA I 669 29.04 -16.83 19.88
C ALA I 669 28.29 -18.01 20.46
N SER I 670 28.68 -18.40 21.68
CA SER I 670 27.99 -19.47 22.38
C SER I 670 28.23 -19.36 23.88
N TYR I 671 27.30 -19.92 24.64
CA TYR I 671 27.39 -19.94 26.10
C TYR I 671 28.07 -21.24 26.51
N GLN I 672 29.31 -21.15 26.96
CA GLN I 672 30.12 -22.34 27.25
C GLN I 672 30.85 -22.19 28.57
N THR I 673 31.22 -23.33 29.14
CA THR I 673 32.01 -23.38 30.36
C THR I 673 33.38 -22.74 30.16
N SER I 686 32.98 -22.25 35.44
CA SER I 686 32.23 -21.02 35.18
C SER I 686 31.83 -20.92 33.71
N GLN I 687 30.54 -20.66 33.49
CA GLN I 687 30.00 -20.54 32.13
C GLN I 687 29.84 -19.07 31.77
N SER I 688 30.19 -18.74 30.54
CA SER I 688 30.07 -17.39 30.03
C SER I 688 29.91 -17.44 28.52
N ILE I 689 29.62 -16.28 27.94
CA ILE I 689 29.46 -16.15 26.50
C ILE I 689 30.82 -15.93 25.87
N ILE I 690 31.15 -16.74 24.88
CA ILE I 690 32.43 -16.66 24.17
C ILE I 690 32.16 -16.45 22.69
N ALA I 691 32.97 -15.60 22.08
CA ALA I 691 32.98 -15.40 20.64
C ALA I 691 34.16 -16.16 20.03
N TYR I 692 33.98 -16.59 18.78
CA TYR I 692 35.01 -17.38 18.13
C TYR I 692 34.80 -17.34 16.62
N THR I 693 35.88 -17.61 15.89
CA THR I 693 35.79 -17.85 14.46
C THR I 693 35.20 -19.24 14.23
N MET I 694 34.17 -19.32 13.41
CA MET I 694 33.48 -20.58 13.23
C MET I 694 34.31 -21.56 12.41
N SER I 695 34.13 -22.84 12.71
CA SER I 695 34.84 -23.91 12.04
C SER I 695 34.02 -24.44 10.87
N LEU I 696 34.70 -24.72 9.76
CA LEU I 696 34.05 -25.32 8.61
C LEU I 696 34.14 -26.85 8.61
N GLY I 697 34.90 -27.43 9.52
CA GLY I 697 35.11 -28.87 9.56
C GLY I 697 36.57 -29.21 9.72
N ALA I 698 36.81 -30.51 9.91
CA ALA I 698 38.16 -30.99 10.11
C ALA I 698 38.85 -31.25 8.77
N GLU I 699 40.14 -30.96 8.71
CA GLU I 699 40.91 -31.20 7.50
C GLU I 699 41.07 -32.70 7.25
N ASN I 700 41.12 -33.06 5.97
CA ASN I 700 41.22 -34.46 5.56
C ASN I 700 42.14 -34.51 4.35
N LEU I 701 43.38 -34.94 4.57
CA LEU I 701 44.32 -35.14 3.47
C LEU I 701 44.02 -36.46 2.79
N VAL I 702 43.61 -36.40 1.53
CA VAL I 702 43.29 -37.61 0.78
C VAL I 702 44.59 -38.23 0.27
N ALA I 703 44.77 -39.52 0.52
CA ALA I 703 45.99 -40.23 0.15
C ALA I 703 46.00 -40.60 -1.33
N TYR I 704 45.90 -39.57 -2.17
CA TYR I 704 45.93 -39.76 -3.61
C TYR I 704 47.34 -40.11 -4.08
N SER I 705 47.41 -40.97 -5.10
CA SER I 705 48.68 -41.28 -5.75
C SER I 705 48.38 -41.81 -7.15
N ASN I 706 49.46 -42.17 -7.86
CA ASN I 706 49.32 -42.64 -9.24
C ASN I 706 48.63 -43.98 -9.34
N ASN I 707 48.76 -44.84 -8.33
CA ASN I 707 48.26 -46.20 -8.46
C ASN I 707 47.64 -46.73 -7.17
N SER I 708 47.05 -45.87 -6.36
CA SER I 708 46.42 -46.29 -5.11
C SER I 708 44.91 -46.12 -5.22
N ILE I 709 44.16 -47.14 -4.81
CA ILE I 709 42.71 -47.08 -4.79
C ILE I 709 42.20 -47.54 -3.44
N ALA I 710 41.16 -46.88 -2.94
CA ALA I 710 40.48 -47.31 -1.73
C ALA I 710 39.16 -47.96 -2.11
N ILE I 711 38.92 -49.17 -1.62
CA ILE I 711 37.73 -49.94 -1.94
C ILE I 711 37.06 -50.36 -0.63
N PRO I 712 35.76 -50.12 -0.47
CA PRO I 712 35.08 -50.53 0.76
C PRO I 712 34.92 -52.04 0.85
N THR I 713 35.09 -52.57 2.05
CA THR I 713 34.93 -53.99 2.31
C THR I 713 33.62 -54.31 3.02
N ASN I 714 32.86 -53.30 3.41
CA ASN I 714 31.62 -53.47 4.14
C ASN I 714 30.68 -52.34 3.74
N PHE I 715 29.55 -52.25 4.43
CA PHE I 715 28.55 -51.23 4.13
C PHE I 715 27.68 -51.00 5.35
N THR I 716 26.96 -49.89 5.32
CA THR I 716 26.00 -49.51 6.35
C THR I 716 24.71 -49.12 5.66
N ILE I 717 23.60 -49.67 6.14
CA ILE I 717 22.28 -49.24 5.71
C ILE I 717 21.88 -48.03 6.55
N SER I 718 21.69 -46.90 5.90
CA SER I 718 21.37 -45.65 6.58
C SER I 718 19.93 -45.28 6.31
N VAL I 719 19.23 -44.84 7.35
CA VAL I 719 17.87 -44.30 7.22
C VAL I 719 17.89 -42.88 7.77
N THR I 720 17.51 -41.92 6.93
CA THR I 720 17.52 -40.52 7.31
C THR I 720 16.17 -39.89 7.01
N THR I 721 15.89 -38.81 7.71
CA THR I 721 14.59 -38.15 7.67
C THR I 721 14.69 -36.85 6.90
N GLU I 722 13.73 -36.61 6.00
CA GLU I 722 13.59 -35.32 5.34
C GLU I 722 12.17 -34.82 5.53
N ILE I 723 12.02 -33.58 5.96
CA ILE I 723 10.73 -33.02 6.32
C ILE I 723 10.41 -31.88 5.36
N LEU I 724 9.25 -31.95 4.72
CA LEU I 724 8.88 -30.95 3.74
C LEU I 724 7.49 -30.39 4.03
N PRO I 725 7.34 -29.07 4.14
CA PRO I 725 6.01 -28.48 4.20
C PRO I 725 5.26 -28.71 2.90
N VAL I 726 3.95 -28.92 3.01
CA VAL I 726 3.09 -29.16 1.85
C VAL I 726 1.98 -28.13 1.76
N SER I 727 1.32 -27.85 2.88
CA SER I 727 0.22 -26.90 2.90
C SER I 727 0.36 -25.98 4.11
N MET I 728 -0.34 -24.86 4.04
CA MET I 728 -0.48 -23.95 5.18
C MET I 728 -1.96 -23.76 5.48
N THR I 729 -2.21 -23.07 6.58
CA THR I 729 -3.59 -22.79 7.01
C THR I 729 -4.35 -22.01 5.95
N LYS I 730 -5.57 -22.43 5.68
CA LYS I 730 -6.47 -21.71 4.79
C LYS I 730 -7.24 -20.68 5.60
N THR I 731 -7.08 -19.41 5.27
CA THR I 731 -7.72 -18.35 6.03
C THR I 731 -8.75 -17.62 5.16
N SER I 732 -9.78 -17.12 5.81
CA SER I 732 -10.79 -16.29 5.19
C SER I 732 -10.94 -15.03 6.02
N VAL I 733 -11.16 -13.91 5.35
CA VAL I 733 -11.35 -12.62 6.01
C VAL I 733 -12.68 -12.05 5.54
N ASP I 734 -13.55 -11.75 6.50
CA ASP I 734 -14.72 -10.93 6.25
C ASP I 734 -14.25 -9.48 6.28
N CYS I 735 -14.06 -8.89 5.09
CA CYS I 735 -13.44 -7.58 4.98
C CYS I 735 -14.26 -6.51 5.71
N THR I 736 -15.57 -6.50 5.48
CA THR I 736 -16.44 -5.52 6.12
C THR I 736 -16.45 -5.69 7.63
N MET I 737 -16.49 -6.92 8.12
CA MET I 737 -16.50 -7.14 9.56
C MET I 737 -15.17 -6.70 10.19
N TYR I 738 -14.05 -6.95 9.52
CA TYR I 738 -12.76 -6.54 10.05
C TYR I 738 -12.64 -5.02 10.08
N ILE I 739 -12.93 -4.35 8.97
CA ILE I 739 -12.72 -2.91 8.90
C ILE I 739 -13.74 -2.16 9.74
N CYS I 740 -15.02 -2.56 9.66
CA CYS I 740 -16.10 -1.72 10.13
C CYS I 740 -16.91 -2.32 11.27
N GLY I 741 -16.62 -3.54 11.70
CA GLY I 741 -17.49 -4.19 12.67
C GLY I 741 -18.88 -4.32 12.10
N ASP I 742 -19.88 -3.95 12.91
CA ASP I 742 -21.27 -3.94 12.47
C ASP I 742 -21.82 -2.51 12.36
N SER I 743 -20.98 -1.57 11.97
CA SER I 743 -21.37 -0.17 11.83
C SER I 743 -21.74 0.11 10.39
N THR I 744 -22.99 0.56 10.17
CA THR I 744 -23.46 0.83 8.82
C THR I 744 -22.86 2.10 8.24
N GLU I 745 -22.57 3.09 9.09
CA GLU I 745 -21.88 4.29 8.62
C GLU I 745 -20.52 3.93 8.03
N CYS I 746 -19.76 3.11 8.75
CA CYS I 746 -18.46 2.68 8.25
C CYS I 746 -18.60 1.87 6.97
N SER I 747 -19.61 0.99 6.90
CA SER I 747 -19.80 0.18 5.71
C SER I 747 -20.12 1.04 4.49
N ASN I 748 -20.98 2.04 4.67
CA ASN I 748 -21.31 2.93 3.56
C ASN I 748 -20.10 3.74 3.13
N LEU I 749 -19.27 4.16 4.08
CA LEU I 749 -18.04 4.84 3.71
C LEU I 749 -17.08 3.90 2.98
N LEU I 750 -17.01 2.65 3.41
CA LEU I 750 -16.10 1.67 2.82
C LEU I 750 -16.52 1.30 1.40
N LEU I 751 -17.81 1.41 1.10
CA LEU I 751 -18.28 1.17 -0.26
C LEU I 751 -17.60 2.07 -1.30
N GLN I 752 -17.10 3.23 -0.88
CA GLN I 752 -16.50 4.19 -1.79
C GLN I 752 -15.08 3.83 -2.23
N TYR I 753 -14.49 2.78 -1.68
CA TYR I 753 -13.13 2.40 -2.02
C TYR I 753 -13.08 1.34 -3.11
N GLY I 754 -14.21 1.02 -3.71
CA GLY I 754 -14.22 0.19 -4.90
C GLY I 754 -14.16 -1.28 -4.57
N SER I 755 -13.27 -2.01 -5.24
CA SER I 755 -13.26 -3.46 -5.20
C SER I 755 -12.07 -4.02 -4.42
N PHE I 756 -11.45 -3.23 -3.54
CA PHE I 756 -10.29 -3.72 -2.81
C PHE I 756 -10.63 -4.95 -1.98
N CYS I 757 -11.78 -4.94 -1.31
CA CYS I 757 -12.17 -6.07 -0.47
C CYS I 757 -12.39 -7.32 -1.31
N THR I 758 -13.00 -7.16 -2.49
CA THR I 758 -13.24 -8.32 -3.35
C THR I 758 -11.93 -8.88 -3.89
N GLN I 759 -10.96 -8.03 -4.22
CA GLN I 759 -9.66 -8.53 -4.65
C GLN I 759 -8.96 -9.28 -3.52
N LEU I 760 -9.02 -8.76 -2.29
CA LEU I 760 -8.41 -9.47 -1.17
C LEU I 760 -9.08 -10.82 -0.96
N LYS I 761 -10.41 -10.87 -1.02
CA LYS I 761 -11.13 -12.12 -0.84
C LYS I 761 -10.79 -13.12 -1.94
N ARG I 762 -10.70 -12.65 -3.19
CA ARG I 762 -10.33 -13.51 -4.30
C ARG I 762 -8.93 -14.08 -4.13
N ALA I 763 -7.98 -13.26 -3.69
CA ALA I 763 -6.62 -13.75 -3.47
C ALA I 763 -6.57 -14.80 -2.37
N LEU I 764 -7.29 -14.57 -1.28
CA LEU I 764 -7.31 -15.55 -0.19
C LEU I 764 -7.98 -16.84 -0.62
N THR I 765 -9.03 -16.75 -1.43
CA THR I 765 -9.68 -17.95 -1.96
C THR I 765 -8.73 -18.74 -2.86
N GLY I 766 -7.99 -18.04 -3.72
CA GLY I 766 -6.99 -18.71 -4.52
C GLY I 766 -5.97 -19.47 -3.69
N ILE I 767 -5.48 -18.83 -2.62
CA ILE I 767 -4.52 -19.49 -1.74
C ILE I 767 -5.14 -20.73 -1.10
N ALA I 768 -6.39 -20.61 -0.63
CA ALA I 768 -7.05 -21.72 0.04
C ALA I 768 -7.22 -22.92 -0.89
N VAL I 769 -7.62 -22.67 -2.13
CA VAL I 769 -7.75 -23.76 -3.11
C VAL I 769 -6.38 -24.38 -3.41
N GLU I 770 -5.34 -23.53 -3.50
CA GLU I 770 -4.01 -24.04 -3.80
C GLU I 770 -3.49 -24.96 -2.70
N GLN I 771 -3.89 -24.74 -1.45
CA GLN I 771 -3.42 -25.63 -0.37
C GLN I 771 -3.92 -27.06 -0.59
N ASP I 772 -5.20 -27.21 -0.93
CA ASP I 772 -5.74 -28.54 -1.20
C ASP I 772 -5.09 -29.14 -2.45
N LYS I 773 -4.84 -28.30 -3.46
CA LYS I 773 -4.13 -28.80 -4.63
C LYS I 773 -2.74 -29.31 -4.29
N ASN I 774 -2.03 -28.60 -3.41
CA ASN I 774 -0.70 -29.04 -2.97
C ASN I 774 -0.77 -30.41 -2.31
N THR I 775 -1.70 -30.58 -1.37
CA THR I 775 -1.82 -31.86 -0.68
C THR I 775 -2.17 -32.97 -1.67
N GLN I 776 -3.09 -32.71 -2.59
CA GLN I 776 -3.48 -33.73 -3.55
C GLN I 776 -2.32 -34.12 -4.46
N GLU I 777 -1.51 -33.15 -4.89
CA GLU I 777 -0.38 -33.48 -5.75
C GLU I 777 0.68 -34.27 -5.00
N VAL I 778 0.87 -34.01 -3.71
CA VAL I 778 1.87 -34.77 -2.97
C VAL I 778 1.39 -36.19 -2.70
N PHE I 779 0.18 -36.35 -2.19
CA PHE I 779 -0.21 -37.63 -1.60
C PHE I 779 -1.05 -38.50 -2.52
N ALA I 780 -1.84 -37.94 -3.43
CA ALA I 780 -2.68 -38.73 -4.30
C ALA I 780 -1.94 -39.12 -5.59
N GLN I 781 -0.85 -39.85 -5.41
CA GLN I 781 -0.02 -40.33 -6.51
C GLN I 781 -0.20 -41.83 -6.75
N VAL I 782 -1.34 -42.37 -6.36
CA VAL I 782 -1.60 -43.80 -6.43
C VAL I 782 -2.97 -44.01 -7.06
N LYS I 783 -3.04 -44.96 -7.99
CA LYS I 783 -4.29 -45.24 -8.68
C LYS I 783 -5.22 -46.15 -7.89
N GLN I 784 -4.71 -46.86 -6.91
CA GLN I 784 -5.51 -47.76 -6.09
C GLN I 784 -5.00 -47.70 -4.66
N ILE I 785 -5.89 -48.01 -3.72
CA ILE I 785 -5.50 -48.07 -2.31
C ILE I 785 -4.93 -49.46 -2.06
N TYR I 786 -3.61 -49.61 -2.23
CA TYR I 786 -2.96 -50.89 -2.07
C TYR I 786 -2.95 -51.32 -0.61
N LYS I 787 -3.05 -52.63 -0.39
CA LYS I 787 -3.03 -53.23 0.93
C LYS I 787 -2.12 -54.44 0.92
N THR I 788 -1.37 -54.61 1.99
CA THR I 788 -0.52 -55.79 2.13
C THR I 788 -1.33 -56.98 2.63
N PRO I 789 -0.89 -58.20 2.32
CA PRO I 789 -1.54 -59.39 2.89
C PRO I 789 -1.34 -59.46 4.39
N PRO I 790 -2.18 -60.21 5.11
CA PRO I 790 -2.09 -60.22 6.58
C PRO I 790 -0.79 -60.77 7.12
N ILE I 791 -0.05 -61.57 6.36
CA ILE I 791 1.26 -62.06 6.79
C ILE I 791 2.30 -61.00 6.50
N LYS I 792 3.01 -60.55 7.55
CA LYS I 792 3.86 -59.37 7.49
C LYS I 792 5.35 -59.71 7.58
N TYR I 793 5.79 -60.76 6.90
CA TYR I 793 7.22 -61.09 6.79
C TYR I 793 7.74 -60.58 5.46
N PHE I 794 8.74 -59.70 5.49
CA PHE I 794 9.37 -59.16 4.28
C PHE I 794 10.87 -59.38 4.40
N GLY I 795 11.32 -60.59 4.09
CA GLY I 795 12.72 -60.94 4.13
C GLY I 795 13.47 -60.62 5.41
N GLY I 796 12.75 -60.45 6.52
CA GLY I 796 13.35 -60.08 7.78
C GLY I 796 13.36 -58.60 8.06
N PHE I 797 12.90 -57.76 7.13
CA PHE I 797 12.80 -56.33 7.37
C PHE I 797 11.53 -56.03 8.15
N ASN I 798 11.64 -55.16 9.16
CA ASN I 798 10.55 -54.89 10.09
C ASN I 798 9.94 -53.53 9.76
N PHE I 799 8.75 -53.55 9.18
CA PHE I 799 8.03 -52.34 8.79
C PHE I 799 6.93 -51.97 9.76
N SER I 800 6.92 -52.56 10.96
CA SER I 800 5.78 -52.44 11.85
C SER I 800 5.55 -51.00 12.32
N GLN I 801 6.63 -50.24 12.53
CA GLN I 801 6.48 -48.88 13.04
C GLN I 801 6.07 -47.87 11.96
N ILE I 802 6.10 -48.24 10.68
CA ILE I 802 5.65 -47.34 9.62
C ILE I 802 4.38 -47.82 8.95
N LEU I 803 3.98 -49.06 9.16
CA LEU I 803 2.73 -49.58 8.65
C LEU I 803 1.57 -49.11 9.54
N PRO I 804 0.35 -49.07 9.01
CA PRO I 804 -0.78 -48.56 9.79
C PRO I 804 -1.02 -49.37 11.05
N ASP I 805 -1.44 -48.68 12.11
CA ASP I 805 -1.84 -49.30 13.35
C ASP I 805 -3.36 -49.41 13.36
N PRO I 806 -3.93 -50.60 13.14
CA PRO I 806 -5.39 -50.71 13.02
C PRO I 806 -6.15 -50.37 14.30
N SER I 807 -5.48 -50.36 15.45
CA SER I 807 -6.17 -50.13 16.71
C SER I 807 -6.72 -48.71 16.81
N LYS I 808 -5.92 -47.70 16.44
CA LYS I 808 -6.31 -46.33 16.69
C LYS I 808 -7.40 -45.86 15.73
N PRO I 809 -8.19 -44.86 16.10
CA PRO I 809 -9.20 -44.33 15.18
C PRO I 809 -8.64 -43.76 13.90
N SER I 810 -7.44 -43.20 13.93
CA SER I 810 -6.87 -42.54 12.75
C SER I 810 -6.19 -43.51 11.79
N LYS I 811 -5.91 -44.73 12.22
CA LYS I 811 -5.17 -45.72 11.44
C LYS I 811 -3.80 -45.19 11.02
N ARG I 812 -3.20 -44.36 11.87
CA ARG I 812 -1.85 -43.88 11.61
C ARG I 812 -0.83 -44.91 12.07
N SER I 813 0.37 -44.79 11.53
CA SER I 813 1.47 -45.60 12.00
C SER I 813 2.01 -45.04 13.32
N PHE I 814 2.89 -45.82 13.96
CA PHE I 814 3.53 -45.38 15.18
C PHE I 814 4.33 -44.09 14.96
N ILE I 815 5.14 -44.06 13.91
CA ILE I 815 5.95 -42.88 13.61
C ILE I 815 5.06 -41.70 13.22
N GLU I 816 3.97 -41.97 12.49
CA GLU I 816 3.03 -40.91 12.16
C GLU I 816 2.36 -40.35 13.40
N ASP I 817 2.08 -41.20 14.40
CA ASP I 817 1.57 -40.70 15.67
C ASP I 817 2.58 -39.80 16.37
N LEU I 818 3.85 -40.20 16.40
CA LEU I 818 4.87 -39.34 16.99
C LEU I 818 4.94 -38.00 16.28
N LEU I 819 4.91 -38.02 14.94
CA LEU I 819 4.96 -36.77 14.17
C LEU I 819 3.74 -35.91 14.44
N PHE I 820 2.56 -36.53 14.52
CA PHE I 820 1.32 -35.78 14.72
C PHE I 820 1.31 -35.13 16.11
N ASN I 821 1.82 -35.83 17.12
CA ASN I 821 1.95 -35.20 18.43
C ASN I 821 3.09 -34.20 18.50
N LYS I 822 4.00 -34.21 17.52
CA LYS I 822 5.13 -33.30 17.55
C LYS I 822 4.80 -31.89 17.06
N VAL I 823 3.71 -31.71 16.32
CA VAL I 823 3.34 -30.40 15.78
C VAL I 823 2.01 -29.99 16.38
N THR I 824 1.97 -28.81 16.99
CA THR I 824 0.78 -28.28 17.63
C THR I 824 0.14 -27.25 16.71
N LEU I 825 -1.05 -27.55 16.20
CA LEU I 825 -1.75 -26.64 15.31
C LEU I 825 -2.46 -25.55 16.12
N ALA I 826 -2.56 -24.36 15.53
CA ALA I 826 -3.23 -23.25 16.19
C ALA I 826 -4.73 -23.27 15.95
N ASP I 827 -5.15 -23.70 14.76
CA ASP I 827 -6.58 -23.77 14.42
C ASP I 827 -6.74 -24.74 13.27
N ALA I 828 -7.46 -25.83 13.52
CA ALA I 828 -7.67 -26.85 12.49
C ALA I 828 -8.72 -26.45 11.47
N GLY I 829 -9.61 -25.51 11.81
CA GLY I 829 -10.70 -25.13 10.94
C GLY I 829 -12.00 -25.86 11.18
N PHE I 830 -12.10 -26.63 12.27
CA PHE I 830 -13.31 -27.41 12.55
C PHE I 830 -14.33 -26.54 13.27
N ILE I 831 -15.39 -27.17 13.76
CA ILE I 831 -16.55 -26.42 14.26
C ILE I 831 -16.24 -25.80 15.61
N LYS I 832 -16.59 -24.54 15.77
CA LYS I 832 -16.56 -23.84 17.05
C LYS I 832 -17.97 -23.33 17.33
N GLN I 833 -18.54 -23.75 18.47
CA GLN I 833 -19.90 -23.44 18.85
C GLN I 833 -19.93 -22.33 19.90
N TYR I 834 -21.14 -21.84 20.19
CA TYR I 834 -21.30 -20.89 21.27
C TYR I 834 -21.01 -21.58 22.60
N GLY I 835 -20.18 -20.94 23.42
CA GLY I 835 -19.70 -21.53 24.64
C GLY I 835 -18.19 -21.54 24.69
N ASP I 836 -17.56 -21.84 23.55
CA ASP I 836 -16.12 -21.69 23.44
C ASP I 836 -15.69 -20.24 23.31
N CYS I 837 -16.58 -19.36 22.84
CA CYS I 837 -16.29 -17.94 22.72
C CYS I 837 -17.24 -17.09 23.54
N LEU I 838 -17.89 -17.68 24.55
CA LEU I 838 -18.77 -16.95 25.46
C LEU I 838 -18.23 -17.04 26.87
N GLY I 839 -18.50 -16.00 27.66
CA GLY I 839 -18.09 -15.97 29.05
C GLY I 839 -16.64 -15.59 29.25
N ASP I 840 -15.99 -16.26 30.21
CA ASP I 840 -14.60 -15.97 30.55
C ASP I 840 -13.60 -16.76 29.72
N ILE I 841 -14.08 -17.58 28.78
CA ILE I 841 -13.19 -18.41 28.00
C ILE I 841 -12.65 -17.66 26.77
N ALA I 842 -13.41 -16.68 26.27
CA ALA I 842 -12.95 -15.92 25.11
C ALA I 842 -11.70 -15.12 25.44
N ALA I 843 -11.63 -14.54 26.63
CA ALA I 843 -10.54 -13.64 26.98
C ALA I 843 -9.19 -14.35 26.92
N ARG I 844 -9.15 -15.63 27.28
CA ARG I 844 -7.92 -16.40 27.30
C ARG I 844 -7.65 -17.11 25.99
N ASP I 845 -8.32 -16.73 24.91
CA ASP I 845 -8.16 -17.38 23.62
C ASP I 845 -8.09 -16.33 22.52
N LEU I 846 -7.02 -16.37 21.72
CA LEU I 846 -6.88 -15.46 20.60
C LEU I 846 -7.78 -15.85 19.43
N ILE I 847 -8.14 -17.13 19.32
CA ILE I 847 -8.97 -17.58 18.21
C ILE I 847 -10.34 -16.92 18.27
N CYS I 848 -10.90 -16.76 19.46
CA CYS I 848 -12.20 -16.11 19.59
C CYS I 848 -12.16 -14.66 19.15
N ALA I 849 -11.10 -13.93 19.53
CA ALA I 849 -10.96 -12.55 19.06
C ALA I 849 -10.81 -12.50 17.55
N GLN I 850 -10.00 -13.39 16.98
CA GLN I 850 -9.86 -13.44 15.53
C GLN I 850 -11.20 -13.67 14.85
N LYS I 851 -11.97 -14.63 15.35
CA LYS I 851 -13.28 -14.92 14.77
C LYS I 851 -14.21 -13.72 14.90
N PHE I 852 -14.24 -13.09 16.09
CA PHE I 852 -15.08 -11.94 16.32
C PHE I 852 -14.71 -10.75 15.46
N ASN I 853 -13.49 -10.71 14.93
CA ASN I 853 -13.10 -9.64 14.01
C ASN I 853 -13.03 -10.11 12.55
N GLY I 854 -13.74 -11.18 12.21
CA GLY I 854 -13.90 -11.57 10.82
C GLY I 854 -12.80 -12.42 10.22
N LEU I 855 -11.92 -13.01 11.03
CA LEU I 855 -10.82 -13.83 10.55
C LEU I 855 -11.08 -15.28 10.93
N THR I 856 -11.27 -16.14 9.94
CA THR I 856 -11.61 -17.53 10.19
C THR I 856 -10.65 -18.47 9.46
N VAL I 857 -10.64 -19.72 9.90
CA VAL I 857 -9.83 -20.78 9.32
C VAL I 857 -10.75 -21.79 8.67
N LEU I 858 -10.46 -22.15 7.43
CA LEU I 858 -11.21 -23.17 6.69
C LEU I 858 -10.53 -24.54 6.83
N PRO I 859 -11.30 -25.61 6.97
CA PRO I 859 -10.69 -26.93 7.09
C PRO I 859 -10.11 -27.40 5.76
N PRO I 860 -9.05 -28.18 5.79
CA PRO I 860 -8.57 -28.79 4.55
C PRO I 860 -9.57 -29.79 3.98
N LEU I 861 -9.56 -29.92 2.66
CA LEU I 861 -10.45 -30.86 1.98
C LEU I 861 -10.15 -32.29 2.37
N LEU I 862 -8.88 -32.68 2.37
CA LEU I 862 -8.47 -34.00 2.81
C LEU I 862 -8.25 -34.00 4.31
N THR I 863 -8.91 -34.94 4.99
CA THR I 863 -8.69 -35.10 6.42
C THR I 863 -7.37 -35.81 6.67
N ASP I 864 -6.94 -35.78 7.93
CA ASP I 864 -5.71 -36.48 8.31
C ASP I 864 -5.84 -37.99 8.05
N GLU I 865 -7.03 -38.54 8.29
CA GLU I 865 -7.25 -39.97 8.05
C GLU I 865 -7.09 -40.31 6.58
N MET I 866 -7.61 -39.47 5.68
CA MET I 866 -7.45 -39.71 4.25
C MET I 866 -5.99 -39.63 3.82
N ILE I 867 -5.24 -38.67 4.37
CA ILE I 867 -3.83 -38.54 4.03
C ILE I 867 -3.06 -39.76 4.54
N ALA I 868 -3.39 -40.25 5.73
CA ALA I 868 -2.76 -41.45 6.24
C ALA I 868 -3.11 -42.68 5.38
N GLN I 869 -4.34 -42.72 4.86
CA GLN I 869 -4.69 -43.79 3.92
C GLN I 869 -3.85 -43.72 2.66
N TYR I 870 -3.63 -42.51 2.13
CA TYR I 870 -2.78 -42.35 0.95
C TYR I 870 -1.36 -42.84 1.23
N THR I 871 -0.81 -42.44 2.38
CA THR I 871 0.56 -42.86 2.69
C THR I 871 0.66 -44.36 2.90
N SER I 872 -0.36 -44.97 3.51
CA SER I 872 -0.33 -46.42 3.71
C SER I 872 -0.46 -47.15 2.38
N ALA I 873 -1.26 -46.62 1.45
CA ALA I 873 -1.32 -47.21 0.11
C ALA I 873 0.02 -47.12 -0.60
N LEU I 874 0.69 -45.97 -0.49
CA LEU I 874 2.02 -45.81 -1.10
C LEU I 874 3.01 -46.80 -0.48
N LEU I 875 2.98 -46.94 0.84
CA LEU I 875 3.89 -47.85 1.52
C LEU I 875 3.63 -49.30 1.14
N ALA I 876 2.36 -49.71 1.09
CA ALA I 876 2.02 -51.07 0.70
C ALA I 876 2.46 -51.36 -0.72
N GLY I 877 2.22 -50.42 -1.63
CA GLY I 877 2.69 -50.59 -3.00
C GLY I 877 4.20 -50.74 -3.07
N THR I 878 4.94 -49.90 -2.35
CA THR I 878 6.39 -49.96 -2.40
C THR I 878 6.92 -51.28 -1.86
N ILE I 879 6.44 -51.70 -0.69
CA ILE I 879 7.04 -52.89 -0.07
C ILE I 879 6.52 -54.18 -0.69
N THR I 880 5.41 -54.15 -1.42
CA THR I 880 4.95 -55.38 -2.06
C THR I 880 5.35 -55.50 -3.52
N SER I 881 5.54 -54.39 -4.22
CA SER I 881 5.75 -54.43 -5.65
C SER I 881 6.93 -53.59 -6.13
N GLY I 882 7.69 -52.99 -5.23
CA GLY I 882 8.84 -52.20 -5.63
C GLY I 882 8.42 -50.95 -6.36
N TRP I 883 9.01 -50.73 -7.53
CA TRP I 883 8.69 -49.56 -8.36
C TRP I 883 7.71 -49.88 -9.48
N THR I 884 7.17 -51.09 -9.54
CA THR I 884 6.28 -51.45 -10.65
C THR I 884 4.95 -50.70 -10.56
N PHE I 885 4.42 -50.52 -9.35
CA PHE I 885 3.13 -49.85 -9.22
C PHE I 885 3.17 -48.39 -9.63
N GLY I 886 4.35 -47.77 -9.63
CA GLY I 886 4.46 -46.42 -10.14
C GLY I 886 4.37 -46.32 -11.65
N ALA I 887 4.64 -47.42 -12.36
CA ALA I 887 4.62 -47.42 -13.82
C ALA I 887 3.40 -48.12 -14.41
N GLY I 888 2.64 -48.86 -13.62
CA GLY I 888 1.49 -49.58 -14.12
C GLY I 888 0.81 -50.36 -13.02
N ALA I 889 0.38 -51.58 -13.33
CA ALA I 889 -0.15 -52.47 -12.30
C ALA I 889 0.93 -52.83 -11.31
N ALA I 890 0.54 -52.96 -10.04
CA ALA I 890 1.47 -53.42 -9.01
C ALA I 890 1.80 -54.89 -9.25
N LEU I 891 3.06 -55.18 -9.48
CA LEU I 891 3.53 -56.55 -9.70
C LEU I 891 4.27 -56.99 -8.46
N GLN I 892 3.71 -57.99 -7.77
CA GLN I 892 4.32 -58.48 -6.54
C GLN I 892 5.68 -59.11 -6.83
N ILE I 893 6.59 -58.97 -5.86
CA ILE I 893 7.91 -59.55 -5.92
C ILE I 893 8.36 -59.75 -4.48
N PRO I 894 9.05 -60.84 -4.14
CA PRO I 894 9.57 -61.00 -2.78
C PRO I 894 10.50 -59.85 -2.43
N PHE I 895 10.44 -59.41 -1.16
CA PHE I 895 11.10 -58.17 -0.78
C PHE I 895 12.63 -58.29 -0.88
N ALA I 896 13.18 -59.45 -0.52
CA ALA I 896 14.63 -59.63 -0.65
C ALA I 896 15.07 -59.54 -2.10
N MET I 897 14.26 -60.06 -3.02
CA MET I 897 14.58 -59.96 -4.44
C MET I 897 14.46 -58.53 -4.93
N GLN I 898 13.50 -57.77 -4.41
CA GLN I 898 13.40 -56.35 -4.72
C GLN I 898 14.65 -55.61 -4.24
N MET I 899 15.14 -55.95 -3.05
CA MET I 899 16.37 -55.35 -2.56
C MET I 899 17.57 -55.74 -3.41
N ALA I 900 17.58 -56.97 -3.92
CA ALA I 900 18.63 -57.35 -4.87
C ALA I 900 18.58 -56.49 -6.13
N TYR I 901 17.38 -56.22 -6.62
CA TYR I 901 17.21 -55.27 -7.74
C TYR I 901 17.81 -53.91 -7.39
N ARG I 902 17.47 -53.40 -6.20
CA ARG I 902 17.95 -52.08 -5.80
C ARG I 902 19.47 -52.05 -5.66
N PHE I 903 20.06 -53.14 -5.15
CA PHE I 903 21.51 -53.24 -5.07
C PHE I 903 22.12 -53.19 -6.46
N ASN I 904 21.52 -53.89 -7.42
CA ASN I 904 21.97 -53.76 -8.81
C ASN I 904 21.87 -52.33 -9.28
N GLY I 905 20.83 -51.61 -8.84
CA GLY I 905 20.64 -50.24 -9.25
C GLY I 905 21.77 -49.30 -8.85
N ILE I 906 22.48 -49.61 -7.77
CA ILE I 906 23.59 -48.78 -7.32
C ILE I 906 24.94 -49.40 -7.65
N GLY I 907 24.97 -50.41 -8.51
CA GLY I 907 26.24 -50.98 -8.95
C GLY I 907 26.84 -52.01 -8.04
N VAL I 908 26.06 -52.68 -7.20
CA VAL I 908 26.51 -53.77 -6.35
C VAL I 908 25.84 -55.05 -6.82
N THR I 909 26.62 -56.12 -6.98
CA THR I 909 26.04 -57.39 -7.43
C THR I 909 25.08 -57.93 -6.37
N GLN I 910 24.06 -58.64 -6.83
CA GLN I 910 22.95 -59.01 -5.95
C GLN I 910 23.32 -60.14 -4.99
N ASN I 911 24.38 -60.90 -5.29
CA ASN I 911 24.84 -61.88 -4.32
C ASN I 911 25.34 -61.21 -3.04
N VAL I 912 25.77 -59.95 -3.13
CA VAL I 912 26.14 -59.21 -1.92
C VAL I 912 24.92 -59.02 -1.04
N LEU I 913 23.78 -58.67 -1.63
CA LEU I 913 22.53 -58.58 -0.87
C LEU I 913 22.14 -59.93 -0.29
N TYR I 914 22.16 -60.98 -1.12
CA TYR I 914 21.65 -62.28 -0.65
C TYR I 914 22.53 -62.90 0.42
N GLU I 915 23.85 -62.76 0.29
CA GLU I 915 24.77 -63.34 1.25
C GLU I 915 24.84 -62.53 2.55
N ASN I 916 24.36 -61.30 2.54
CA ASN I 916 24.35 -60.46 3.73
C ASN I 916 22.93 -60.09 4.16
N GLN I 917 21.94 -60.92 3.83
CA GLN I 917 20.54 -60.52 3.99
C GLN I 917 20.20 -60.27 5.45
N LYS I 918 20.63 -61.15 6.36
CA LYS I 918 20.32 -60.96 7.77
C LYS I 918 20.98 -59.70 8.31
N LEU I 919 22.23 -59.46 7.94
CA LEU I 919 22.93 -58.25 8.39
C LEU I 919 22.25 -57.00 7.86
N ILE I 920 21.83 -57.01 6.60
CA ILE I 920 21.19 -55.84 6.01
C ILE I 920 19.84 -55.56 6.66
N ALA I 921 19.06 -56.63 6.90
CA ALA I 921 17.79 -56.47 7.60
C ALA I 921 18.00 -55.94 9.02
N ASN I 922 19.01 -56.45 9.72
CA ASN I 922 19.28 -55.98 11.08
C ASN I 922 19.71 -54.51 11.08
N GLN I 923 20.55 -54.11 10.13
CA GLN I 923 20.97 -52.72 10.04
C GLN I 923 19.78 -51.80 9.78
N PHE I 924 18.89 -52.22 8.88
CA PHE I 924 17.69 -51.43 8.61
C PHE I 924 16.81 -51.34 9.85
N ASN I 925 16.64 -52.45 10.56
CA ASN I 925 15.79 -52.45 11.75
C ASN I 925 16.36 -51.53 12.82
N SER I 926 17.68 -51.57 13.03
CA SER I 926 18.30 -50.67 14.00
C SER I 926 18.15 -49.21 13.58
N ALA I 927 18.30 -48.91 12.29
CA ALA I 927 18.18 -47.54 11.84
C ALA I 927 16.75 -47.01 12.03
N ILE I 928 15.75 -47.85 11.75
CA ILE I 928 14.36 -47.46 11.98
C ILE I 928 14.13 -47.22 13.47
N GLY I 929 14.66 -48.10 14.32
CA GLY I 929 14.53 -47.90 15.75
C GLY I 929 15.18 -46.62 16.22
N LYS I 930 16.32 -46.25 15.63
CA LYS I 930 16.94 -44.98 15.97
C LYS I 930 16.07 -43.81 15.56
N ILE I 931 15.46 -43.89 14.38
CA ILE I 931 14.53 -42.83 13.96
C ILE I 931 13.42 -42.67 14.99
N GLN I 932 12.82 -43.80 15.40
CA GLN I 932 11.72 -43.76 16.35
C GLN I 932 12.15 -43.19 17.69
N ASP I 933 13.32 -43.61 18.19
CA ASP I 933 13.81 -43.10 19.46
C ASP I 933 14.10 -41.60 19.39
N SER I 934 14.69 -41.14 18.28
CA SER I 934 14.96 -39.71 18.12
C SER I 934 13.67 -38.91 18.09
N LEU I 935 12.64 -39.42 17.40
CA LEU I 935 11.37 -38.70 17.37
C LEU I 935 10.70 -38.70 18.73
N SER I 936 10.84 -39.79 19.49
CA SER I 936 10.25 -39.84 20.83
C SER I 936 10.96 -38.88 21.79
N SER I 937 12.29 -38.83 21.73
CA SER I 937 13.06 -38.11 22.74
C SER I 937 13.22 -36.62 22.41
N THR I 938 13.84 -36.32 21.28
CA THR I 938 14.08 -34.93 20.91
C THR I 938 12.76 -34.19 20.76
N ALA I 939 12.75 -32.92 21.14
CA ALA I 939 11.51 -32.16 21.29
C ALA I 939 11.22 -31.20 20.15
N SER I 940 12.19 -30.92 19.27
CA SER I 940 12.01 -29.93 18.22
C SER I 940 12.51 -30.46 16.88
N ALA I 941 12.10 -31.68 16.53
CA ALA I 941 12.55 -32.26 15.26
C ALA I 941 11.84 -31.63 14.07
N LEU I 942 10.54 -31.35 14.20
CA LEU I 942 9.74 -30.89 13.08
C LEU I 942 9.67 -29.35 13.05
N GLY I 943 10.85 -28.75 12.88
CA GLY I 943 10.96 -27.30 12.96
C GLY I 943 10.26 -26.58 11.83
N LYS I 944 10.35 -27.10 10.60
CA LYS I 944 9.78 -26.40 9.45
C LYS I 944 8.27 -26.34 9.50
N LEU I 945 7.62 -27.44 9.86
CA LEU I 945 6.16 -27.45 9.96
C LEU I 945 5.68 -26.53 11.07
N GLN I 946 6.37 -26.57 12.22
CA GLN I 946 6.04 -25.67 13.31
C GLN I 946 6.25 -24.21 12.89
N ASP I 947 7.27 -23.95 12.07
CA ASP I 947 7.49 -22.60 11.57
C ASP I 947 6.34 -22.13 10.68
N VAL I 948 5.84 -23.02 9.82
CA VAL I 948 4.70 -22.66 8.99
C VAL I 948 3.49 -22.29 9.87
N VAL I 949 3.22 -23.14 10.87
CA VAL I 949 2.09 -22.90 11.77
C VAL I 949 2.28 -21.57 12.52
N ASN I 950 3.48 -21.34 13.03
CA ASN I 950 3.76 -20.14 13.81
C ASN I 950 3.65 -18.88 12.97
N HIS I 951 4.13 -18.93 11.72
CA HIS I 951 4.03 -17.78 10.85
C HIS I 951 2.57 -17.43 10.57
N ASN I 952 1.73 -18.44 10.31
CA ASN I 952 0.31 -18.15 10.11
C ASN I 952 -0.30 -17.52 11.36
N ALA I 953 -0.03 -18.12 12.53
CA ALA I 953 -0.63 -17.61 13.76
C ALA I 953 -0.16 -16.19 14.06
N GLN I 954 1.12 -15.91 13.85
CA GLN I 954 1.65 -14.58 14.07
C GLN I 954 1.03 -13.55 13.13
N ALA I 955 0.86 -13.92 11.86
CA ALA I 955 0.23 -13.00 10.92
C ALA I 955 -1.19 -12.66 11.33
N LEU I 956 -1.96 -13.68 11.74
CA LEU I 956 -3.33 -13.41 12.17
C LEU I 956 -3.37 -12.57 13.43
N ASN I 957 -2.47 -12.84 14.38
CA ASN I 957 -2.44 -12.07 15.62
C ASN I 957 -2.05 -10.62 15.36
N THR I 958 -1.10 -10.40 14.46
CA THR I 958 -0.73 -9.03 14.08
C THR I 958 -1.91 -8.31 13.43
N LEU I 959 -2.64 -9.00 12.56
CA LEU I 959 -3.83 -8.41 11.96
C LEU I 959 -4.85 -8.01 13.03
N VAL I 960 -5.05 -8.87 14.02
CA VAL I 960 -5.99 -8.56 15.10
C VAL I 960 -5.50 -7.37 15.91
N LYS I 961 -4.22 -7.34 16.27
CA LYS I 961 -3.68 -6.25 17.07
C LYS I 961 -3.69 -4.92 16.32
N GLN I 962 -3.67 -4.93 15.00
CA GLN I 962 -3.73 -3.68 14.25
C GLN I 962 -5.05 -2.94 14.44
N LEU I 963 -6.08 -3.60 14.95
CA LEU I 963 -7.37 -2.94 15.16
C LEU I 963 -7.35 -1.97 16.33
N SER I 964 -6.30 -1.97 17.15
CA SER I 964 -6.17 -1.01 18.23
C SER I 964 -5.34 0.20 17.85
N SER I 965 -4.92 0.31 16.59
CA SER I 965 -4.21 1.49 16.12
C SER I 965 -5.20 2.59 15.75
N LYS I 966 -4.82 3.83 16.05
CA LYS I 966 -5.67 4.98 15.75
C LYS I 966 -5.48 5.51 14.34
N PHE I 967 -4.29 5.34 13.76
CA PHE I 967 -3.99 5.80 12.40
C PHE I 967 -4.25 7.29 12.23
N GLY I 968 -4.06 8.06 13.29
CA GLY I 968 -4.30 9.49 13.26
C GLY I 968 -5.70 9.92 13.66
N ALA I 969 -6.62 8.98 13.88
CA ALA I 969 -7.95 9.33 14.34
C ALA I 969 -7.93 9.62 15.84
N ILE I 970 -9.04 10.15 16.34
CA ILE I 970 -9.15 10.45 17.77
C ILE I 970 -9.23 9.16 18.58
N SER I 971 -9.75 8.09 17.99
CA SER I 971 -9.94 6.84 18.71
C SER I 971 -9.81 5.69 17.73
N SER I 972 -9.41 4.54 18.25
CA SER I 972 -9.39 3.31 17.47
C SER I 972 -10.71 2.57 17.53
N VAL I 973 -11.68 3.08 18.27
CA VAL I 973 -12.99 2.45 18.43
C VAL I 973 -13.99 3.24 17.60
N LEU I 974 -14.65 2.56 16.66
CA LEU I 974 -15.65 3.23 15.83
C LEU I 974 -16.83 3.71 16.65
N ASN I 975 -17.22 2.93 17.66
CA ASN I 975 -18.36 3.30 18.48
C ASN I 975 -18.12 4.60 19.24
N ASP I 976 -16.90 4.77 19.78
CA ASP I 976 -16.58 6.02 20.46
C ASP I 976 -16.63 7.20 19.50
N ILE I 977 -16.10 7.03 18.29
CA ILE I 977 -16.13 8.10 17.31
C ILE I 977 -17.58 8.46 16.96
N LEU I 978 -18.43 7.46 16.78
CA LEU I 978 -19.80 7.71 16.37
C LEU I 978 -20.63 8.30 17.50
N SER I 979 -20.33 7.95 18.75
CA SER I 979 -21.07 8.48 19.89
C SER I 979 -20.55 9.83 20.36
N ARG I 980 -19.35 10.21 19.99
CA ARG I 980 -18.77 11.47 20.46
C ARG I 980 -18.80 12.59 19.44
N LEU I 981 -19.01 12.28 18.16
CA LEU I 981 -18.86 13.28 17.11
C LEU I 981 -20.09 13.29 16.23
N ASP I 982 -20.30 14.44 15.57
CA ASP I 982 -21.39 14.57 14.61
C ASP I 982 -21.03 13.86 13.31
N LYS I 983 -21.93 13.94 12.33
CA LYS I 983 -21.83 13.10 11.14
C LYS I 983 -20.54 13.37 10.37
N VAL I 984 -20.20 14.64 10.15
CA VAL I 984 -19.12 14.98 9.23
C VAL I 984 -17.75 14.67 9.84
N GLU I 985 -17.52 15.12 11.07
CA GLU I 985 -16.24 14.86 11.72
C GLU I 985 -16.06 13.38 12.02
N ALA I 986 -17.15 12.70 12.40
CA ALA I 986 -17.08 11.25 12.56
C ALA I 986 -16.73 10.58 11.24
N GLU I 987 -17.25 11.08 10.13
CA GLU I 987 -16.90 10.52 8.83
C GLU I 987 -15.42 10.69 8.54
N VAL I 988 -14.85 11.84 8.91
CA VAL I 988 -13.41 12.06 8.71
C VAL I 988 -12.60 11.04 9.51
N GLN I 989 -12.92 10.89 10.80
CA GLN I 989 -12.19 9.94 11.64
C GLN I 989 -12.36 8.51 11.14
N ILE I 990 -13.57 8.16 10.72
CA ILE I 990 -13.83 6.82 10.22
C ILE I 990 -13.05 6.57 8.93
N ASP I 991 -12.91 7.59 8.09
CA ASP I 991 -12.11 7.42 6.88
C ASP I 991 -10.65 7.13 7.23
N ARG I 992 -10.12 7.81 8.25
CA ARG I 992 -8.77 7.49 8.68
C ARG I 992 -8.65 6.04 9.14
N LEU I 993 -9.60 5.59 9.96
CA LEU I 993 -9.57 4.21 10.44
C LEU I 993 -9.69 3.21 9.29
N ILE I 994 -10.56 3.51 8.33
CA ILE I 994 -10.77 2.63 7.18
C ILE I 994 -9.49 2.51 6.36
N THR I 995 -8.83 3.64 6.11
CA THR I 995 -7.60 3.59 5.34
C THR I 995 -6.52 2.78 6.05
N GLY I 996 -6.37 2.98 7.36
CA GLY I 996 -5.38 2.20 8.10
C GLY I 996 -5.68 0.70 8.10
N ARG I 997 -6.93 0.33 8.32
CA ARG I 997 -7.28 -1.08 8.41
C ARG I 997 -7.21 -1.76 7.04
N LEU I 998 -7.57 -1.02 5.98
CA LEU I 998 -7.42 -1.52 4.62
C LEU I 998 -5.96 -1.77 4.29
N GLN I 999 -5.07 -0.85 4.71
CA GLN I 999 -3.65 -1.08 4.50
C GLN I 999 -3.17 -2.33 5.25
N SER I 1000 -3.63 -2.51 6.49
CA SER I 1000 -3.19 -3.68 7.24
C SER I 1000 -3.67 -4.98 6.58
N LEU I 1001 -4.91 -5.00 6.08
CA LEU I 1001 -5.40 -6.16 5.36
C LEU I 1001 -4.59 -6.42 4.10
N GLN I 1002 -4.25 -5.36 3.37
CA GLN I 1002 -3.47 -5.53 2.13
C GLN I 1002 -2.09 -6.10 2.43
N THR I 1003 -1.45 -5.61 3.49
CA THR I 1003 -0.15 -6.15 3.89
C THR I 1003 -0.25 -7.63 4.24
N TYR I 1004 -1.29 -8.00 5.00
CA TYR I 1004 -1.48 -9.39 5.35
C TYR I 1004 -1.66 -10.25 4.10
N VAL I 1005 -2.48 -9.81 3.15
CA VAL I 1005 -2.75 -10.63 1.98
C VAL I 1005 -1.51 -10.75 1.09
N THR I 1006 -0.73 -9.66 0.96
CA THR I 1006 0.49 -9.73 0.16
C THR I 1006 1.49 -10.72 0.76
N GLN I 1007 1.69 -10.64 2.08
CA GLN I 1007 2.59 -11.59 2.72
C GLN I 1007 2.07 -13.02 2.60
N GLN I 1008 0.75 -13.20 2.66
CA GLN I 1008 0.17 -14.52 2.48
C GLN I 1008 0.44 -15.05 1.08
N LEU I 1009 0.33 -14.20 0.05
CA LEU I 1009 0.60 -14.64 -1.31
C LEU I 1009 2.06 -15.07 -1.47
N ILE I 1010 2.99 -14.31 -0.91
CA ILE I 1010 4.40 -14.66 -1.02
C ILE I 1010 4.70 -15.96 -0.27
N ARG I 1011 4.17 -16.11 0.94
CA ARG I 1011 4.36 -17.36 1.69
C ARG I 1011 3.69 -18.53 0.99
N ALA I 1012 2.55 -18.31 0.34
CA ALA I 1012 1.90 -19.37 -0.42
C ALA I 1012 2.75 -19.81 -1.59
N ALA I 1013 3.42 -18.87 -2.27
CA ALA I 1013 4.32 -19.25 -3.35
C ALA I 1013 5.47 -20.10 -2.84
N GLU I 1014 6.04 -19.73 -1.69
CA GLU I 1014 7.09 -20.55 -1.09
C GLU I 1014 6.58 -21.94 -0.72
N ILE I 1015 5.37 -22.02 -0.14
CA ILE I 1015 4.77 -23.30 0.22
C ILE I 1015 4.50 -24.15 -1.01
N ARG I 1016 4.08 -23.51 -2.10
CA ARG I 1016 3.82 -24.25 -3.34
C ARG I 1016 5.11 -24.81 -3.93
N ALA I 1017 6.20 -24.05 -3.87
CA ALA I 1017 7.48 -24.59 -4.32
C ALA I 1017 7.90 -25.79 -3.47
N SER I 1018 7.70 -25.70 -2.15
CA SER I 1018 8.02 -26.83 -1.29
C SER I 1018 7.14 -28.04 -1.61
N ALA I 1019 5.86 -27.81 -1.89
CA ALA I 1019 4.96 -28.91 -2.22
C ALA I 1019 5.31 -29.57 -3.55
N ASN I 1020 5.71 -28.77 -4.55
CA ASN I 1020 6.17 -29.32 -5.81
C ASN I 1020 7.42 -30.17 -5.61
N LEU I 1021 8.35 -29.70 -4.77
CA LEU I 1021 9.51 -30.50 -4.45
C LEU I 1021 9.11 -31.81 -3.76
N ALA I 1022 8.16 -31.75 -2.83
CA ALA I 1022 7.71 -32.95 -2.15
C ALA I 1022 7.06 -33.94 -3.10
N ALA I 1023 6.28 -33.45 -4.06
CA ALA I 1023 5.66 -34.32 -5.05
C ALA I 1023 6.70 -34.97 -5.96
N THR I 1024 7.72 -34.20 -6.36
CA THR I 1024 8.82 -34.76 -7.14
C THR I 1024 9.56 -35.83 -6.34
N LYS I 1025 9.79 -35.60 -5.05
CA LYS I 1025 10.45 -36.59 -4.22
C LYS I 1025 9.59 -37.83 -4.04
N MET I 1026 8.27 -37.66 -3.93
CA MET I 1026 7.38 -38.82 -3.87
C MET I 1026 7.47 -39.64 -5.15
N SER I 1027 7.46 -38.96 -6.30
CA SER I 1027 7.57 -39.67 -7.57
C SER I 1027 8.91 -40.38 -7.72
N GLU I 1028 10.01 -39.73 -7.36
CA GLU I 1028 11.33 -40.21 -7.74
C GLU I 1028 12.06 -41.00 -6.66
N CYS I 1029 11.71 -40.82 -5.39
CA CYS I 1029 12.33 -41.56 -4.30
C CYS I 1029 11.44 -42.67 -3.76
N VAL I 1030 10.13 -42.49 -3.74
CA VAL I 1030 9.22 -43.51 -3.23
C VAL I 1030 8.75 -44.43 -4.34
N LEU I 1031 8.35 -43.88 -5.47
CA LEU I 1031 7.86 -44.67 -6.59
C LEU I 1031 8.97 -45.18 -7.49
N GLY I 1032 10.23 -44.85 -7.19
CA GLY I 1032 11.35 -45.36 -7.96
C GLY I 1032 12.63 -45.22 -7.18
N GLN I 1033 13.70 -45.75 -7.75
CA GLN I 1033 15.05 -45.60 -7.22
C GLN I 1033 15.76 -44.51 -8.01
N SER I 1034 16.30 -43.53 -7.32
CA SER I 1034 16.86 -42.35 -7.96
C SER I 1034 18.38 -42.44 -8.08
N LYS I 1035 18.90 -41.98 -9.22
CA LYS I 1035 20.33 -41.82 -9.41
C LYS I 1035 20.83 -40.41 -9.10
N ARG I 1036 19.93 -39.46 -8.85
CA ARG I 1036 20.35 -38.10 -8.57
C ARG I 1036 21.02 -38.03 -7.21
N VAL I 1037 22.25 -37.53 -7.18
CA VAL I 1037 23.02 -37.49 -5.93
C VAL I 1037 22.35 -36.53 -4.95
N ASP I 1038 22.12 -37.02 -3.73
CA ASP I 1038 21.60 -36.28 -2.58
C ASP I 1038 20.13 -35.89 -2.72
N PHE I 1039 19.44 -36.33 -3.76
CA PHE I 1039 18.03 -36.00 -3.89
C PHE I 1039 17.16 -36.82 -2.93
N CYS I 1040 17.54 -38.05 -2.63
CA CYS I 1040 16.76 -38.94 -1.79
C CYS I 1040 17.61 -39.44 -0.63
N GLY I 1041 18.24 -38.52 0.09
CA GLY I 1041 19.09 -38.87 1.21
C GLY I 1041 20.56 -38.84 0.84
N LYS I 1042 21.39 -39.05 1.86
CA LYS I 1042 22.84 -39.02 1.72
C LYS I 1042 23.36 -40.44 1.53
N GLY I 1043 24.06 -40.67 0.44
CA GLY I 1043 24.49 -42.00 0.05
C GLY I 1043 23.79 -42.44 -1.22
N TYR I 1044 24.08 -43.67 -1.63
CA TYR I 1044 23.45 -44.26 -2.79
C TYR I 1044 22.03 -44.68 -2.43
N HIS I 1045 21.04 -44.06 -3.07
CA HIS I 1045 19.64 -44.27 -2.72
C HIS I 1045 19.22 -45.71 -2.97
N LEU I 1046 18.66 -46.34 -1.96
CA LEU I 1046 18.01 -47.64 -2.12
C LEU I 1046 16.51 -47.48 -2.29
N MET I 1047 15.84 -46.87 -1.32
CA MET I 1047 14.39 -46.73 -1.38
C MET I 1047 13.95 -45.66 -0.39
N SER I 1048 12.69 -45.25 -0.49
CA SER I 1048 12.17 -44.26 0.43
C SER I 1048 10.75 -44.60 0.82
N PHE I 1049 10.38 -44.21 2.05
CA PHE I 1049 9.06 -44.46 2.60
C PHE I 1049 8.44 -43.15 3.06
N PRO I 1050 7.23 -42.82 2.65
CA PRO I 1050 6.58 -41.60 3.13
C PRO I 1050 5.78 -41.82 4.42
N GLN I 1051 5.67 -40.73 5.19
CA GLN I 1051 4.85 -40.65 6.38
C GLN I 1051 4.19 -39.29 6.40
N SER I 1052 2.88 -39.25 6.66
CA SER I 1052 2.19 -37.97 6.72
C SER I 1052 2.56 -37.24 8.02
N ALA I 1053 2.45 -35.91 7.97
CA ALA I 1053 2.70 -35.08 9.13
C ALA I 1053 1.79 -33.88 9.04
N PRO I 1054 1.52 -33.20 10.16
CA PRO I 1054 0.65 -32.01 10.12
C PRO I 1054 1.18 -30.97 9.13
N HIS I 1055 0.42 -30.73 8.08
CA HIS I 1055 0.73 -29.78 7.01
C HIS I 1055 1.96 -30.18 6.20
N GLY I 1056 2.37 -31.44 6.22
CA GLY I 1056 3.59 -31.78 5.51
C GLY I 1056 3.81 -33.26 5.36
N VAL I 1057 4.98 -33.59 4.84
CA VAL I 1057 5.37 -34.98 4.62
C VAL I 1057 6.76 -35.21 5.19
N VAL I 1058 7.00 -36.44 5.61
CA VAL I 1058 8.30 -36.89 6.06
C VAL I 1058 8.72 -38.07 5.20
N PHE I 1059 9.91 -38.00 4.64
CA PHE I 1059 10.48 -39.09 3.87
C PHE I 1059 11.53 -39.77 4.72
N LEU I 1060 11.42 -41.09 4.84
CA LEU I 1060 12.48 -41.93 5.40
C LEU I 1060 13.25 -42.49 4.22
N HIS I 1061 14.43 -41.92 3.97
CA HIS I 1061 15.30 -42.36 2.89
C HIS I 1061 16.22 -43.45 3.41
N VAL I 1062 16.23 -44.58 2.70
CA VAL I 1062 17.14 -45.69 2.96
C VAL I 1062 18.21 -45.67 1.88
N THR I 1063 19.46 -45.52 2.31
CA THR I 1063 20.61 -45.44 1.43
C THR I 1063 21.67 -46.45 1.85
N TYR I 1064 22.53 -46.76 0.89
CA TYR I 1064 23.68 -47.64 1.06
C TYR I 1064 24.92 -46.78 1.22
N VAL I 1065 25.67 -46.98 2.30
CA VAL I 1065 26.86 -46.20 2.57
C VAL I 1065 28.05 -47.14 2.67
N PRO I 1066 29.05 -47.03 1.80
CA PRO I 1066 30.25 -47.85 1.95
C PRO I 1066 30.95 -47.57 3.27
N ALA I 1067 31.47 -48.61 3.92
CA ALA I 1067 31.83 -48.52 5.33
C ALA I 1067 33.32 -48.65 5.62
N GLN I 1068 33.96 -49.76 5.27
CA GLN I 1068 35.30 -50.06 5.80
C GLN I 1068 36.29 -50.19 4.64
N GLU I 1069 36.81 -49.07 4.18
CA GLU I 1069 37.66 -49.07 3.00
C GLU I 1069 39.06 -49.57 3.32
N LYS I 1070 39.62 -50.34 2.41
CA LYS I 1070 41.00 -50.76 2.44
C LYS I 1070 41.69 -50.26 1.17
N ASN I 1071 42.98 -49.99 1.28
CA ASN I 1071 43.73 -49.48 0.14
C ASN I 1071 44.45 -50.60 -0.57
N PHE I 1072 44.51 -50.50 -1.89
CA PHE I 1072 45.09 -51.49 -2.77
C PHE I 1072 45.91 -50.78 -3.83
N THR I 1073 46.83 -51.52 -4.43
CA THR I 1073 47.50 -51.03 -5.63
C THR I 1073 46.58 -51.27 -6.82
N THR I 1074 46.56 -50.34 -7.75
CA THR I 1074 45.67 -50.47 -8.89
C THR I 1074 46.42 -50.23 -10.18
N ALA I 1075 45.88 -50.77 -11.27
CA ALA I 1075 46.40 -50.57 -12.61
C ALA I 1075 45.23 -50.35 -13.56
N PRO I 1076 45.41 -49.52 -14.59
CA PRO I 1076 44.31 -49.29 -15.53
C PRO I 1076 44.05 -50.47 -16.45
N ALA I 1077 45.07 -51.26 -16.77
CA ALA I 1077 44.95 -52.36 -17.71
C ALA I 1077 46.00 -53.40 -17.36
N ILE I 1078 45.82 -54.60 -17.91
CA ILE I 1078 46.73 -55.72 -17.67
C ILE I 1078 47.35 -56.12 -19.00
N CYS I 1079 48.67 -56.26 -19.03
CA CYS I 1079 49.37 -56.69 -20.24
C CYS I 1079 49.57 -58.20 -20.20
N HIS I 1080 49.04 -58.89 -21.21
CA HIS I 1080 49.18 -60.34 -21.29
C HIS I 1080 49.25 -60.74 -22.75
N ASP I 1081 50.29 -61.52 -23.09
CA ASP I 1081 50.52 -61.98 -24.46
C ASP I 1081 50.59 -60.82 -25.45
N GLY I 1082 51.16 -59.71 -25.01
CA GLY I 1082 51.23 -58.53 -25.85
C GLY I 1082 49.91 -57.86 -26.12
N LYS I 1083 48.90 -58.12 -25.30
CA LYS I 1083 47.58 -57.52 -25.46
C LYS I 1083 47.17 -56.82 -24.19
N ALA I 1084 46.41 -55.74 -24.35
CA ALA I 1084 45.92 -54.96 -23.23
C ALA I 1084 44.52 -55.45 -22.85
N HIS I 1085 44.34 -55.76 -21.57
CA HIS I 1085 43.07 -56.23 -21.04
C HIS I 1085 42.51 -55.18 -20.08
N PHE I 1086 41.22 -54.89 -20.24
CA PHE I 1086 40.50 -53.95 -19.41
C PHE I 1086 39.36 -54.68 -18.72
N PRO I 1087 39.00 -54.28 -17.50
CA PRO I 1087 37.89 -54.95 -16.81
C PRO I 1087 36.57 -54.68 -17.52
N ARG I 1088 35.71 -55.70 -17.56
CA ARG I 1088 34.39 -55.54 -18.14
C ARG I 1088 33.50 -54.67 -17.25
N GLU I 1089 33.48 -54.95 -15.96
CA GLU I 1089 32.63 -54.21 -15.03
C GLU I 1089 33.34 -53.65 -13.80
N GLY I 1090 34.52 -54.17 -13.44
CA GLY I 1090 35.14 -53.75 -12.21
C GLY I 1090 36.43 -52.98 -12.33
N VAL I 1091 37.40 -53.33 -11.50
CA VAL I 1091 38.68 -52.63 -11.42
C VAL I 1091 39.73 -53.62 -10.98
N PHE I 1092 40.93 -53.49 -11.55
CA PHE I 1092 42.06 -54.34 -11.18
C PHE I 1092 42.66 -53.84 -9.86
N VAL I 1093 42.91 -54.77 -8.94
CA VAL I 1093 43.51 -54.44 -7.66
C VAL I 1093 44.59 -55.45 -7.31
N SER I 1094 45.51 -55.01 -6.46
CA SER I 1094 46.61 -55.82 -5.99
C SER I 1094 46.72 -55.63 -4.48
N ASN I 1095 46.82 -56.75 -3.77
CA ASN I 1095 47.06 -56.77 -2.34
C ASN I 1095 48.55 -56.69 -2.00
N GLY I 1096 49.41 -56.63 -3.01
CA GLY I 1096 50.85 -56.57 -2.80
C GLY I 1096 51.60 -57.58 -3.64
N THR I 1097 51.04 -58.76 -3.78
CA THR I 1097 51.66 -59.82 -4.57
C THR I 1097 50.79 -60.37 -5.69
N HIS I 1098 49.47 -60.31 -5.56
CA HIS I 1098 48.57 -60.93 -6.53
C HIS I 1098 47.57 -59.92 -7.07
N TRP I 1099 47.21 -60.08 -8.34
CA TRP I 1099 46.29 -59.19 -9.02
C TRP I 1099 44.94 -59.87 -9.17
N PHE I 1100 43.88 -59.13 -8.87
CA PHE I 1100 42.50 -59.58 -9.02
C PHE I 1100 41.69 -58.49 -9.70
N VAL I 1101 40.46 -58.83 -10.06
CA VAL I 1101 39.48 -57.85 -10.50
C VAL I 1101 38.32 -57.90 -9.52
N THR I 1102 37.83 -56.72 -9.13
CA THR I 1102 36.75 -56.63 -8.16
C THR I 1102 35.71 -55.64 -8.65
N GLN I 1103 34.48 -55.81 -8.19
CA GLN I 1103 33.48 -54.78 -8.39
C GLN I 1103 33.87 -53.54 -7.59
N ARG I 1104 33.41 -52.38 -8.07
CA ARG I 1104 33.98 -51.12 -7.63
C ARG I 1104 33.52 -50.67 -6.25
N ASN I 1105 32.34 -51.08 -5.80
CA ASN I 1105 31.77 -50.56 -4.57
C ASN I 1105 31.81 -51.55 -3.40
N PHE I 1106 32.34 -52.75 -3.62
CA PHE I 1106 32.38 -53.76 -2.58
C PHE I 1106 33.51 -54.72 -2.90
N TYR I 1107 34.45 -54.89 -1.97
CA TYR I 1107 35.64 -55.67 -2.24
C TYR I 1107 35.29 -57.15 -2.40
N GLU I 1108 35.46 -57.68 -3.60
CA GLU I 1108 35.17 -59.08 -3.90
C GLU I 1108 36.15 -59.56 -4.96
N PRO I 1109 37.37 -59.89 -4.56
CA PRO I 1109 38.42 -60.18 -5.55
C PRO I 1109 38.18 -61.48 -6.29
N GLN I 1110 38.40 -61.44 -7.60
CA GLN I 1110 38.24 -62.60 -8.46
C GLN I 1110 39.44 -62.74 -9.37
N ILE I 1111 39.71 -63.99 -9.79
CA ILE I 1111 40.81 -64.26 -10.70
C ILE I 1111 40.55 -63.57 -12.02
N ILE I 1112 41.58 -62.91 -12.56
CA ILE I 1112 41.46 -62.20 -13.82
C ILE I 1112 41.43 -63.21 -14.96
N THR I 1113 40.32 -63.25 -15.69
CA THR I 1113 40.12 -64.22 -16.75
C THR I 1113 39.63 -63.51 -18.01
N THR I 1114 39.56 -64.27 -19.11
CA THR I 1114 39.06 -63.73 -20.37
C THR I 1114 37.56 -63.45 -20.31
N ASP I 1115 36.82 -64.09 -19.40
CA ASP I 1115 35.43 -63.74 -19.18
C ASP I 1115 35.27 -62.51 -18.31
N ASN I 1116 36.32 -62.13 -17.57
CA ASN I 1116 36.29 -60.98 -16.69
C ASN I 1116 36.67 -59.69 -17.41
N THR I 1117 37.41 -59.79 -18.51
CA THR I 1117 38.04 -58.64 -19.14
C THR I 1117 37.73 -58.66 -20.64
N PHE I 1118 38.11 -57.58 -21.30
CA PHE I 1118 38.09 -57.52 -22.76
C PHE I 1118 39.41 -56.95 -23.26
N VAL I 1119 39.76 -57.33 -24.48
CA VAL I 1119 41.04 -56.97 -25.09
C VAL I 1119 40.84 -55.74 -25.97
N SER I 1120 41.82 -54.85 -25.97
CA SER I 1120 41.80 -53.68 -26.87
C SER I 1120 43.24 -53.25 -27.12
N GLY I 1121 43.75 -53.56 -28.31
CA GLY I 1121 45.07 -53.10 -28.69
C GLY I 1121 46.20 -53.84 -28.01
N ASN I 1122 47.39 -53.30 -28.18
CA ASN I 1122 48.59 -53.87 -27.59
C ASN I 1122 48.94 -53.14 -26.30
N CYS I 1123 50.11 -53.43 -25.75
CA CYS I 1123 50.51 -52.95 -24.44
C CYS I 1123 51.29 -51.64 -24.49
N ASP I 1124 51.42 -51.03 -25.66
CA ASP I 1124 52.33 -49.89 -25.84
C ASP I 1124 51.68 -48.54 -25.57
N VAL I 1125 50.35 -48.46 -25.52
CA VAL I 1125 49.66 -47.18 -25.47
C VAL I 1125 49.25 -46.80 -24.05
N VAL I 1126 48.70 -47.76 -23.29
CA VAL I 1126 48.12 -47.44 -22.00
C VAL I 1126 49.20 -47.04 -21.01
N ILE I 1127 49.01 -45.91 -20.34
CA ILE I 1127 49.94 -45.42 -19.33
C ILE I 1127 49.65 -46.12 -18.01
N GLY I 1128 50.64 -46.83 -17.49
CA GLY I 1128 50.46 -47.55 -16.24
C GLY I 1128 50.04 -48.99 -16.36
N ILE I 1129 50.07 -49.56 -17.56
CA ILE I 1129 49.70 -50.97 -17.72
C ILE I 1129 50.68 -51.86 -16.95
N VAL I 1130 50.16 -52.97 -16.43
CA VAL I 1130 50.89 -53.86 -15.54
C VAL I 1130 50.91 -55.25 -16.14
N ASN I 1131 52.04 -55.94 -16.02
CA ASN I 1131 52.20 -57.30 -16.54
C ASN I 1131 51.59 -58.31 -15.57
N ASN I 1132 50.67 -59.13 -16.07
CA ASN I 1132 50.11 -60.21 -15.28
C ASN I 1132 49.48 -61.21 -16.25
N THR I 1133 49.21 -62.40 -15.73
CA THR I 1133 48.58 -63.44 -16.53
C THR I 1133 47.06 -63.29 -16.50
N VAL I 1134 46.43 -63.65 -17.62
CA VAL I 1134 44.98 -63.67 -17.74
C VAL I 1134 44.58 -65.11 -17.99
N TYR I 1135 43.77 -65.67 -17.10
CA TYR I 1135 43.41 -67.08 -17.14
C TYR I 1135 42.37 -67.33 -18.21
N ASP I 1136 42.58 -68.39 -18.99
CA ASP I 1136 41.63 -68.76 -20.02
C ASP I 1136 40.86 -70.00 -19.55
N PRO I 1137 39.56 -69.90 -19.30
CA PRO I 1137 38.81 -71.08 -18.81
C PRO I 1137 38.80 -72.24 -19.79
N LEU I 1138 38.83 -71.99 -21.09
CA LEU I 1138 38.76 -73.05 -22.08
C LEU I 1138 40.07 -73.84 -22.18
N GLN I 1139 41.19 -73.26 -21.77
CA GLN I 1139 42.47 -73.94 -21.92
C GLN I 1139 42.58 -75.21 -21.09
N PRO I 1140 42.24 -75.23 -19.79
CA PRO I 1140 42.28 -76.51 -19.08
C PRO I 1140 41.31 -77.55 -19.63
N GLU I 1141 40.14 -77.11 -20.11
CA GLU I 1141 39.20 -78.06 -20.69
C GLU I 1141 39.76 -78.68 -21.96
N LEU I 1142 40.40 -77.87 -22.80
CA LEU I 1142 41.07 -78.39 -23.99
C LEU I 1142 42.21 -79.31 -23.60
N ASP I 1143 42.94 -78.96 -22.54
CA ASP I 1143 44.02 -79.80 -22.05
C ASP I 1143 43.50 -81.13 -21.53
N SER I 1144 42.35 -81.11 -20.85
CA SER I 1144 41.75 -82.33 -20.33
C SER I 1144 40.62 -82.81 -21.24
#